data_1WFG
#
_entry.id   1WFG
#
_entity_poly.entity_id   1
_entity_poly.type   'polypeptide(L)'
_entity_poly.pdbx_seq_one_letter_code
;GSSGSSGHSHSDKHPVTWQPSKDGDRLIGRILLNKRLKDGSVPRDSGAMLGLKVVGGKMTESGRLCAFITKVKKGSLADT
VGHLRPGDEVLEWNGRLLQGATFEEVYNIILESKPEPQVELVVSRSGPSSG
;
_entity_poly.pdbx_strand_id   A
#
# COMPACT_ATOMS: atom_id res chain seq x y z
N GLY A 1 44.20 10.30 19.73
CA GLY A 1 43.26 11.28 19.20
C GLY A 1 41.83 10.91 19.59
N SER A 2 40.97 10.84 18.58
CA SER A 2 39.57 10.51 18.81
C SER A 2 39.06 9.60 17.68
N SER A 3 38.21 8.66 18.06
CA SER A 3 37.66 7.72 17.10
C SER A 3 36.32 7.18 17.62
N GLY A 4 35.34 7.16 16.73
CA GLY A 4 34.02 6.68 17.08
C GLY A 4 33.28 6.18 15.84
N SER A 5 31.96 6.07 15.99
CA SER A 5 31.12 5.61 14.89
C SER A 5 29.65 5.97 15.18
N SER A 6 29.16 5.45 16.29
CA SER A 6 27.78 5.70 16.68
C SER A 6 26.83 5.18 15.61
N GLY A 7 26.14 4.11 15.96
CA GLY A 7 25.19 3.50 15.04
C GLY A 7 24.15 2.67 15.79
N HIS A 8 22.96 3.24 15.91
CA HIS A 8 21.88 2.56 16.60
C HIS A 8 20.84 2.08 15.58
N SER A 9 20.27 0.91 15.88
CA SER A 9 19.28 0.33 15.00
C SER A 9 17.94 1.06 15.15
N HIS A 10 17.21 1.13 14.04
CA HIS A 10 15.92 1.80 14.05
C HIS A 10 14.81 0.76 14.06
N SER A 11 13.72 1.10 14.73
CA SER A 11 12.58 0.21 14.82
C SER A 11 11.88 0.11 13.46
N ASP A 12 10.75 -0.56 13.46
CA ASP A 12 9.97 -0.74 12.24
C ASP A 12 10.90 -1.20 11.12
N LYS A 13 11.25 -2.47 11.17
CA LYS A 13 12.14 -3.05 10.17
C LYS A 13 11.36 -4.06 9.34
N HIS A 14 10.40 -3.55 8.57
CA HIS A 14 9.58 -4.40 7.71
C HIS A 14 8.63 -3.53 6.89
N PRO A 15 8.78 -3.65 5.54
CA PRO A 15 7.95 -2.88 4.63
C PRO A 15 6.53 -3.46 4.56
N VAL A 16 6.47 -4.78 4.45
CA VAL A 16 5.20 -5.47 4.37
C VAL A 16 4.88 -6.10 5.73
N THR A 17 3.64 -5.88 6.17
CA THR A 17 3.20 -6.42 7.44
C THR A 17 1.71 -6.75 7.40
N TRP A 18 1.40 -8.00 7.74
CA TRP A 18 0.02 -8.45 7.75
C TRP A 18 -0.35 -8.84 9.18
N GLN A 19 -1.20 -8.02 9.78
CA GLN A 19 -1.62 -8.27 11.14
C GLN A 19 -3.15 -8.11 11.26
N PRO A 20 -3.73 -8.88 12.22
CA PRO A 20 -5.18 -8.83 12.43
C PRO A 20 -5.58 -7.54 13.16
N SER A 21 -6.85 -7.21 13.06
CA SER A 21 -7.37 -6.02 13.70
C SER A 21 -7.56 -6.27 15.20
N LYS A 22 -8.08 -5.26 15.88
CA LYS A 22 -8.31 -5.36 17.31
C LYS A 22 -9.11 -6.62 17.60
N ASP A 23 -10.13 -6.85 16.78
CA ASP A 23 -10.98 -8.01 16.94
C ASP A 23 -10.22 -9.26 16.51
N GLY A 24 -9.92 -9.31 15.22
CA GLY A 24 -9.20 -10.44 14.65
C GLY A 24 -9.88 -10.94 13.38
N ASP A 25 -11.20 -10.86 13.38
CA ASP A 25 -11.97 -11.30 12.24
C ASP A 25 -11.50 -10.58 10.98
N ARG A 26 -10.83 -9.45 11.21
CA ARG A 26 -10.31 -8.66 10.10
C ARG A 26 -8.78 -8.73 10.07
N LEU A 27 -8.23 -8.57 8.87
CA LEU A 27 -6.80 -8.62 8.70
C LEU A 27 -6.32 -7.30 8.09
N ILE A 28 -5.44 -6.63 8.83
CA ILE A 28 -4.90 -5.35 8.37
C ILE A 28 -3.53 -5.58 7.74
N GLY A 29 -3.49 -5.48 6.42
CA GLY A 29 -2.25 -5.66 5.68
C GLY A 29 -1.61 -4.32 5.35
N ARG A 30 -0.34 -4.20 5.71
CA ARG A 30 0.40 -2.98 5.45
C ARG A 30 1.53 -3.25 4.46
N ILE A 31 1.43 -2.58 3.32
CA ILE A 31 2.43 -2.73 2.27
C ILE A 31 3.23 -1.44 2.14
N LEU A 32 4.48 -1.58 1.70
CA LEU A 32 5.34 -0.42 1.52
C LEU A 32 6.18 -0.63 0.27
N LEU A 33 6.43 0.48 -0.42
CA LEU A 33 7.22 0.44 -1.65
C LEU A 33 8.21 1.61 -1.63
N ASN A 34 9.39 1.34 -2.18
CA ASN A 34 10.43 2.35 -2.25
C ASN A 34 10.79 2.63 -3.71
N LYS A 35 11.55 3.69 -3.92
CA LYS A 35 11.96 4.07 -5.25
C LYS A 35 13.45 4.43 -5.24
N ARG A 36 13.82 5.23 -4.25
CA ARG A 36 15.20 5.66 -4.12
C ARG A 36 16.15 4.51 -4.49
N LEU A 37 16.83 4.69 -5.61
CA LEU A 37 17.75 3.68 -6.09
C LEU A 37 18.69 3.28 -4.95
N LYS A 38 19.53 2.29 -5.23
CA LYS A 38 20.48 1.81 -4.24
C LYS A 38 21.22 3.00 -3.63
N ASP A 39 21.68 3.88 -4.50
CA ASP A 39 22.41 5.06 -4.06
C ASP A 39 21.56 5.82 -3.04
N GLY A 40 20.25 5.82 -3.28
CA GLY A 40 19.33 6.51 -2.40
C GLY A 40 18.69 7.71 -3.10
N SER A 41 18.51 7.56 -4.41
CA SER A 41 17.91 8.61 -5.20
C SER A 41 16.85 8.03 -6.13
N VAL A 42 15.69 8.68 -6.13
CA VAL A 42 14.59 8.23 -6.96
C VAL A 42 14.91 8.53 -8.43
N PRO A 43 14.59 7.55 -9.31
CA PRO A 43 14.84 7.70 -10.73
C PRO A 43 13.81 8.65 -11.37
N ARG A 44 13.90 8.76 -12.69
CA ARG A 44 13.00 9.62 -13.42
C ARG A 44 11.56 9.13 -13.28
N ASP A 45 11.43 7.85 -12.94
CA ASP A 45 10.13 7.24 -12.77
C ASP A 45 10.26 5.73 -12.82
N SER A 46 10.11 5.10 -11.66
CA SER A 46 10.22 3.66 -11.56
C SER A 46 8.82 3.04 -11.36
N GLY A 47 7.90 3.47 -12.20
CA GLY A 47 6.53 2.98 -12.13
C GLY A 47 5.69 3.84 -11.18
N ALA A 48 5.15 4.91 -11.74
CA ALA A 48 4.32 5.82 -10.96
C ALA A 48 3.23 5.03 -10.26
N MET A 49 2.70 4.04 -10.97
CA MET A 49 1.64 3.21 -10.42
C MET A 49 2.23 1.99 -9.69
N LEU A 50 3.54 2.05 -9.48
CA LEU A 50 4.23 0.96 -8.80
C LEU A 50 4.23 -0.28 -9.70
N GLY A 51 3.03 -0.76 -9.98
CA GLY A 51 2.89 -1.94 -10.83
C GLY A 51 1.45 -2.46 -10.80
N LEU A 52 0.81 -2.25 -9.66
CA LEU A 52 -0.57 -2.69 -9.48
C LEU A 52 -1.52 -1.52 -9.76
N LYS A 53 -2.70 -1.86 -10.25
CA LYS A 53 -3.70 -0.86 -10.56
C LYS A 53 -4.73 -0.81 -9.43
N VAL A 54 -5.08 0.42 -9.05
CA VAL A 54 -6.04 0.62 -7.99
C VAL A 54 -7.23 1.42 -8.53
N VAL A 55 -8.42 0.94 -8.21
CA VAL A 55 -9.64 1.60 -8.67
C VAL A 55 -10.45 2.05 -7.45
N GLY A 56 -10.54 3.36 -7.28
CA GLY A 56 -11.28 3.93 -6.17
C GLY A 56 -12.65 4.42 -6.62
N GLY A 57 -13.34 5.07 -5.71
CA GLY A 57 -14.66 5.61 -5.99
C GLY A 57 -15.62 4.49 -6.42
N LYS A 58 -15.20 3.25 -6.16
CA LYS A 58 -16.00 2.10 -6.51
C LYS A 58 -17.23 2.03 -5.59
N MET A 59 -18.39 1.92 -6.21
CA MET A 59 -19.63 1.83 -5.46
C MET A 59 -19.86 0.42 -4.95
N THR A 60 -19.89 0.30 -3.62
CA THR A 60 -20.10 -0.99 -2.99
C THR A 60 -21.60 -1.29 -2.90
N GLU A 61 -21.92 -2.31 -2.11
CA GLU A 61 -23.31 -2.71 -1.93
C GLU A 61 -23.91 -1.98 -0.73
N SER A 62 -23.07 -1.22 -0.05
CA SER A 62 -23.52 -0.48 1.12
C SER A 62 -23.72 0.99 0.76
N GLY A 63 -23.49 1.29 -0.52
CA GLY A 63 -23.63 2.65 -1.00
C GLY A 63 -22.41 3.49 -0.65
N ARG A 64 -21.39 2.83 -0.16
CA ARG A 64 -20.15 3.49 0.22
C ARG A 64 -19.09 3.30 -0.87
N LEU A 65 -18.03 4.08 -0.74
CA LEU A 65 -16.94 4.00 -1.70
C LEU A 65 -15.73 3.32 -1.05
N CYS A 66 -14.97 2.62 -1.87
CA CYS A 66 -13.80 1.91 -1.39
C CYS A 66 -12.90 1.60 -2.59
N ALA A 67 -11.61 1.62 -2.34
CA ALA A 67 -10.63 1.34 -3.39
C ALA A 67 -10.20 -0.12 -3.28
N PHE A 68 -10.21 -0.80 -4.43
CA PHE A 68 -9.81 -2.19 -4.49
C PHE A 68 -8.83 -2.44 -5.63
N ILE A 69 -7.96 -3.41 -5.42
CA ILE A 69 -6.97 -3.75 -6.42
C ILE A 69 -7.65 -4.46 -7.59
N THR A 70 -7.45 -3.92 -8.77
CA THR A 70 -8.04 -4.49 -9.97
C THR A 70 -7.09 -5.51 -10.60
N LYS A 71 -5.82 -5.12 -10.68
CA LYS A 71 -4.81 -5.98 -11.26
C LYS A 71 -3.45 -5.66 -10.64
N VAL A 72 -2.58 -6.66 -10.62
CA VAL A 72 -1.25 -6.49 -10.06
C VAL A 72 -0.22 -7.04 -11.04
N LYS A 73 0.65 -6.15 -11.50
CA LYS A 73 1.70 -6.52 -12.43
C LYS A 73 2.54 -7.65 -11.83
N LYS A 74 2.97 -8.55 -12.69
CA LYS A 74 3.78 -9.67 -12.25
C LYS A 74 5.27 -9.32 -12.41
N GLY A 75 5.90 -9.02 -11.28
CA GLY A 75 7.30 -8.67 -11.28
C GLY A 75 7.49 -7.15 -11.14
N SER A 76 6.70 -6.57 -10.25
CA SER A 76 6.76 -5.13 -10.02
C SER A 76 6.72 -4.84 -8.52
N LEU A 77 6.96 -3.58 -8.18
CA LEU A 77 6.95 -3.16 -6.79
C LEU A 77 5.79 -3.84 -6.07
N ALA A 78 4.59 -3.41 -6.40
CA ALA A 78 3.40 -3.95 -5.79
C ALA A 78 3.16 -5.36 -6.33
N ASP A 79 4.05 -6.27 -5.94
CA ASP A 79 3.94 -7.66 -6.36
C ASP A 79 5.14 -8.44 -5.84
N THR A 80 6.32 -7.86 -6.04
CA THR A 80 7.55 -8.50 -5.60
C THR A 80 7.85 -8.11 -4.15
N VAL A 81 7.58 -6.85 -3.84
CA VAL A 81 7.82 -6.33 -2.51
C VAL A 81 6.49 -6.19 -1.78
N GLY A 82 5.48 -5.76 -2.50
CA GLY A 82 4.15 -5.58 -1.94
C GLY A 82 3.40 -6.91 -1.89
N HIS A 83 3.53 -7.66 -2.96
CA HIS A 83 2.87 -8.96 -3.04
C HIS A 83 1.36 -8.75 -3.16
N LEU A 84 0.98 -7.51 -3.43
CA LEU A 84 -0.43 -7.16 -3.56
C LEU A 84 -1.06 -8.05 -4.63
N ARG A 85 -2.39 -8.07 -4.63
CA ARG A 85 -3.13 -8.87 -5.59
C ARG A 85 -4.50 -8.26 -5.85
N PRO A 86 -5.13 -8.70 -6.97
CA PRO A 86 -6.45 -8.20 -7.33
C PRO A 86 -7.53 -8.82 -6.45
N GLY A 87 -8.19 -7.98 -5.67
CA GLY A 87 -9.24 -8.43 -4.79
C GLY A 87 -9.09 -7.81 -3.40
N ASP A 88 -7.97 -7.12 -3.21
CA ASP A 88 -7.69 -6.48 -1.93
C ASP A 88 -8.32 -5.08 -1.92
N GLU A 89 -8.42 -4.52 -0.73
CA GLU A 89 -9.00 -3.20 -0.57
C GLU A 89 -7.98 -2.26 0.09
N VAL A 90 -7.55 -1.27 -0.67
CA VAL A 90 -6.58 -0.31 -0.18
C VAL A 90 -7.29 0.68 0.76
N LEU A 91 -7.12 0.45 2.05
CA LEU A 91 -7.73 1.29 3.06
C LEU A 91 -7.10 2.69 2.99
N GLU A 92 -5.79 2.72 3.19
CA GLU A 92 -5.06 3.97 3.16
C GLU A 92 -3.93 3.90 2.13
N TRP A 93 -3.38 5.07 1.82
CA TRP A 93 -2.29 5.15 0.87
C TRP A 93 -1.35 6.26 1.32
N ASN A 94 -0.22 5.85 1.88
CA ASN A 94 0.77 6.80 2.35
C ASN A 94 0.16 7.64 3.47
N GLY A 95 -0.94 7.15 4.01
CA GLY A 95 -1.62 7.85 5.09
C GLY A 95 -2.94 8.46 4.60
N ARG A 96 -3.18 8.32 3.30
CA ARG A 96 -4.38 8.85 2.70
C ARG A 96 -5.48 7.78 2.68
N LEU A 97 -6.52 8.02 3.47
CA LEU A 97 -7.63 7.09 3.55
C LEU A 97 -8.39 7.10 2.22
N LEU A 98 -8.62 5.91 1.70
CA LEU A 98 -9.33 5.77 0.44
C LEU A 98 -10.80 5.44 0.72
N GLN A 99 -11.04 4.96 1.93
CA GLN A 99 -12.40 4.60 2.34
C GLN A 99 -13.34 5.80 2.15
N GLY A 100 -14.17 5.69 1.14
CA GLY A 100 -15.13 6.74 0.83
C GLY A 100 -14.60 7.66 -0.28
N ALA A 101 -13.28 7.78 -0.33
CA ALA A 101 -12.64 8.61 -1.33
C ALA A 101 -13.21 8.28 -2.71
N THR A 102 -13.37 9.32 -3.51
CA THR A 102 -13.90 9.15 -4.84
C THR A 102 -12.84 8.58 -5.78
N PHE A 103 -13.28 8.22 -6.99
CA PHE A 103 -12.37 7.67 -7.97
C PHE A 103 -11.19 8.60 -8.23
N GLU A 104 -11.48 9.89 -8.20
CA GLU A 104 -10.45 10.89 -8.42
C GLU A 104 -9.57 11.04 -7.17
N GLU A 105 -10.23 11.15 -6.04
CA GLU A 105 -9.52 11.30 -4.78
C GLU A 105 -8.43 10.24 -4.66
N VAL A 106 -8.83 8.99 -4.85
CA VAL A 106 -7.89 7.88 -4.76
C VAL A 106 -6.74 8.12 -5.75
N TYR A 107 -7.11 8.41 -6.98
CA TYR A 107 -6.12 8.65 -8.01
C TYR A 107 -5.20 9.82 -7.62
N ASN A 108 -5.82 10.90 -7.19
CA ASN A 108 -5.08 12.09 -6.78
C ASN A 108 -3.95 11.67 -5.83
N ILE A 109 -4.33 10.93 -4.80
CA ILE A 109 -3.36 10.47 -3.82
C ILE A 109 -2.13 9.92 -4.55
N ILE A 110 -2.30 8.73 -5.11
CA ILE A 110 -1.22 8.08 -5.83
C ILE A 110 -0.46 9.12 -6.65
N LEU A 111 -1.19 10.15 -7.06
CA LEU A 111 -0.59 11.22 -7.84
C LEU A 111 0.30 12.08 -6.94
N GLU A 112 -0.31 12.62 -5.90
CA GLU A 112 0.41 13.46 -4.97
C GLU A 112 1.55 12.67 -4.32
N SER A 113 1.48 11.35 -4.48
CA SER A 113 2.49 10.48 -3.92
C SER A 113 3.15 9.65 -5.04
N LYS A 114 3.07 10.19 -6.24
CA LYS A 114 3.65 9.52 -7.40
C LYS A 114 5.16 9.73 -7.40
N PRO A 115 5.57 11.01 -7.21
CA PRO A 115 6.98 11.34 -7.19
C PRO A 115 7.63 10.91 -5.87
N GLU A 116 6.79 10.66 -4.89
CA GLU A 116 7.26 10.24 -3.58
C GLU A 116 8.33 9.16 -3.73
N PRO A 117 9.23 9.10 -2.72
CA PRO A 117 10.30 8.11 -2.72
C PRO A 117 9.77 6.72 -2.38
N GLN A 118 8.85 6.69 -1.42
CA GLN A 118 8.26 5.42 -1.00
C GLN A 118 6.73 5.53 -1.04
N VAL A 119 6.10 4.37 -0.87
CA VAL A 119 4.65 4.31 -0.88
C VAL A 119 4.18 3.26 0.11
N GLU A 120 3.52 3.74 1.17
CA GLU A 120 3.01 2.85 2.19
C GLU A 120 1.49 2.67 2.05
N LEU A 121 1.11 1.48 1.62
CA LEU A 121 -0.30 1.17 1.43
C LEU A 121 -0.84 0.49 2.69
N VAL A 122 -2.16 0.42 2.78
CA VAL A 122 -2.81 -0.20 3.91
C VAL A 122 -4.12 -0.85 3.46
N VAL A 123 -4.12 -2.17 3.48
CA VAL A 123 -5.30 -2.93 3.07
C VAL A 123 -5.93 -3.58 4.30
N SER A 124 -7.18 -3.99 4.13
CA SER A 124 -7.90 -4.63 5.22
C SER A 124 -8.92 -5.63 4.64
N ARG A 125 -8.65 -6.90 4.89
CA ARG A 125 -9.52 -7.96 4.42
C ARG A 125 -10.25 -8.62 5.60
N SER A 126 -11.40 -9.20 5.29
CA SER A 126 -12.19 -9.87 6.31
C SER A 126 -11.84 -11.35 6.36
N GLY A 127 -11.14 -11.72 7.43
CA GLY A 127 -10.73 -13.11 7.61
C GLY A 127 -11.94 -14.01 7.85
N PRO A 128 -11.65 -15.23 8.39
CA PRO A 128 -12.71 -16.18 8.69
C PRO A 128 -13.49 -15.78 9.93
N SER A 129 -14.81 -15.74 9.76
CA SER A 129 -15.70 -15.37 10.86
C SER A 129 -17.15 -15.55 10.45
N SER A 130 -17.60 -16.80 10.51
CA SER A 130 -18.97 -17.11 10.15
C SER A 130 -19.87 -17.08 11.39
N GLY A 131 -19.53 -17.93 12.35
CA GLY A 131 -20.29 -18.00 13.58
C GLY A 131 -19.43 -18.56 14.73
N GLY A 1 27.49 18.09 19.40
CA GLY A 1 26.98 18.24 20.75
C GLY A 1 25.74 19.12 20.76
N SER A 2 25.84 20.22 21.51
CA SER A 2 24.73 21.15 21.62
C SER A 2 23.41 20.40 21.73
N SER A 3 23.07 20.04 22.97
CA SER A 3 21.85 19.32 23.23
C SER A 3 20.65 20.07 22.62
N GLY A 4 19.90 19.36 21.80
CA GLY A 4 18.74 19.93 21.15
C GLY A 4 17.61 18.91 21.00
N SER A 5 16.61 19.27 20.23
CA SER A 5 15.47 18.40 20.00
C SER A 5 15.38 18.04 18.51
N SER A 6 15.20 16.75 18.26
CA SER A 6 15.09 16.28 16.89
C SER A 6 13.62 16.07 16.52
N GLY A 7 12.96 15.23 17.29
CA GLY A 7 11.55 14.94 17.05
C GLY A 7 11.33 13.44 16.84
N HIS A 8 10.60 13.13 15.78
CA HIS A 8 10.30 11.74 15.46
C HIS A 8 11.57 10.89 15.64
N SER A 9 11.36 9.59 15.68
CA SER A 9 12.46 8.65 15.86
C SER A 9 12.47 7.65 14.71
N HIS A 10 13.57 6.90 14.62
CA HIS A 10 13.72 5.89 13.59
C HIS A 10 12.88 4.67 13.94
N SER A 11 12.30 4.07 12.91
CA SER A 11 11.47 2.89 13.09
C SER A 11 11.03 2.34 11.74
N ASP A 12 11.98 1.72 11.05
CA ASP A 12 11.71 1.14 9.75
C ASP A 12 12.08 -0.34 9.76
N LYS A 13 11.24 -1.11 10.43
CA LYS A 13 11.46 -2.55 10.52
C LYS A 13 11.17 -3.20 9.16
N HIS A 14 10.06 -3.91 9.10
CA HIS A 14 9.67 -4.59 7.88
C HIS A 14 8.69 -3.70 7.10
N PRO A 15 8.83 -3.74 5.75
CA PRO A 15 7.97 -2.96 4.88
C PRO A 15 6.57 -3.57 4.79
N VAL A 16 6.54 -4.90 4.75
CA VAL A 16 5.28 -5.61 4.66
C VAL A 16 4.94 -6.19 6.04
N THR A 17 3.68 -6.01 6.42
CA THR A 17 3.22 -6.51 7.70
C THR A 17 1.74 -6.90 7.62
N TRP A 18 1.46 -8.13 8.02
CA TRP A 18 0.10 -8.63 8.00
C TRP A 18 -0.28 -9.06 9.41
N GLN A 19 -1.16 -8.28 10.02
CA GLN A 19 -1.61 -8.57 11.37
C GLN A 19 -3.13 -8.36 11.49
N PRO A 20 -3.73 -9.10 12.45
CA PRO A 20 -5.16 -9.01 12.67
C PRO A 20 -5.52 -7.70 13.39
N SER A 21 -6.80 -7.36 13.31
CA SER A 21 -7.28 -6.14 13.95
C SER A 21 -7.15 -6.26 15.47
N LYS A 22 -7.50 -5.18 16.15
CA LYS A 22 -7.43 -5.14 17.60
C LYS A 22 -8.03 -6.43 18.16
N ASP A 23 -9.25 -6.71 17.74
CA ASP A 23 -9.95 -7.91 18.19
C ASP A 23 -9.26 -9.14 17.61
N GLY A 24 -9.69 -9.51 16.41
CA GLY A 24 -9.12 -10.66 15.73
C GLY A 24 -10.09 -11.22 14.70
N ASP A 25 -10.68 -10.29 13.93
CA ASP A 25 -11.62 -10.68 12.90
C ASP A 25 -11.10 -10.21 11.54
N ARG A 26 -10.66 -8.98 11.51
CA ARG A 26 -10.12 -8.40 10.28
C ARG A 26 -8.60 -8.52 10.25
N LEU A 27 -8.07 -8.80 9.07
CA LEU A 27 -6.64 -8.95 8.89
C LEU A 27 -6.09 -7.72 8.17
N ILE A 28 -5.43 -6.87 8.94
CA ILE A 28 -4.85 -5.65 8.39
C ILE A 28 -3.46 -5.95 7.83
N GLY A 29 -3.22 -5.48 6.62
CA GLY A 29 -1.94 -5.70 5.98
C GLY A 29 -1.34 -4.38 5.50
N ARG A 30 -0.02 -4.30 5.58
CA ARG A 30 0.69 -3.10 5.16
C ARG A 30 1.65 -3.43 4.01
N ILE A 31 1.81 -2.46 3.12
CA ILE A 31 2.70 -2.64 1.98
C ILE A 31 3.46 -1.34 1.74
N LEU A 32 4.75 -1.38 2.04
CA LEU A 32 5.60 -0.21 1.86
C LEU A 32 6.46 -0.41 0.61
N LEU A 33 6.25 0.47 -0.36
CA LEU A 33 6.99 0.40 -1.60
C LEU A 33 8.12 1.44 -1.57
N ASN A 34 9.26 1.05 -2.13
CA ASN A 34 10.41 1.92 -2.17
C ASN A 34 11.08 1.81 -3.55
N LYS A 35 11.14 2.95 -4.23
CA LYS A 35 11.74 2.99 -5.55
C LYS A 35 13.09 3.72 -5.46
N ARG A 36 13.35 4.27 -4.28
CA ARG A 36 14.60 4.99 -4.06
C ARG A 36 15.79 4.14 -4.51
N LEU A 37 16.51 4.67 -5.49
CA LEU A 37 17.67 3.96 -6.02
C LEU A 37 18.54 3.49 -4.86
N LYS A 38 19.56 2.72 -5.20
CA LYS A 38 20.48 2.19 -4.20
C LYS A 38 21.23 3.36 -3.55
N ASP A 39 21.25 4.47 -4.25
CA ASP A 39 21.93 5.66 -3.75
C ASP A 39 20.90 6.61 -3.14
N GLY A 40 19.83 6.01 -2.62
CA GLY A 40 18.77 6.79 -2.01
C GLY A 40 18.37 7.98 -2.90
N SER A 41 17.94 7.64 -4.10
CA SER A 41 17.53 8.66 -5.05
C SER A 41 16.52 8.07 -6.05
N VAL A 42 15.38 8.73 -6.16
CA VAL A 42 14.34 8.28 -7.06
C VAL A 42 14.65 8.78 -8.47
N PRO A 43 14.51 7.84 -9.45
CA PRO A 43 14.76 8.18 -10.85
C PRO A 43 13.63 9.02 -11.44
N ARG A 44 13.86 9.52 -12.64
CA ARG A 44 12.87 10.34 -13.31
C ARG A 44 11.47 9.74 -13.12
N ASP A 45 11.42 8.42 -13.10
CA ASP A 45 10.16 7.72 -12.93
C ASP A 45 10.42 6.21 -12.87
N SER A 46 10.33 5.68 -11.67
CA SER A 46 10.55 4.25 -11.46
C SER A 46 9.24 3.50 -11.62
N GLY A 47 8.24 3.91 -10.86
CA GLY A 47 6.94 3.27 -10.91
C GLY A 47 5.92 4.06 -10.08
N ALA A 48 5.49 5.17 -10.64
CA ALA A 48 4.52 6.03 -9.97
C ALA A 48 3.32 5.18 -9.55
N MET A 49 2.91 4.30 -10.45
CA MET A 49 1.78 3.42 -10.18
C MET A 49 2.21 2.20 -9.37
N LEU A 50 3.45 2.24 -8.92
CA LEU A 50 4.00 1.15 -8.12
C LEU A 50 4.14 -0.10 -9.00
N GLY A 51 2.99 -0.59 -9.45
CA GLY A 51 2.98 -1.78 -10.30
C GLY A 51 1.55 -2.27 -10.53
N LEU A 52 0.74 -2.14 -9.48
CA LEU A 52 -0.65 -2.57 -9.55
C LEU A 52 -1.53 -1.36 -9.86
N LYS A 53 -2.75 -1.65 -10.30
CA LYS A 53 -3.70 -0.61 -10.63
C LYS A 53 -4.79 -0.57 -9.57
N VAL A 54 -4.98 0.61 -8.99
CA VAL A 54 -5.99 0.78 -7.96
C VAL A 54 -7.15 1.59 -8.54
N VAL A 55 -8.36 1.13 -8.23
CA VAL A 55 -9.56 1.79 -8.72
C VAL A 55 -10.42 2.20 -7.52
N GLY A 56 -10.54 3.50 -7.33
CA GLY A 56 -11.33 4.04 -6.24
C GLY A 56 -12.65 4.59 -6.74
N GLY A 57 -13.41 5.18 -5.82
CA GLY A 57 -14.70 5.77 -6.15
C GLY A 57 -15.69 4.68 -6.59
N LYS A 58 -15.27 3.43 -6.40
CA LYS A 58 -16.11 2.29 -6.76
C LYS A 58 -17.31 2.24 -5.82
N MET A 59 -18.49 2.25 -6.42
CA MET A 59 -19.72 2.21 -5.64
C MET A 59 -20.05 0.77 -5.23
N THR A 60 -19.91 0.51 -3.94
CA THR A 60 -20.19 -0.82 -3.41
C THR A 60 -21.69 -1.10 -3.43
N GLU A 61 -22.07 -2.13 -2.70
CA GLU A 61 -23.48 -2.51 -2.62
C GLU A 61 -24.14 -1.85 -1.41
N SER A 62 -23.36 -1.06 -0.71
CA SER A 62 -23.86 -0.36 0.47
C SER A 62 -23.96 1.14 0.18
N GLY A 63 -23.69 1.50 -1.06
CA GLY A 63 -23.75 2.89 -1.48
C GLY A 63 -22.50 3.65 -1.02
N ARG A 64 -21.51 2.88 -0.58
CA ARG A 64 -20.26 3.47 -0.12
C ARG A 64 -19.18 3.31 -1.18
N LEU A 65 -18.07 3.99 -0.96
CA LEU A 65 -16.95 3.93 -1.88
C LEU A 65 -15.76 3.24 -1.20
N CYS A 66 -15.01 2.50 -2.00
CA CYS A 66 -13.85 1.79 -1.49
C CYS A 66 -12.91 1.51 -2.66
N ALA A 67 -11.62 1.55 -2.37
CA ALA A 67 -10.61 1.32 -3.39
C ALA A 67 -10.21 -0.16 -3.35
N PHE A 68 -10.29 -0.78 -4.52
CA PHE A 68 -9.94 -2.19 -4.63
C PHE A 68 -8.91 -2.41 -5.75
N ILE A 69 -8.03 -3.37 -5.50
CA ILE A 69 -6.99 -3.68 -6.47
C ILE A 69 -7.62 -4.37 -7.68
N THR A 70 -7.31 -3.85 -8.86
CA THR A 70 -7.83 -4.40 -10.10
C THR A 70 -6.86 -5.42 -10.68
N LYS A 71 -5.62 -4.98 -10.86
CA LYS A 71 -4.59 -5.83 -11.41
C LYS A 71 -3.25 -5.49 -10.76
N VAL A 72 -2.35 -6.47 -10.76
CA VAL A 72 -1.04 -6.29 -10.18
C VAL A 72 0.03 -6.73 -11.18
N LYS A 73 0.89 -5.79 -11.54
CA LYS A 73 1.95 -6.06 -12.48
C LYS A 73 2.86 -7.17 -11.92
N LYS A 74 3.13 -8.14 -12.77
CA LYS A 74 3.99 -9.26 -12.37
C LYS A 74 5.45 -8.83 -12.47
N GLY A 75 6.04 -8.58 -11.31
CA GLY A 75 7.43 -8.16 -11.26
C GLY A 75 7.56 -6.66 -11.00
N SER A 76 6.69 -6.18 -10.12
CA SER A 76 6.68 -4.77 -9.78
C SER A 76 6.66 -4.60 -8.25
N LEU A 77 6.91 -3.37 -7.82
CA LEU A 77 6.93 -3.07 -6.40
C LEU A 77 5.77 -3.80 -5.72
N ALA A 78 4.56 -3.40 -6.07
CA ALA A 78 3.37 -4.02 -5.50
C ALA A 78 3.21 -5.42 -6.06
N ASP A 79 4.19 -6.26 -5.77
CA ASP A 79 4.18 -7.64 -6.23
C ASP A 79 5.47 -8.34 -5.79
N THR A 80 6.58 -7.67 -6.04
CA THR A 80 7.89 -8.21 -5.68
C THR A 80 8.19 -7.94 -4.21
N VAL A 81 7.72 -6.78 -3.75
CA VAL A 81 7.93 -6.39 -2.37
C VAL A 81 6.59 -6.38 -1.63
N GLY A 82 5.58 -5.87 -2.32
CA GLY A 82 4.25 -5.80 -1.75
C GLY A 82 3.52 -7.14 -1.88
N HIS A 83 3.77 -7.81 -2.99
CA HIS A 83 3.15 -9.10 -3.25
C HIS A 83 1.63 -8.94 -3.28
N LEU A 84 1.20 -7.69 -3.40
CA LEU A 84 -0.22 -7.38 -3.45
C LEU A 84 -0.89 -8.29 -4.49
N ARG A 85 -2.22 -8.23 -4.51
CA ARG A 85 -2.99 -9.03 -5.44
C ARG A 85 -4.30 -8.32 -5.80
N PRO A 86 -4.83 -8.66 -7.00
CA PRO A 86 -6.07 -8.07 -7.46
C PRO A 86 -7.27 -8.65 -6.72
N GLY A 87 -7.91 -7.81 -5.93
CA GLY A 87 -9.07 -8.23 -5.15
C GLY A 87 -9.01 -7.68 -3.73
N ASP A 88 -7.86 -7.12 -3.40
CA ASP A 88 -7.67 -6.55 -2.07
C ASP A 88 -8.33 -5.18 -2.00
N GLU A 89 -8.20 -4.54 -0.85
CA GLU A 89 -8.77 -3.23 -0.64
C GLU A 89 -7.79 -2.31 0.07
N VAL A 90 -7.35 -1.29 -0.65
CA VAL A 90 -6.40 -0.34 -0.10
C VAL A 90 -7.13 0.64 0.82
N LEU A 91 -7.02 0.36 2.12
CA LEU A 91 -7.67 1.21 3.11
C LEU A 91 -7.04 2.60 3.08
N GLU A 92 -5.75 2.64 3.31
CA GLU A 92 -5.02 3.91 3.31
C GLU A 92 -3.92 3.88 2.25
N TRP A 93 -3.37 5.06 1.98
CA TRP A 93 -2.31 5.19 0.99
C TRP A 93 -1.42 6.35 1.42
N ASN A 94 -0.24 6.00 1.92
CA ASN A 94 0.72 6.99 2.36
C ASN A 94 0.13 7.78 3.53
N GLY A 95 -0.94 7.22 4.11
CA GLY A 95 -1.60 7.86 5.23
C GLY A 95 -2.91 8.51 4.78
N ARG A 96 -3.25 8.30 3.52
CA ARG A 96 -4.46 8.86 2.96
C ARG A 96 -5.55 7.77 2.86
N LEU A 97 -6.59 7.94 3.67
CA LEU A 97 -7.69 6.99 3.67
C LEU A 97 -8.41 7.04 2.33
N LEU A 98 -8.64 5.86 1.78
CA LEU A 98 -9.32 5.76 0.49
C LEU A 98 -10.79 5.39 0.73
N GLN A 99 -11.05 4.85 1.90
CA GLN A 99 -12.40 4.46 2.27
C GLN A 99 -13.37 5.63 2.08
N GLY A 100 -14.19 5.53 1.05
CA GLY A 100 -15.15 6.58 0.76
C GLY A 100 -14.65 7.50 -0.35
N ALA A 101 -13.35 7.78 -0.30
CA ALA A 101 -12.74 8.64 -1.30
C ALA A 101 -13.31 8.30 -2.68
N THR A 102 -13.44 9.35 -3.49
CA THR A 102 -13.97 9.19 -4.83
C THR A 102 -12.90 8.62 -5.77
N PHE A 103 -13.30 8.39 -7.01
CA PHE A 103 -12.39 7.86 -8.01
C PHE A 103 -11.22 8.82 -8.25
N GLU A 104 -11.55 10.10 -8.30
CA GLU A 104 -10.54 11.12 -8.53
C GLU A 104 -9.65 11.28 -7.30
N GLU A 105 -10.29 11.21 -6.14
CA GLU A 105 -9.57 11.34 -4.88
C GLU A 105 -8.47 10.27 -4.79
N VAL A 106 -8.91 9.02 -4.74
CA VAL A 106 -7.97 7.91 -4.66
C VAL A 106 -6.83 8.13 -5.64
N TYR A 107 -7.19 8.49 -6.87
CA TYR A 107 -6.20 8.74 -7.90
C TYR A 107 -5.29 9.91 -7.52
N ASN A 108 -5.91 11.07 -7.37
CA ASN A 108 -5.17 12.27 -7.01
C ASN A 108 -4.12 11.92 -5.95
N ILE A 109 -4.58 11.22 -4.92
CA ILE A 109 -3.68 10.82 -3.84
C ILE A 109 -2.42 10.20 -4.43
N ILE A 110 -2.61 9.07 -5.09
CA ILE A 110 -1.49 8.36 -5.70
C ILE A 110 -0.69 9.35 -6.57
N LEU A 111 -1.42 10.22 -7.24
CA LEU A 111 -0.80 11.21 -8.10
C LEU A 111 0.07 12.15 -7.25
N GLU A 112 -0.44 12.46 -6.07
CA GLU A 112 0.27 13.34 -5.15
C GLU A 112 1.47 12.61 -4.53
N SER A 113 1.48 11.29 -4.74
CA SER A 113 2.56 10.48 -4.21
C SER A 113 3.23 9.69 -5.34
N LYS A 114 3.10 10.24 -6.55
CA LYS A 114 3.69 9.61 -7.72
C LYS A 114 5.21 9.77 -7.67
N PRO A 115 5.65 11.03 -7.46
CA PRO A 115 7.07 11.33 -7.40
C PRO A 115 7.67 10.88 -6.07
N GLU A 116 6.80 10.73 -5.08
CA GLU A 116 7.22 10.30 -3.76
C GLU A 116 8.31 9.23 -3.88
N PRO A 117 9.24 9.24 -2.89
CA PRO A 117 10.33 8.29 -2.88
C PRO A 117 9.84 6.91 -2.43
N GLN A 118 8.88 6.92 -1.51
CA GLN A 118 8.32 5.69 -0.99
C GLN A 118 6.79 5.75 -1.02
N VAL A 119 6.18 4.62 -0.69
CA VAL A 119 4.73 4.54 -0.67
C VAL A 119 4.30 3.51 0.39
N GLU A 120 3.42 3.96 1.27
CA GLU A 120 2.93 3.09 2.34
C GLU A 120 1.44 2.81 2.13
N LEU A 121 1.14 1.58 1.78
CA LEU A 121 -0.24 1.16 1.56
C LEU A 121 -0.76 0.45 2.81
N VAL A 122 -2.08 0.36 2.88
CA VAL A 122 -2.72 -0.29 4.01
C VAL A 122 -4.01 -0.96 3.55
N VAL A 123 -3.96 -2.28 3.48
CA VAL A 123 -5.13 -3.05 3.05
C VAL A 123 -5.72 -3.77 4.26
N SER A 124 -6.99 -4.15 4.12
CA SER A 124 -7.68 -4.84 5.18
C SER A 124 -8.29 -6.14 4.65
N ARG A 125 -8.23 -7.18 5.49
CA ARG A 125 -8.76 -8.47 5.11
C ARG A 125 -9.79 -8.93 6.14
N SER A 126 -10.59 -9.92 5.74
CA SER A 126 -11.61 -10.46 6.61
C SER A 126 -11.23 -11.87 7.05
N GLY A 127 -10.88 -12.00 8.32
CA GLY A 127 -10.49 -13.28 8.87
C GLY A 127 -11.41 -14.40 8.36
N PRO A 128 -10.95 -15.66 8.55
CA PRO A 128 -11.71 -16.82 8.11
C PRO A 128 -12.89 -17.07 9.06
N SER A 129 -14.03 -17.40 8.45
CA SER A 129 -15.22 -17.67 9.22
C SER A 129 -16.38 -18.03 8.28
N SER A 130 -17.35 -18.72 8.84
CA SER A 130 -18.52 -19.14 8.06
C SER A 130 -19.80 -18.77 8.80
N GLY A 131 -20.75 -18.24 8.05
CA GLY A 131 -22.02 -17.84 8.62
C GLY A 131 -22.10 -16.32 8.77
N GLY A 1 29.78 -0.90 23.86
CA GLY A 1 30.61 -0.81 25.05
C GLY A 1 30.76 -2.17 25.71
N SER A 2 29.63 -2.73 26.12
CA SER A 2 29.62 -4.03 26.78
C SER A 2 28.24 -4.67 26.64
N SER A 3 28.05 -5.35 25.53
CA SER A 3 26.78 -6.02 25.26
C SER A 3 25.64 -4.99 25.23
N GLY A 4 24.51 -5.43 24.71
CA GLY A 4 23.35 -4.56 24.61
C GLY A 4 22.37 -4.82 25.76
N SER A 5 21.50 -3.85 25.98
CA SER A 5 20.51 -3.97 27.04
C SER A 5 19.34 -4.84 26.58
N SER A 6 18.68 -5.45 27.56
CA SER A 6 17.55 -6.31 27.27
C SER A 6 16.65 -5.66 26.22
N GLY A 7 16.02 -6.52 25.42
CA GLY A 7 15.13 -6.05 24.38
C GLY A 7 15.40 -6.77 23.05
N HIS A 8 14.34 -7.37 22.52
CA HIS A 8 14.45 -8.10 21.27
C HIS A 8 14.22 -7.15 20.09
N SER A 9 15.29 -6.87 19.38
CA SER A 9 15.23 -5.97 18.23
C SER A 9 16.61 -5.80 17.62
N HIS A 10 16.96 -6.73 16.74
CA HIS A 10 18.25 -6.69 16.08
C HIS A 10 18.17 -5.76 14.86
N SER A 11 17.34 -6.15 13.90
CA SER A 11 17.17 -5.37 12.69
C SER A 11 16.18 -6.07 11.76
N ASP A 12 14.90 -5.96 12.12
CA ASP A 12 13.84 -6.57 11.34
C ASP A 12 12.68 -5.59 11.19
N LYS A 13 12.89 -4.61 10.31
CA LYS A 13 11.88 -3.60 10.06
C LYS A 13 11.36 -3.74 8.63
N HIS A 14 10.66 -4.85 8.39
CA HIS A 14 10.11 -5.12 7.07
C HIS A 14 9.19 -3.96 6.67
N PRO A 15 9.10 -3.74 5.33
CA PRO A 15 8.27 -2.68 4.79
C PRO A 15 6.79 -3.06 4.85
N VAL A 16 6.53 -4.33 4.58
CA VAL A 16 5.17 -4.84 4.60
C VAL A 16 4.92 -5.57 5.92
N THR A 17 3.68 -5.49 6.38
CA THR A 17 3.30 -6.13 7.62
C THR A 17 1.82 -6.48 7.61
N TRP A 18 1.54 -7.76 7.81
CA TRP A 18 0.16 -8.24 7.83
C TRP A 18 -0.20 -8.57 9.27
N GLN A 19 -1.07 -7.75 9.84
CA GLN A 19 -1.51 -7.95 11.21
C GLN A 19 -3.03 -7.79 11.30
N PRO A 20 -3.63 -8.55 12.26
CA PRO A 20 -5.06 -8.51 12.46
C PRO A 20 -5.47 -7.21 13.17
N SER A 21 -6.76 -6.89 13.06
CA SER A 21 -7.28 -5.69 13.68
C SER A 21 -7.48 -5.92 15.18
N LYS A 22 -7.94 -4.88 15.85
CA LYS A 22 -8.17 -4.95 17.28
C LYS A 22 -8.90 -6.25 17.62
N ASP A 23 -10.03 -6.45 16.93
CA ASP A 23 -10.83 -7.63 17.14
C ASP A 23 -10.05 -8.86 16.69
N GLY A 24 -9.80 -8.93 15.39
CA GLY A 24 -9.06 -10.03 14.82
C GLY A 24 -9.76 -10.59 13.58
N ASP A 25 -11.09 -10.50 13.60
CA ASP A 25 -11.89 -10.98 12.49
C ASP A 25 -11.37 -10.39 11.19
N ARG A 26 -10.81 -9.18 11.32
CA ARG A 26 -10.26 -8.49 10.16
C ARG A 26 -8.74 -8.61 10.13
N LEU A 27 -8.19 -8.53 8.93
CA LEU A 27 -6.76 -8.63 8.76
C LEU A 27 -6.24 -7.36 8.08
N ILE A 28 -5.43 -6.61 8.81
CA ILE A 28 -4.88 -5.38 8.29
C ILE A 28 -3.50 -5.67 7.66
N GLY A 29 -3.43 -5.43 6.36
CA GLY A 29 -2.20 -5.66 5.63
C GLY A 29 -1.53 -4.34 5.25
N ARG A 30 -0.22 -4.31 5.41
CA ARG A 30 0.55 -3.12 5.09
C ARG A 30 1.57 -3.43 3.99
N ILE A 31 1.73 -2.47 3.10
CA ILE A 31 2.67 -2.62 1.99
C ILE A 31 3.39 -1.29 1.76
N LEU A 32 4.68 -1.29 2.10
CA LEU A 32 5.49 -0.10 1.93
C LEU A 32 6.40 -0.28 0.72
N LEU A 33 6.17 0.56 -0.29
CA LEU A 33 6.95 0.50 -1.50
C LEU A 33 8.06 1.55 -1.43
N ASN A 34 9.26 1.14 -1.82
CA ASN A 34 10.41 2.02 -1.81
C ASN A 34 11.09 1.99 -3.18
N LYS A 35 11.03 3.13 -3.86
CA LYS A 35 11.63 3.24 -5.18
C LYS A 35 13.11 3.58 -5.02
N ARG A 36 13.41 4.35 -3.99
CA ARG A 36 14.78 4.76 -3.72
C ARG A 36 15.74 3.58 -3.94
N LEU A 37 16.54 3.70 -4.99
CA LEU A 37 17.50 2.66 -5.32
C LEU A 37 18.32 2.31 -4.08
N LYS A 38 19.12 1.27 -4.21
CA LYS A 38 19.97 0.83 -3.11
C LYS A 38 20.76 2.02 -2.57
N ASP A 39 21.31 2.79 -3.49
CA ASP A 39 22.09 3.96 -3.11
C ASP A 39 21.24 4.87 -2.23
N GLY A 40 19.96 4.97 -2.58
CA GLY A 40 19.03 5.80 -1.83
C GLY A 40 18.58 7.00 -2.66
N SER A 41 18.18 6.71 -3.89
CA SER A 41 17.71 7.75 -4.79
C SER A 41 16.74 7.16 -5.81
N VAL A 42 15.61 7.83 -5.96
CA VAL A 42 14.59 7.38 -6.89
C VAL A 42 15.14 7.46 -8.32
N PRO A 43 14.92 6.37 -9.08
CA PRO A 43 15.39 6.30 -10.46
C PRO A 43 14.52 7.16 -11.37
N ARG A 44 14.63 6.89 -12.67
CA ARG A 44 13.86 7.62 -13.65
C ARG A 44 12.44 7.90 -13.13
N ASP A 45 11.91 6.91 -12.42
CA ASP A 45 10.58 7.02 -11.86
C ASP A 45 10.30 5.81 -10.97
N SER A 46 10.61 4.63 -11.50
CA SER A 46 10.40 3.40 -10.77
C SER A 46 8.90 3.09 -10.69
N GLY A 47 8.20 3.46 -11.75
CA GLY A 47 6.76 3.23 -11.81
C GLY A 47 6.05 3.95 -10.66
N ALA A 48 5.63 5.17 -10.94
CA ALA A 48 4.94 5.97 -9.94
C ALA A 48 3.72 5.20 -9.44
N MET A 49 3.21 4.33 -10.29
CA MET A 49 2.05 3.53 -9.95
C MET A 49 2.46 2.26 -9.19
N LEU A 50 3.72 2.24 -8.78
CA LEU A 50 4.25 1.10 -8.05
C LEU A 50 4.37 -0.09 -8.99
N GLY A 51 3.22 -0.50 -9.52
CA GLY A 51 3.17 -1.63 -10.43
C GLY A 51 1.73 -2.14 -10.60
N LEU A 52 0.95 -1.94 -9.55
CA LEU A 52 -0.45 -2.37 -9.58
C LEU A 52 -1.34 -1.18 -9.95
N LYS A 53 -2.60 -1.49 -10.21
CA LYS A 53 -3.56 -0.46 -10.57
C LYS A 53 -4.70 -0.44 -9.55
N VAL A 54 -4.86 0.70 -8.91
CA VAL A 54 -5.90 0.86 -7.90
C VAL A 54 -7.06 1.66 -8.50
N VAL A 55 -8.27 1.22 -8.17
CA VAL A 55 -9.46 1.88 -8.67
C VAL A 55 -10.32 2.33 -7.49
N GLY A 56 -10.41 3.64 -7.32
CA GLY A 56 -11.19 4.21 -6.24
C GLY A 56 -12.58 4.62 -6.73
N GLY A 57 -13.32 5.26 -5.83
CA GLY A 57 -14.67 5.71 -6.16
C GLY A 57 -15.57 4.53 -6.52
N LYS A 58 -15.07 3.34 -6.22
CA LYS A 58 -15.82 2.12 -6.51
C LYS A 58 -17.05 2.05 -5.60
N MET A 59 -18.20 1.87 -6.23
CA MET A 59 -19.45 1.79 -5.48
C MET A 59 -19.76 0.34 -5.10
N THR A 60 -19.55 0.04 -3.82
CA THR A 60 -19.80 -1.29 -3.32
C THR A 60 -21.31 -1.57 -3.27
N GLU A 61 -21.66 -2.57 -2.48
CA GLU A 61 -23.06 -2.95 -2.33
C GLU A 61 -23.67 -2.25 -1.12
N SER A 62 -22.83 -1.51 -0.41
CA SER A 62 -23.28 -0.79 0.77
C SER A 62 -23.29 0.71 0.50
N GLY A 63 -23.07 1.05 -0.76
CA GLY A 63 -23.06 2.44 -1.18
C GLY A 63 -21.78 3.14 -0.69
N ARG A 64 -20.85 2.34 -0.21
CA ARG A 64 -19.59 2.86 0.29
C ARG A 64 -18.55 2.89 -0.84
N LEU A 65 -17.59 3.78 -0.68
CA LEU A 65 -16.53 3.91 -1.68
C LEU A 65 -15.20 3.46 -1.06
N CYS A 66 -14.45 2.70 -1.86
CA CYS A 66 -13.17 2.19 -1.40
C CYS A 66 -12.36 1.77 -2.65
N ALA A 67 -11.05 1.93 -2.54
CA ALA A 67 -10.16 1.57 -3.63
C ALA A 67 -9.79 0.09 -3.51
N PHE A 68 -9.90 -0.61 -4.63
CA PHE A 68 -9.59 -2.03 -4.66
C PHE A 68 -8.58 -2.33 -5.77
N ILE A 69 -7.66 -3.24 -5.46
CA ILE A 69 -6.64 -3.63 -6.42
C ILE A 69 -7.31 -4.27 -7.64
N THR A 70 -6.91 -3.78 -8.80
CA THR A 70 -7.46 -4.30 -10.06
C THR A 70 -6.46 -5.24 -10.73
N LYS A 71 -5.23 -4.79 -10.80
CA LYS A 71 -4.17 -5.58 -11.42
C LYS A 71 -2.83 -5.25 -10.76
N VAL A 72 -1.99 -6.27 -10.66
CA VAL A 72 -0.68 -6.10 -10.06
C VAL A 72 0.35 -6.88 -10.86
N LYS A 73 1.18 -6.13 -11.59
CA LYS A 73 2.21 -6.72 -12.41
C LYS A 73 3.06 -7.66 -11.55
N LYS A 74 3.51 -8.74 -12.16
CA LYS A 74 4.33 -9.72 -11.47
C LYS A 74 5.80 -9.34 -11.63
N GLY A 75 6.38 -8.85 -10.54
CA GLY A 75 7.77 -8.45 -10.54
C GLY A 75 7.92 -6.95 -10.31
N SER A 76 6.87 -6.37 -9.71
CA SER A 76 6.86 -4.94 -9.43
C SER A 76 6.79 -4.72 -7.92
N LEU A 77 7.04 -3.48 -7.53
CA LEU A 77 7.01 -3.12 -6.13
C LEU A 77 5.80 -3.78 -5.46
N ALA A 78 4.63 -3.43 -5.95
CA ALA A 78 3.40 -3.98 -5.42
C ALA A 78 3.24 -5.43 -5.90
N ASP A 79 4.23 -6.23 -5.56
CA ASP A 79 4.21 -7.64 -5.94
C ASP A 79 5.49 -8.31 -5.45
N THR A 80 6.61 -7.65 -5.70
CA THR A 80 7.90 -8.17 -5.28
C THR A 80 8.14 -7.87 -3.80
N VAL A 81 7.63 -6.74 -3.36
CA VAL A 81 7.78 -6.33 -1.97
C VAL A 81 6.41 -6.28 -1.31
N GLY A 82 5.44 -5.78 -2.06
CA GLY A 82 4.08 -5.67 -1.57
C GLY A 82 3.34 -7.00 -1.67
N HIS A 83 3.80 -7.82 -2.62
CA HIS A 83 3.19 -9.12 -2.83
C HIS A 83 1.67 -9.01 -2.71
N LEU A 84 1.14 -7.92 -3.26
CA LEU A 84 -0.28 -7.68 -3.22
C LEU A 84 -0.98 -8.62 -4.21
N ARG A 85 -2.27 -8.38 -4.40
CA ARG A 85 -3.06 -9.18 -5.31
C ARG A 85 -4.29 -8.40 -5.79
N PRO A 86 -4.69 -8.69 -7.06
CA PRO A 86 -5.84 -8.02 -7.64
C PRO A 86 -7.14 -8.56 -7.06
N GLY A 87 -7.71 -7.81 -6.14
CA GLY A 87 -8.96 -8.21 -5.50
C GLY A 87 -9.02 -7.71 -4.05
N ASP A 88 -7.85 -7.36 -3.53
CA ASP A 88 -7.76 -6.87 -2.17
C ASP A 88 -8.43 -5.49 -2.08
N GLU A 89 -8.27 -4.86 -0.93
CA GLU A 89 -8.85 -3.55 -0.70
C GLU A 89 -7.85 -2.63 -0.01
N VAL A 90 -7.36 -1.67 -0.76
CA VAL A 90 -6.39 -0.71 -0.23
C VAL A 90 -7.12 0.32 0.61
N LEU A 91 -7.06 0.11 1.92
CA LEU A 91 -7.71 1.03 2.85
C LEU A 91 -7.06 2.41 2.73
N GLU A 92 -5.76 2.44 3.00
CA GLU A 92 -5.02 3.69 2.93
C GLU A 92 -3.94 3.61 1.84
N TRP A 93 -3.38 4.77 1.53
CA TRP A 93 -2.34 4.83 0.51
C TRP A 93 -1.37 5.95 0.90
N ASN A 94 -0.32 5.57 1.61
CA ASN A 94 0.68 6.52 2.05
C ASN A 94 0.15 7.29 3.26
N GLY A 95 -0.86 6.71 3.90
CA GLY A 95 -1.47 7.32 5.07
C GLY A 95 -2.79 8.02 4.70
N ARG A 96 -3.09 8.00 3.41
CA ARG A 96 -4.32 8.61 2.92
C ARG A 96 -5.43 7.57 2.80
N LEU A 97 -6.45 7.73 3.63
CA LEU A 97 -7.57 6.82 3.63
C LEU A 97 -8.31 6.93 2.30
N LEU A 98 -8.62 5.77 1.72
CA LEU A 98 -9.31 5.73 0.45
C LEU A 98 -10.80 5.50 0.71
N GLN A 99 -11.09 4.92 1.86
CA GLN A 99 -12.46 4.64 2.23
C GLN A 99 -13.29 5.94 2.25
N GLY A 100 -14.26 5.99 1.37
CA GLY A 100 -15.13 7.16 1.27
C GLY A 100 -14.66 8.09 0.16
N ALA A 101 -13.36 8.04 -0.12
CA ALA A 101 -12.78 8.87 -1.16
C ALA A 101 -13.38 8.48 -2.51
N THR A 102 -13.52 9.48 -3.37
CA THR A 102 -14.07 9.25 -4.70
C THR A 102 -12.96 8.81 -5.67
N PHE A 103 -13.38 8.40 -6.85
CA PHE A 103 -12.45 7.95 -7.87
C PHE A 103 -11.31 8.97 -8.04
N GLU A 104 -11.70 10.23 -8.12
CA GLU A 104 -10.73 11.31 -8.30
C GLU A 104 -9.83 11.39 -7.07
N GLU A 105 -10.45 11.53 -5.91
CA GLU A 105 -9.72 11.63 -4.67
C GLU A 105 -8.65 10.52 -4.58
N VAL A 106 -9.13 9.29 -4.67
CA VAL A 106 -8.24 8.15 -4.61
C VAL A 106 -7.10 8.34 -5.61
N TYR A 107 -7.47 8.71 -6.82
CA TYR A 107 -6.49 8.93 -7.87
C TYR A 107 -5.52 10.05 -7.49
N ASN A 108 -6.10 11.21 -7.17
CA ASN A 108 -5.31 12.37 -6.79
C ASN A 108 -4.21 11.92 -5.83
N ILE A 109 -4.61 11.18 -4.82
CA ILE A 109 -3.67 10.68 -3.83
C ILE A 109 -2.44 10.11 -4.54
N ILE A 110 -2.63 8.93 -5.11
CA ILE A 110 -1.55 8.27 -5.82
C ILE A 110 -0.77 9.29 -6.63
N LEU A 111 -1.48 10.30 -7.11
CA LEU A 111 -0.86 11.36 -7.89
C LEU A 111 0.07 12.18 -6.98
N GLU A 112 -0.51 12.72 -5.93
CA GLU A 112 0.25 13.52 -4.99
C GLU A 112 1.40 12.72 -4.40
N SER A 113 1.30 11.40 -4.57
CA SER A 113 2.33 10.51 -4.07
C SER A 113 2.84 9.61 -5.19
N LYS A 114 2.70 10.11 -6.41
CA LYS A 114 3.14 9.37 -7.58
C LYS A 114 4.67 9.42 -7.67
N PRO A 115 5.20 10.68 -7.64
CA PRO A 115 6.64 10.88 -7.72
C PRO A 115 7.31 10.53 -6.39
N GLU A 116 6.47 10.36 -5.36
CA GLU A 116 6.97 10.04 -4.04
C GLU A 116 8.03 8.93 -4.13
N PRO A 117 8.98 8.97 -3.16
CA PRO A 117 10.04 7.97 -3.12
C PRO A 117 9.52 6.62 -2.62
N GLN A 118 8.56 6.71 -1.71
CA GLN A 118 7.97 5.50 -1.14
C GLN A 118 6.46 5.66 -1.03
N VAL A 119 5.80 4.54 -0.80
CA VAL A 119 4.35 4.53 -0.67
C VAL A 119 3.93 3.44 0.33
N GLU A 120 3.30 3.88 1.40
CA GLU A 120 2.85 2.95 2.43
C GLU A 120 1.35 2.64 2.25
N LEU A 121 1.09 1.48 1.69
CA LEU A 121 -0.29 1.05 1.46
C LEU A 121 -0.82 0.34 2.71
N VAL A 122 -2.13 0.25 2.78
CA VAL A 122 -2.78 -0.40 3.91
C VAL A 122 -4.07 -1.06 3.44
N VAL A 123 -4.05 -2.39 3.42
CA VAL A 123 -5.20 -3.16 3.00
C VAL A 123 -5.85 -3.81 4.22
N SER A 124 -7.10 -4.21 4.05
CA SER A 124 -7.85 -4.85 5.12
C SER A 124 -8.78 -5.91 4.55
N ARG A 125 -8.56 -7.15 4.99
CA ARG A 125 -9.38 -8.26 4.53
C ARG A 125 -9.97 -9.00 5.73
N SER A 126 -11.03 -9.75 5.46
CA SER A 126 -11.70 -10.51 6.50
C SER A 126 -11.09 -11.91 6.59
N GLY A 127 -10.53 -12.20 7.76
CA GLY A 127 -9.91 -13.50 7.99
C GLY A 127 -8.47 -13.51 7.48
N PRO A 128 -7.66 -14.42 8.08
CA PRO A 128 -6.27 -14.54 7.70
C PRO A 128 -6.13 -15.26 6.36
N SER A 129 -4.90 -15.28 5.86
CA SER A 129 -4.63 -15.93 4.59
C SER A 129 -4.97 -17.42 4.67
N SER A 130 -5.98 -17.81 3.90
CA SER A 130 -6.42 -19.19 3.89
C SER A 130 -5.21 -20.14 3.90
N GLY A 131 -4.14 -19.67 3.27
CA GLY A 131 -2.91 -20.44 3.19
C GLY A 131 -3.17 -21.81 2.55
N GLY A 1 30.33 3.84 22.66
CA GLY A 1 30.12 2.55 23.31
C GLY A 1 29.85 1.45 22.28
N SER A 2 30.95 0.94 21.72
CA SER A 2 30.85 -0.11 20.72
C SER A 2 30.09 0.40 19.49
N SER A 3 30.40 -0.20 18.36
CA SER A 3 29.76 0.18 17.11
C SER A 3 29.51 -1.05 16.25
N GLY A 4 30.59 -1.75 15.93
CA GLY A 4 30.50 -2.95 15.12
C GLY A 4 30.10 -4.16 15.97
N SER A 5 31.11 -4.78 16.57
CA SER A 5 30.88 -5.95 17.41
C SER A 5 30.37 -7.11 16.55
N SER A 6 30.64 -8.31 17.03
CA SER A 6 30.21 -9.51 16.34
C SER A 6 28.78 -9.34 15.83
N GLY A 7 28.45 -10.09 14.78
CA GLY A 7 27.13 -10.03 14.20
C GLY A 7 26.89 -8.68 13.51
N HIS A 8 27.08 -8.69 12.20
CA HIS A 8 26.90 -7.48 11.41
C HIS A 8 25.59 -7.57 10.63
N SER A 9 24.98 -6.41 10.42
CA SER A 9 23.73 -6.35 9.68
C SER A 9 23.18 -4.92 9.69
N HIS A 10 22.67 -4.50 8.54
CA HIS A 10 22.12 -3.17 8.41
C HIS A 10 20.87 -3.22 7.53
N SER A 11 20.10 -2.14 7.58
CA SER A 11 18.89 -2.05 6.79
C SER A 11 18.04 -3.30 6.99
N ASP A 12 17.34 -3.34 8.11
CA ASP A 12 16.49 -4.47 8.43
C ASP A 12 15.16 -3.96 9.00
N LYS A 13 14.32 -3.47 8.10
CA LYS A 13 13.03 -2.96 8.50
C LYS A 13 11.96 -3.45 7.52
N HIS A 14 11.11 -4.35 8.00
CA HIS A 14 10.05 -4.90 7.19
C HIS A 14 9.16 -3.76 6.66
N PRO A 15 9.11 -3.66 5.31
CA PRO A 15 8.29 -2.63 4.67
C PRO A 15 6.81 -2.99 4.75
N VAL A 16 6.52 -4.26 4.52
CA VAL A 16 5.15 -4.73 4.55
C VAL A 16 4.90 -5.44 5.88
N THR A 17 3.64 -5.40 6.31
CA THR A 17 3.25 -6.04 7.55
C THR A 17 1.78 -6.46 7.50
N TRP A 18 1.56 -7.73 7.81
CA TRP A 18 0.21 -8.28 7.80
C TRP A 18 -0.16 -8.62 9.24
N GLN A 19 -1.08 -7.84 9.79
CA GLN A 19 -1.54 -8.05 11.15
C GLN A 19 -3.05 -7.91 11.22
N PRO A 20 -3.66 -8.67 12.17
CA PRO A 20 -5.10 -8.63 12.36
C PRO A 20 -5.53 -7.36 13.08
N SER A 21 -6.79 -7.01 12.90
CA SER A 21 -7.33 -5.82 13.53
C SER A 21 -7.50 -6.05 15.03
N LYS A 22 -7.97 -5.00 15.71
CA LYS A 22 -8.19 -5.08 17.14
C LYS A 22 -8.94 -6.37 17.47
N ASP A 23 -10.04 -6.57 16.76
CA ASP A 23 -10.86 -7.75 16.97
C ASP A 23 -10.10 -8.99 16.50
N GLY A 24 -9.91 -9.06 15.19
CA GLY A 24 -9.21 -10.19 14.60
C GLY A 24 -9.96 -10.74 13.39
N ASP A 25 -11.24 -10.39 13.32
CA ASP A 25 -12.07 -10.85 12.23
C ASP A 25 -11.49 -10.37 10.90
N ARG A 26 -10.84 -9.21 10.96
CA ARG A 26 -10.23 -8.64 9.77
C ARG A 26 -8.71 -8.79 9.84
N LEU A 27 -8.08 -8.61 8.69
CA LEU A 27 -6.63 -8.73 8.60
C LEU A 27 -6.06 -7.46 7.95
N ILE A 28 -5.42 -6.65 8.78
CA ILE A 28 -4.83 -5.41 8.31
C ILE A 28 -3.48 -5.72 7.67
N GLY A 29 -3.39 -5.42 6.37
CA GLY A 29 -2.16 -5.65 5.63
C GLY A 29 -1.53 -4.34 5.18
N ARG A 30 -0.23 -4.23 5.40
CA ARG A 30 0.50 -3.03 5.03
C ARG A 30 1.58 -3.37 4.00
N ILE A 31 1.59 -2.60 2.92
CA ILE A 31 2.56 -2.81 1.87
C ILE A 31 3.30 -1.49 1.59
N LEU A 32 4.58 -1.49 1.95
CA LEU A 32 5.41 -0.31 1.75
C LEU A 32 6.38 -0.56 0.58
N LEU A 33 6.52 0.46 -0.25
CA LEU A 33 7.40 0.37 -1.40
C LEU A 33 8.47 1.46 -1.30
N ASN A 34 9.66 1.11 -1.77
CA ASN A 34 10.78 2.04 -1.74
C ASN A 34 11.47 2.05 -3.11
N LYS A 35 11.28 3.15 -3.83
CA LYS A 35 11.86 3.29 -5.14
C LYS A 35 13.07 4.23 -5.05
N ARG A 36 13.32 4.71 -3.85
CA ARG A 36 14.43 5.61 -3.61
C ARG A 36 15.75 4.95 -4.04
N LEU A 37 16.47 5.65 -4.90
CA LEU A 37 17.74 5.14 -5.39
C LEU A 37 18.63 4.76 -4.20
N LYS A 38 19.83 4.30 -4.53
CA LYS A 38 20.77 3.90 -3.50
C LYS A 38 21.37 5.14 -2.84
N ASP A 39 21.21 6.26 -3.52
CA ASP A 39 21.73 7.52 -3.03
C ASP A 39 20.58 8.34 -2.40
N GLY A 40 19.60 7.61 -1.89
CA GLY A 40 18.44 8.24 -1.27
C GLY A 40 17.91 9.39 -2.14
N SER A 41 17.32 9.00 -3.26
CA SER A 41 16.76 9.98 -4.18
C SER A 41 15.97 9.26 -5.28
N VAL A 42 14.72 9.66 -5.41
CA VAL A 42 13.85 9.07 -6.42
C VAL A 42 14.14 9.73 -7.78
N PRO A 43 14.18 8.86 -8.83
CA PRO A 43 14.45 9.34 -10.18
C PRO A 43 13.23 10.04 -10.76
N ARG A 44 13.42 10.68 -11.90
CA ARG A 44 12.35 11.39 -12.57
C ARG A 44 11.05 10.60 -12.47
N ASP A 45 11.17 9.30 -12.69
CA ASP A 45 10.02 8.41 -12.64
C ASP A 45 10.49 6.97 -12.50
N SER A 46 10.36 6.44 -11.29
CA SER A 46 10.78 5.07 -11.02
C SER A 46 9.55 4.15 -11.01
N GLY A 47 8.76 4.28 -9.96
CA GLY A 47 7.55 3.47 -9.83
C GLY A 47 6.47 4.23 -9.07
N ALA A 48 6.02 5.32 -9.67
CA ALA A 48 4.98 6.13 -9.07
C ALA A 48 3.75 5.27 -8.80
N MET A 49 3.46 4.38 -9.75
CA MET A 49 2.31 3.51 -9.62
C MET A 49 2.72 2.19 -8.96
N LEU A 50 3.96 2.12 -8.53
CA LEU A 50 4.48 0.93 -7.88
C LEU A 50 4.55 -0.21 -8.89
N GLY A 51 3.38 -0.70 -9.25
CA GLY A 51 3.28 -1.79 -10.21
C GLY A 51 1.93 -2.50 -10.10
N LEU A 52 0.89 -1.71 -9.94
CA LEU A 52 -0.46 -2.25 -9.82
C LEU A 52 -1.47 -1.17 -10.20
N LYS A 53 -2.73 -1.59 -10.25
CA LYS A 53 -3.80 -0.67 -10.60
C LYS A 53 -4.91 -0.76 -9.54
N VAL A 54 -5.33 0.41 -9.08
CA VAL A 54 -6.37 0.48 -8.07
C VAL A 54 -7.55 1.30 -8.62
N VAL A 55 -8.74 0.78 -8.39
CA VAL A 55 -9.95 1.44 -8.85
C VAL A 55 -10.74 1.94 -7.65
N GLY A 56 -10.81 3.27 -7.53
CA GLY A 56 -11.53 3.89 -6.43
C GLY A 56 -12.85 4.49 -6.91
N GLY A 57 -13.76 4.69 -5.97
CA GLY A 57 -15.05 5.27 -6.27
C GLY A 57 -16.14 4.18 -6.31
N LYS A 58 -15.73 2.97 -5.94
CA LYS A 58 -16.64 1.85 -5.93
C LYS A 58 -17.67 2.04 -4.81
N MET A 59 -18.93 2.05 -5.21
CA MET A 59 -20.02 2.23 -4.26
C MET A 59 -20.23 0.96 -3.43
N THR A 60 -20.02 1.10 -2.13
CA THR A 60 -20.19 -0.02 -1.22
C THR A 60 -21.67 -0.18 -0.84
N GLU A 61 -21.91 -1.08 0.11
CA GLU A 61 -23.26 -1.33 0.57
C GLU A 61 -23.62 -0.36 1.71
N SER A 62 -22.66 0.46 2.06
CA SER A 62 -22.86 1.43 3.13
C SER A 62 -22.97 2.85 2.54
N GLY A 63 -23.09 2.89 1.22
CA GLY A 63 -23.20 4.16 0.53
C GLY A 63 -21.88 4.94 0.58
N ARG A 64 -20.79 4.19 0.66
CA ARG A 64 -19.47 4.78 0.72
C ARG A 64 -18.62 4.32 -0.47
N LEU A 65 -17.46 4.94 -0.61
CA LEU A 65 -16.55 4.60 -1.69
C LEU A 65 -15.38 3.79 -1.14
N CYS A 66 -14.79 2.99 -2.00
CA CYS A 66 -13.66 2.16 -1.61
C CYS A 66 -12.77 1.96 -2.83
N ALA A 67 -11.56 1.47 -2.58
CA ALA A 67 -10.61 1.22 -3.65
C ALA A 67 -10.12 -0.22 -3.56
N PHE A 68 -10.25 -0.92 -4.67
CA PHE A 68 -9.81 -2.31 -4.73
C PHE A 68 -8.80 -2.52 -5.86
N ILE A 69 -7.90 -3.47 -5.63
CA ILE A 69 -6.88 -3.78 -6.62
C ILE A 69 -7.51 -4.50 -7.80
N THR A 70 -7.13 -4.08 -8.99
CA THR A 70 -7.65 -4.69 -10.21
C THR A 70 -6.57 -5.53 -10.89
N LYS A 71 -5.36 -4.98 -10.93
CA LYS A 71 -4.25 -5.67 -11.55
C LYS A 71 -2.95 -5.28 -10.83
N VAL A 72 -2.02 -6.23 -10.81
CA VAL A 72 -0.74 -5.99 -10.16
C VAL A 72 0.36 -6.67 -10.97
N LYS A 73 1.22 -5.85 -11.55
CA LYS A 73 2.33 -6.35 -12.34
C LYS A 73 3.12 -7.38 -11.52
N LYS A 74 3.41 -8.50 -12.16
CA LYS A 74 4.16 -9.56 -11.51
C LYS A 74 5.66 -9.29 -11.66
N GLY A 75 6.26 -8.85 -10.56
CA GLY A 75 7.69 -8.55 -10.56
C GLY A 75 7.93 -7.07 -10.29
N SER A 76 6.93 -6.43 -9.69
CA SER A 76 7.04 -5.02 -9.38
C SER A 76 6.97 -4.82 -7.86
N LEU A 77 7.22 -3.57 -7.46
CA LEU A 77 7.21 -3.23 -6.04
C LEU A 77 5.98 -3.88 -5.38
N ALA A 78 4.81 -3.47 -5.86
CA ALA A 78 3.56 -4.00 -5.33
C ALA A 78 3.35 -5.42 -5.85
N ASP A 79 4.30 -6.28 -5.52
CA ASP A 79 4.23 -7.67 -5.95
C ASP A 79 5.49 -8.41 -5.47
N THR A 80 6.63 -7.79 -5.73
CA THR A 80 7.90 -8.38 -5.33
C THR A 80 8.16 -8.14 -3.84
N VAL A 81 7.75 -6.96 -3.38
CA VAL A 81 7.94 -6.61 -1.98
C VAL A 81 6.57 -6.56 -1.29
N GLY A 82 5.60 -6.04 -2.01
CA GLY A 82 4.24 -5.93 -1.47
C GLY A 82 3.52 -7.27 -1.59
N HIS A 83 3.76 -7.95 -2.71
CA HIS A 83 3.13 -9.24 -2.95
C HIS A 83 1.61 -9.09 -2.87
N LEU A 84 1.12 -8.00 -3.45
CA LEU A 84 -0.30 -7.72 -3.45
C LEU A 84 -0.99 -8.61 -4.49
N ARG A 85 -2.29 -8.42 -4.63
CA ARG A 85 -3.07 -9.19 -5.58
C ARG A 85 -4.29 -8.40 -6.03
N PRO A 86 -4.74 -8.68 -7.28
CA PRO A 86 -5.90 -8.01 -7.83
C PRO A 86 -7.20 -8.54 -7.22
N GLY A 87 -7.70 -7.80 -6.23
CA GLY A 87 -8.92 -8.19 -5.55
C GLY A 87 -8.94 -7.66 -4.12
N ASP A 88 -7.75 -7.35 -3.62
CA ASP A 88 -7.62 -6.84 -2.27
C ASP A 88 -8.32 -5.48 -2.18
N GLU A 89 -8.28 -4.91 -0.97
CA GLU A 89 -8.91 -3.62 -0.74
C GLU A 89 -7.92 -2.69 -0.03
N VAL A 90 -7.34 -1.78 -0.81
CA VAL A 90 -6.38 -0.84 -0.27
C VAL A 90 -7.13 0.25 0.50
N LEU A 91 -7.13 0.11 1.82
CA LEU A 91 -7.80 1.07 2.68
C LEU A 91 -7.15 2.45 2.50
N GLU A 92 -5.86 2.51 2.79
CA GLU A 92 -5.12 3.75 2.67
C GLU A 92 -4.00 3.60 1.64
N TRP A 93 -3.42 4.74 1.27
CA TRP A 93 -2.35 4.75 0.29
C TRP A 93 -1.30 5.77 0.75
N ASN A 94 -0.31 5.26 1.48
CA ASN A 94 0.75 6.12 1.99
C ASN A 94 0.22 6.92 3.17
N GLY A 95 -0.84 6.41 3.78
CA GLY A 95 -1.45 7.08 4.92
C GLY A 95 -2.76 7.76 4.53
N ARG A 96 -2.97 7.87 3.22
CA ARG A 96 -4.17 8.49 2.71
C ARG A 96 -5.30 7.47 2.58
N LEU A 97 -6.32 7.65 3.41
CA LEU A 97 -7.46 6.74 3.41
C LEU A 97 -8.20 6.88 2.08
N LEU A 98 -8.51 5.72 1.49
CA LEU A 98 -9.22 5.71 0.22
C LEU A 98 -10.72 5.53 0.48
N GLN A 99 -11.03 4.97 1.64
CA GLN A 99 -12.41 4.74 2.02
C GLN A 99 -13.18 6.06 2.01
N GLY A 100 -14.16 6.12 1.12
CA GLY A 100 -14.98 7.32 0.99
C GLY A 100 -14.49 8.20 -0.15
N ALA A 101 -13.20 8.14 -0.40
CA ALA A 101 -12.59 8.93 -1.47
C ALA A 101 -13.16 8.46 -2.81
N THR A 102 -13.36 9.43 -3.69
CA THR A 102 -13.88 9.13 -5.02
C THR A 102 -12.76 8.65 -5.94
N PHE A 103 -13.18 8.10 -7.08
CA PHE A 103 -12.23 7.60 -8.06
C PHE A 103 -11.04 8.56 -8.22
N GLU A 104 -11.38 9.83 -8.44
CA GLU A 104 -10.36 10.85 -8.61
C GLU A 104 -9.51 10.96 -7.34
N GLU A 105 -10.18 11.25 -6.24
CA GLU A 105 -9.50 11.38 -4.97
C GLU A 105 -8.50 10.24 -4.76
N VAL A 106 -8.98 9.03 -5.04
CA VAL A 106 -8.15 7.85 -4.89
C VAL A 106 -6.93 7.98 -5.81
N TYR A 107 -7.18 8.43 -7.03
CA TYR A 107 -6.12 8.60 -7.99
C TYR A 107 -5.19 9.75 -7.61
N ASN A 108 -5.79 10.93 -7.47
CA ASN A 108 -5.03 12.11 -7.09
C ASN A 108 -4.02 11.74 -6.02
N ILE A 109 -4.40 10.79 -5.18
CA ILE A 109 -3.53 10.34 -4.10
C ILE A 109 -2.30 9.66 -4.70
N ILE A 110 -2.55 8.58 -5.41
CA ILE A 110 -1.47 7.83 -6.04
C ILE A 110 -0.66 8.76 -6.93
N LEU A 111 -1.36 9.66 -7.59
CA LEU A 111 -0.73 10.63 -8.47
C LEU A 111 0.06 11.63 -7.64
N GLU A 112 -0.49 11.95 -6.48
CA GLU A 112 0.16 12.90 -5.57
C GLU A 112 1.40 12.26 -4.94
N SER A 113 1.39 10.94 -4.90
CA SER A 113 2.51 10.20 -4.33
C SER A 113 3.47 9.75 -5.43
N LYS A 114 3.43 10.49 -6.54
CA LYS A 114 4.29 10.18 -7.67
C LYS A 114 5.75 10.42 -7.28
N PRO A 115 6.00 11.64 -6.73
CA PRO A 115 7.35 12.01 -6.32
C PRO A 115 7.73 11.31 -5.02
N GLU A 116 6.71 10.97 -4.24
CA GLU A 116 6.92 10.30 -2.97
C GLU A 116 8.05 9.28 -3.09
N PRO A 117 8.89 9.22 -2.03
CA PRO A 117 10.02 8.30 -2.01
C PRO A 117 9.54 6.86 -1.76
N GLN A 118 8.43 6.76 -1.04
CA GLN A 118 7.87 5.46 -0.72
C GLN A 118 6.34 5.51 -0.80
N VAL A 119 5.73 4.36 -0.58
CA VAL A 119 4.28 4.26 -0.62
C VAL A 119 3.82 3.14 0.32
N GLU A 120 3.28 3.55 1.46
CA GLU A 120 2.81 2.60 2.45
C GLU A 120 1.31 2.34 2.26
N LEU A 121 1.01 1.17 1.73
CA LEU A 121 -0.38 0.78 1.49
C LEU A 121 -0.96 0.19 2.77
N VAL A 122 -2.29 0.11 2.80
CA VAL A 122 -2.98 -0.44 3.95
C VAL A 122 -4.26 -1.13 3.48
N VAL A 123 -4.18 -2.45 3.40
CA VAL A 123 -5.32 -3.25 2.98
C VAL A 123 -5.94 -3.95 4.18
N SER A 124 -7.16 -4.42 4.00
CA SER A 124 -7.88 -5.10 5.06
C SER A 124 -8.80 -6.17 4.47
N ARG A 125 -8.49 -7.41 4.78
CA ARG A 125 -9.27 -8.53 4.29
C ARG A 125 -9.89 -9.30 5.46
N SER A 126 -10.96 -10.01 5.16
CA SER A 126 -11.65 -10.79 6.17
C SER A 126 -10.94 -12.14 6.36
N GLY A 127 -10.54 -12.39 7.60
CA GLY A 127 -9.85 -13.63 7.92
C GLY A 127 -10.77 -14.84 7.66
N PRO A 128 -10.28 -16.03 8.11
CA PRO A 128 -11.03 -17.26 7.94
C PRO A 128 -12.21 -17.33 8.91
N SER A 129 -13.34 -17.78 8.39
CA SER A 129 -14.54 -17.90 9.20
C SER A 129 -15.30 -19.18 8.82
N SER A 130 -15.73 -19.90 9.84
CA SER A 130 -16.47 -21.13 9.64
C SER A 130 -17.93 -20.82 9.28
N GLY A 131 -18.62 -21.84 8.81
CA GLY A 131 -20.02 -21.69 8.43
C GLY A 131 -20.91 -22.60 9.28
N GLY A 1 9.48 5.30 34.32
CA GLY A 1 9.08 6.34 33.40
C GLY A 1 10.02 7.54 33.49
N SER A 2 9.73 8.41 34.45
CA SER A 2 10.54 9.59 34.65
C SER A 2 10.52 10.46 33.39
N SER A 3 11.01 11.68 33.54
CA SER A 3 11.06 12.61 32.42
C SER A 3 12.24 12.28 31.52
N GLY A 4 11.92 11.97 30.27
CA GLY A 4 12.94 11.63 29.29
C GLY A 4 13.61 12.90 28.73
N SER A 5 14.23 12.73 27.58
CA SER A 5 14.89 13.84 26.92
C SER A 5 14.76 13.72 25.41
N SER A 6 15.24 12.60 24.88
CA SER A 6 15.17 12.35 23.45
C SER A 6 15.83 11.00 23.12
N GLY A 7 15.30 10.36 22.09
CA GLY A 7 15.81 9.08 21.67
C GLY A 7 15.48 8.80 20.21
N HIS A 8 16.00 7.69 19.70
CA HIS A 8 15.76 7.31 18.32
C HIS A 8 16.07 5.81 18.15
N SER A 9 15.09 5.09 17.64
CA SER A 9 15.25 3.66 17.41
C SER A 9 15.24 3.37 15.92
N HIS A 10 15.86 2.25 15.56
CA HIS A 10 15.93 1.85 14.16
C HIS A 10 15.00 0.66 13.93
N SER A 11 13.80 0.96 13.47
CA SER A 11 12.82 -0.07 13.20
C SER A 11 12.62 -0.23 11.69
N ASP A 12 13.60 -0.85 11.06
CA ASP A 12 13.55 -1.06 9.62
C ASP A 12 13.68 -2.55 9.33
N LYS A 13 12.57 -3.26 9.53
CA LYS A 13 12.55 -4.70 9.29
C LYS A 13 11.95 -4.97 7.91
N HIS A 14 10.70 -5.43 7.93
CA HIS A 14 9.99 -5.73 6.70
C HIS A 14 9.11 -4.55 6.31
N PRO A 15 9.04 -4.30 4.97
CA PRO A 15 8.23 -3.21 4.45
C PRO A 15 6.75 -3.55 4.50
N VAL A 16 6.45 -4.85 4.40
CA VAL A 16 5.09 -5.32 4.43
C VAL A 16 4.82 -6.01 5.76
N THR A 17 3.60 -5.85 6.26
CA THR A 17 3.22 -6.46 7.52
C THR A 17 1.73 -6.83 7.50
N TRP A 18 1.46 -8.11 7.71
CA TRP A 18 0.10 -8.61 7.72
C TRP A 18 -0.27 -8.94 9.17
N GLN A 19 -1.16 -8.11 9.73
CA GLN A 19 -1.60 -8.31 11.10
C GLN A 19 -3.12 -8.23 11.17
N PRO A 20 -3.69 -9.03 12.12
CA PRO A 20 -5.13 -9.05 12.30
C PRO A 20 -5.61 -7.79 13.03
N SER A 21 -6.89 -7.50 12.85
CA SER A 21 -7.50 -6.33 13.48
C SER A 21 -7.63 -6.56 14.98
N LYS A 22 -8.22 -5.57 15.64
CA LYS A 22 -8.42 -5.65 17.08
C LYS A 22 -9.16 -6.95 17.42
N ASP A 23 -10.23 -7.19 16.69
CA ASP A 23 -11.03 -8.39 16.90
C ASP A 23 -10.24 -9.60 16.42
N GLY A 24 -9.86 -9.56 15.15
CA GLY A 24 -9.10 -10.65 14.56
C GLY A 24 -9.79 -11.18 13.30
N ASP A 25 -11.12 -11.09 13.31
CA ASP A 25 -11.91 -11.55 12.18
C ASP A 25 -11.41 -10.87 10.90
N ARG A 26 -10.83 -9.70 11.09
CA ARG A 26 -10.31 -8.94 9.96
C ARG A 26 -8.78 -8.99 9.95
N LEU A 27 -8.23 -8.93 8.74
CA LEU A 27 -6.79 -8.98 8.58
C LEU A 27 -6.31 -7.66 7.97
N ILE A 28 -5.51 -6.93 8.74
CA ILE A 28 -4.98 -5.66 8.28
C ILE A 28 -3.58 -5.86 7.71
N GLY A 29 -3.45 -5.56 6.43
CA GLY A 29 -2.17 -5.71 5.75
C GLY A 29 -1.59 -4.35 5.38
N ARG A 30 -0.37 -4.11 5.84
CA ARG A 30 0.31 -2.86 5.56
C ARG A 30 1.53 -3.10 4.66
N ILE A 31 1.41 -2.66 3.42
CA ILE A 31 2.48 -2.83 2.46
C ILE A 31 3.24 -1.51 2.31
N LEU A 32 4.52 -1.62 1.98
CA LEU A 32 5.35 -0.45 1.81
C LEU A 32 6.29 -0.66 0.62
N LEU A 33 6.44 0.39 -0.17
CA LEU A 33 7.31 0.32 -1.34
C LEU A 33 8.22 1.56 -1.37
N ASN A 34 9.43 1.35 -1.84
CA ASN A 34 10.40 2.43 -1.92
C ASN A 34 10.76 2.67 -3.39
N LYS A 35 11.42 3.79 -3.63
CA LYS A 35 11.83 4.16 -4.98
C LYS A 35 13.28 4.64 -4.95
N ARG A 36 13.57 5.50 -4.00
CA ARG A 36 14.91 6.04 -3.86
C ARG A 36 15.95 4.98 -4.24
N LEU A 37 16.67 5.27 -5.32
CA LEU A 37 17.69 4.36 -5.80
C LEU A 37 18.67 4.04 -4.67
N LYS A 38 19.75 3.37 -5.02
CA LYS A 38 20.76 3.01 -4.05
C LYS A 38 21.30 4.27 -3.38
N ASP A 39 21.60 5.25 -4.21
CA ASP A 39 22.13 6.52 -3.72
C ASP A 39 21.18 7.07 -2.64
N GLY A 40 19.90 6.98 -2.94
CA GLY A 40 18.89 7.47 -2.01
C GLY A 40 18.15 8.67 -2.59
N SER A 41 17.67 8.50 -3.80
CA SER A 41 16.94 9.55 -4.48
C SER A 41 16.05 8.97 -5.59
N VAL A 42 14.87 9.54 -5.72
CA VAL A 42 13.93 9.08 -6.73
C VAL A 42 14.28 9.72 -8.08
N PRO A 43 14.31 8.85 -9.13
CA PRO A 43 14.63 9.31 -10.46
C PRO A 43 13.45 10.08 -11.08
N ARG A 44 13.62 10.45 -12.34
CA ARG A 44 12.58 11.17 -13.05
C ARG A 44 11.21 10.56 -12.75
N ASP A 45 11.20 9.25 -12.61
CA ASP A 45 9.96 8.55 -12.32
C ASP A 45 10.20 7.04 -12.39
N SER A 46 10.51 6.46 -11.23
CA SER A 46 10.77 5.03 -11.16
C SER A 46 9.45 4.26 -11.06
N GLY A 47 8.56 4.57 -11.99
CA GLY A 47 7.27 3.91 -12.03
C GLY A 47 6.47 4.21 -10.76
N ALA A 48 5.94 5.42 -10.68
CA ALA A 48 5.17 5.84 -9.53
C ALA A 48 4.12 4.77 -9.22
N MET A 49 3.50 4.26 -10.28
CA MET A 49 2.49 3.23 -10.13
C MET A 49 3.05 2.00 -9.43
N LEU A 50 4.38 1.95 -9.36
CA LEU A 50 5.05 0.83 -8.72
C LEU A 50 4.88 -0.42 -9.59
N GLY A 51 3.63 -0.81 -9.75
CA GLY A 51 3.31 -1.99 -10.56
C GLY A 51 2.00 -2.63 -10.10
N LEU A 52 0.99 -1.78 -9.93
CA LEU A 52 -0.32 -2.25 -9.50
C LEU A 52 -1.38 -1.24 -9.93
N LYS A 53 -2.62 -1.70 -9.94
CA LYS A 53 -3.74 -0.85 -10.32
C LYS A 53 -4.77 -0.82 -9.19
N VAL A 54 -5.41 0.32 -9.06
CA VAL A 54 -6.42 0.50 -8.02
C VAL A 54 -7.63 1.22 -8.61
N VAL A 55 -8.80 0.83 -8.14
CA VAL A 55 -10.04 1.43 -8.61
C VAL A 55 -10.82 1.98 -7.42
N GLY A 56 -10.93 3.30 -7.38
CA GLY A 56 -11.64 3.97 -6.30
C GLY A 56 -13.04 4.38 -6.75
N GLY A 57 -13.73 5.07 -5.85
CA GLY A 57 -15.08 5.54 -6.14
C GLY A 57 -16.04 4.35 -6.31
N LYS A 58 -15.59 3.19 -5.85
CA LYS A 58 -16.38 1.98 -5.95
C LYS A 58 -17.51 2.03 -4.91
N MET A 59 -18.74 2.01 -5.42
CA MET A 59 -19.90 2.06 -4.55
C MET A 59 -20.21 0.67 -3.98
N THR A 60 -20.04 0.54 -2.68
CA THR A 60 -20.30 -0.72 -2.01
C THR A 60 -21.80 -0.91 -1.78
N GLU A 61 -22.12 -1.78 -0.84
CA GLU A 61 -23.51 -2.06 -0.52
C GLU A 61 -23.96 -1.20 0.66
N SER A 62 -23.03 -0.39 1.15
CA SER A 62 -23.32 0.48 2.27
C SER A 62 -23.29 1.94 1.82
N GLY A 63 -23.26 2.12 0.50
CA GLY A 63 -23.24 3.45 -0.08
C GLY A 63 -21.89 4.13 0.18
N ARG A 64 -20.93 3.33 0.60
CA ARG A 64 -19.59 3.84 0.89
C ARG A 64 -18.68 3.63 -0.31
N LEU A 65 -17.60 4.40 -0.33
CA LEU A 65 -16.63 4.30 -1.41
C LEU A 65 -15.30 3.79 -0.87
N CYS A 66 -14.71 2.86 -1.61
CA CYS A 66 -13.44 2.28 -1.21
C CYS A 66 -12.71 1.82 -2.47
N ALA A 67 -11.38 1.90 -2.41
CA ALA A 67 -10.56 1.50 -3.53
C ALA A 67 -10.21 0.01 -3.41
N PHE A 68 -10.04 -0.62 -4.56
CA PHE A 68 -9.70 -2.04 -4.58
C PHE A 68 -8.72 -2.34 -5.72
N ILE A 69 -7.85 -3.32 -5.47
CA ILE A 69 -6.86 -3.71 -6.45
C ILE A 69 -7.55 -4.48 -7.57
N THR A 70 -7.23 -4.09 -8.80
CA THR A 70 -7.81 -4.73 -9.97
C THR A 70 -6.78 -5.65 -10.63
N LYS A 71 -5.56 -5.15 -10.73
CA LYS A 71 -4.49 -5.92 -11.34
C LYS A 71 -3.15 -5.53 -10.70
N VAL A 72 -2.22 -6.46 -10.72
CA VAL A 72 -0.91 -6.23 -10.14
C VAL A 72 0.17 -6.64 -11.15
N LYS A 73 1.13 -5.75 -11.31
CA LYS A 73 2.23 -6.00 -12.24
C LYS A 73 3.04 -7.21 -11.76
N LYS A 74 3.20 -8.18 -12.65
CA LYS A 74 3.95 -9.38 -12.32
C LYS A 74 5.44 -9.09 -12.45
N GLY A 75 6.09 -8.99 -11.30
CA GLY A 75 7.52 -8.72 -11.28
C GLY A 75 7.79 -7.22 -11.13
N SER A 76 7.13 -6.63 -10.15
CA SER A 76 7.29 -5.21 -9.88
C SER A 76 7.29 -4.96 -8.37
N LEU A 77 7.37 -3.69 -8.02
CA LEU A 77 7.38 -3.29 -6.61
C LEU A 77 6.20 -3.94 -5.91
N ALA A 78 5.00 -3.46 -6.24
CA ALA A 78 3.79 -3.99 -5.64
C ALA A 78 3.52 -5.39 -6.20
N ASP A 79 4.38 -6.31 -5.85
CA ASP A 79 4.25 -7.68 -6.30
C ASP A 79 5.44 -8.51 -5.79
N THR A 80 6.63 -7.98 -6.03
CA THR A 80 7.85 -8.65 -5.60
C THR A 80 8.15 -8.33 -4.14
N VAL A 81 7.96 -7.06 -3.79
CA VAL A 81 8.21 -6.62 -2.44
C VAL A 81 6.87 -6.48 -1.70
N GLY A 82 5.87 -6.01 -2.44
CA GLY A 82 4.55 -5.82 -1.87
C GLY A 82 3.79 -7.15 -1.78
N HIS A 83 3.92 -7.94 -2.83
CA HIS A 83 3.26 -9.23 -2.88
C HIS A 83 1.75 -9.03 -2.95
N LEU A 84 1.36 -7.81 -3.25
CA LEU A 84 -0.06 -7.47 -3.35
C LEU A 84 -0.70 -8.35 -4.42
N ARG A 85 -2.03 -8.27 -4.48
CA ARG A 85 -2.78 -9.05 -5.46
C ARG A 85 -4.12 -8.37 -5.75
N PRO A 86 -4.67 -8.70 -6.95
CA PRO A 86 -5.94 -8.13 -7.37
C PRO A 86 -7.11 -8.78 -6.62
N GLY A 87 -7.64 -8.04 -5.66
CA GLY A 87 -8.75 -8.53 -4.87
C GLY A 87 -8.81 -7.83 -3.51
N ASP A 88 -7.63 -7.50 -3.00
CA ASP A 88 -7.53 -6.83 -1.71
C ASP A 88 -8.27 -5.49 -1.78
N GLU A 89 -8.24 -4.77 -0.67
CA GLU A 89 -8.89 -3.48 -0.59
C GLU A 89 -8.00 -2.48 0.13
N VAL A 90 -7.36 -1.63 -0.66
CA VAL A 90 -6.47 -0.62 -0.12
C VAL A 90 -7.30 0.47 0.57
N LEU A 91 -7.03 0.65 1.85
CA LEU A 91 -7.74 1.64 2.64
C LEU A 91 -6.99 2.98 2.56
N GLU A 92 -5.72 2.93 2.93
CA GLU A 92 -4.89 4.11 2.92
C GLU A 92 -3.78 3.97 1.87
N TRP A 93 -3.28 5.11 1.43
CA TRP A 93 -2.21 5.12 0.45
C TRP A 93 -1.19 6.18 0.86
N ASN A 94 -0.13 5.73 1.52
CA ASN A 94 0.91 6.63 1.98
C ASN A 94 0.36 7.52 3.09
N GLY A 95 -0.67 7.01 3.75
CA GLY A 95 -1.29 7.76 4.84
C GLY A 95 -2.60 8.39 4.39
N ARG A 96 -2.79 8.41 3.07
CA ARG A 96 -3.99 8.99 2.50
C ARG A 96 -5.14 7.97 2.51
N LEU A 97 -6.18 8.30 3.25
CA LEU A 97 -7.34 7.42 3.34
C LEU A 97 -8.09 7.44 2.02
N LEU A 98 -8.45 6.25 1.55
CA LEU A 98 -9.17 6.10 0.31
C LEU A 98 -10.66 5.91 0.61
N GLN A 99 -10.93 5.44 1.82
CA GLN A 99 -12.30 5.21 2.24
C GLN A 99 -13.14 6.48 2.07
N GLY A 100 -14.17 6.37 1.26
CA GLY A 100 -15.05 7.49 1.00
C GLY A 100 -14.59 8.28 -0.22
N ALA A 101 -13.29 8.28 -0.43
CA ALA A 101 -12.70 8.99 -1.56
C ALA A 101 -13.32 8.45 -2.86
N THR A 102 -13.43 9.35 -3.84
CA THR A 102 -13.98 8.98 -5.12
C THR A 102 -12.90 8.43 -6.04
N PHE A 103 -13.34 7.91 -7.18
CA PHE A 103 -12.41 7.35 -8.15
C PHE A 103 -11.24 8.30 -8.42
N GLU A 104 -11.59 9.57 -8.58
CA GLU A 104 -10.58 10.59 -8.84
C GLU A 104 -9.66 10.75 -7.63
N GLU A 105 -10.26 11.16 -6.52
CA GLU A 105 -9.50 11.34 -5.29
C GLU A 105 -8.46 10.24 -5.13
N VAL A 106 -8.95 9.00 -5.13
CA VAL A 106 -8.08 7.85 -4.99
C VAL A 106 -6.91 7.98 -5.98
N TYR A 107 -7.25 8.32 -7.21
CA TYR A 107 -6.25 8.48 -8.24
C TYR A 107 -5.29 9.63 -7.92
N ASN A 108 -5.87 10.80 -7.73
CA ASN A 108 -5.08 11.98 -7.41
C ASN A 108 -4.02 11.61 -6.39
N ILE A 109 -4.46 10.92 -5.34
CA ILE A 109 -3.54 10.51 -4.28
C ILE A 109 -2.31 9.85 -4.90
N ILE A 110 -2.50 8.64 -5.39
CA ILE A 110 -1.42 7.90 -6.01
C ILE A 110 -0.60 8.84 -6.89
N LEU A 111 -1.28 9.86 -7.41
CA LEU A 111 -0.64 10.84 -8.27
C LEU A 111 0.30 11.71 -7.42
N GLU A 112 -0.31 12.45 -6.49
CA GLU A 112 0.45 13.33 -5.62
C GLU A 112 1.62 12.57 -5.00
N SER A 113 1.45 11.26 -4.90
CA SER A 113 2.48 10.41 -4.32
C SER A 113 3.41 9.89 -5.43
N LYS A 114 3.48 10.66 -6.51
CA LYS A 114 4.31 10.29 -7.63
C LYS A 114 5.78 10.48 -7.25
N PRO A 115 6.09 11.68 -6.69
CA PRO A 115 7.44 11.99 -6.28
C PRO A 115 7.81 11.27 -4.97
N GLU A 116 6.77 10.88 -4.26
CA GLU A 116 6.96 10.17 -3.00
C GLU A 116 8.09 9.14 -3.13
N PRO A 117 8.96 9.12 -2.10
CA PRO A 117 10.08 8.20 -2.07
C PRO A 117 9.62 6.78 -1.76
N GLN A 118 8.53 6.69 -1.01
CA GLN A 118 7.98 5.41 -0.63
C GLN A 118 6.47 5.39 -0.87
N VAL A 119 5.89 4.21 -0.69
CA VAL A 119 4.45 4.05 -0.89
C VAL A 119 3.92 3.03 0.12
N GLU A 120 3.26 3.54 1.15
CA GLU A 120 2.70 2.69 2.18
C GLU A 120 1.21 2.42 1.89
N LEU A 121 0.90 1.13 1.76
CA LEU A 121 -0.47 0.72 1.49
C LEU A 121 -1.07 0.09 2.74
N VAL A 122 -2.38 -0.04 2.74
CA VAL A 122 -3.09 -0.62 3.86
C VAL A 122 -4.32 -1.36 3.35
N VAL A 123 -4.22 -2.69 3.35
CA VAL A 123 -5.32 -3.52 2.90
C VAL A 123 -5.97 -4.21 4.11
N SER A 124 -7.28 -4.39 4.00
CA SER A 124 -8.03 -5.02 5.07
C SER A 124 -8.92 -6.13 4.51
N ARG A 125 -8.50 -7.36 4.76
CA ARG A 125 -9.23 -8.52 4.28
C ARG A 125 -9.90 -9.24 5.45
N SER A 126 -11.04 -9.86 5.15
CA SER A 126 -11.78 -10.60 6.17
C SER A 126 -11.25 -12.02 6.29
N GLY A 127 -10.79 -12.35 7.49
CA GLY A 127 -10.25 -13.67 7.75
C GLY A 127 -11.33 -14.74 7.58
N PRO A 128 -11.01 -15.96 8.10
CA PRO A 128 -11.94 -17.07 8.01
C PRO A 128 -13.09 -16.91 9.00
N SER A 129 -13.06 -15.80 9.72
CA SER A 129 -14.10 -15.50 10.69
C SER A 129 -15.39 -15.10 9.99
N SER A 130 -15.32 -13.97 9.29
CA SER A 130 -16.47 -13.46 8.57
C SER A 130 -16.85 -14.42 7.45
N GLY A 131 -18.08 -14.91 7.53
CA GLY A 131 -18.58 -15.84 6.54
C GLY A 131 -20.10 -15.72 6.39
N GLY A 1 40.32 8.63 10.52
CA GLY A 1 38.89 8.81 10.33
C GLY A 1 38.11 7.57 10.75
N SER A 2 37.64 6.83 9.77
CA SER A 2 36.89 5.62 10.03
C SER A 2 35.47 5.98 10.49
N SER A 3 35.41 6.71 11.59
CA SER A 3 34.13 7.12 12.14
C SER A 3 33.36 5.89 12.63
N GLY A 4 32.29 6.16 13.37
CA GLY A 4 31.46 5.10 13.90
C GLY A 4 30.68 5.57 15.13
N SER A 5 29.36 5.52 15.02
CA SER A 5 28.50 5.93 16.12
C SER A 5 27.04 5.57 15.81
N SER A 6 26.42 4.88 16.75
CA SER A 6 25.04 4.47 16.59
C SER A 6 24.14 5.70 16.48
N GLY A 7 23.48 5.82 15.34
CA GLY A 7 22.60 6.94 15.09
C GLY A 7 21.13 6.49 15.13
N HIS A 8 20.68 5.98 13.99
CA HIS A 8 19.31 5.50 13.87
C HIS A 8 19.27 4.00 14.10
N SER A 9 18.05 3.49 14.24
CA SER A 9 17.85 2.07 14.47
C SER A 9 18.79 1.26 13.57
N HIS A 10 18.63 1.45 12.27
CA HIS A 10 19.46 0.75 11.30
C HIS A 10 19.10 -0.73 11.31
N SER A 11 18.74 -1.23 10.13
CA SER A 11 18.37 -2.63 9.99
C SER A 11 17.10 -2.92 10.77
N ASP A 12 16.60 -4.14 10.61
CA ASP A 12 15.39 -4.55 11.29
C ASP A 12 14.22 -3.66 10.85
N LYS A 13 13.77 -3.90 9.63
CA LYS A 13 12.66 -3.14 9.08
C LYS A 13 11.89 -3.99 8.08
N HIS A 14 10.58 -3.98 8.23
CA HIS A 14 9.72 -4.75 7.35
C HIS A 14 8.74 -3.81 6.62
N PRO A 15 8.83 -3.85 5.26
CA PRO A 15 7.97 -3.01 4.44
C PRO A 15 6.54 -3.56 4.42
N VAL A 16 6.45 -4.89 4.33
CA VAL A 16 5.15 -5.54 4.29
C VAL A 16 4.89 -6.22 5.64
N THR A 17 3.69 -6.02 6.15
CA THR A 17 3.30 -6.60 7.42
C THR A 17 1.81 -6.95 7.41
N TRP A 18 1.54 -8.23 7.67
CA TRP A 18 0.17 -8.71 7.69
C TRP A 18 -0.18 -9.06 9.13
N GLN A 19 -1.04 -8.24 9.72
CA GLN A 19 -1.48 -8.46 11.09
C GLN A 19 -2.99 -8.26 11.23
N PRO A 20 -3.58 -8.98 12.20
CA PRO A 20 -5.01 -8.89 12.44
C PRO A 20 -5.37 -7.58 13.14
N SER A 21 -6.63 -7.21 13.01
CA SER A 21 -7.11 -5.98 13.61
C SER A 21 -7.35 -6.19 15.12
N LYS A 22 -7.90 -5.17 15.75
CA LYS A 22 -8.17 -5.24 17.17
C LYS A 22 -8.97 -6.52 17.48
N ASP A 23 -10.06 -6.68 16.75
CA ASP A 23 -10.91 -7.84 16.94
C ASP A 23 -10.11 -9.11 16.57
N GLY A 24 -9.75 -9.20 15.30
CA GLY A 24 -8.99 -10.35 14.82
C GLY A 24 -9.63 -10.92 13.55
N ASP A 25 -10.95 -10.98 13.55
CA ASP A 25 -11.67 -11.50 12.40
C ASP A 25 -11.19 -10.80 11.14
N ARG A 26 -10.77 -9.55 11.31
CA ARG A 26 -10.28 -8.76 10.19
C ARG A 26 -8.75 -8.81 10.14
N LEU A 27 -8.23 -8.71 8.93
CA LEU A 27 -6.78 -8.74 8.74
C LEU A 27 -6.32 -7.39 8.16
N ILE A 28 -5.40 -6.76 8.87
CA ILE A 28 -4.87 -5.48 8.45
C ILE A 28 -3.47 -5.67 7.87
N GLY A 29 -3.40 -5.60 6.54
CA GLY A 29 -2.13 -5.76 5.85
C GLY A 29 -1.50 -4.41 5.53
N ARG A 30 -0.26 -4.25 5.97
CA ARG A 30 0.46 -3.01 5.73
C ARG A 30 1.58 -3.23 4.71
N ILE A 31 1.41 -2.61 3.56
CA ILE A 31 2.39 -2.73 2.49
C ILE A 31 3.11 -1.39 2.31
N LEU A 32 4.38 -1.48 1.95
CA LEU A 32 5.18 -0.30 1.73
C LEU A 32 6.11 -0.51 0.54
N LEU A 33 6.18 0.51 -0.31
CA LEU A 33 7.02 0.44 -1.49
C LEU A 33 7.99 1.63 -1.49
N ASN A 34 9.21 1.35 -1.94
CA ASN A 34 10.23 2.38 -2.00
C ASN A 34 10.89 2.36 -3.38
N LYS A 35 11.17 3.56 -3.87
CA LYS A 35 11.80 3.69 -5.18
C LYS A 35 13.24 4.22 -5.00
N ARG A 36 13.40 5.05 -4.00
CA ARG A 36 14.71 5.63 -3.70
C ARG A 36 15.80 4.58 -3.93
N LEU A 37 16.62 4.84 -4.94
CA LEU A 37 17.71 3.94 -5.27
C LEU A 37 18.72 3.92 -4.12
N LYS A 38 19.80 3.19 -4.34
CA LYS A 38 20.85 3.08 -3.33
C LYS A 38 21.28 4.48 -2.90
N ASP A 39 21.25 5.39 -3.86
CA ASP A 39 21.62 6.77 -3.58
C ASP A 39 20.51 7.46 -2.80
N GLY A 40 19.28 7.12 -3.16
CA GLY A 40 18.12 7.70 -2.49
C GLY A 40 17.69 8.99 -3.18
N SER A 41 17.54 8.91 -4.50
CA SER A 41 17.14 10.06 -5.28
C SER A 41 15.98 9.68 -6.21
N VAL A 42 15.48 8.47 -6.02
CA VAL A 42 14.39 7.97 -6.84
C VAL A 42 14.82 7.94 -8.31
N PRO A 43 14.52 6.79 -8.96
CA PRO A 43 14.87 6.62 -10.37
C PRO A 43 13.93 7.41 -11.26
N ARG A 44 14.02 7.14 -12.56
CA ARG A 44 13.18 7.82 -13.53
C ARG A 44 11.78 8.01 -12.97
N ASP A 45 11.30 6.99 -12.28
CA ASP A 45 9.97 7.03 -11.70
C ASP A 45 9.71 5.73 -10.93
N SER A 46 9.99 4.63 -11.60
CA SER A 46 9.80 3.32 -11.00
C SER A 46 8.31 2.98 -10.95
N GLY A 47 7.63 3.26 -12.05
CA GLY A 47 6.21 2.99 -12.14
C GLY A 47 5.42 3.89 -11.20
N ALA A 48 4.87 4.96 -11.77
CA ALA A 48 4.10 5.91 -10.99
C ALA A 48 3.03 5.16 -10.19
N MET A 49 2.46 4.14 -10.83
CA MET A 49 1.43 3.34 -10.20
C MET A 49 2.04 2.19 -9.40
N LEU A 50 3.33 2.34 -9.10
CA LEU A 50 4.04 1.34 -8.34
C LEU A 50 4.22 0.08 -9.21
N GLY A 51 3.09 -0.48 -9.60
CA GLY A 51 3.10 -1.68 -10.42
C GLY A 51 1.69 -2.24 -10.61
N LEU A 52 0.88 -2.05 -9.57
CA LEU A 52 -0.50 -2.53 -9.61
C LEU A 52 -1.42 -1.38 -10.03
N LYS A 53 -2.68 -1.72 -10.26
CA LYS A 53 -3.66 -0.74 -10.67
C LYS A 53 -4.78 -0.69 -9.62
N VAL A 54 -5.03 0.52 -9.13
CA VAL A 54 -6.06 0.72 -8.14
C VAL A 54 -7.24 1.46 -8.77
N VAL A 55 -8.44 1.14 -8.29
CA VAL A 55 -9.64 1.77 -8.80
C VAL A 55 -10.50 2.24 -7.63
N GLY A 56 -10.62 3.56 -7.51
CA GLY A 56 -11.40 4.15 -6.44
C GLY A 56 -12.79 4.54 -6.94
N GLY A 57 -13.51 5.25 -6.08
CA GLY A 57 -14.86 5.68 -6.42
C GLY A 57 -15.79 4.49 -6.61
N LYS A 58 -15.30 3.33 -6.22
CA LYS A 58 -16.08 2.10 -6.35
C LYS A 58 -17.21 2.12 -5.33
N MET A 59 -18.43 2.04 -5.85
CA MET A 59 -19.60 2.04 -4.99
C MET A 59 -19.93 0.62 -4.50
N THR A 60 -19.72 0.42 -3.21
CA THR A 60 -19.98 -0.87 -2.60
C THR A 60 -21.49 -1.08 -2.43
N GLU A 61 -21.82 -2.09 -1.64
CA GLU A 61 -23.22 -2.41 -1.37
C GLU A 61 -23.71 -1.64 -0.14
N SER A 62 -22.76 -1.05 0.57
CA SER A 62 -23.08 -0.30 1.77
C SER A 62 -23.25 1.18 1.42
N GLY A 63 -22.93 1.50 0.17
CA GLY A 63 -23.04 2.87 -0.30
C GLY A 63 -21.76 3.65 -0.04
N ARG A 64 -20.74 2.91 0.41
CA ARG A 64 -19.45 3.52 0.70
C ARG A 64 -18.51 3.36 -0.50
N LEU A 65 -17.51 4.21 -0.54
CA LEU A 65 -16.53 4.19 -1.62
C LEU A 65 -15.18 3.71 -1.06
N CYS A 66 -14.48 2.94 -1.87
CA CYS A 66 -13.19 2.42 -1.48
C CYS A 66 -12.45 1.97 -2.74
N ALA A 67 -11.12 2.02 -2.67
CA ALA A 67 -10.29 1.61 -3.79
C ALA A 67 -9.91 0.14 -3.63
N PHE A 68 -10.05 -0.58 -4.73
CA PHE A 68 -9.71 -2.00 -4.73
C PHE A 68 -8.69 -2.32 -5.82
N ILE A 69 -7.85 -3.31 -5.53
CA ILE A 69 -6.83 -3.72 -6.47
C ILE A 69 -7.49 -4.42 -7.66
N THR A 70 -7.07 -4.02 -8.85
CA THR A 70 -7.61 -4.60 -10.07
C THR A 70 -6.61 -5.58 -10.68
N LYS A 71 -5.37 -5.13 -10.78
CA LYS A 71 -4.32 -5.96 -11.35
C LYS A 71 -2.99 -5.60 -10.69
N VAL A 72 -2.09 -6.57 -10.67
CA VAL A 72 -0.78 -6.37 -10.08
C VAL A 72 0.30 -6.85 -11.07
N LYS A 73 1.00 -5.87 -11.64
CA LYS A 73 2.05 -6.17 -12.59
C LYS A 73 3.06 -7.14 -11.95
N LYS A 74 2.83 -8.41 -12.17
CA LYS A 74 3.71 -9.44 -11.63
C LYS A 74 5.14 -9.17 -12.07
N GLY A 75 5.94 -8.70 -11.11
CA GLY A 75 7.33 -8.40 -11.38
C GLY A 75 7.62 -6.91 -11.16
N SER A 76 6.72 -6.27 -10.45
CA SER A 76 6.86 -4.85 -10.15
C SER A 76 7.01 -4.64 -8.65
N LEU A 77 7.07 -3.36 -8.27
CA LEU A 77 7.20 -3.01 -6.87
C LEU A 77 6.08 -3.67 -6.06
N ALA A 78 4.87 -3.19 -6.29
CA ALA A 78 3.72 -3.73 -5.60
C ALA A 78 3.41 -5.13 -6.12
N ASP A 79 4.41 -5.99 -6.00
CA ASP A 79 4.27 -7.37 -6.45
C ASP A 79 5.37 -8.22 -5.81
N THR A 80 6.61 -7.91 -6.16
CA THR A 80 7.74 -8.64 -5.63
C THR A 80 8.17 -8.06 -4.28
N VAL A 81 7.80 -6.81 -4.08
CA VAL A 81 8.13 -6.13 -2.82
C VAL A 81 6.86 -5.99 -1.98
N GLY A 82 5.76 -5.71 -2.64
CA GLY A 82 4.49 -5.55 -1.97
C GLY A 82 3.83 -6.91 -1.71
N HIS A 83 3.79 -7.71 -2.76
CA HIS A 83 3.20 -9.04 -2.68
C HIS A 83 1.67 -8.92 -2.71
N LEU A 84 1.22 -7.74 -3.10
CA LEU A 84 -0.21 -7.48 -3.17
C LEU A 84 -0.83 -8.38 -4.24
N ARG A 85 -2.15 -8.28 -4.36
CA ARG A 85 -2.88 -9.08 -5.33
C ARG A 85 -4.18 -8.38 -5.72
N PRO A 86 -4.67 -8.73 -6.94
CA PRO A 86 -5.91 -8.15 -7.44
C PRO A 86 -7.13 -8.74 -6.73
N GLY A 87 -7.72 -7.93 -5.88
CA GLY A 87 -8.90 -8.35 -5.13
C GLY A 87 -8.88 -7.77 -3.72
N ASP A 88 -7.72 -7.27 -3.33
CA ASP A 88 -7.56 -6.69 -2.00
C ASP A 88 -8.17 -5.28 -2.00
N GLU A 89 -8.38 -4.78 -0.80
CA GLU A 89 -8.95 -3.44 -0.63
C GLU A 89 -7.93 -2.51 0.03
N VAL A 90 -7.47 -1.55 -0.75
CA VAL A 90 -6.50 -0.58 -0.25
C VAL A 90 -7.21 0.46 0.63
N LEU A 91 -7.13 0.23 1.93
CA LEU A 91 -7.76 1.13 2.88
C LEU A 91 -7.11 2.51 2.78
N GLU A 92 -5.81 2.54 3.01
CA GLU A 92 -5.06 3.79 2.95
C GLU A 92 -3.95 3.69 1.89
N TRP A 93 -3.36 4.83 1.61
CA TRP A 93 -2.29 4.90 0.62
C TRP A 93 -1.36 6.05 1.00
N ASN A 94 -0.33 5.71 1.76
CA ASN A 94 0.64 6.69 2.20
C ASN A 94 0.06 7.48 3.38
N GLY A 95 -0.99 6.93 3.95
CA GLY A 95 -1.65 7.56 5.08
C GLY A 95 -2.96 8.22 4.66
N ARG A 96 -3.19 8.23 3.35
CA ARG A 96 -4.40 8.82 2.80
C ARG A 96 -5.53 7.79 2.79
N LEU A 97 -6.58 8.10 3.54
CA LEU A 97 -7.73 7.22 3.62
C LEU A 97 -8.45 7.21 2.27
N LEU A 98 -8.66 6.00 1.76
CA LEU A 98 -9.35 5.84 0.48
C LEU A 98 -10.83 5.58 0.74
N GLN A 99 -11.14 5.23 1.98
CA GLN A 99 -12.51 4.96 2.35
C GLN A 99 -13.36 6.22 2.22
N GLY A 100 -14.32 6.17 1.32
CA GLY A 100 -15.21 7.30 1.09
C GLY A 100 -14.68 8.19 -0.03
N ALA A 101 -13.39 8.04 -0.30
CA ALA A 101 -12.74 8.83 -1.33
C ALA A 101 -13.33 8.42 -2.70
N THR A 102 -13.48 9.42 -3.55
CA THR A 102 -14.01 9.20 -4.89
C THR A 102 -12.92 8.69 -5.83
N PHE A 103 -13.34 8.23 -6.99
CA PHE A 103 -12.42 7.72 -7.99
C PHE A 103 -11.20 8.63 -8.12
N GLU A 104 -11.48 9.93 -8.24
CA GLU A 104 -10.43 10.91 -8.38
C GLU A 104 -9.57 10.97 -7.11
N GLU A 105 -10.25 11.25 -6.01
CA GLU A 105 -9.57 11.33 -4.72
C GLU A 105 -8.50 10.25 -4.62
N VAL A 106 -8.92 9.02 -4.87
CA VAL A 106 -8.00 7.89 -4.81
C VAL A 106 -6.84 8.13 -5.77
N TYR A 107 -7.19 8.44 -7.01
CA TYR A 107 -6.18 8.69 -8.03
C TYR A 107 -5.27 9.85 -7.62
N ASN A 108 -5.89 10.92 -7.17
CA ASN A 108 -5.15 12.09 -6.75
C ASN A 108 -4.03 11.67 -5.80
N ILE A 109 -4.36 10.74 -4.92
CA ILE A 109 -3.40 10.24 -3.95
C ILE A 109 -2.21 9.63 -4.70
N ILE A 110 -2.45 8.49 -5.31
CA ILE A 110 -1.42 7.79 -6.05
C ILE A 110 -0.70 8.79 -6.97
N LEU A 111 -1.50 9.65 -7.57
CA LEU A 111 -0.95 10.66 -8.48
C LEU A 111 -0.09 11.64 -7.68
N GLU A 112 -0.49 11.87 -6.44
CA GLU A 112 0.24 12.77 -5.57
C GLU A 112 1.49 12.08 -5.02
N SER A 113 1.41 10.76 -4.97
CA SER A 113 2.53 9.96 -4.46
C SER A 113 3.38 9.45 -5.64
N LYS A 114 3.29 10.16 -6.75
CA LYS A 114 4.04 9.78 -7.94
C LYS A 114 5.52 10.09 -7.71
N PRO A 115 5.81 11.36 -7.33
CA PRO A 115 7.17 11.79 -7.08
C PRO A 115 7.67 11.24 -5.75
N GLU A 116 6.73 10.82 -4.91
CA GLU A 116 7.06 10.28 -3.61
C GLU A 116 8.12 9.19 -3.75
N PRO A 117 9.06 9.16 -2.75
CA PRO A 117 10.12 8.17 -2.75
C PRO A 117 9.59 6.79 -2.34
N GLN A 118 8.59 6.80 -1.47
CA GLN A 118 8.00 5.57 -1.00
C GLN A 118 6.47 5.70 -0.94
N VAL A 119 5.82 4.59 -0.65
CA VAL A 119 4.36 4.58 -0.56
C VAL A 119 3.93 3.49 0.43
N GLU A 120 3.28 3.93 1.49
CA GLU A 120 2.81 3.01 2.51
C GLU A 120 1.33 2.71 2.32
N LEU A 121 1.06 1.53 1.78
CA LEU A 121 -0.31 1.11 1.53
C LEU A 121 -0.87 0.43 2.78
N VAL A 122 -2.19 0.33 2.83
CA VAL A 122 -2.85 -0.29 3.96
C VAL A 122 -4.14 -0.97 3.48
N VAL A 123 -4.13 -2.29 3.54
CA VAL A 123 -5.29 -3.06 3.12
C VAL A 123 -5.97 -3.67 4.35
N SER A 124 -7.19 -4.12 4.15
CA SER A 124 -7.96 -4.72 5.22
C SER A 124 -8.95 -5.75 4.66
N ARG A 125 -8.65 -7.01 4.91
CA ARG A 125 -9.50 -8.10 4.43
C ARG A 125 -10.21 -8.77 5.60
N SER A 126 -11.25 -9.52 5.27
CA SER A 126 -12.02 -10.22 6.28
C SER A 126 -11.51 -11.65 6.42
N GLY A 127 -11.39 -12.09 7.67
CA GLY A 127 -10.92 -13.43 7.95
C GLY A 127 -12.09 -14.38 8.23
N PRO A 128 -11.76 -15.54 8.86
CA PRO A 128 -12.77 -16.53 9.18
C PRO A 128 -13.61 -16.08 10.38
N SER A 129 -14.92 -16.18 10.21
CA SER A 129 -15.84 -15.79 11.26
C SER A 129 -17.23 -16.40 11.00
N SER A 130 -17.78 -16.05 9.85
CA SER A 130 -19.08 -16.55 9.47
C SER A 130 -18.97 -17.44 8.22
N GLY A 131 -20.00 -18.24 8.01
CA GLY A 131 -20.03 -19.13 6.87
C GLY A 131 -18.92 -20.18 6.96
N GLY A 1 23.95 17.92 26.69
CA GLY A 1 22.81 17.86 25.81
C GLY A 1 22.01 16.58 26.03
N SER A 2 22.31 15.58 25.22
CA SER A 2 21.63 14.30 25.33
C SER A 2 22.61 13.21 25.79
N SER A 3 22.06 12.05 26.07
CA SER A 3 22.87 10.93 26.52
C SER A 3 23.18 10.00 25.34
N GLY A 4 24.22 9.20 25.53
CA GLY A 4 24.63 8.26 24.50
C GLY A 4 24.14 6.84 24.81
N SER A 5 25.07 5.90 24.73
CA SER A 5 24.74 4.51 25.00
C SER A 5 23.73 4.00 23.97
N SER A 6 24.07 2.88 23.34
CA SER A 6 23.20 2.28 22.35
C SER A 6 23.60 0.83 22.12
N GLY A 7 22.75 0.12 21.37
CA GLY A 7 23.00 -1.27 21.07
C GLY A 7 21.69 -2.04 20.90
N HIS A 8 21.20 -2.02 19.66
CA HIS A 8 19.96 -2.70 19.35
C HIS A 8 19.70 -2.63 17.84
N SER A 9 18.68 -3.36 17.40
CA SER A 9 18.32 -3.39 16.00
C SER A 9 18.43 -1.98 15.41
N HIS A 10 18.90 -1.93 14.17
CA HIS A 10 19.04 -0.66 13.48
C HIS A 10 17.86 -0.45 12.53
N SER A 11 16.70 -0.24 13.12
CA SER A 11 15.49 -0.02 12.34
C SER A 11 15.38 -1.07 11.24
N ASP A 12 14.89 -2.24 11.62
CA ASP A 12 14.73 -3.34 10.68
C ASP A 12 13.29 -3.85 10.74
N LYS A 13 12.41 -3.08 10.12
CA LYS A 13 11.00 -3.44 10.09
C LYS A 13 10.56 -3.66 8.65
N HIS A 14 10.28 -4.92 8.33
CA HIS A 14 9.85 -5.29 6.99
C HIS A 14 8.84 -4.27 6.48
N PRO A 15 8.86 -4.06 5.13
CA PRO A 15 7.95 -3.12 4.50
C PRO A 15 6.54 -3.67 4.44
N VAL A 16 6.45 -5.00 4.54
CA VAL A 16 5.16 -5.67 4.48
C VAL A 16 4.84 -6.25 5.86
N THR A 17 3.58 -6.15 6.23
CA THR A 17 3.13 -6.65 7.52
C THR A 17 1.64 -7.01 7.46
N TRP A 18 1.35 -8.25 7.85
CA TRP A 18 -0.02 -8.72 7.85
C TRP A 18 -0.38 -9.14 9.27
N GLN A 19 -1.24 -8.34 9.88
CA GLN A 19 -1.67 -8.62 11.25
C GLN A 19 -3.18 -8.41 11.38
N PRO A 20 -3.79 -9.17 12.32
CA PRO A 20 -5.22 -9.08 12.56
C PRO A 20 -5.57 -7.80 13.32
N SER A 21 -6.83 -7.39 13.18
CA SER A 21 -7.31 -6.19 13.84
C SER A 21 -7.52 -6.46 15.33
N LYS A 22 -8.01 -5.45 16.02
CA LYS A 22 -8.26 -5.56 17.45
C LYS A 22 -9.06 -6.84 17.72
N ASP A 23 -10.17 -6.96 17.00
CA ASP A 23 -11.04 -8.12 17.14
C ASP A 23 -10.27 -9.38 16.75
N GLY A 24 -9.94 -9.47 15.47
CA GLY A 24 -9.21 -10.60 14.95
C GLY A 24 -9.90 -11.18 13.71
N ASP A 25 -11.17 -10.87 13.59
CA ASP A 25 -11.95 -11.35 12.46
C ASP A 25 -11.56 -10.58 11.20
N ARG A 26 -10.73 -9.56 11.42
CA ARG A 26 -10.28 -8.73 10.31
C ARG A 26 -8.74 -8.73 10.25
N LEU A 27 -8.23 -8.63 9.03
CA LEU A 27 -6.80 -8.63 8.81
C LEU A 27 -6.37 -7.25 8.29
N ILE A 28 -5.28 -6.75 8.86
CA ILE A 28 -4.76 -5.45 8.45
C ILE A 28 -3.41 -5.65 7.75
N GLY A 29 -3.45 -5.59 6.44
CA GLY A 29 -2.24 -5.75 5.65
C GLY A 29 -1.62 -4.40 5.32
N ARG A 30 -0.34 -4.28 5.65
CA ARG A 30 0.38 -3.05 5.40
C ARG A 30 1.55 -3.30 4.42
N ILE A 31 1.46 -2.64 3.27
CA ILE A 31 2.49 -2.79 2.26
C ILE A 31 3.28 -1.48 2.16
N LEU A 32 4.54 -1.62 1.73
CA LEU A 32 5.41 -0.47 1.58
C LEU A 32 6.25 -0.64 0.32
N LEU A 33 6.46 0.48 -0.35
CA LEU A 33 7.24 0.48 -1.58
C LEU A 33 8.19 1.68 -1.58
N ASN A 34 9.37 1.47 -2.15
CA ASN A 34 10.38 2.51 -2.22
C ASN A 34 11.08 2.45 -3.57
N LYS A 35 11.36 3.63 -4.11
CA LYS A 35 12.03 3.72 -5.39
C LYS A 35 13.45 4.26 -5.19
N ARG A 36 13.62 4.96 -4.07
CA ARG A 36 14.92 5.53 -3.75
C ARG A 36 16.04 4.57 -4.16
N LEU A 37 16.70 4.92 -5.25
CA LEU A 37 17.79 4.10 -5.76
C LEU A 37 18.87 3.96 -4.68
N LYS A 38 20.01 3.44 -5.09
CA LYS A 38 21.13 3.26 -4.17
C LYS A 38 21.56 4.62 -3.61
N ASP A 39 21.50 5.62 -4.48
CA ASP A 39 21.88 6.97 -4.10
C ASP A 39 20.83 7.53 -3.13
N GLY A 40 19.58 7.24 -3.43
CA GLY A 40 18.48 7.71 -2.60
C GLY A 40 17.95 9.06 -3.10
N SER A 41 17.67 9.10 -4.39
CA SER A 41 17.16 10.31 -5.01
C SER A 41 15.97 9.99 -5.91
N VAL A 42 15.52 8.74 -5.82
CA VAL A 42 14.39 8.30 -6.61
C VAL A 42 14.75 8.41 -8.09
N PRO A 43 14.41 7.33 -8.84
CA PRO A 43 14.68 7.30 -10.28
C PRO A 43 13.70 8.19 -11.04
N ARG A 44 13.84 8.17 -12.36
CA ARG A 44 12.97 8.98 -13.22
C ARG A 44 11.54 8.98 -12.66
N ASP A 45 11.08 7.80 -12.30
CA ASP A 45 9.73 7.65 -11.76
C ASP A 45 9.58 6.25 -11.17
N SER A 46 9.93 5.26 -11.96
CA SER A 46 9.83 3.87 -11.53
C SER A 46 8.37 3.49 -11.30
N GLY A 47 7.66 3.30 -12.40
CA GLY A 47 6.25 2.94 -12.34
C GLY A 47 5.50 3.83 -11.35
N ALA A 48 4.90 4.88 -11.88
CA ALA A 48 4.14 5.81 -11.06
C ALA A 48 3.07 5.05 -10.27
N MET A 49 2.48 4.06 -10.95
CA MET A 49 1.45 3.26 -10.33
C MET A 49 2.05 2.08 -9.57
N LEU A 50 3.34 2.19 -9.30
CA LEU A 50 4.06 1.14 -8.58
C LEU A 50 4.16 -0.10 -9.46
N GLY A 51 3.00 -0.63 -9.83
CA GLY A 51 2.95 -1.81 -10.68
C GLY A 51 1.52 -2.37 -10.75
N LEU A 52 0.79 -2.16 -9.67
CA LEU A 52 -0.59 -2.64 -9.59
C LEU A 52 -1.53 -1.50 -9.97
N LYS A 53 -2.77 -1.87 -10.28
CA LYS A 53 -3.77 -0.89 -10.65
C LYS A 53 -4.86 -0.84 -9.56
N VAL A 54 -5.17 0.37 -9.15
CA VAL A 54 -6.18 0.57 -8.12
C VAL A 54 -7.37 1.31 -8.72
N VAL A 55 -8.56 0.98 -8.23
CA VAL A 55 -9.78 1.60 -8.70
C VAL A 55 -10.60 2.08 -7.50
N GLY A 56 -10.71 3.41 -7.40
CA GLY A 56 -11.46 4.00 -6.31
C GLY A 56 -12.85 4.46 -6.78
N GLY A 57 -13.59 5.06 -5.85
CA GLY A 57 -14.92 5.54 -6.16
C GLY A 57 -15.89 4.38 -6.40
N LYS A 58 -15.41 3.18 -6.08
CA LYS A 58 -16.22 1.99 -6.24
C LYS A 58 -17.37 2.01 -5.23
N MET A 59 -18.58 2.01 -5.76
CA MET A 59 -19.77 2.03 -4.92
C MET A 59 -20.10 0.62 -4.42
N THR A 60 -19.91 0.43 -3.12
CA THR A 60 -20.19 -0.86 -2.51
C THR A 60 -21.70 -1.04 -2.31
N GLU A 61 -22.04 -2.13 -1.62
CA GLU A 61 -23.44 -2.43 -1.36
C GLU A 61 -23.97 -1.52 -0.25
N SER A 62 -23.05 -0.97 0.52
CA SER A 62 -23.41 -0.09 1.63
C SER A 62 -23.32 1.36 1.17
N GLY A 63 -23.20 1.54 -0.13
CA GLY A 63 -23.11 2.88 -0.71
C GLY A 63 -21.80 3.56 -0.29
N ARG A 64 -20.84 2.73 0.08
CA ARG A 64 -19.53 3.24 0.49
C ARG A 64 -18.55 3.20 -0.67
N LEU A 65 -17.55 4.06 -0.59
CA LEU A 65 -16.53 4.13 -1.63
C LEU A 65 -15.19 3.68 -1.05
N CYS A 66 -14.49 2.86 -1.82
CA CYS A 66 -13.19 2.35 -1.40
C CYS A 66 -12.44 1.88 -2.64
N ALA A 67 -11.12 1.92 -2.55
CA ALA A 67 -10.27 1.50 -3.66
C ALA A 67 -9.93 0.02 -3.49
N PHE A 68 -10.11 -0.71 -4.58
CA PHE A 68 -9.82 -2.14 -4.57
C PHE A 68 -8.85 -2.52 -5.70
N ILE A 69 -7.91 -3.39 -5.37
CA ILE A 69 -6.92 -3.83 -6.33
C ILE A 69 -7.63 -4.57 -7.47
N THR A 70 -7.29 -4.18 -8.70
CA THR A 70 -7.88 -4.79 -9.87
C THR A 70 -6.89 -5.74 -10.53
N LYS A 71 -5.63 -5.30 -10.58
CA LYS A 71 -4.59 -6.11 -11.18
C LYS A 71 -3.25 -5.78 -10.50
N VAL A 72 -2.31 -6.69 -10.67
CA VAL A 72 -0.99 -6.50 -10.08
C VAL A 72 0.08 -7.01 -11.06
N LYS A 73 0.87 -6.08 -11.56
CA LYS A 73 1.92 -6.41 -12.50
C LYS A 73 2.85 -7.46 -11.87
N LYS A 74 2.83 -8.65 -12.45
CA LYS A 74 3.65 -9.74 -11.96
C LYS A 74 5.12 -9.43 -12.25
N GLY A 75 5.82 -9.01 -11.20
CA GLY A 75 7.23 -8.69 -11.33
C GLY A 75 7.44 -7.17 -11.23
N SER A 76 6.74 -6.57 -10.28
CA SER A 76 6.85 -5.13 -10.06
C SER A 76 6.84 -4.82 -8.56
N LEU A 77 7.11 -3.57 -8.24
CA LEU A 77 7.14 -3.13 -6.86
C LEU A 77 5.99 -3.79 -6.10
N ALA A 78 4.78 -3.34 -6.43
CA ALA A 78 3.59 -3.88 -5.79
C ALA A 78 3.33 -5.29 -6.30
N ASP A 79 4.21 -6.21 -5.90
CA ASP A 79 4.09 -7.59 -6.30
C ASP A 79 5.29 -8.38 -5.77
N THR A 80 6.47 -7.87 -6.06
CA THR A 80 7.70 -8.50 -5.63
C THR A 80 8.03 -8.10 -4.18
N VAL A 81 7.79 -6.84 -3.89
CA VAL A 81 8.05 -6.32 -2.56
C VAL A 81 6.72 -6.17 -1.80
N GLY A 82 5.70 -5.76 -2.54
CA GLY A 82 4.38 -5.59 -1.96
C GLY A 82 3.66 -6.93 -1.79
N HIS A 83 3.76 -7.75 -2.83
CA HIS A 83 3.13 -9.06 -2.81
C HIS A 83 1.61 -8.89 -2.83
N LEU A 84 1.18 -7.71 -3.24
CA LEU A 84 -0.24 -7.41 -3.31
C LEU A 84 -0.90 -8.34 -4.34
N ARG A 85 -2.22 -8.30 -4.36
CA ARG A 85 -2.98 -9.12 -5.28
C ARG A 85 -4.31 -8.46 -5.63
N PRO A 86 -4.84 -8.81 -6.83
CA PRO A 86 -6.10 -8.26 -7.30
C PRO A 86 -7.28 -8.89 -6.55
N GLY A 87 -7.94 -8.07 -5.75
CA GLY A 87 -9.09 -8.53 -4.99
C GLY A 87 -9.06 -7.95 -3.57
N ASP A 88 -7.94 -7.35 -3.23
CA ASP A 88 -7.77 -6.76 -1.90
C ASP A 88 -8.37 -5.36 -1.91
N GLU A 89 -8.35 -4.74 -0.74
CA GLU A 89 -8.88 -3.39 -0.58
C GLU A 89 -7.86 -2.48 0.09
N VAL A 90 -7.38 -1.51 -0.67
CA VAL A 90 -6.40 -0.58 -0.15
C VAL A 90 -7.11 0.51 0.67
N LEU A 91 -7.09 0.33 1.98
CA LEU A 91 -7.72 1.27 2.88
C LEU A 91 -7.06 2.64 2.72
N GLU A 92 -5.76 2.66 3.01
CA GLU A 92 -5.01 3.90 2.91
C GLU A 92 -3.94 3.77 1.82
N TRP A 93 -3.30 4.90 1.53
CA TRP A 93 -2.27 4.94 0.51
C TRP A 93 -1.26 6.03 0.89
N ASN A 94 -0.23 5.62 1.60
CA ASN A 94 0.80 6.56 2.04
C ASN A 94 0.26 7.42 3.18
N GLY A 95 -0.82 6.93 3.78
CA GLY A 95 -1.44 7.64 4.89
C GLY A 95 -2.75 8.30 4.44
N ARG A 96 -3.00 8.24 3.14
CA ARG A 96 -4.21 8.81 2.58
C ARG A 96 -5.35 7.79 2.60
N LEU A 97 -6.41 8.17 3.28
CA LEU A 97 -7.58 7.30 3.39
C LEU A 97 -8.34 7.30 2.06
N LEU A 98 -8.56 6.11 1.54
CA LEU A 98 -9.28 5.96 0.28
C LEU A 98 -10.75 5.72 0.57
N GLN A 99 -11.03 5.34 1.81
CA GLN A 99 -12.40 5.08 2.22
C GLN A 99 -13.25 6.34 2.07
N GLY A 100 -14.28 6.23 1.23
CA GLY A 100 -15.18 7.34 0.99
C GLY A 100 -14.69 8.19 -0.19
N ALA A 101 -13.38 8.18 -0.38
CA ALA A 101 -12.77 8.94 -1.47
C ALA A 101 -13.36 8.47 -2.79
N THR A 102 -13.54 9.42 -3.70
CA THR A 102 -14.09 9.11 -5.01
C THR A 102 -12.99 8.57 -5.94
N PHE A 103 -13.42 8.09 -7.09
CA PHE A 103 -12.49 7.54 -8.07
C PHE A 103 -11.31 8.48 -8.28
N GLU A 104 -11.62 9.76 -8.40
CA GLU A 104 -10.59 10.76 -8.61
C GLU A 104 -9.71 10.90 -7.36
N GLU A 105 -10.36 11.24 -6.26
CA GLU A 105 -9.66 11.40 -5.00
C GLU A 105 -8.60 10.31 -4.84
N VAL A 106 -9.06 9.08 -4.92
CA VAL A 106 -8.15 7.94 -4.78
C VAL A 106 -7.00 8.09 -5.76
N TYR A 107 -7.35 8.36 -7.01
CA TYR A 107 -6.34 8.54 -8.05
C TYR A 107 -5.40 9.68 -7.71
N ASN A 108 -6.00 10.84 -7.45
CA ASN A 108 -5.23 12.03 -7.12
C ASN A 108 -4.08 11.64 -6.18
N ILE A 109 -4.45 10.92 -5.12
CA ILE A 109 -3.48 10.48 -4.14
C ILE A 109 -2.28 9.85 -4.85
N ILE A 110 -2.53 8.69 -5.43
CA ILE A 110 -1.49 7.97 -6.15
C ILE A 110 -0.66 8.96 -6.97
N LEU A 111 -1.34 10.02 -7.41
CA LEU A 111 -0.68 11.05 -8.19
C LEU A 111 0.28 11.84 -7.30
N GLU A 112 -0.30 12.49 -6.31
CA GLU A 112 0.48 13.29 -5.38
C GLU A 112 1.65 12.47 -4.83
N SER A 113 1.50 11.16 -4.91
CA SER A 113 2.53 10.25 -4.43
C SER A 113 3.45 9.84 -5.58
N LYS A 114 3.50 10.71 -6.58
CA LYS A 114 4.33 10.46 -7.74
C LYS A 114 5.80 10.70 -7.37
N PRO A 115 6.05 11.88 -6.74
CA PRO A 115 7.40 12.24 -6.33
C PRO A 115 7.82 11.45 -5.09
N GLU A 116 6.83 11.15 -4.26
CA GLU A 116 7.10 10.41 -3.04
C GLU A 116 8.14 9.33 -3.29
N PRO A 117 9.10 9.22 -2.31
CA PRO A 117 10.17 8.23 -2.42
C PRO A 117 9.64 6.83 -2.12
N GLN A 118 8.68 6.77 -1.22
CA GLN A 118 8.08 5.50 -0.84
C GLN A 118 6.56 5.60 -0.84
N VAL A 119 5.92 4.46 -0.65
CA VAL A 119 4.47 4.40 -0.63
C VAL A 119 4.01 3.31 0.34
N GLU A 120 3.37 3.75 1.42
CA GLU A 120 2.89 2.83 2.42
C GLU A 120 1.39 2.57 2.23
N LEU A 121 1.08 1.37 1.78
CA LEU A 121 -0.29 0.98 1.55
C LEU A 121 -0.85 0.33 2.82
N VAL A 122 -2.18 0.26 2.87
CA VAL A 122 -2.85 -0.33 4.01
C VAL A 122 -4.16 -0.98 3.56
N VAL A 123 -4.17 -2.31 3.60
CA VAL A 123 -5.35 -3.05 3.20
C VAL A 123 -6.01 -3.67 4.43
N SER A 124 -7.29 -3.97 4.28
CA SER A 124 -8.04 -4.57 5.38
C SER A 124 -8.99 -5.65 4.84
N ARG A 125 -8.63 -6.90 5.12
CA ARG A 125 -9.44 -8.02 4.66
C ARG A 125 -10.12 -8.69 5.86
N SER A 126 -11.18 -9.44 5.55
CA SER A 126 -11.92 -10.14 6.58
C SER A 126 -11.39 -11.57 6.72
N GLY A 127 -11.26 -12.00 7.96
CA GLY A 127 -10.76 -13.34 8.24
C GLY A 127 -11.92 -14.28 8.60
N PRO A 128 -11.54 -15.50 9.05
CA PRO A 128 -12.53 -16.50 9.43
C PRO A 128 -13.16 -16.16 10.78
N SER A 129 -14.49 -16.24 10.81
CA SER A 129 -15.22 -15.95 12.02
C SER A 129 -16.66 -16.47 11.90
N SER A 130 -16.80 -17.76 12.16
CA SER A 130 -18.11 -18.40 12.09
C SER A 130 -18.90 -18.13 13.37
N GLY A 131 -18.29 -18.51 14.49
CA GLY A 131 -18.92 -18.32 15.79
C GLY A 131 -19.02 -19.65 16.55
N GLY A 1 32.56 -0.71 -5.89
CA GLY A 1 31.73 -0.59 -4.70
C GLY A 1 32.59 -0.43 -3.45
N SER A 2 32.83 -1.55 -2.78
CA SER A 2 33.64 -1.54 -1.57
C SER A 2 33.10 -0.48 -0.60
N SER A 3 32.27 -0.95 0.32
CA SER A 3 31.69 -0.06 1.32
C SER A 3 31.16 -0.88 2.50
N GLY A 4 31.23 -0.27 3.68
CA GLY A 4 30.77 -0.93 4.88
C GLY A 4 29.54 -0.23 5.45
N SER A 5 29.47 -0.17 6.77
CA SER A 5 28.35 0.46 7.45
C SER A 5 28.72 0.78 8.89
N SER A 6 29.37 1.92 9.07
CA SER A 6 29.79 2.35 10.40
C SER A 6 28.99 3.59 10.82
N GLY A 7 28.57 3.58 12.08
CA GLY A 7 27.80 4.68 12.63
C GLY A 7 27.20 4.32 13.99
N HIS A 8 25.94 4.65 14.16
CA HIS A 8 25.25 4.36 15.40
C HIS A 8 23.76 4.71 15.26
N SER A 9 22.99 3.71 14.87
CA SER A 9 21.56 3.90 14.70
C SER A 9 20.88 2.56 14.42
N HIS A 10 19.59 2.51 14.71
CA HIS A 10 18.82 1.29 14.50
C HIS A 10 17.65 1.58 13.58
N SER A 11 17.26 0.56 12.82
CA SER A 11 16.16 0.69 11.89
C SER A 11 15.97 -0.61 11.11
N ASP A 12 15.39 -1.59 11.78
CA ASP A 12 15.16 -2.88 11.16
C ASP A 12 13.67 -3.22 11.26
N LYS A 13 12.89 -2.60 10.38
CA LYS A 13 11.45 -2.83 10.36
C LYS A 13 11.02 -3.13 8.92
N HIS A 14 10.54 -4.35 8.73
CA HIS A 14 10.09 -4.78 7.42
C HIS A 14 9.08 -3.76 6.87
N PRO A 15 9.09 -3.61 5.52
CA PRO A 15 8.18 -2.69 4.87
C PRO A 15 6.76 -3.24 4.82
N VAL A 16 6.68 -4.56 4.64
CA VAL A 16 5.40 -5.22 4.58
C VAL A 16 5.10 -5.87 5.93
N THR A 17 3.84 -5.76 6.33
CA THR A 17 3.41 -6.32 7.60
C THR A 17 1.91 -6.66 7.55
N TRP A 18 1.62 -7.94 7.76
CA TRP A 18 0.24 -8.40 7.75
C TRP A 18 -0.15 -8.73 9.19
N GLN A 19 -1.01 -7.87 9.74
CA GLN A 19 -1.49 -8.06 11.11
C GLN A 19 -3.01 -7.92 11.16
N PRO A 20 -3.61 -8.65 12.14
CA PRO A 20 -5.05 -8.61 12.32
C PRO A 20 -5.50 -7.30 12.96
N SER A 21 -6.76 -6.97 12.74
CA SER A 21 -7.32 -5.74 13.29
C SER A 21 -7.41 -5.85 14.82
N LYS A 22 -8.06 -4.86 15.41
CA LYS A 22 -8.22 -4.83 16.86
C LYS A 22 -9.07 -6.03 17.29
N ASP A 23 -9.93 -6.47 16.38
CA ASP A 23 -10.80 -7.60 16.66
C ASP A 23 -10.05 -8.89 16.36
N GLY A 24 -9.78 -9.10 15.08
CA GLY A 24 -9.07 -10.29 14.65
C GLY A 24 -9.74 -10.92 13.42
N ASP A 25 -11.04 -10.69 13.32
CA ASP A 25 -11.81 -11.23 12.22
C ASP A 25 -11.25 -10.67 10.90
N ARG A 26 -10.76 -9.44 10.97
CA ARG A 26 -10.21 -8.80 9.81
C ARG A 26 -8.67 -8.87 9.84
N LEU A 27 -8.08 -8.70 8.67
CA LEU A 27 -6.63 -8.73 8.56
C LEU A 27 -6.14 -7.44 7.89
N ILE A 28 -5.42 -6.66 8.69
CA ILE A 28 -4.90 -5.40 8.20
C ILE A 28 -3.49 -5.62 7.63
N GLY A 29 -3.40 -5.57 6.31
CA GLY A 29 -2.13 -5.77 5.63
C GLY A 29 -1.54 -4.43 5.18
N ARG A 30 -0.24 -4.29 5.43
CA ARG A 30 0.46 -3.07 5.06
C ARG A 30 1.56 -3.37 4.04
N ILE A 31 1.55 -2.62 2.95
CA ILE A 31 2.53 -2.81 1.90
C ILE A 31 3.26 -1.49 1.66
N LEU A 32 4.52 -1.45 2.06
CA LEU A 32 5.33 -0.27 1.89
C LEU A 32 6.36 -0.51 0.78
N LEU A 33 6.24 0.29 -0.28
CA LEU A 33 7.15 0.17 -1.41
C LEU A 33 8.21 1.26 -1.30
N ASN A 34 9.44 0.88 -1.66
CA ASN A 34 10.55 1.80 -1.61
C ASN A 34 11.33 1.72 -2.93
N LYS A 35 11.24 2.79 -3.70
CA LYS A 35 11.93 2.85 -4.98
C LYS A 35 13.11 3.82 -4.87
N ARG A 36 13.53 4.06 -3.64
CA ARG A 36 14.64 4.95 -3.39
C ARG A 36 15.97 4.27 -3.75
N LEU A 37 16.72 4.92 -4.62
CA LEU A 37 18.00 4.39 -5.06
C LEU A 37 18.91 4.20 -3.84
N LYS A 38 20.08 3.65 -4.10
CA LYS A 38 21.05 3.42 -3.04
C LYS A 38 21.33 4.74 -2.31
N ASP A 39 21.66 5.75 -3.10
CA ASP A 39 21.95 7.06 -2.54
C ASP A 39 20.75 7.55 -1.72
N GLY A 40 19.60 6.97 -2.02
CA GLY A 40 18.38 7.32 -1.32
C GLY A 40 17.57 8.34 -2.11
N SER A 41 17.85 8.39 -3.41
CA SER A 41 17.14 9.31 -4.29
C SER A 41 16.41 8.54 -5.38
N VAL A 42 15.10 8.76 -5.44
CA VAL A 42 14.28 8.09 -6.44
C VAL A 42 14.67 8.57 -7.84
N PRO A 43 14.67 7.61 -8.79
CA PRO A 43 15.03 7.94 -10.17
C PRO A 43 13.89 8.69 -10.87
N ARG A 44 14.14 9.05 -12.12
CA ARG A 44 13.16 9.78 -12.90
C ARG A 44 11.76 9.24 -12.61
N ASP A 45 11.70 7.93 -12.38
CA ASP A 45 10.43 7.28 -12.09
C ASP A 45 10.63 5.76 -12.12
N SER A 46 10.75 5.20 -10.92
CA SER A 46 10.95 3.76 -10.78
C SER A 46 9.60 3.05 -10.79
N GLY A 47 8.55 3.85 -10.92
CA GLY A 47 7.20 3.31 -10.94
C GLY A 47 6.32 4.01 -9.90
N ALA A 48 5.88 5.21 -10.25
CA ALA A 48 5.03 5.99 -9.37
C ALA A 48 3.83 5.14 -8.95
N MET A 49 3.39 4.29 -9.88
CA MET A 49 2.25 3.43 -9.61
C MET A 49 2.70 2.15 -8.91
N LEU A 50 3.96 2.13 -8.51
CA LEU A 50 4.51 0.97 -7.82
C LEU A 50 4.57 -0.21 -8.80
N GLY A 51 3.39 -0.72 -9.15
CA GLY A 51 3.30 -1.84 -10.06
C GLY A 51 1.95 -2.56 -9.91
N LEU A 52 0.92 -1.75 -9.76
CA LEU A 52 -0.43 -2.29 -9.61
C LEU A 52 -1.46 -1.23 -10.01
N LYS A 53 -2.70 -1.67 -10.12
CA LYS A 53 -3.78 -0.77 -10.50
C LYS A 53 -4.86 -0.79 -9.41
N VAL A 54 -5.31 0.39 -9.05
CA VAL A 54 -6.35 0.51 -8.03
C VAL A 54 -7.53 1.32 -8.59
N VAL A 55 -8.72 0.89 -8.23
CA VAL A 55 -9.94 1.54 -8.69
C VAL A 55 -10.71 2.08 -7.48
N GLY A 56 -10.78 3.39 -7.40
CA GLY A 56 -11.48 4.03 -6.30
C GLY A 56 -12.90 4.45 -6.73
N GLY A 57 -13.58 5.13 -5.83
CA GLY A 57 -14.93 5.59 -6.09
C GLY A 57 -15.89 4.40 -6.29
N LYS A 58 -15.39 3.22 -5.96
CA LYS A 58 -16.17 2.01 -6.10
C LYS A 58 -17.29 2.02 -5.06
N MET A 59 -18.52 1.99 -5.56
CA MET A 59 -19.68 1.99 -4.68
C MET A 59 -20.02 0.58 -4.21
N THR A 60 -19.77 0.34 -2.93
CA THR A 60 -20.04 -0.97 -2.36
C THR A 60 -21.55 -1.14 -2.12
N GLU A 61 -21.88 -2.11 -1.27
CA GLU A 61 -23.26 -2.39 -0.95
C GLU A 61 -23.70 -1.61 0.28
N SER A 62 -22.74 -0.87 0.84
CA SER A 62 -23.01 -0.08 2.02
C SER A 62 -23.02 1.41 1.68
N GLY A 63 -22.95 1.68 0.38
CA GLY A 63 -22.94 3.05 -0.10
C GLY A 63 -21.61 3.73 0.19
N ARG A 64 -20.65 2.91 0.60
CA ARG A 64 -19.32 3.41 0.91
C ARG A 64 -18.40 3.29 -0.32
N LEU A 65 -17.38 4.14 -0.34
CA LEU A 65 -16.43 4.13 -1.43
C LEU A 65 -15.06 3.66 -0.92
N CYS A 66 -14.39 2.88 -1.75
CA CYS A 66 -13.08 2.36 -1.39
C CYS A 66 -12.32 2.08 -2.68
N ALA A 67 -11.03 1.78 -2.52
CA ALA A 67 -10.18 1.48 -3.65
C ALA A 67 -9.72 0.02 -3.58
N PHE A 68 -9.95 -0.69 -4.67
CA PHE A 68 -9.56 -2.09 -4.73
C PHE A 68 -8.66 -2.35 -5.94
N ILE A 69 -7.67 -3.21 -5.71
CA ILE A 69 -6.72 -3.55 -6.77
C ILE A 69 -7.44 -4.34 -7.85
N THR A 70 -7.22 -3.93 -9.09
CA THR A 70 -7.84 -4.60 -10.22
C THR A 70 -6.79 -5.39 -11.01
N LYS A 71 -5.54 -4.99 -10.83
CA LYS A 71 -4.44 -5.66 -11.52
C LYS A 71 -3.12 -5.28 -10.85
N VAL A 72 -2.23 -6.25 -10.80
CA VAL A 72 -0.93 -6.05 -10.18
C VAL A 72 0.14 -6.81 -10.97
N LYS A 73 0.94 -6.05 -11.70
CA LYS A 73 2.00 -6.64 -12.50
C LYS A 73 2.87 -7.52 -11.61
N LYS A 74 2.51 -8.80 -11.57
CA LYS A 74 3.25 -9.77 -10.77
C LYS A 74 4.72 -9.74 -11.19
N GLY A 75 5.55 -9.21 -10.31
CA GLY A 75 6.97 -9.12 -10.57
C GLY A 75 7.49 -7.70 -10.36
N SER A 76 6.64 -6.87 -9.75
CA SER A 76 6.99 -5.50 -9.48
C SER A 76 7.09 -5.26 -7.97
N LEU A 77 7.15 -4.00 -7.60
CA LEU A 77 7.24 -3.63 -6.20
C LEU A 77 6.01 -4.14 -5.45
N ALA A 78 4.87 -3.54 -5.79
CA ALA A 78 3.62 -3.93 -5.16
C ALA A 78 3.20 -5.31 -5.67
N ASP A 79 4.08 -6.28 -5.45
CA ASP A 79 3.82 -7.63 -5.88
C ASP A 79 4.90 -8.56 -5.32
N THR A 80 6.15 -8.19 -5.59
CA THR A 80 7.27 -8.97 -5.12
C THR A 80 7.56 -8.67 -3.65
N VAL A 81 7.46 -7.40 -3.30
CA VAL A 81 7.70 -6.97 -1.93
C VAL A 81 6.35 -6.75 -1.22
N GLY A 82 5.40 -6.24 -1.99
CA GLY A 82 4.07 -5.97 -1.46
C GLY A 82 3.26 -7.27 -1.34
N HIS A 83 3.37 -8.09 -2.37
CA HIS A 83 2.66 -9.35 -2.41
C HIS A 83 1.15 -9.09 -2.44
N LEU A 84 0.78 -8.06 -3.18
CA LEU A 84 -0.63 -7.69 -3.31
C LEU A 84 -1.27 -8.53 -4.41
N ARG A 85 -2.56 -8.28 -4.62
CA ARG A 85 -3.30 -9.00 -5.64
C ARG A 85 -4.55 -8.22 -6.04
N PRO A 86 -5.06 -8.52 -7.27
CA PRO A 86 -6.25 -7.86 -7.77
C PRO A 86 -7.51 -8.40 -7.08
N GLY A 87 -7.81 -7.81 -5.93
CA GLY A 87 -8.99 -8.22 -5.18
C GLY A 87 -9.00 -7.56 -3.80
N ASP A 88 -7.82 -7.37 -3.25
CA ASP A 88 -7.67 -6.76 -1.94
C ASP A 88 -8.40 -5.40 -1.94
N GLU A 89 -8.32 -4.72 -0.80
CA GLU A 89 -8.96 -3.43 -0.67
C GLU A 89 -8.04 -2.45 0.07
N VAL A 90 -7.40 -1.59 -0.71
CA VAL A 90 -6.49 -0.61 -0.15
C VAL A 90 -7.29 0.46 0.59
N LEU A 91 -7.09 0.51 1.90
CA LEU A 91 -7.78 1.48 2.73
C LEU A 91 -7.06 2.83 2.64
N GLU A 92 -5.79 2.81 2.99
CA GLU A 92 -4.97 4.01 2.96
C GLU A 92 -3.87 3.88 1.91
N TRP A 93 -3.30 5.02 1.54
CA TRP A 93 -2.24 5.04 0.55
C TRP A 93 -1.22 6.09 0.98
N ASN A 94 -0.19 5.64 1.68
CA ASN A 94 0.85 6.53 2.16
C ASN A 94 0.32 7.37 3.32
N GLY A 95 -0.79 6.90 3.88
CA GLY A 95 -1.42 7.59 4.99
C GLY A 95 -2.74 8.24 4.56
N ARG A 96 -2.94 8.30 3.26
CA ARG A 96 -4.14 8.88 2.71
C ARG A 96 -5.27 7.84 2.66
N LEU A 97 -6.30 8.10 3.46
CA LEU A 97 -7.44 7.20 3.53
C LEU A 97 -8.21 7.27 2.20
N LEU A 98 -8.51 6.09 1.69
CA LEU A 98 -9.25 5.99 0.43
C LEU A 98 -10.73 5.79 0.73
N GLN A 99 -11.00 5.28 1.92
CA GLN A 99 -12.37 5.02 2.33
C GLN A 99 -13.21 6.30 2.19
N GLY A 100 -14.20 6.22 1.32
CA GLY A 100 -15.08 7.36 1.08
C GLY A 100 -14.59 8.18 -0.11
N ALA A 101 -13.27 8.22 -0.27
CA ALA A 101 -12.67 8.97 -1.37
C ALA A 101 -13.30 8.52 -2.69
N THR A 102 -13.49 9.49 -3.58
CA THR A 102 -14.08 9.21 -4.88
C THR A 102 -13.01 8.66 -5.84
N PHE A 103 -13.48 8.23 -7.00
CA PHE A 103 -12.58 7.68 -8.00
C PHE A 103 -11.42 8.63 -8.29
N GLU A 104 -11.77 9.91 -8.39
CA GLU A 104 -10.77 10.94 -8.66
C GLU A 104 -9.84 11.09 -7.46
N GLU A 105 -10.43 11.25 -6.29
CA GLU A 105 -9.67 11.42 -5.07
C GLU A 105 -8.60 10.33 -4.97
N VAL A 106 -9.06 9.09 -4.93
CA VAL A 106 -8.16 7.95 -4.83
C VAL A 106 -7.01 8.14 -5.82
N TYR A 107 -7.37 8.44 -7.06
CA TYR A 107 -6.39 8.65 -8.10
C TYR A 107 -5.47 9.82 -7.77
N ASN A 108 -6.09 10.98 -7.56
CA ASN A 108 -5.34 12.18 -7.24
C ASN A 108 -4.26 11.83 -6.20
N ILE A 109 -4.67 11.08 -5.20
CA ILE A 109 -3.75 10.67 -4.15
C ILE A 109 -2.50 10.06 -4.77
N ILE A 110 -2.66 8.83 -5.25
CA ILE A 110 -1.56 8.12 -5.87
C ILE A 110 -0.78 9.08 -6.77
N LEU A 111 -1.49 10.08 -7.28
CA LEU A 111 -0.88 11.07 -8.15
C LEU A 111 0.07 11.94 -7.33
N GLU A 112 -0.51 12.64 -6.36
CA GLU A 112 0.28 13.51 -5.50
C GLU A 112 1.46 12.75 -4.91
N SER A 113 1.34 11.43 -4.91
CA SER A 113 2.38 10.57 -4.37
C SER A 113 3.16 9.91 -5.52
N LYS A 114 3.15 10.59 -6.66
CA LYS A 114 3.86 10.10 -7.83
C LYS A 114 5.36 10.20 -7.60
N PRO A 115 5.80 11.41 -7.16
CA PRO A 115 7.21 11.64 -6.90
C PRO A 115 7.65 10.97 -5.59
N GLU A 116 6.67 10.75 -4.72
CA GLU A 116 6.94 10.12 -3.43
C GLU A 116 8.00 9.03 -3.60
N PRO A 117 8.93 8.98 -2.60
CA PRO A 117 10.00 8.00 -2.62
C PRO A 117 9.47 6.61 -2.25
N GLN A 118 8.43 6.60 -1.43
CA GLN A 118 7.82 5.36 -1.00
C GLN A 118 6.29 5.48 -1.01
N VAL A 119 5.64 4.35 -0.72
CA VAL A 119 4.20 4.32 -0.69
C VAL A 119 3.73 3.23 0.27
N GLU A 120 3.09 3.66 1.34
CA GLU A 120 2.59 2.74 2.35
C GLU A 120 1.12 2.42 2.09
N LEU A 121 0.88 1.17 1.70
CA LEU A 121 -0.48 0.73 1.41
C LEU A 121 -1.06 0.05 2.66
N VAL A 122 -2.37 -0.10 2.66
CA VAL A 122 -3.05 -0.73 3.77
C VAL A 122 -4.29 -1.46 3.26
N VAL A 123 -4.18 -2.78 3.19
CA VAL A 123 -5.28 -3.60 2.72
C VAL A 123 -5.93 -4.32 3.91
N SER A 124 -7.24 -4.47 3.84
CA SER A 124 -7.98 -5.13 4.90
C SER A 124 -8.81 -6.28 4.32
N ARG A 125 -8.39 -7.49 4.67
CA ARG A 125 -9.09 -8.68 4.20
C ARG A 125 -9.67 -9.46 5.37
N SER A 126 -10.66 -10.28 5.06
CA SER A 126 -11.31 -11.09 6.08
C SER A 126 -10.47 -12.32 6.39
N GLY A 127 -10.20 -12.51 7.68
CA GLY A 127 -9.41 -13.64 8.12
C GLY A 127 -10.14 -14.95 7.87
N PRO A 128 -9.63 -16.03 8.53
CA PRO A 128 -10.23 -17.35 8.39
C PRO A 128 -11.53 -17.45 9.18
N SER A 129 -12.58 -17.90 8.49
CA SER A 129 -13.88 -18.04 9.12
C SER A 129 -14.73 -19.03 8.32
N SER A 130 -15.02 -20.16 8.93
CA SER A 130 -15.83 -21.18 8.29
C SER A 130 -16.74 -21.85 9.32
N GLY A 131 -16.11 -22.42 10.33
CA GLY A 131 -16.85 -23.10 11.39
C GLY A 131 -17.29 -22.11 12.48
N GLY A 1 33.79 4.00 11.60
CA GLY A 1 32.50 3.69 10.99
C GLY A 1 32.49 2.28 10.40
N SER A 2 31.29 1.77 10.18
CA SER A 2 31.14 0.43 9.62
C SER A 2 31.57 -0.62 10.65
N SER A 3 32.86 -0.62 10.94
CA SER A 3 33.41 -1.57 11.90
C SER A 3 32.84 -1.28 13.29
N GLY A 4 33.07 -0.07 13.76
CA GLY A 4 32.59 0.33 15.07
C GLY A 4 32.01 1.75 15.03
N SER A 5 32.49 2.57 15.96
CA SER A 5 32.03 3.94 16.04
C SER A 5 30.53 3.98 16.29
N SER A 6 30.16 4.07 17.57
CA SER A 6 28.77 4.12 17.95
C SER A 6 28.06 2.84 17.48
N GLY A 7 26.92 2.57 18.11
CA GLY A 7 26.14 1.40 17.78
C GLY A 7 25.23 1.67 16.57
N HIS A 8 24.07 1.02 16.59
CA HIS A 8 23.10 1.18 15.52
C HIS A 8 23.73 0.71 14.20
N SER A 9 23.21 -0.41 13.72
CA SER A 9 23.71 -0.97 12.47
C SER A 9 22.66 -1.91 11.87
N HIS A 10 22.28 -2.90 12.65
CA HIS A 10 21.28 -3.86 12.21
C HIS A 10 20.15 -3.14 11.48
N SER A 11 19.55 -3.85 10.54
CA SER A 11 18.46 -3.30 9.76
C SER A 11 17.41 -4.37 9.48
N ASP A 12 16.59 -4.63 10.49
CA ASP A 12 15.53 -5.63 10.36
C ASP A 12 14.17 -4.94 10.50
N LYS A 13 13.77 -4.27 9.42
CA LYS A 13 12.48 -3.58 9.41
C LYS A 13 11.79 -3.83 8.08
N HIS A 14 11.06 -4.92 8.01
CA HIS A 14 10.34 -5.29 6.80
C HIS A 14 9.47 -4.11 6.36
N PRO A 15 9.32 -3.99 5.01
CA PRO A 15 8.51 -2.92 4.45
C PRO A 15 7.02 -3.20 4.63
N VAL A 16 6.62 -4.41 4.27
CA VAL A 16 5.23 -4.81 4.38
C VAL A 16 5.04 -5.56 5.71
N THR A 17 3.81 -5.50 6.21
CA THR A 17 3.47 -6.15 7.45
C THR A 17 1.99 -6.54 7.48
N TRP A 18 1.75 -7.82 7.68
CA TRP A 18 0.39 -8.33 7.73
C TRP A 18 0.09 -8.73 9.17
N GLN A 19 -0.78 -7.93 9.80
CA GLN A 19 -1.17 -8.18 11.18
C GLN A 19 -2.67 -8.01 11.35
N PRO A 20 -3.24 -8.77 12.32
CA PRO A 20 -4.66 -8.71 12.59
C PRO A 20 -5.02 -7.43 13.35
N SER A 21 -6.28 -7.05 13.22
CA SER A 21 -6.76 -5.85 13.89
C SER A 21 -6.83 -6.08 15.40
N LYS A 22 -7.32 -5.06 16.10
CA LYS A 22 -7.44 -5.13 17.54
C LYS A 22 -8.17 -6.42 17.93
N ASP A 23 -9.32 -6.62 17.29
CA ASP A 23 -10.13 -7.80 17.56
C ASP A 23 -9.38 -9.04 17.07
N GLY A 24 -9.23 -9.13 15.75
CA GLY A 24 -8.54 -10.25 15.15
C GLY A 24 -9.36 -10.84 14.00
N ASP A 25 -10.66 -10.68 14.09
CA ASP A 25 -11.56 -11.19 13.07
C ASP A 25 -11.15 -10.61 11.71
N ARG A 26 -10.40 -9.52 11.78
CA ARG A 26 -9.93 -8.87 10.56
C ARG A 26 -8.41 -8.96 10.45
N LEU A 27 -7.93 -8.75 9.24
CA LEU A 27 -6.49 -8.81 8.99
C LEU A 27 -6.05 -7.52 8.30
N ILE A 28 -5.24 -6.76 9.01
CA ILE A 28 -4.73 -5.50 8.49
C ILE A 28 -3.39 -5.75 7.79
N GLY A 29 -3.39 -5.52 6.49
CA GLY A 29 -2.18 -5.71 5.71
C GLY A 29 -1.55 -4.38 5.33
N ARG A 30 -0.22 -4.33 5.43
CA ARG A 30 0.50 -3.12 5.11
C ARG A 30 1.59 -3.41 4.07
N ILE A 31 1.55 -2.65 3.00
CA ILE A 31 2.52 -2.82 1.92
C ILE A 31 3.28 -1.50 1.71
N LEU A 32 4.58 -1.57 1.93
CA LEU A 32 5.43 -0.39 1.77
C LEU A 32 6.34 -0.60 0.56
N LEU A 33 6.39 0.43 -0.28
CA LEU A 33 7.23 0.38 -1.47
C LEU A 33 8.31 1.46 -1.37
N ASN A 34 9.48 1.13 -1.89
CA ASN A 34 10.60 2.06 -1.87
C ASN A 34 11.07 2.31 -3.32
N LYS A 35 11.29 3.58 -3.61
CA LYS A 35 11.74 3.96 -4.94
C LYS A 35 13.22 4.35 -4.88
N ARG A 36 13.56 5.13 -3.87
CA ARG A 36 14.92 5.57 -3.68
C ARG A 36 15.90 4.45 -4.04
N LEU A 37 16.68 4.69 -5.07
CA LEU A 37 17.66 3.71 -5.52
C LEU A 37 18.58 3.35 -4.36
N LYS A 38 19.56 2.50 -4.66
CA LYS A 38 20.51 2.08 -3.65
C LYS A 38 21.24 3.30 -3.09
N ASP A 39 21.59 4.21 -3.99
CA ASP A 39 22.30 5.41 -3.61
C ASP A 39 21.44 6.20 -2.61
N GLY A 40 20.15 6.30 -2.94
CA GLY A 40 19.22 7.01 -2.09
C GLY A 40 18.57 8.17 -2.85
N SER A 41 18.05 7.86 -4.02
CA SER A 41 17.41 8.86 -4.85
C SER A 41 16.41 8.18 -5.80
N VAL A 42 15.26 8.84 -5.95
CA VAL A 42 14.21 8.32 -6.82
C VAL A 42 14.59 8.60 -8.28
N PRO A 43 14.53 7.52 -9.10
CA PRO A 43 14.86 7.64 -10.52
C PRO A 43 13.72 8.33 -11.28
N ARG A 44 13.91 8.42 -12.59
CA ARG A 44 12.92 9.05 -13.44
C ARG A 44 11.51 8.71 -12.96
N ASP A 45 11.34 7.45 -12.58
CA ASP A 45 10.04 6.98 -12.10
C ASP A 45 10.13 5.49 -11.79
N SER A 46 10.42 5.19 -10.53
CA SER A 46 10.54 3.82 -10.09
C SER A 46 9.15 3.21 -9.88
N GLY A 47 8.34 3.28 -10.94
CA GLY A 47 6.99 2.74 -10.89
C GLY A 47 6.10 3.62 -10.01
N ALA A 48 5.76 4.79 -10.54
CA ALA A 48 4.91 5.72 -9.82
C ALA A 48 3.65 4.98 -9.34
N MET A 49 3.15 4.11 -10.19
CA MET A 49 1.96 3.33 -9.87
C MET A 49 2.33 2.04 -9.14
N LEU A 50 3.59 1.96 -8.74
CA LEU A 50 4.08 0.78 -8.03
C LEU A 50 4.13 -0.40 -9.00
N GLY A 51 2.97 -0.72 -9.56
CA GLY A 51 2.88 -1.83 -10.49
C GLY A 51 1.44 -2.35 -10.58
N LEU A 52 0.69 -2.08 -9.52
CA LEU A 52 -0.70 -2.52 -9.47
C LEU A 52 -1.61 -1.36 -9.91
N LYS A 53 -2.87 -1.71 -10.17
CA LYS A 53 -3.83 -0.72 -10.60
C LYS A 53 -4.97 -0.64 -9.57
N VAL A 54 -5.13 0.55 -9.00
CA VAL A 54 -6.16 0.77 -8.00
C VAL A 54 -7.32 1.53 -8.65
N VAL A 55 -8.52 1.23 -8.17
CA VAL A 55 -9.72 1.87 -8.69
C VAL A 55 -10.62 2.28 -7.52
N GLY A 56 -10.74 3.58 -7.35
CA GLY A 56 -11.57 4.12 -6.28
C GLY A 56 -12.91 4.62 -6.81
N GLY A 57 -13.66 5.27 -5.93
CA GLY A 57 -14.96 5.80 -6.30
C GLY A 57 -15.95 4.67 -6.60
N LYS A 58 -15.51 3.46 -6.30
CA LYS A 58 -16.35 2.29 -6.54
C LYS A 58 -17.53 2.31 -5.56
N MET A 59 -18.73 2.37 -6.13
CA MET A 59 -19.93 2.39 -5.33
C MET A 59 -20.33 0.97 -4.90
N THR A 60 -20.14 0.72 -3.61
CA THR A 60 -20.47 -0.58 -3.05
C THR A 60 -21.99 -0.73 -2.92
N GLU A 61 -22.38 -1.84 -2.31
CA GLU A 61 -23.80 -2.12 -2.12
C GLU A 61 -24.33 -1.36 -0.90
N SER A 62 -23.42 -0.64 -0.26
CA SER A 62 -23.79 0.13 0.92
C SER A 62 -23.68 1.62 0.61
N GLY A 63 -23.51 1.93 -0.66
CA GLY A 63 -23.39 3.31 -1.10
C GLY A 63 -22.06 3.91 -0.65
N ARG A 64 -21.16 3.03 -0.23
CA ARG A 64 -19.85 3.46 0.23
C ARG A 64 -18.83 3.39 -0.91
N LEU A 65 -17.81 4.23 -0.81
CA LEU A 65 -16.77 4.27 -1.82
C LEU A 65 -15.47 3.74 -1.22
N CYS A 66 -14.72 3.00 -2.03
CA CYS A 66 -13.45 2.44 -1.59
C CYS A 66 -12.64 2.06 -2.83
N ALA A 67 -11.35 1.85 -2.60
CA ALA A 67 -10.46 1.47 -3.69
C ALA A 67 -10.05 0.01 -3.53
N PHE A 68 -10.13 -0.72 -4.64
CA PHE A 68 -9.77 -2.13 -4.63
C PHE A 68 -8.80 -2.45 -5.77
N ILE A 69 -7.88 -3.36 -5.48
CA ILE A 69 -6.89 -3.76 -6.45
C ILE A 69 -7.59 -4.44 -7.64
N THR A 70 -7.27 -3.95 -8.83
CA THR A 70 -7.86 -4.49 -10.04
C THR A 70 -6.89 -5.45 -10.72
N LYS A 71 -5.65 -4.99 -10.85
CA LYS A 71 -4.61 -5.79 -11.48
C LYS A 71 -3.26 -5.45 -10.86
N VAL A 72 -2.42 -6.47 -10.76
CA VAL A 72 -1.09 -6.30 -10.19
C VAL A 72 -0.07 -7.07 -11.01
N LYS A 73 0.77 -6.32 -11.71
CA LYS A 73 1.80 -6.92 -12.54
C LYS A 73 2.62 -7.90 -11.71
N LYS A 74 3.12 -8.93 -12.38
CA LYS A 74 3.93 -9.94 -11.71
C LYS A 74 5.41 -9.57 -11.85
N GLY A 75 5.96 -9.05 -10.76
CA GLY A 75 7.36 -8.66 -10.74
C GLY A 75 7.50 -7.15 -10.52
N SER A 76 6.55 -6.60 -9.77
CA SER A 76 6.56 -5.18 -9.49
C SER A 76 6.51 -4.94 -7.98
N LEU A 77 6.86 -3.72 -7.58
CA LEU A 77 6.85 -3.36 -6.18
C LEU A 77 5.62 -3.97 -5.50
N ALA A 78 4.46 -3.60 -6.03
CA ALA A 78 3.21 -4.09 -5.49
C ALA A 78 3.00 -5.55 -5.93
N ASP A 79 3.97 -6.38 -5.57
CA ASP A 79 3.91 -7.79 -5.91
C ASP A 79 5.18 -8.49 -5.43
N THR A 80 6.32 -7.94 -5.83
CA THR A 80 7.60 -8.49 -5.43
C THR A 80 7.86 -8.23 -3.95
N VAL A 81 7.41 -7.07 -3.50
CA VAL A 81 7.59 -6.68 -2.11
C VAL A 81 6.22 -6.57 -1.44
N GLY A 82 5.26 -6.04 -2.19
CA GLY A 82 3.91 -5.87 -1.68
C GLY A 82 3.13 -7.17 -1.76
N HIS A 83 3.45 -7.96 -2.78
CA HIS A 83 2.79 -9.24 -2.98
C HIS A 83 1.27 -9.05 -2.88
N LEU A 84 0.81 -7.94 -3.43
CA LEU A 84 -0.61 -7.63 -3.41
C LEU A 84 -1.36 -8.59 -4.35
N ARG A 85 -2.63 -8.32 -4.53
CA ARG A 85 -3.46 -9.14 -5.40
C ARG A 85 -4.68 -8.36 -5.86
N PRO A 86 -5.15 -8.71 -7.09
CA PRO A 86 -6.31 -8.04 -7.67
C PRO A 86 -7.60 -8.52 -7.00
N GLY A 87 -8.03 -7.76 -6.00
CA GLY A 87 -9.25 -8.08 -5.27
C GLY A 87 -9.20 -7.53 -3.85
N ASP A 88 -7.99 -7.25 -3.39
CA ASP A 88 -7.79 -6.72 -2.05
C ASP A 88 -8.52 -5.38 -1.93
N GLU A 89 -8.38 -4.76 -0.78
CA GLU A 89 -9.01 -3.48 -0.52
C GLU A 89 -8.05 -2.53 0.19
N VAL A 90 -7.49 -1.62 -0.59
CA VAL A 90 -6.54 -0.65 -0.05
C VAL A 90 -7.30 0.37 0.80
N LEU A 91 -7.22 0.18 2.11
CA LEU A 91 -7.89 1.08 3.03
C LEU A 91 -7.24 2.47 2.97
N GLU A 92 -5.93 2.48 3.19
CA GLU A 92 -5.18 3.72 3.16
C GLU A 92 -4.08 3.64 2.10
N TRP A 93 -3.54 4.81 1.77
CA TRP A 93 -2.48 4.89 0.77
C TRP A 93 -1.51 5.99 1.21
N ASN A 94 -0.37 5.55 1.72
CA ASN A 94 0.65 6.48 2.18
C ASN A 94 0.10 7.33 3.33
N GLY A 95 -1.02 6.85 3.88
CA GLY A 95 -1.66 7.55 4.98
C GLY A 95 -2.96 8.21 4.52
N ARG A 96 -3.20 8.14 3.22
CA ARG A 96 -4.40 8.72 2.65
C ARG A 96 -5.52 7.68 2.59
N LEU A 97 -6.55 7.93 3.38
CA LEU A 97 -7.69 7.03 3.43
C LEU A 97 -8.44 7.08 2.09
N LEU A 98 -8.71 5.91 1.55
CA LEU A 98 -9.42 5.81 0.29
C LEU A 98 -10.90 5.57 0.55
N GLN A 99 -11.18 5.07 1.74
CA GLN A 99 -12.56 4.79 2.13
C GLN A 99 -13.40 6.06 2.05
N GLY A 100 -14.34 6.05 1.13
CA GLY A 100 -15.22 7.21 0.95
C GLY A 100 -14.71 8.11 -0.18
N ALA A 101 -13.40 8.06 -0.38
CA ALA A 101 -12.78 8.86 -1.42
C ALA A 101 -13.35 8.47 -2.78
N THR A 102 -13.49 9.48 -3.63
CA THR A 102 -14.04 9.25 -4.96
C THR A 102 -12.95 8.72 -5.89
N PHE A 103 -13.38 8.29 -7.07
CA PHE A 103 -12.46 7.75 -8.06
C PHE A 103 -11.26 8.68 -8.26
N GLU A 104 -11.57 9.96 -8.35
CA GLU A 104 -10.53 10.96 -8.55
C GLU A 104 -9.65 11.08 -7.30
N GLU A 105 -10.31 11.30 -6.18
CA GLU A 105 -9.61 11.43 -4.91
C GLU A 105 -8.55 10.33 -4.78
N VAL A 106 -9.02 9.09 -4.88
CA VAL A 106 -8.13 7.94 -4.77
C VAL A 106 -6.97 8.12 -5.74
N TYR A 107 -7.30 8.50 -6.97
CA TYR A 107 -6.30 8.71 -7.99
C TYR A 107 -5.33 9.82 -7.60
N ASN A 108 -5.91 10.98 -7.31
CA ASN A 108 -5.11 12.13 -6.92
C ASN A 108 -3.98 11.68 -6.00
N ILE A 109 -4.36 10.88 -5.01
CA ILE A 109 -3.39 10.37 -4.06
C ILE A 109 -2.20 9.77 -4.81
N ILE A 110 -2.43 8.58 -5.36
CA ILE A 110 -1.39 7.89 -6.10
C ILE A 110 -0.64 8.90 -6.97
N LEU A 111 -1.35 9.94 -7.36
CA LEU A 111 -0.76 10.98 -8.18
C LEU A 111 0.27 11.76 -7.37
N GLU A 112 -0.19 12.27 -6.23
CA GLU A 112 0.68 13.03 -5.34
C GLU A 112 1.78 12.14 -4.77
N SER A 113 1.64 10.84 -5.03
CA SER A 113 2.60 9.87 -4.54
C SER A 113 3.61 9.55 -5.64
N LYS A 114 3.44 10.21 -6.78
CA LYS A 114 4.32 10.00 -7.91
C LYS A 114 5.75 10.33 -7.50
N PRO A 115 5.92 11.52 -6.88
CA PRO A 115 7.23 11.97 -6.43
C PRO A 115 7.66 11.22 -5.17
N GLU A 116 6.67 10.89 -4.35
CA GLU A 116 6.94 10.18 -3.11
C GLU A 116 8.01 9.10 -3.34
N PRO A 117 8.95 9.02 -2.37
CA PRO A 117 10.03 8.05 -2.46
C PRO A 117 9.53 6.65 -2.11
N GLN A 118 8.54 6.62 -1.23
CA GLN A 118 7.95 5.35 -0.81
C GLN A 118 6.42 5.41 -0.90
N VAL A 119 5.81 4.26 -0.68
CA VAL A 119 4.36 4.18 -0.73
C VAL A 119 3.88 3.10 0.25
N GLU A 120 3.28 3.56 1.34
CA GLU A 120 2.78 2.66 2.36
C GLU A 120 1.28 2.43 2.18
N LEU A 121 0.94 1.20 1.80
CA LEU A 121 -0.45 0.84 1.60
C LEU A 121 -0.99 0.18 2.86
N VAL A 122 -2.32 0.13 2.92
CA VAL A 122 -2.98 -0.47 4.07
C VAL A 122 -4.28 -1.13 3.62
N VAL A 123 -4.24 -2.46 3.50
CA VAL A 123 -5.40 -3.22 3.08
C VAL A 123 -5.91 -4.06 4.25
N SER A 124 -7.18 -4.40 4.17
CA SER A 124 -7.80 -5.20 5.22
C SER A 124 -8.18 -6.58 4.66
N ARG A 125 -8.35 -7.52 5.58
CA ARG A 125 -8.72 -8.88 5.21
C ARG A 125 -9.62 -9.50 6.27
N SER A 126 -10.39 -10.49 5.84
CA SER A 126 -11.29 -11.17 6.74
C SER A 126 -10.67 -12.49 7.22
N GLY A 127 -10.16 -12.46 8.44
CA GLY A 127 -9.53 -13.63 9.01
C GLY A 127 -8.30 -14.06 8.20
N PRO A 128 -7.35 -14.73 8.91
CA PRO A 128 -6.14 -15.19 8.28
C PRO A 128 -6.41 -16.42 7.40
N SER A 129 -5.84 -16.37 6.19
CA SER A 129 -6.01 -17.46 5.25
C SER A 129 -4.66 -18.13 4.97
N SER A 130 -4.73 -19.33 4.41
CA SER A 130 -3.53 -20.07 4.08
C SER A 130 -3.73 -20.87 2.79
N GLY A 131 -2.70 -20.86 1.96
CA GLY A 131 -2.77 -21.57 0.70
C GLY A 131 -2.50 -20.63 -0.47
N GLY A 1 11.14 -15.60 -8.29
CA GLY A 1 12.35 -16.20 -8.83
C GLY A 1 13.39 -15.12 -9.15
N SER A 2 13.79 -14.40 -8.11
CA SER A 2 14.77 -13.35 -8.25
C SER A 2 15.15 -12.78 -6.89
N SER A 3 16.26 -13.28 -6.36
CA SER A 3 16.74 -12.83 -5.06
C SER A 3 18.24 -12.57 -5.12
N GLY A 4 18.60 -11.30 -4.95
CA GLY A 4 19.99 -10.91 -4.98
C GLY A 4 20.31 -9.90 -3.88
N SER A 5 20.68 -10.43 -2.72
CA SER A 5 21.00 -9.58 -1.58
C SER A 5 22.33 -8.85 -1.83
N SER A 6 22.61 -7.89 -0.97
CA SER A 6 23.82 -7.10 -1.08
C SER A 6 23.98 -6.21 0.15
N GLY A 7 25.22 -6.08 0.59
CA GLY A 7 25.53 -5.26 1.75
C GLY A 7 25.91 -6.12 2.95
N HIS A 8 26.55 -5.49 3.91
CA HIS A 8 26.98 -6.18 5.12
C HIS A 8 26.72 -5.30 6.34
N SER A 9 25.45 -5.13 6.65
CA SER A 9 25.05 -4.31 7.79
C SER A 9 23.60 -4.62 8.18
N HIS A 10 23.34 -4.52 9.47
CA HIS A 10 22.01 -4.78 9.99
C HIS A 10 21.03 -3.76 9.42
N SER A 11 20.28 -4.18 8.41
CA SER A 11 19.31 -3.31 7.78
C SER A 11 18.17 -4.15 7.17
N ASP A 12 17.32 -4.65 8.05
CA ASP A 12 16.20 -5.46 7.61
C ASP A 12 14.91 -4.89 8.20
N LYS A 13 14.43 -3.83 7.59
CA LYS A 13 13.20 -3.18 8.03
C LYS A 13 12.04 -3.62 7.14
N HIS A 14 11.30 -4.61 7.62
CA HIS A 14 10.16 -5.11 6.88
C HIS A 14 9.27 -3.96 6.44
N PRO A 15 9.19 -3.77 5.09
CA PRO A 15 8.38 -2.71 4.53
C PRO A 15 6.89 -3.06 4.61
N VAL A 16 6.60 -4.33 4.39
CA VAL A 16 5.22 -4.80 4.44
C VAL A 16 4.99 -5.55 5.75
N THR A 17 3.75 -5.48 6.22
CA THR A 17 3.38 -6.14 7.46
C THR A 17 1.90 -6.52 7.44
N TRP A 18 1.64 -7.81 7.65
CA TRP A 18 0.28 -8.30 7.67
C TRP A 18 -0.08 -8.69 9.11
N GLN A 19 -0.93 -7.87 9.71
CA GLN A 19 -1.36 -8.11 11.08
C GLN A 19 -2.87 -7.91 11.20
N PRO A 20 -3.47 -8.67 12.15
CA PRO A 20 -4.90 -8.57 12.38
C PRO A 20 -5.26 -7.29 13.15
N SER A 21 -6.51 -6.89 13.00
CA SER A 21 -6.99 -5.69 13.66
C SER A 21 -7.13 -5.94 15.17
N LYS A 22 -7.63 -4.92 15.86
CA LYS A 22 -7.82 -5.01 17.30
C LYS A 22 -8.59 -6.29 17.62
N ASP A 23 -9.72 -6.45 16.95
CA ASP A 23 -10.54 -7.62 17.15
C ASP A 23 -9.76 -8.87 16.78
N GLY A 24 -9.59 -9.06 15.47
CA GLY A 24 -8.86 -10.21 14.98
C GLY A 24 -9.56 -10.82 13.76
N ASP A 25 -10.88 -10.72 13.77
CA ASP A 25 -11.68 -11.26 12.69
C ASP A 25 -11.25 -10.61 11.37
N ARG A 26 -10.62 -9.44 11.51
CA ARG A 26 -10.16 -8.71 10.34
C ARG A 26 -8.63 -8.81 10.23
N LEU A 27 -8.14 -8.58 9.02
CA LEU A 27 -6.72 -8.64 8.76
C LEU A 27 -6.26 -7.31 8.15
N ILE A 28 -5.22 -6.75 8.75
CA ILE A 28 -4.68 -5.48 8.28
C ILE A 28 -3.34 -5.74 7.59
N GLY A 29 -3.34 -5.52 6.28
CA GLY A 29 -2.14 -5.73 5.49
C GLY A 29 -1.51 -4.38 5.10
N ARG A 30 -0.20 -4.32 5.27
CA ARG A 30 0.55 -3.11 4.95
C ARG A 30 1.62 -3.40 3.90
N ILE A 31 1.63 -2.59 2.87
CA ILE A 31 2.60 -2.75 1.79
C ILE A 31 3.33 -1.43 1.56
N LEU A 32 4.62 -1.45 1.85
CA LEU A 32 5.44 -0.26 1.68
C LEU A 32 6.43 -0.48 0.52
N LEU A 33 6.58 0.56 -0.29
CA LEU A 33 7.48 0.49 -1.43
C LEU A 33 8.55 1.57 -1.28
N ASN A 34 9.75 1.23 -1.76
CA ASN A 34 10.87 2.16 -1.69
C ASN A 34 11.56 2.21 -3.05
N LYS A 35 11.79 3.43 -3.51
CA LYS A 35 12.45 3.62 -4.79
C LYS A 35 13.84 4.22 -4.56
N ARG A 36 13.97 4.98 -3.48
CA ARG A 36 15.23 5.60 -3.14
C ARG A 36 16.39 4.64 -3.43
N LEU A 37 17.12 4.97 -4.48
CA LEU A 37 18.26 4.15 -4.87
C LEU A 37 19.29 4.14 -3.75
N LYS A 38 20.46 3.61 -4.08
CA LYS A 38 21.54 3.54 -3.10
C LYS A 38 21.86 4.95 -2.59
N ASP A 39 21.82 5.89 -3.52
CA ASP A 39 22.10 7.29 -3.17
C ASP A 39 20.94 7.83 -2.32
N GLY A 40 19.74 7.39 -2.65
CA GLY A 40 18.56 7.83 -1.94
C GLY A 40 18.02 9.13 -2.52
N SER A 41 17.81 9.12 -3.84
CA SER A 41 17.31 10.30 -4.52
C SER A 41 16.18 9.90 -5.47
N VAL A 42 15.78 8.64 -5.37
CA VAL A 42 14.72 8.11 -6.22
C VAL A 42 15.15 8.21 -7.68
N PRO A 43 14.90 7.10 -8.42
CA PRO A 43 15.26 7.04 -9.82
C PRO A 43 14.29 7.86 -10.68
N ARG A 44 14.66 8.04 -11.94
CA ARG A 44 13.83 8.80 -12.85
C ARG A 44 12.35 8.51 -12.61
N ASP A 45 12.03 7.23 -12.51
CA ASP A 45 10.66 6.81 -12.27
C ASP A 45 10.62 5.29 -12.12
N SER A 46 10.99 4.83 -10.93
CA SER A 46 11.00 3.41 -10.65
C SER A 46 9.62 2.81 -10.94
N GLY A 47 8.59 3.44 -10.39
CA GLY A 47 7.23 2.98 -10.59
C GLY A 47 6.24 3.89 -9.86
N ALA A 48 5.79 4.92 -10.55
CA ALA A 48 4.85 5.86 -9.99
C ALA A 48 3.64 5.09 -9.44
N MET A 49 3.09 4.24 -10.29
CA MET A 49 1.93 3.44 -9.90
C MET A 49 2.36 2.21 -9.11
N LEU A 50 3.64 2.17 -8.78
CA LEU A 50 4.19 1.05 -8.02
C LEU A 50 4.22 -0.18 -8.92
N GLY A 51 3.04 -0.55 -9.41
CA GLY A 51 2.92 -1.72 -10.26
C GLY A 51 1.51 -2.30 -10.21
N LEU A 52 0.82 -1.98 -9.13
CA LEU A 52 -0.54 -2.46 -8.94
C LEU A 52 -1.53 -1.35 -9.31
N LYS A 53 -2.72 -1.77 -9.70
CA LYS A 53 -3.76 -0.83 -10.07
C LYS A 53 -4.84 -0.79 -8.98
N VAL A 54 -5.47 0.36 -8.87
CA VAL A 54 -6.53 0.54 -7.88
C VAL A 54 -7.65 1.39 -8.46
N VAL A 55 -8.88 0.97 -8.17
CA VAL A 55 -10.05 1.68 -8.67
C VAL A 55 -10.86 2.20 -7.49
N GLY A 56 -10.88 3.52 -7.37
CA GLY A 56 -11.62 4.16 -6.29
C GLY A 56 -12.98 4.64 -6.77
N GLY A 57 -13.68 5.33 -5.88
CA GLY A 57 -15.00 5.85 -6.19
C GLY A 57 -15.98 4.71 -6.51
N LYS A 58 -15.61 3.51 -6.09
CA LYS A 58 -16.44 2.35 -6.33
C LYS A 58 -17.60 2.34 -5.33
N MET A 59 -18.80 2.42 -5.86
CA MET A 59 -20.00 2.43 -5.03
C MET A 59 -20.37 1.00 -4.61
N THR A 60 -20.19 0.74 -3.32
CA THR A 60 -20.51 -0.57 -2.77
C THR A 60 -22.02 -0.71 -2.56
N GLU A 61 -22.38 -1.69 -1.75
CA GLU A 61 -23.78 -1.94 -1.45
C GLU A 61 -24.28 -0.97 -0.39
N SER A 62 -23.36 -0.59 0.50
CA SER A 62 -23.69 0.33 1.57
C SER A 62 -23.45 1.77 1.12
N GLY A 63 -23.44 1.96 -0.20
CA GLY A 63 -23.22 3.27 -0.77
C GLY A 63 -21.87 3.83 -0.34
N ARG A 64 -21.00 2.93 0.10
CA ARG A 64 -19.67 3.33 0.54
C ARG A 64 -18.68 3.28 -0.63
N LEU A 65 -17.65 4.11 -0.53
CA LEU A 65 -16.64 4.16 -1.56
C LEU A 65 -15.33 3.62 -1.01
N CYS A 66 -14.67 2.82 -1.83
CA CYS A 66 -13.39 2.23 -1.43
C CYS A 66 -12.61 1.87 -2.71
N ALA A 67 -11.30 1.85 -2.56
CA ALA A 67 -10.43 1.52 -3.68
C ALA A 67 -10.00 0.06 -3.59
N PHE A 68 -10.32 -0.69 -4.65
CA PHE A 68 -9.97 -2.09 -4.70
C PHE A 68 -9.01 -2.38 -5.85
N ILE A 69 -8.09 -3.30 -5.60
CA ILE A 69 -7.11 -3.68 -6.60
C ILE A 69 -7.82 -4.32 -7.79
N THR A 70 -7.47 -3.84 -8.98
CA THR A 70 -8.07 -4.36 -10.20
C THR A 70 -7.09 -5.28 -10.93
N LYS A 71 -5.83 -4.87 -10.92
CA LYS A 71 -4.79 -5.65 -11.57
C LYS A 71 -3.43 -5.28 -10.97
N VAL A 72 -2.59 -6.29 -10.83
CA VAL A 72 -1.27 -6.10 -10.27
C VAL A 72 -0.25 -6.87 -11.11
N LYS A 73 0.62 -6.12 -11.77
CA LYS A 73 1.66 -6.72 -12.59
C LYS A 73 2.46 -7.72 -11.76
N LYS A 74 2.83 -8.81 -12.40
CA LYS A 74 3.61 -9.85 -11.73
C LYS A 74 5.10 -9.56 -11.93
N GLY A 75 5.72 -9.08 -10.85
CA GLY A 75 7.14 -8.77 -10.89
C GLY A 75 7.38 -7.28 -10.65
N SER A 76 6.40 -6.65 -10.00
CA SER A 76 6.49 -5.23 -9.71
C SER A 76 6.53 -5.01 -8.20
N LEU A 77 6.89 -3.80 -7.82
CA LEU A 77 6.98 -3.44 -6.41
C LEU A 77 5.77 -4.01 -5.67
N ALA A 78 4.60 -3.51 -6.04
CA ALA A 78 3.36 -3.95 -5.42
C ALA A 78 3.02 -5.36 -5.92
N ASP A 79 3.95 -6.28 -5.70
CA ASP A 79 3.76 -7.66 -6.12
C ASP A 79 4.98 -8.48 -5.71
N THR A 80 6.15 -7.90 -5.92
CA THR A 80 7.39 -8.57 -5.58
C THR A 80 7.73 -8.34 -4.11
N VAL A 81 7.49 -7.12 -3.66
CA VAL A 81 7.77 -6.75 -2.28
C VAL A 81 6.45 -6.66 -1.52
N GLY A 82 5.45 -6.10 -2.18
CA GLY A 82 4.14 -5.96 -1.57
C GLY A 82 3.37 -7.28 -1.60
N HIS A 83 3.55 -8.02 -2.68
CA HIS A 83 2.88 -9.29 -2.85
C HIS A 83 1.36 -9.09 -2.80
N LEU A 84 0.92 -8.04 -3.48
CA LEU A 84 -0.49 -7.72 -3.52
C LEU A 84 -1.17 -8.61 -4.57
N ARG A 85 -2.48 -8.47 -4.65
CA ARG A 85 -3.26 -9.25 -5.60
C ARG A 85 -4.52 -8.48 -6.01
N PRO A 86 -5.01 -8.82 -7.23
CA PRO A 86 -6.21 -8.17 -7.76
C PRO A 86 -7.47 -8.68 -7.07
N GLY A 87 -7.96 -7.88 -6.15
CA GLY A 87 -9.17 -8.24 -5.41
C GLY A 87 -9.13 -7.66 -3.99
N ASP A 88 -7.93 -7.29 -3.57
CA ASP A 88 -7.75 -6.72 -2.24
C ASP A 88 -8.43 -5.35 -2.18
N GLU A 89 -8.40 -4.76 -0.99
CA GLU A 89 -9.00 -3.45 -0.79
C GLU A 89 -8.01 -2.52 -0.09
N VAL A 90 -7.43 -1.63 -0.88
CA VAL A 90 -6.47 -0.68 -0.35
C VAL A 90 -7.21 0.38 0.47
N LEU A 91 -7.17 0.22 1.77
CA LEU A 91 -7.83 1.14 2.68
C LEU A 91 -7.15 2.52 2.56
N GLU A 92 -5.85 2.52 2.80
CA GLU A 92 -5.08 3.75 2.72
C GLU A 92 -3.98 3.63 1.67
N TRP A 93 -3.38 4.76 1.35
CA TRP A 93 -2.31 4.79 0.37
C TRP A 93 -1.32 5.87 0.78
N ASN A 94 -0.30 5.44 1.51
CA ASN A 94 0.73 6.35 1.98
C ASN A 94 0.19 7.15 3.17
N GLY A 95 -0.85 6.60 3.79
CA GLY A 95 -1.46 7.25 4.93
C GLY A 95 -2.78 7.92 4.55
N ARG A 96 -3.01 7.99 3.24
CA ARG A 96 -4.22 8.60 2.72
C ARG A 96 -5.36 7.57 2.66
N LEU A 97 -6.35 7.79 3.50
CA LEU A 97 -7.50 6.89 3.55
C LEU A 97 -8.26 6.98 2.23
N LEU A 98 -8.56 5.81 1.67
CA LEU A 98 -9.29 5.75 0.42
C LEU A 98 -10.77 5.55 0.70
N GLN A 99 -11.05 5.02 1.90
CA GLN A 99 -12.42 4.77 2.30
C GLN A 99 -13.25 6.07 2.20
N GLY A 100 -14.24 6.03 1.31
CA GLY A 100 -15.10 7.17 1.10
C GLY A 100 -14.57 8.06 -0.02
N ALA A 101 -13.26 8.04 -0.18
CA ALA A 101 -12.61 8.84 -1.21
C ALA A 101 -13.23 8.50 -2.57
N THR A 102 -13.43 9.53 -3.38
CA THR A 102 -14.01 9.35 -4.70
C THR A 102 -12.98 8.78 -5.66
N PHE A 103 -13.45 8.40 -6.84
CA PHE A 103 -12.58 7.83 -7.85
C PHE A 103 -11.36 8.72 -8.09
N GLU A 104 -11.60 10.03 -8.13
CA GLU A 104 -10.54 10.99 -8.34
C GLU A 104 -9.63 11.05 -7.10
N GLU A 105 -10.26 11.23 -5.95
CA GLU A 105 -9.53 11.32 -4.71
C GLU A 105 -8.49 10.20 -4.63
N VAL A 106 -8.94 8.99 -4.92
CA VAL A 106 -8.07 7.83 -4.89
C VAL A 106 -6.90 8.05 -5.86
N TYR A 107 -7.26 8.49 -7.06
CA TYR A 107 -6.26 8.75 -8.09
C TYR A 107 -5.32 9.88 -7.67
N ASN A 108 -5.93 11.02 -7.36
CA ASN A 108 -5.16 12.19 -6.95
C ASN A 108 -4.05 11.76 -5.98
N ILE A 109 -4.42 10.83 -5.09
CA ILE A 109 -3.48 10.33 -4.11
C ILE A 109 -2.26 9.75 -4.83
N ILE A 110 -2.47 8.59 -5.43
CA ILE A 110 -1.41 7.91 -6.15
C ILE A 110 -0.69 8.92 -7.04
N LEU A 111 -1.48 9.72 -7.74
CA LEU A 111 -0.94 10.74 -8.63
C LEU A 111 -0.08 11.71 -7.82
N GLU A 112 -0.53 11.97 -6.60
CA GLU A 112 0.19 12.89 -5.73
C GLU A 112 1.43 12.19 -5.14
N SER A 113 1.27 10.90 -4.88
CA SER A 113 2.35 10.12 -4.31
C SER A 113 3.16 9.46 -5.43
N LYS A 114 3.12 10.08 -6.60
CA LYS A 114 3.84 9.59 -7.75
C LYS A 114 5.34 9.80 -7.54
N PRO A 115 5.70 11.07 -7.20
CA PRO A 115 7.09 11.42 -6.97
C PRO A 115 7.57 10.88 -5.62
N GLU A 116 6.61 10.62 -4.74
CA GLU A 116 6.92 10.11 -3.43
C GLU A 116 8.02 9.04 -3.52
N PRO A 117 8.92 9.05 -2.51
CA PRO A 117 10.01 8.10 -2.46
C PRO A 117 9.52 6.71 -2.04
N GLN A 118 8.48 6.71 -1.21
CA GLN A 118 7.90 5.47 -0.74
C GLN A 118 6.37 5.58 -0.69
N VAL A 119 5.74 4.42 -0.70
CA VAL A 119 4.28 4.37 -0.66
C VAL A 119 3.84 3.26 0.29
N GLU A 120 3.23 3.68 1.40
CA GLU A 120 2.75 2.73 2.39
C GLU A 120 1.27 2.44 2.18
N LEU A 121 1.00 1.26 1.66
CA LEU A 121 -0.38 0.85 1.41
C LEU A 121 -0.97 0.22 2.67
N VAL A 122 -2.29 0.16 2.71
CA VAL A 122 -2.98 -0.41 3.86
C VAL A 122 -4.27 -1.09 3.38
N VAL A 123 -4.22 -2.41 3.32
CA VAL A 123 -5.37 -3.17 2.87
C VAL A 123 -5.96 -3.92 4.07
N SER A 124 -7.23 -4.29 3.94
CA SER A 124 -7.92 -5.01 5.00
C SER A 124 -8.48 -6.32 4.46
N ARG A 125 -8.20 -7.39 5.18
CA ARG A 125 -8.67 -8.71 4.79
C ARG A 125 -9.69 -9.23 5.80
N SER A 126 -10.47 -10.21 5.36
CA SER A 126 -11.49 -10.80 6.20
C SER A 126 -11.05 -12.20 6.65
N GLY A 127 -10.84 -12.32 7.95
CA GLY A 127 -10.43 -13.59 8.53
C GLY A 127 -11.62 -14.35 9.12
N PRO A 128 -11.29 -15.36 9.96
CA PRO A 128 -12.32 -16.17 10.59
C PRO A 128 -13.01 -15.40 11.73
N SER A 129 -14.17 -15.90 12.12
CA SER A 129 -14.93 -15.28 13.18
C SER A 129 -15.66 -16.33 14.01
N SER A 130 -14.94 -16.88 14.97
CA SER A 130 -15.50 -17.90 15.84
C SER A 130 -16.83 -17.43 16.43
N GLY A 131 -17.69 -18.39 16.73
CA GLY A 131 -18.99 -18.08 17.29
C GLY A 131 -19.69 -19.35 17.80
N GLY A 1 11.84 4.70 28.91
CA GLY A 1 10.61 5.33 29.38
C GLY A 1 10.91 6.60 30.18
N SER A 2 11.43 7.60 29.47
CA SER A 2 11.77 8.86 30.10
C SER A 2 11.80 9.97 29.06
N SER A 3 11.06 11.04 29.36
CA SER A 3 10.99 12.18 28.46
C SER A 3 12.39 12.61 28.05
N GLY A 4 12.54 12.91 26.76
CA GLY A 4 13.82 13.33 26.23
C GLY A 4 14.04 12.79 24.82
N SER A 5 14.13 11.47 24.73
CA SER A 5 14.34 10.81 23.46
C SER A 5 12.99 10.52 22.79
N SER A 6 12.46 11.54 22.15
CA SER A 6 11.17 11.41 21.47
C SER A 6 11.36 10.72 20.12
N GLY A 7 11.19 9.41 20.13
CA GLY A 7 11.34 8.61 18.92
C GLY A 7 10.13 8.79 18.00
N HIS A 8 10.41 9.21 16.78
CA HIS A 8 9.37 9.42 15.79
C HIS A 8 9.26 8.19 14.88
N SER A 9 8.05 7.70 14.75
CA SER A 9 7.80 6.54 13.91
C SER A 9 8.46 5.30 14.53
N HIS A 10 9.78 5.28 14.48
CA HIS A 10 10.53 4.16 15.03
C HIS A 10 10.25 2.90 14.21
N SER A 11 10.92 1.82 14.59
CA SER A 11 10.75 0.55 13.91
C SER A 11 10.69 0.77 12.39
N ASP A 12 11.84 1.14 11.84
CA ASP A 12 11.92 1.40 10.41
C ASP A 12 12.65 0.23 9.74
N LYS A 13 11.93 -0.88 9.59
CA LYS A 13 12.49 -2.06 8.97
C LYS A 13 11.49 -2.63 7.97
N HIS A 14 10.91 -3.76 8.34
CA HIS A 14 9.93 -4.42 7.49
C HIS A 14 8.97 -3.37 6.91
N PRO A 15 8.99 -3.26 5.55
CA PRO A 15 8.12 -2.31 4.88
C PRO A 15 6.68 -2.80 4.85
N VAL A 16 6.54 -4.12 4.73
CA VAL A 16 5.22 -4.73 4.69
C VAL A 16 4.96 -5.46 6.01
N THR A 17 3.71 -5.40 6.45
CA THR A 17 3.32 -6.05 7.69
C THR A 17 1.86 -6.51 7.61
N TRP A 18 1.66 -7.80 7.89
CA TRP A 18 0.34 -8.37 7.84
C TRP A 18 -0.03 -8.79 9.27
N GLN A 19 -0.97 -8.05 9.85
CA GLN A 19 -1.42 -8.33 11.19
C GLN A 19 -2.95 -8.24 11.28
N PRO A 20 -3.52 -9.04 12.21
CA PRO A 20 -4.96 -9.06 12.40
C PRO A 20 -5.44 -7.81 13.13
N SER A 21 -6.71 -7.49 12.95
CA SER A 21 -7.30 -6.33 13.58
C SER A 21 -7.58 -6.62 15.07
N LYS A 22 -8.01 -5.58 15.77
CA LYS A 22 -8.31 -5.72 17.18
C LYS A 22 -9.10 -7.00 17.41
N ASP A 23 -10.21 -7.11 16.69
CA ASP A 23 -11.07 -8.28 16.80
C ASP A 23 -10.28 -9.52 16.38
N GLY A 24 -9.77 -9.46 15.16
CA GLY A 24 -8.99 -10.57 14.62
C GLY A 24 -9.62 -11.11 13.33
N ASP A 25 -10.95 -11.09 13.31
CA ASP A 25 -11.68 -11.57 12.15
C ASP A 25 -11.11 -10.92 10.89
N ARG A 26 -10.69 -9.67 11.05
CA ARG A 26 -10.13 -8.93 9.93
C ARG A 26 -8.60 -9.02 9.95
N LEU A 27 -8.02 -8.93 8.77
CA LEU A 27 -6.58 -9.01 8.63
C LEU A 27 -6.06 -7.71 8.00
N ILE A 28 -5.28 -6.98 8.79
CA ILE A 28 -4.72 -5.72 8.33
C ILE A 28 -3.36 -5.99 7.66
N GLY A 29 -3.29 -5.67 6.39
CA GLY A 29 -2.06 -5.87 5.64
C GLY A 29 -1.45 -4.53 5.20
N ARG A 30 -0.13 -4.45 5.29
CA ARG A 30 0.57 -3.24 4.92
C ARG A 30 1.58 -3.54 3.81
N ILE A 31 1.66 -2.61 2.86
CA ILE A 31 2.58 -2.75 1.75
C ILE A 31 3.26 -1.42 1.48
N LEU A 32 4.56 -1.37 1.76
CA LEU A 32 5.33 -0.17 1.55
C LEU A 32 6.37 -0.41 0.45
N LEU A 33 6.50 0.57 -0.43
CA LEU A 33 7.44 0.47 -1.53
C LEU A 33 8.40 1.66 -1.48
N ASN A 34 9.64 1.41 -1.88
CA ASN A 34 10.65 2.45 -1.89
C ASN A 34 11.19 2.62 -3.31
N LYS A 35 11.51 3.86 -3.66
CA LYS A 35 12.03 4.16 -4.97
C LYS A 35 13.49 4.59 -4.85
N ARG A 36 13.73 5.52 -3.92
CA ARG A 36 15.07 6.02 -3.69
C ARG A 36 16.10 4.90 -3.88
N LEU A 37 16.93 5.08 -4.90
CA LEU A 37 17.96 4.10 -5.19
C LEU A 37 18.94 4.02 -4.03
N LYS A 38 20.05 3.33 -4.27
CA LYS A 38 21.07 3.18 -3.25
C LYS A 38 21.58 4.56 -2.84
N ASP A 39 21.68 5.44 -3.83
CA ASP A 39 22.15 6.79 -3.59
C ASP A 39 21.19 7.50 -2.62
N GLY A 40 19.90 7.31 -2.88
CA GLY A 40 18.87 7.92 -2.05
C GLY A 40 18.11 8.99 -2.82
N SER A 41 17.59 8.59 -3.97
CA SER A 41 16.84 9.51 -4.81
C SER A 41 16.00 8.73 -5.83
N VAL A 42 14.70 8.95 -5.79
CA VAL A 42 13.80 8.27 -6.70
C VAL A 42 14.25 8.52 -8.14
N PRO A 43 14.30 7.42 -8.93
CA PRO A 43 14.72 7.52 -10.32
C PRO A 43 13.61 8.12 -11.18
N ARG A 44 13.87 8.15 -12.49
CA ARG A 44 12.90 8.69 -13.42
C ARG A 44 11.47 8.35 -12.98
N ASP A 45 11.30 7.09 -12.60
CA ASP A 45 9.99 6.62 -12.15
C ASP A 45 10.07 5.12 -11.86
N SER A 46 10.54 4.81 -10.66
CA SER A 46 10.67 3.43 -10.23
C SER A 46 9.28 2.79 -10.08
N GLY A 47 8.61 2.65 -11.21
CA GLY A 47 7.28 2.06 -11.22
C GLY A 47 6.35 2.79 -10.24
N ALA A 48 6.02 4.02 -10.60
CA ALA A 48 5.15 4.83 -9.77
C ALA A 48 3.94 4.00 -9.34
N MET A 49 3.28 3.42 -10.33
CA MET A 49 2.10 2.60 -10.07
C MET A 49 2.44 1.47 -9.09
N LEU A 50 3.72 1.23 -8.94
CA LEU A 50 4.19 0.18 -8.04
C LEU A 50 3.88 -1.18 -8.66
N GLY A 51 3.34 -1.15 -9.87
CA GLY A 51 3.00 -2.37 -10.58
C GLY A 51 1.67 -2.94 -10.08
N LEU A 52 0.74 -2.03 -9.82
CA LEU A 52 -0.58 -2.43 -9.34
C LEU A 52 -1.60 -1.36 -9.75
N LYS A 53 -2.85 -1.81 -9.87
CA LYS A 53 -3.92 -0.91 -10.24
C LYS A 53 -4.92 -0.79 -9.09
N VAL A 54 -5.57 0.36 -9.02
CA VAL A 54 -6.54 0.60 -7.97
C VAL A 54 -7.72 1.39 -8.55
N VAL A 55 -8.92 0.98 -8.15
CA VAL A 55 -10.13 1.63 -8.63
C VAL A 55 -10.94 2.13 -7.42
N GLY A 56 -11.01 3.44 -7.30
CA GLY A 56 -11.75 4.05 -6.21
C GLY A 56 -13.12 4.54 -6.67
N GLY A 57 -13.77 5.31 -5.82
CA GLY A 57 -15.09 5.85 -6.12
C GLY A 57 -16.07 4.72 -6.46
N LYS A 58 -15.67 3.51 -6.09
CA LYS A 58 -16.51 2.35 -6.35
C LYS A 58 -17.69 2.34 -5.38
N MET A 59 -18.88 2.25 -5.94
CA MET A 59 -20.10 2.23 -5.14
C MET A 59 -20.30 0.87 -4.47
N THR A 60 -20.26 0.89 -3.14
CA THR A 60 -20.43 -0.32 -2.38
C THR A 60 -21.92 -0.60 -2.14
N GLU A 61 -22.18 -1.61 -1.33
CA GLU A 61 -23.55 -1.99 -1.01
C GLU A 61 -24.09 -1.11 0.11
N SER A 62 -23.19 -0.35 0.71
CA SER A 62 -23.56 0.54 1.80
C SER A 62 -23.66 1.97 1.29
N GLY A 63 -23.58 2.11 -0.02
CA GLY A 63 -23.66 3.42 -0.66
C GLY A 63 -22.41 4.25 -0.36
N ARG A 64 -21.34 3.54 -0.01
CA ARG A 64 -20.07 4.19 0.30
C ARG A 64 -19.06 3.93 -0.81
N LEU A 65 -17.98 4.68 -0.75
CA LEU A 65 -16.92 4.55 -1.75
C LEU A 65 -15.71 3.86 -1.10
N CYS A 66 -15.11 2.95 -1.87
CA CYS A 66 -13.95 2.23 -1.38
C CYS A 66 -13.13 1.78 -2.60
N ALA A 67 -11.82 1.80 -2.42
CA ALA A 67 -10.91 1.41 -3.49
C ALA A 67 -10.62 -0.10 -3.37
N PHE A 68 -10.26 -0.69 -4.51
CA PHE A 68 -9.96 -2.10 -4.55
C PHE A 68 -8.96 -2.41 -5.68
N ILE A 69 -8.08 -3.36 -5.39
CA ILE A 69 -7.08 -3.76 -6.37
C ILE A 69 -7.77 -4.53 -7.51
N THR A 70 -7.55 -4.04 -8.71
CA THR A 70 -8.13 -4.66 -9.89
C THR A 70 -7.13 -5.62 -10.53
N LYS A 71 -5.90 -5.13 -10.71
CA LYS A 71 -4.86 -5.94 -11.30
C LYS A 71 -3.51 -5.54 -10.70
N VAL A 72 -2.62 -6.52 -10.63
CA VAL A 72 -1.30 -6.29 -10.08
C VAL A 72 -0.28 -7.12 -10.84
N LYS A 73 0.66 -6.43 -11.48
CA LYS A 73 1.70 -7.10 -12.25
C LYS A 73 2.40 -8.12 -11.36
N LYS A 74 2.55 -9.32 -11.90
CA LYS A 74 3.21 -10.39 -11.17
C LYS A 74 4.73 -10.28 -11.35
N GLY A 75 5.38 -9.81 -10.29
CA GLY A 75 6.82 -9.65 -10.32
C GLY A 75 7.20 -8.18 -10.18
N SER A 76 6.28 -7.40 -9.64
CA SER A 76 6.51 -5.98 -9.45
C SER A 76 6.51 -5.65 -7.95
N LEU A 77 6.97 -4.45 -7.64
CA LEU A 77 7.04 -4.01 -6.25
C LEU A 77 5.79 -4.48 -5.51
N ALA A 78 4.65 -3.94 -5.92
CA ALA A 78 3.38 -4.30 -5.30
C ALA A 78 3.00 -5.71 -5.74
N ASP A 79 3.86 -6.66 -5.42
CA ASP A 79 3.62 -8.05 -5.76
C ASP A 79 4.80 -8.89 -5.31
N THR A 80 6.00 -8.36 -5.52
CA THR A 80 7.21 -9.06 -5.15
C THR A 80 7.56 -8.76 -3.68
N VAL A 81 7.57 -7.48 -3.35
CA VAL A 81 7.88 -7.06 -1.99
C VAL A 81 6.57 -6.84 -1.22
N GLY A 82 5.58 -6.33 -1.94
CA GLY A 82 4.28 -6.08 -1.33
C GLY A 82 3.45 -7.36 -1.24
N HIS A 83 3.49 -8.12 -2.32
CA HIS A 83 2.75 -9.37 -2.38
C HIS A 83 1.25 -9.09 -2.34
N LEU A 84 0.84 -8.11 -3.14
CA LEU A 84 -0.56 -7.72 -3.21
C LEU A 84 -1.28 -8.63 -4.21
N ARG A 85 -2.59 -8.45 -4.29
CA ARG A 85 -3.41 -9.23 -5.19
C ARG A 85 -4.66 -8.46 -5.59
N PRO A 86 -5.16 -8.76 -6.82
CA PRO A 86 -6.35 -8.09 -7.33
C PRO A 86 -7.61 -8.64 -6.66
N GLY A 87 -8.06 -7.89 -5.65
CA GLY A 87 -9.25 -8.28 -4.91
C GLY A 87 -9.26 -7.65 -3.52
N ASP A 88 -8.06 -7.33 -3.04
CA ASP A 88 -7.92 -6.73 -1.73
C ASP A 88 -8.58 -5.34 -1.73
N GLU A 89 -8.46 -4.66 -0.61
CA GLU A 89 -9.03 -3.33 -0.46
C GLU A 89 -8.04 -2.39 0.23
N VAL A 90 -7.46 -1.50 -0.56
CA VAL A 90 -6.50 -0.54 -0.05
C VAL A 90 -7.23 0.49 0.80
N LEU A 91 -7.04 0.37 2.11
CA LEU A 91 -7.68 1.29 3.05
C LEU A 91 -7.01 2.66 2.94
N GLU A 92 -5.71 2.67 3.20
CA GLU A 92 -4.94 3.90 3.14
C GLU A 92 -3.85 3.80 2.06
N TRP A 93 -3.30 4.96 1.72
CA TRP A 93 -2.26 5.01 0.71
C TRP A 93 -1.31 6.16 1.07
N ASN A 94 -0.27 5.81 1.81
CA ASN A 94 0.71 6.80 2.22
C ASN A 94 0.09 7.71 3.28
N GLY A 95 -0.75 7.12 4.12
CA GLY A 95 -1.41 7.86 5.18
C GLY A 95 -2.72 8.47 4.68
N ARG A 96 -2.95 8.34 3.38
CA ARG A 96 -4.15 8.87 2.76
C ARG A 96 -5.23 7.79 2.71
N LEU A 97 -6.30 8.03 3.45
CA LEU A 97 -7.40 7.08 3.49
C LEU A 97 -8.15 7.13 2.15
N LEU A 98 -8.39 5.95 1.61
CA LEU A 98 -9.10 5.84 0.34
C LEU A 98 -10.59 5.59 0.60
N GLN A 99 -10.87 5.08 1.79
CA GLN A 99 -12.24 4.79 2.17
C GLN A 99 -13.09 6.06 2.07
N GLY A 100 -14.04 6.03 1.15
CA GLY A 100 -14.92 7.16 0.95
C GLY A 100 -14.41 8.06 -0.18
N ALA A 101 -13.10 8.05 -0.36
CA ALA A 101 -12.48 8.85 -1.39
C ALA A 101 -13.09 8.49 -2.75
N THR A 102 -13.23 9.50 -3.59
CA THR A 102 -13.79 9.30 -4.92
C THR A 102 -12.74 8.71 -5.86
N PHE A 103 -13.21 8.33 -7.04
CA PHE A 103 -12.33 7.74 -8.03
C PHE A 103 -11.14 8.67 -8.34
N GLU A 104 -11.45 9.95 -8.42
CA GLU A 104 -10.43 10.95 -8.69
C GLU A 104 -9.49 11.08 -7.49
N GLU A 105 -10.08 11.11 -6.31
CA GLU A 105 -9.30 11.23 -5.09
C GLU A 105 -8.30 10.08 -4.98
N VAL A 106 -8.84 8.87 -4.96
CA VAL A 106 -8.00 7.68 -4.86
C VAL A 106 -6.82 7.81 -5.82
N TYR A 107 -7.12 8.33 -7.01
CA TYR A 107 -6.09 8.50 -8.02
C TYR A 107 -5.15 9.66 -7.65
N ASN A 108 -5.76 10.80 -7.38
CA ASN A 108 -4.99 11.99 -7.02
C ASN A 108 -3.92 11.60 -5.99
N ILE A 109 -4.26 10.62 -5.18
CA ILE A 109 -3.35 10.14 -4.15
C ILE A 109 -2.15 9.46 -4.81
N ILE A 110 -2.42 8.31 -5.43
CA ILE A 110 -1.38 7.56 -6.10
C ILE A 110 -0.59 8.49 -7.01
N LEU A 111 -1.30 9.47 -7.57
CA LEU A 111 -0.68 10.43 -8.46
C LEU A 111 0.10 11.46 -7.63
N GLU A 112 -0.45 11.78 -6.48
CA GLU A 112 0.19 12.73 -5.58
C GLU A 112 1.40 12.11 -4.91
N SER A 113 1.40 10.79 -4.87
CA SER A 113 2.50 10.05 -4.26
C SER A 113 3.39 9.44 -5.34
N LYS A 114 3.37 10.07 -6.51
CA LYS A 114 4.17 9.61 -7.62
C LYS A 114 5.64 9.98 -7.39
N PRO A 115 5.85 11.27 -7.01
CA PRO A 115 7.20 11.75 -6.75
C PRO A 115 7.71 11.24 -5.40
N GLU A 116 6.77 10.94 -4.52
CA GLU A 116 7.11 10.45 -3.20
C GLU A 116 8.22 9.40 -3.30
N PRO A 117 9.04 9.31 -2.22
CA PRO A 117 10.14 8.36 -2.17
C PRO A 117 9.62 6.94 -1.93
N GLN A 118 8.60 6.85 -1.08
CA GLN A 118 8.02 5.56 -0.76
C GLN A 118 6.49 5.65 -0.82
N VAL A 119 5.87 4.48 -0.95
CA VAL A 119 4.42 4.41 -1.03
C VAL A 119 3.92 3.35 -0.05
N GLU A 120 3.24 3.81 0.99
CA GLU A 120 2.70 2.92 1.99
C GLU A 120 1.24 2.58 1.68
N LEU A 121 0.97 1.29 1.65
CA LEU A 121 -0.38 0.82 1.36
C LEU A 121 -0.91 0.03 2.57
N VAL A 122 -2.23 -0.13 2.58
CA VAL A 122 -2.87 -0.85 3.67
C VAL A 122 -4.10 -1.57 3.14
N VAL A 123 -4.09 -2.89 3.26
CA VAL A 123 -5.19 -3.70 2.79
C VAL A 123 -5.84 -4.41 3.98
N SER A 124 -7.15 -4.56 3.91
CA SER A 124 -7.89 -5.23 4.97
C SER A 124 -8.72 -6.37 4.40
N ARG A 125 -8.35 -7.59 4.74
CA ARG A 125 -9.05 -8.76 4.27
C ARG A 125 -9.71 -9.49 5.44
N SER A 126 -10.71 -10.30 5.10
CA SER A 126 -11.42 -11.07 6.10
C SER A 126 -10.73 -12.42 6.32
N GLY A 127 -10.15 -12.58 7.50
CA GLY A 127 -9.46 -13.81 7.84
C GLY A 127 -10.45 -14.97 7.96
N PRO A 128 -9.95 -16.09 8.54
CA PRO A 128 -10.77 -17.28 8.72
C PRO A 128 -11.77 -17.09 9.85
N SER A 129 -11.72 -15.90 10.45
CA SER A 129 -12.62 -15.58 11.54
C SER A 129 -12.31 -16.48 12.75
N SER A 130 -12.32 -15.87 13.92
CA SER A 130 -12.05 -16.60 15.15
C SER A 130 -13.34 -17.21 15.70
N GLY A 131 -13.37 -18.53 15.75
CA GLY A 131 -14.53 -19.23 16.25
C GLY A 131 -15.59 -19.39 15.16
N GLY A 1 44.03 7.80 10.09
CA GLY A 1 42.59 7.73 10.28
C GLY A 1 42.16 6.35 10.77
N SER A 2 41.24 5.76 10.04
CA SER A 2 40.73 4.44 10.38
C SER A 2 40.17 3.75 9.14
N SER A 3 39.92 2.45 9.27
CA SER A 3 39.39 1.67 8.18
C SER A 3 38.77 0.38 8.71
N GLY A 4 37.44 0.41 8.85
CA GLY A 4 36.72 -0.74 9.34
C GLY A 4 35.25 -0.39 9.62
N SER A 5 35.02 0.14 10.82
CA SER A 5 33.68 0.52 11.21
C SER A 5 32.83 -0.72 11.45
N SER A 6 32.53 -1.40 10.35
CA SER A 6 31.72 -2.61 10.43
C SER A 6 30.29 -2.26 10.83
N GLY A 7 29.39 -2.37 9.87
CA GLY A 7 27.99 -2.07 10.12
C GLY A 7 27.64 -0.65 9.68
N HIS A 8 26.80 -0.56 8.66
CA HIS A 8 26.39 0.72 8.13
C HIS A 8 25.09 0.56 7.33
N SER A 9 24.31 1.63 7.29
CA SER A 9 23.06 1.62 6.58
C SER A 9 22.03 0.76 7.32
N HIS A 10 22.27 -0.54 7.29
CA HIS A 10 21.38 -1.48 7.96
C HIS A 10 19.94 -1.23 7.50
N SER A 11 19.58 -1.88 6.41
CA SER A 11 18.24 -1.74 5.86
C SER A 11 17.49 -3.07 5.97
N ASP A 12 17.12 -3.41 7.19
CA ASP A 12 16.40 -4.65 7.42
C ASP A 12 15.09 -4.34 8.17
N LYS A 13 14.13 -3.84 7.40
CA LYS A 13 12.83 -3.49 7.97
C LYS A 13 11.72 -3.95 7.01
N HIS A 14 10.99 -4.96 7.44
CA HIS A 14 9.90 -5.49 6.64
C HIS A 14 9.00 -4.35 6.19
N PRO A 15 8.92 -4.16 4.84
CA PRO A 15 8.11 -3.12 4.26
C PRO A 15 6.62 -3.49 4.32
N VAL A 16 6.37 -4.79 4.23
CA VAL A 16 5.00 -5.29 4.27
C VAL A 16 4.76 -6.00 5.60
N THR A 17 3.54 -5.89 6.07
CA THR A 17 3.16 -6.52 7.34
C THR A 17 1.67 -6.86 7.33
N TRP A 18 1.39 -8.13 7.60
CA TRP A 18 0.03 -8.61 7.63
C TRP A 18 -0.31 -8.98 9.08
N GLN A 19 -1.17 -8.17 9.68
CA GLN A 19 -1.58 -8.40 11.05
C GLN A 19 -3.09 -8.22 11.20
N PRO A 20 -3.67 -8.97 12.17
CA PRO A 20 -5.11 -8.90 12.41
C PRO A 20 -5.47 -7.60 13.15
N SER A 21 -6.73 -7.22 13.00
CA SER A 21 -7.23 -6.01 13.64
C SER A 21 -7.32 -6.22 15.15
N LYS A 22 -7.76 -5.18 15.84
CA LYS A 22 -7.89 -5.23 17.28
C LYS A 22 -8.72 -6.46 17.68
N ASP A 23 -9.80 -6.67 16.93
CA ASP A 23 -10.69 -7.79 17.18
C ASP A 23 -9.98 -9.08 16.77
N GLY A 24 -9.81 -9.23 15.47
CA GLY A 24 -9.15 -10.41 14.92
C GLY A 24 -9.93 -10.98 13.74
N ASP A 25 -11.22 -10.63 13.70
CA ASP A 25 -12.07 -11.10 12.63
C ASP A 25 -11.62 -10.51 11.30
N ARG A 26 -10.91 -9.39 11.41
CA ARG A 26 -10.40 -8.70 10.23
C ARG A 26 -8.88 -8.80 10.18
N LEU A 27 -8.35 -8.76 8.96
CA LEU A 27 -6.92 -8.84 8.76
C LEU A 27 -6.42 -7.53 8.14
N ILE A 28 -5.63 -6.81 8.92
CA ILE A 28 -5.09 -5.53 8.46
C ILE A 28 -3.69 -5.77 7.90
N GLY A 29 -3.54 -5.44 6.62
CA GLY A 29 -2.26 -5.61 5.95
C GLY A 29 -1.66 -4.25 5.57
N ARG A 30 -0.39 -4.09 5.91
CA ARG A 30 0.32 -2.85 5.62
C ARG A 30 1.49 -3.11 4.68
N ILE A 31 1.38 -2.59 3.47
CA ILE A 31 2.42 -2.76 2.47
C ILE A 31 3.22 -1.47 2.34
N LEU A 32 4.44 -1.61 1.86
CA LEU A 32 5.31 -0.46 1.69
C LEU A 32 6.12 -0.63 0.40
N LEU A 33 6.32 0.49 -0.29
CA LEU A 33 7.07 0.48 -1.53
C LEU A 33 8.08 1.62 -1.53
N ASN A 34 9.26 1.34 -2.06
CA ASN A 34 10.32 2.33 -2.12
C ASN A 34 10.73 2.54 -3.58
N LYS A 35 11.04 3.79 -3.91
CA LYS A 35 11.45 4.12 -5.26
C LYS A 35 12.92 4.53 -5.25
N ARG A 36 13.36 5.05 -4.10
CA ARG A 36 14.74 5.47 -3.95
C ARG A 36 15.69 4.39 -4.44
N LEU A 37 16.42 4.72 -5.50
CA LEU A 37 17.38 3.79 -6.07
C LEU A 37 18.29 3.26 -4.97
N LYS A 38 19.27 2.47 -5.39
CA LYS A 38 20.23 1.90 -4.46
C LYS A 38 21.08 3.03 -3.84
N ASP A 39 21.39 4.01 -4.67
CA ASP A 39 22.18 5.14 -4.23
C ASP A 39 21.56 5.73 -2.96
N GLY A 40 20.26 5.97 -3.03
CA GLY A 40 19.55 6.52 -1.89
C GLY A 40 18.69 7.73 -2.32
N SER A 41 18.05 7.58 -3.46
CA SER A 41 17.20 8.63 -3.99
C SER A 41 16.46 8.13 -5.23
N VAL A 42 15.17 8.46 -5.28
CA VAL A 42 14.34 8.06 -6.39
C VAL A 42 14.43 9.11 -7.50
N PRO A 43 14.40 8.61 -8.77
CA PRO A 43 14.49 9.50 -9.92
C PRO A 43 13.17 10.23 -10.15
N ARG A 44 13.25 11.28 -10.96
CA ARG A 44 12.07 12.08 -11.26
C ARG A 44 10.84 11.18 -11.39
N ASP A 45 11.00 10.13 -12.19
CA ASP A 45 9.91 9.18 -12.40
C ASP A 45 10.48 7.77 -12.49
N SER A 46 10.00 6.91 -11.59
CA SER A 46 10.46 5.54 -11.56
C SER A 46 9.26 4.59 -11.62
N GLY A 47 8.52 4.55 -10.51
CA GLY A 47 7.35 3.70 -10.42
C GLY A 47 6.17 4.44 -9.79
N ALA A 48 5.67 5.42 -10.53
CA ALA A 48 4.54 6.22 -10.05
C ALA A 48 3.38 5.29 -9.71
N MET A 49 3.04 4.44 -10.66
CA MET A 49 1.96 3.49 -10.47
C MET A 49 2.42 2.26 -9.70
N LEU A 50 3.70 2.26 -9.36
CA LEU A 50 4.28 1.16 -8.61
C LEU A 50 4.34 -0.08 -9.52
N GLY A 51 3.16 -0.51 -9.95
CA GLY A 51 3.06 -1.67 -10.81
C GLY A 51 1.65 -2.25 -10.77
N LEU A 52 0.94 -1.96 -9.70
CA LEU A 52 -0.42 -2.45 -9.53
C LEU A 52 -1.40 -1.37 -9.98
N LYS A 53 -2.63 -1.79 -10.19
CA LYS A 53 -3.68 -0.87 -10.61
C LYS A 53 -4.79 -0.83 -9.57
N VAL A 54 -5.04 0.36 -9.05
CA VAL A 54 -6.07 0.55 -8.04
C VAL A 54 -7.26 1.27 -8.67
N VAL A 55 -8.44 0.97 -8.14
CA VAL A 55 -9.66 1.59 -8.63
C VAL A 55 -10.50 2.05 -7.44
N GLY A 56 -10.63 3.38 -7.33
CA GLY A 56 -11.40 3.96 -6.25
C GLY A 56 -12.78 4.39 -6.74
N GLY A 57 -13.48 5.11 -5.87
CA GLY A 57 -14.81 5.59 -6.20
C GLY A 57 -15.77 4.42 -6.43
N LYS A 58 -15.31 3.23 -6.06
CA LYS A 58 -16.11 2.04 -6.22
C LYS A 58 -17.26 2.04 -5.20
N MET A 59 -18.47 2.03 -5.72
CA MET A 59 -19.65 2.04 -4.88
C MET A 59 -19.99 0.62 -4.40
N THR A 60 -19.87 0.43 -3.09
CA THR A 60 -20.16 -0.86 -2.50
C THR A 60 -21.67 -1.02 -2.27
N GLU A 61 -22.02 -2.03 -1.50
CA GLU A 61 -23.42 -2.30 -1.20
C GLU A 61 -23.89 -1.43 -0.04
N SER A 62 -22.91 -0.84 0.64
CA SER A 62 -23.21 0.03 1.78
C SER A 62 -23.17 1.50 1.35
N GLY A 63 -23.17 1.69 0.03
CA GLY A 63 -23.13 3.03 -0.52
C GLY A 63 -21.81 3.73 -0.17
N ARG A 64 -20.83 2.93 0.24
CA ARG A 64 -19.53 3.45 0.61
C ARG A 64 -18.57 3.35 -0.58
N LEU A 65 -17.51 4.13 -0.50
CA LEU A 65 -16.51 4.14 -1.55
C LEU A 65 -15.17 3.63 -0.98
N CYS A 66 -14.50 2.84 -1.79
CA CYS A 66 -13.21 2.27 -1.39
C CYS A 66 -12.43 1.91 -2.65
N ALA A 67 -11.12 1.76 -2.48
CA ALA A 67 -10.26 1.42 -3.59
C ALA A 67 -9.80 -0.04 -3.45
N PHE A 68 -10.07 -0.81 -4.50
CA PHE A 68 -9.70 -2.21 -4.51
C PHE A 68 -8.77 -2.53 -5.68
N ILE A 69 -7.81 -3.41 -5.41
CA ILE A 69 -6.85 -3.80 -6.42
C ILE A 69 -7.58 -4.49 -7.57
N THR A 70 -7.15 -4.17 -8.78
CA THR A 70 -7.75 -4.74 -9.98
C THR A 70 -6.76 -5.67 -10.67
N LYS A 71 -5.54 -5.19 -10.83
CA LYS A 71 -4.49 -5.97 -11.47
C LYS A 71 -3.13 -5.55 -10.91
N VAL A 72 -2.25 -6.54 -10.79
CA VAL A 72 -0.92 -6.29 -10.27
C VAL A 72 0.10 -7.04 -11.13
N LYS A 73 0.89 -6.26 -11.86
CA LYS A 73 1.91 -6.83 -12.72
C LYS A 73 2.80 -7.76 -11.91
N LYS A 74 3.25 -8.81 -12.56
CA LYS A 74 4.12 -9.79 -11.91
C LYS A 74 5.58 -9.42 -12.17
N GLY A 75 6.22 -8.87 -11.14
CA GLY A 75 7.61 -8.47 -11.24
C GLY A 75 7.75 -6.96 -11.08
N SER A 76 6.81 -6.37 -10.36
CA SER A 76 6.82 -4.94 -10.12
C SER A 76 6.80 -4.66 -8.62
N LEU A 77 7.00 -3.40 -8.28
CA LEU A 77 7.00 -2.98 -6.89
C LEU A 77 5.89 -3.70 -6.15
N ALA A 78 4.66 -3.32 -6.47
CA ALA A 78 3.49 -3.92 -5.83
C ALA A 78 3.37 -5.38 -6.30
N ASP A 79 4.39 -6.16 -5.98
CA ASP A 79 4.39 -7.57 -6.36
C ASP A 79 5.67 -8.21 -5.83
N THR A 80 6.80 -7.67 -6.29
CA THR A 80 8.09 -8.20 -5.88
C THR A 80 8.39 -7.80 -4.43
N VAL A 81 7.82 -6.67 -4.03
CA VAL A 81 8.02 -6.18 -2.67
C VAL A 81 6.67 -6.13 -1.95
N GLY A 82 5.66 -5.71 -2.70
CA GLY A 82 4.32 -5.61 -2.15
C GLY A 82 3.62 -6.98 -2.14
N HIS A 83 3.91 -7.75 -3.19
CA HIS A 83 3.32 -9.07 -3.32
C HIS A 83 1.81 -8.98 -3.15
N LEU A 84 1.26 -7.85 -3.58
CA LEU A 84 -0.18 -7.62 -3.47
C LEU A 84 -0.90 -8.60 -4.40
N ARG A 85 -2.20 -8.36 -4.54
CA ARG A 85 -3.03 -9.20 -5.40
C ARG A 85 -4.29 -8.45 -5.81
N PRO A 86 -4.80 -8.81 -7.02
CA PRO A 86 -6.00 -8.18 -7.54
C PRO A 86 -7.25 -8.71 -6.84
N GLY A 87 -7.65 -8.00 -5.79
CA GLY A 87 -8.82 -8.39 -5.03
C GLY A 87 -8.82 -7.73 -3.65
N ASP A 88 -7.62 -7.40 -3.19
CA ASP A 88 -7.46 -6.77 -1.89
C ASP A 88 -8.21 -5.43 -1.88
N GLU A 89 -8.14 -4.76 -0.74
CA GLU A 89 -8.81 -3.47 -0.59
C GLU A 89 -7.89 -2.49 0.13
N VAL A 90 -7.30 -1.59 -0.65
CA VAL A 90 -6.41 -0.59 -0.11
C VAL A 90 -7.23 0.48 0.61
N LEU A 91 -7.05 0.54 1.92
CA LEU A 91 -7.77 1.51 2.73
C LEU A 91 -7.07 2.87 2.63
N GLU A 92 -5.79 2.87 2.98
CA GLU A 92 -5.00 4.08 2.94
C GLU A 92 -3.90 3.96 1.88
N TRP A 93 -3.35 5.11 1.52
CA TRP A 93 -2.28 5.14 0.52
C TRP A 93 -1.25 6.18 0.97
N ASN A 94 -0.25 5.69 1.68
CA ASN A 94 0.80 6.56 2.18
C ASN A 94 0.27 7.40 3.34
N GLY A 95 -0.91 7.01 3.82
CA GLY A 95 -1.54 7.71 4.93
C GLY A 95 -2.87 8.33 4.49
N ARG A 96 -3.05 8.41 3.18
CA ARG A 96 -4.27 8.98 2.62
C ARG A 96 -5.39 7.92 2.62
N LEU A 97 -6.42 8.21 3.40
CA LEU A 97 -7.56 7.31 3.49
C LEU A 97 -8.32 7.30 2.16
N LEU A 98 -8.61 6.10 1.70
CA LEU A 98 -9.32 5.94 0.44
C LEU A 98 -10.81 5.68 0.73
N GLN A 99 -11.07 5.21 1.94
CA GLN A 99 -12.42 4.91 2.36
C GLN A 99 -13.29 6.17 2.24
N GLY A 100 -14.24 6.10 1.30
CA GLY A 100 -15.14 7.22 1.08
C GLY A 100 -14.68 8.07 -0.11
N ALA A 101 -13.36 8.18 -0.23
CA ALA A 101 -12.78 8.96 -1.31
C ALA A 101 -13.38 8.51 -2.65
N THR A 102 -13.43 9.45 -3.57
CA THR A 102 -13.98 9.16 -4.89
C THR A 102 -12.89 8.59 -5.81
N PHE A 103 -13.32 8.18 -6.99
CA PHE A 103 -12.39 7.60 -7.96
C PHE A 103 -11.22 8.55 -8.22
N GLU A 104 -11.56 9.81 -8.50
CA GLU A 104 -10.55 10.81 -8.77
C GLU A 104 -9.61 10.96 -7.56
N GLU A 105 -10.23 11.08 -6.39
CA GLU A 105 -9.47 11.23 -5.17
C GLU A 105 -8.40 10.15 -5.07
N VAL A 106 -8.86 8.91 -4.94
CA VAL A 106 -7.96 7.78 -4.83
C VAL A 106 -6.82 7.95 -5.84
N TYR A 107 -7.20 8.19 -7.09
CA TYR A 107 -6.22 8.37 -8.14
C TYR A 107 -5.28 9.54 -7.83
N ASN A 108 -5.87 10.71 -7.71
CA ASN A 108 -5.10 11.92 -7.41
C ASN A 108 -4.06 11.59 -6.33
N ILE A 109 -4.53 10.94 -5.28
CA ILE A 109 -3.64 10.57 -4.18
C ILE A 109 -2.39 9.91 -4.75
N ILE A 110 -2.60 8.79 -5.42
CA ILE A 110 -1.49 8.05 -6.02
C ILE A 110 -0.65 9.01 -6.85
N LEU A 111 -1.33 9.95 -7.50
CA LEU A 111 -0.65 10.92 -8.33
C LEU A 111 0.20 11.84 -7.46
N GLU A 112 -0.24 11.99 -6.22
CA GLU A 112 0.46 12.84 -5.27
C GLU A 112 1.65 12.10 -4.66
N SER A 113 1.67 10.79 -4.90
CA SER A 113 2.73 9.95 -4.38
C SER A 113 3.76 9.69 -5.48
N LYS A 114 3.62 10.43 -6.57
CA LYS A 114 4.53 10.29 -7.70
C LYS A 114 5.95 10.70 -7.27
N PRO A 115 6.02 11.91 -6.65
CA PRO A 115 7.30 12.43 -6.19
C PRO A 115 7.75 11.72 -4.92
N GLU A 116 6.78 11.14 -4.22
CA GLU A 116 7.06 10.42 -2.99
C GLU A 116 8.10 9.33 -3.23
N PRO A 117 9.05 9.19 -2.27
CA PRO A 117 10.10 8.19 -2.37
C PRO A 117 9.55 6.80 -2.08
N GLN A 118 8.61 6.75 -1.14
CA GLN A 118 8.00 5.49 -0.75
C GLN A 118 6.48 5.63 -0.70
N VAL A 119 5.82 4.49 -0.61
CA VAL A 119 4.37 4.46 -0.55
C VAL A 119 3.91 3.36 0.42
N GLU A 120 3.23 3.79 1.46
CA GLU A 120 2.74 2.85 2.46
C GLU A 120 1.25 2.58 2.25
N LEU A 121 0.96 1.36 1.81
CA LEU A 121 -0.40 0.95 1.55
C LEU A 121 -0.98 0.28 2.80
N VAL A 122 -2.30 0.14 2.81
CA VAL A 122 -2.98 -0.47 3.93
C VAL A 122 -4.20 -1.23 3.43
N VAL A 123 -4.12 -2.55 3.49
CA VAL A 123 -5.21 -3.39 3.04
C VAL A 123 -5.89 -4.02 4.26
N SER A 124 -7.16 -4.35 4.09
CA SER A 124 -7.93 -4.95 5.15
C SER A 124 -8.89 -6.00 4.59
N ARG A 125 -8.64 -7.25 4.95
CA ARG A 125 -9.48 -8.34 4.48
C ARG A 125 -10.16 -9.04 5.66
N SER A 126 -11.27 -9.71 5.36
CA SER A 126 -12.02 -10.41 6.38
C SER A 126 -11.33 -11.74 6.71
N GLY A 127 -11.07 -11.92 8.00
CA GLY A 127 -10.42 -13.15 8.45
C GLY A 127 -11.29 -14.37 8.16
N PRO A 128 -10.88 -15.51 8.77
CA PRO A 128 -11.62 -16.76 8.59
C PRO A 128 -12.92 -16.75 9.39
N SER A 129 -13.15 -15.64 10.07
CA SER A 129 -14.35 -15.49 10.87
C SER A 129 -15.59 -15.84 10.04
N SER A 130 -15.68 -15.20 8.88
CA SER A 130 -16.80 -15.45 7.99
C SER A 130 -16.53 -16.67 7.12
N GLY A 131 -17.44 -17.62 7.19
CA GLY A 131 -17.31 -18.84 6.42
C GLY A 131 -18.69 -19.43 6.07
N GLY A 1 24.86 -6.75 -3.84
CA GLY A 1 26.24 -7.12 -4.12
C GLY A 1 26.56 -8.49 -3.54
N SER A 2 27.21 -8.47 -2.38
CA SER A 2 27.58 -9.71 -1.72
C SER A 2 26.37 -10.64 -1.61
N SER A 3 26.58 -11.88 -2.03
CA SER A 3 25.52 -12.87 -1.99
C SER A 3 25.06 -13.09 -0.55
N GLY A 4 23.89 -12.54 -0.24
CA GLY A 4 23.33 -12.67 1.09
C GLY A 4 21.84 -13.03 1.02
N SER A 5 21.03 -11.99 0.87
CA SER A 5 19.59 -12.19 0.79
C SER A 5 19.06 -12.70 2.13
N SER A 6 18.24 -11.86 2.76
CA SER A 6 17.65 -12.21 4.04
C SER A 6 18.75 -12.33 5.10
N GLY A 7 18.72 -11.41 6.05
CA GLY A 7 19.70 -11.40 7.12
C GLY A 7 19.23 -10.53 8.29
N HIS A 8 19.19 -11.12 9.47
CA HIS A 8 18.77 -10.41 10.66
C HIS A 8 19.99 -10.09 11.52
N SER A 9 19.84 -9.07 12.35
CA SER A 9 20.92 -8.65 13.23
C SER A 9 20.51 -7.40 14.00
N HIS A 10 20.19 -6.36 13.26
CA HIS A 10 19.77 -5.10 13.86
C HIS A 10 18.99 -4.27 12.84
N SER A 11 17.95 -3.61 13.34
CA SER A 11 17.12 -2.78 12.47
C SER A 11 16.40 -3.66 11.44
N ASP A 12 15.50 -4.49 11.94
CA ASP A 12 14.74 -5.37 11.07
C ASP A 12 13.28 -4.93 11.05
N LYS A 13 13.02 -3.90 10.25
CA LYS A 13 11.67 -3.37 10.14
C LYS A 13 11.19 -3.54 8.69
N HIS A 14 10.83 -4.77 8.36
CA HIS A 14 10.35 -5.08 7.03
C HIS A 14 9.39 -3.98 6.57
N PRO A 15 9.37 -3.76 5.21
CA PRO A 15 8.51 -2.75 4.64
C PRO A 15 7.05 -3.22 4.61
N VAL A 16 6.89 -4.52 4.42
CA VAL A 16 5.56 -5.12 4.37
C VAL A 16 5.27 -5.81 5.70
N THR A 17 4.03 -5.63 6.16
CA THR A 17 3.62 -6.23 7.42
C THR A 17 2.13 -6.59 7.36
N TRP A 18 1.84 -7.83 7.73
CA TRP A 18 0.47 -8.32 7.72
C TRP A 18 0.10 -8.70 9.16
N GLN A 19 -0.76 -7.90 9.76
CA GLN A 19 -1.20 -8.15 11.12
C GLN A 19 -2.71 -7.97 11.23
N PRO A 20 -3.30 -8.71 12.22
CA PRO A 20 -4.74 -8.65 12.43
C PRO A 20 -5.13 -7.34 13.12
N SER A 21 -6.39 -6.98 12.96
CA SER A 21 -6.91 -5.76 13.56
C SER A 21 -7.05 -5.93 15.07
N LYS A 22 -7.58 -4.91 15.71
CA LYS A 22 -7.77 -4.94 17.15
C LYS A 22 -8.51 -6.22 17.54
N ASP A 23 -9.62 -6.45 16.86
CA ASP A 23 -10.43 -7.63 17.12
C ASP A 23 -9.64 -8.88 16.71
N GLY A 24 -9.47 -9.04 15.41
CA GLY A 24 -8.75 -10.17 14.88
C GLY A 24 -9.44 -10.74 13.64
N ASP A 25 -10.77 -10.71 13.67
CA ASP A 25 -11.56 -11.21 12.56
C ASP A 25 -11.09 -10.55 11.26
N ARG A 26 -10.49 -9.38 11.42
CA ARG A 26 -9.99 -8.63 10.28
C ARG A 26 -8.47 -8.71 10.21
N LEU A 27 -7.96 -8.62 8.99
CA LEU A 27 -6.52 -8.69 8.78
C LEU A 27 -6.05 -7.38 8.13
N ILE A 28 -5.16 -6.69 8.84
CA ILE A 28 -4.62 -5.43 8.35
C ILE A 28 -3.26 -5.69 7.71
N GLY A 29 -3.20 -5.44 6.40
CA GLY A 29 -1.96 -5.64 5.67
C GLY A 29 -1.36 -4.30 5.24
N ARG A 30 -0.04 -4.21 5.37
CA ARG A 30 0.66 -3.00 5.01
C ARG A 30 1.74 -3.30 3.96
N ILE A 31 1.64 -2.60 2.85
CA ILE A 31 2.59 -2.78 1.77
C ILE A 31 3.35 -1.47 1.54
N LEU A 32 4.65 -1.51 1.80
CA LEU A 32 5.49 -0.35 1.63
C LEU A 32 6.46 -0.59 0.47
N LEU A 33 6.59 0.43 -0.37
CA LEU A 33 7.48 0.34 -1.52
C LEU A 33 8.56 1.43 -1.42
N ASN A 34 9.74 1.09 -1.90
CA ASN A 34 10.85 2.01 -1.86
C ASN A 34 11.50 2.08 -3.25
N LYS A 35 11.64 3.30 -3.75
CA LYS A 35 12.25 3.51 -5.05
C LYS A 35 13.63 4.12 -4.88
N ARG A 36 13.77 4.92 -3.82
CA ARG A 36 15.03 5.58 -3.53
C ARG A 36 16.19 4.63 -3.85
N LEU A 37 16.94 4.99 -4.88
CA LEU A 37 18.09 4.20 -5.29
C LEU A 37 19.13 4.20 -4.17
N LYS A 38 20.31 3.67 -4.49
CA LYS A 38 21.39 3.61 -3.54
C LYS A 38 21.66 5.00 -2.98
N ASP A 39 21.56 5.99 -3.88
CA ASP A 39 21.79 7.37 -3.49
C ASP A 39 20.59 7.89 -2.71
N GLY A 40 19.41 7.39 -3.09
CA GLY A 40 18.18 7.80 -2.43
C GLY A 40 17.63 9.10 -3.02
N SER A 41 17.49 9.08 -4.34
CA SER A 41 16.98 10.25 -5.05
C SER A 41 15.85 9.84 -6.00
N VAL A 42 15.47 8.57 -5.89
CA VAL A 42 14.41 8.04 -6.74
C VAL A 42 14.83 8.15 -8.21
N PRO A 43 14.62 7.03 -8.94
CA PRO A 43 14.97 6.99 -10.35
C PRO A 43 13.96 7.76 -11.20
N ARG A 44 14.27 7.88 -12.48
CA ARG A 44 13.40 8.60 -13.39
C ARG A 44 11.93 8.29 -13.08
N ASP A 45 11.66 7.02 -12.86
CA ASP A 45 10.31 6.57 -12.55
C ASP A 45 10.30 5.05 -12.40
N SER A 46 10.61 4.60 -11.19
CA SER A 46 10.64 3.18 -10.89
C SER A 46 9.25 2.57 -11.12
N GLY A 47 8.25 3.25 -10.59
CA GLY A 47 6.88 2.80 -10.72
C GLY A 47 5.92 3.69 -9.94
N ALA A 48 5.45 4.73 -10.62
CA ALA A 48 4.53 5.67 -10.00
C ALA A 48 3.36 4.89 -9.37
N MET A 49 2.79 4.01 -10.17
CA MET A 49 1.67 3.20 -9.71
C MET A 49 2.16 1.95 -8.96
N LEU A 50 3.43 1.98 -8.59
CA LEU A 50 4.04 0.87 -7.87
C LEU A 50 4.17 -0.32 -8.83
N GLY A 51 3.02 -0.76 -9.32
CA GLY A 51 3.00 -1.90 -10.23
C GLY A 51 1.57 -2.43 -10.41
N LEU A 52 0.78 -2.25 -9.36
CA LEU A 52 -0.61 -2.72 -9.39
C LEU A 52 -1.52 -1.53 -9.71
N LYS A 53 -2.76 -1.86 -10.05
CA LYS A 53 -3.74 -0.84 -10.39
C LYS A 53 -4.80 -0.78 -9.30
N VAL A 54 -5.27 0.43 -9.03
CA VAL A 54 -6.29 0.64 -8.01
C VAL A 54 -7.43 1.46 -8.60
N VAL A 55 -8.64 1.10 -8.19
CA VAL A 55 -9.83 1.79 -8.67
C VAL A 55 -10.68 2.22 -7.48
N GLY A 56 -10.78 3.54 -7.31
CA GLY A 56 -11.54 4.09 -6.21
C GLY A 56 -12.94 4.53 -6.69
N GLY A 57 -13.60 5.29 -5.84
CA GLY A 57 -14.93 5.79 -6.16
C GLY A 57 -15.87 4.63 -6.52
N LYS A 58 -15.47 3.44 -6.12
CA LYS A 58 -16.26 2.25 -6.39
C LYS A 58 -17.49 2.24 -5.49
N MET A 59 -18.65 2.19 -6.12
CA MET A 59 -19.91 2.18 -5.38
C MET A 59 -20.19 0.79 -4.82
N THR A 60 -20.12 0.69 -3.50
CA THR A 60 -20.37 -0.56 -2.82
C THR A 60 -21.87 -0.85 -2.75
N GLU A 61 -22.21 -1.85 -1.97
CA GLU A 61 -23.61 -2.23 -1.81
C GLU A 61 -24.27 -1.39 -0.72
N SER A 62 -23.43 -0.66 0.00
CA SER A 62 -23.92 0.20 1.08
C SER A 62 -23.86 1.66 0.64
N GLY A 63 -23.74 1.85 -0.66
CA GLY A 63 -23.66 3.20 -1.21
C GLY A 63 -22.42 3.94 -0.71
N ARG A 64 -21.36 3.17 -0.50
CA ARG A 64 -20.12 3.73 -0.02
C ARG A 64 -19.04 3.67 -1.12
N LEU A 65 -17.99 4.44 -0.91
CA LEU A 65 -16.90 4.47 -1.87
C LEU A 65 -15.64 3.85 -1.23
N CYS A 66 -14.93 3.08 -2.03
CA CYS A 66 -13.72 2.43 -1.56
C CYS A 66 -12.89 2.01 -2.78
N ALA A 67 -11.60 1.85 -2.55
CA ALA A 67 -10.70 1.45 -3.61
C ALA A 67 -10.34 -0.03 -3.44
N PHE A 68 -10.15 -0.70 -4.57
CA PHE A 68 -9.80 -2.11 -4.56
C PHE A 68 -8.83 -2.44 -5.69
N ILE A 69 -7.94 -3.39 -5.40
CA ILE A 69 -6.95 -3.81 -6.37
C ILE A 69 -7.64 -4.56 -7.51
N THR A 70 -7.42 -4.08 -8.72
CA THR A 70 -8.01 -4.70 -9.90
C THR A 70 -7.05 -5.73 -10.50
N LYS A 71 -5.81 -5.30 -10.68
CA LYS A 71 -4.80 -6.15 -11.25
C LYS A 71 -3.43 -5.79 -10.66
N VAL A 72 -2.54 -6.77 -10.65
CA VAL A 72 -1.21 -6.57 -10.12
C VAL A 72 -0.17 -6.99 -11.17
N LYS A 73 0.85 -6.15 -11.33
CA LYS A 73 1.89 -6.43 -12.30
C LYS A 73 2.78 -7.56 -11.76
N LYS A 74 2.82 -8.64 -12.53
CA LYS A 74 3.62 -9.80 -12.15
C LYS A 74 5.10 -9.47 -12.34
N GLY A 75 5.76 -9.21 -11.22
CA GLY A 75 7.17 -8.89 -11.26
C GLY A 75 7.40 -7.39 -11.06
N SER A 76 6.63 -6.82 -10.15
CA SER A 76 6.73 -5.40 -9.85
C SER A 76 6.72 -5.18 -8.34
N LEU A 77 7.09 -3.97 -7.95
CA LEU A 77 7.13 -3.61 -6.54
C LEU A 77 5.91 -4.21 -5.83
N ALA A 78 4.75 -3.74 -6.22
CA ALA A 78 3.50 -4.22 -5.64
C ALA A 78 3.23 -5.64 -6.15
N ASP A 79 4.14 -6.54 -5.82
CA ASP A 79 4.01 -7.93 -6.23
C ASP A 79 5.25 -8.70 -5.79
N THR A 80 6.40 -8.10 -6.04
CA THR A 80 7.66 -8.73 -5.67
C THR A 80 7.98 -8.47 -4.20
N VAL A 81 7.69 -7.25 -3.76
CA VAL A 81 7.93 -6.86 -2.38
C VAL A 81 6.60 -6.74 -1.64
N GLY A 82 5.61 -6.20 -2.35
CA GLY A 82 4.30 -6.02 -1.78
C GLY A 82 3.50 -7.32 -1.81
N HIS A 83 3.69 -8.07 -2.89
CA HIS A 83 3.00 -9.34 -3.06
C HIS A 83 1.49 -9.10 -3.11
N LEU A 84 1.14 -7.85 -3.34
CA LEU A 84 -0.27 -7.47 -3.42
C LEU A 84 -0.98 -8.40 -4.39
N ARG A 85 -2.31 -8.34 -4.35
CA ARG A 85 -3.13 -9.18 -5.22
C ARG A 85 -4.43 -8.46 -5.57
N PRO A 86 -4.98 -8.82 -6.76
CA PRO A 86 -6.23 -8.23 -7.22
C PRO A 86 -7.42 -8.80 -6.45
N GLY A 87 -7.99 -7.97 -5.60
CA GLY A 87 -9.14 -8.38 -4.80
C GLY A 87 -9.07 -7.78 -3.40
N ASP A 88 -7.90 -7.27 -3.05
CA ASP A 88 -7.69 -6.66 -1.75
C ASP A 88 -8.25 -5.24 -1.77
N GLU A 89 -8.60 -4.76 -0.57
CA GLU A 89 -9.14 -3.43 -0.43
C GLU A 89 -8.12 -2.51 0.23
N VAL A 90 -7.51 -1.66 -0.59
CA VAL A 90 -6.51 -0.72 -0.09
C VAL A 90 -7.20 0.35 0.75
N LEU A 91 -7.21 0.13 2.05
CA LEU A 91 -7.83 1.07 2.97
C LEU A 91 -7.19 2.44 2.79
N GLU A 92 -5.89 2.49 3.02
CA GLU A 92 -5.14 3.73 2.89
C GLU A 92 -4.06 3.59 1.81
N TRP A 93 -3.52 4.73 1.41
CA TRP A 93 -2.49 4.76 0.39
C TRP A 93 -1.48 5.84 0.77
N ASN A 94 -0.45 5.42 1.49
CA ASN A 94 0.60 6.34 1.92
C ASN A 94 0.09 7.14 3.13
N GLY A 95 -1.15 6.87 3.49
CA GLY A 95 -1.76 7.55 4.63
C GLY A 95 -3.12 8.13 4.26
N ARG A 96 -3.37 8.20 2.96
CA ARG A 96 -4.63 8.73 2.46
C ARG A 96 -5.73 7.67 2.57
N LEU A 97 -6.81 8.05 3.23
CA LEU A 97 -7.93 7.15 3.41
C LEU A 97 -8.75 7.08 2.12
N LEU A 98 -8.84 5.88 1.57
CA LEU A 98 -9.57 5.67 0.34
C LEU A 98 -11.05 5.42 0.67
N GLN A 99 -11.30 5.15 1.94
CA GLN A 99 -12.65 4.88 2.40
C GLN A 99 -13.52 6.13 2.24
N GLY A 100 -14.47 6.04 1.32
CA GLY A 100 -15.36 7.15 1.06
C GLY A 100 -14.80 8.07 -0.02
N ALA A 101 -13.50 7.97 -0.22
CA ALA A 101 -12.82 8.78 -1.22
C ALA A 101 -13.47 8.55 -2.59
N THR A 102 -13.40 9.56 -3.43
CA THR A 102 -13.98 9.48 -4.76
C THR A 102 -12.91 9.05 -5.78
N PHE A 103 -13.40 8.49 -6.88
CA PHE A 103 -12.50 8.04 -7.93
C PHE A 103 -11.35 9.03 -8.14
N GLU A 104 -11.70 10.29 -8.21
CA GLU A 104 -10.72 11.34 -8.40
C GLU A 104 -9.72 11.36 -7.25
N GLU A 105 -10.26 11.36 -6.03
CA GLU A 105 -9.43 11.36 -4.85
C GLU A 105 -8.38 10.26 -4.93
N VAL A 106 -8.85 9.02 -4.89
CA VAL A 106 -7.96 7.88 -4.96
C VAL A 106 -6.86 8.16 -5.98
N TYR A 107 -7.28 8.51 -7.18
CA TYR A 107 -6.34 8.80 -8.25
C TYR A 107 -5.33 9.87 -7.82
N ASN A 108 -5.86 11.04 -7.48
CA ASN A 108 -5.02 12.14 -7.05
C ASN A 108 -4.02 11.63 -6.01
N ILE A 109 -4.55 11.00 -4.98
CA ILE A 109 -3.72 10.47 -3.91
C ILE A 109 -2.49 9.78 -4.53
N ILE A 110 -2.76 8.71 -5.25
CA ILE A 110 -1.70 7.96 -5.90
C ILE A 110 -0.80 8.91 -6.69
N LEU A 111 -1.44 9.93 -7.27
CA LEU A 111 -0.71 10.92 -8.05
C LEU A 111 0.13 11.77 -7.12
N GLU A 112 -0.35 11.91 -5.88
CA GLU A 112 0.36 12.70 -4.90
C GLU A 112 1.56 11.92 -4.34
N SER A 113 1.49 10.61 -4.52
CA SER A 113 2.56 9.74 -4.05
C SER A 113 3.39 9.24 -5.24
N LYS A 114 3.21 9.91 -6.37
CA LYS A 114 3.92 9.54 -7.58
C LYS A 114 5.41 9.83 -7.39
N PRO A 115 5.71 11.09 -6.97
CA PRO A 115 7.08 11.51 -6.74
C PRO A 115 7.64 10.90 -5.45
N GLU A 116 6.74 10.69 -4.50
CA GLU A 116 7.11 10.12 -3.22
C GLU A 116 8.17 9.02 -3.42
N PRO A 117 9.13 8.96 -2.46
CA PRO A 117 10.19 7.97 -2.52
C PRO A 117 9.66 6.59 -2.12
N GLN A 118 8.60 6.59 -1.33
CA GLN A 118 8.00 5.35 -0.87
C GLN A 118 6.47 5.48 -0.87
N VAL A 119 5.81 4.33 -0.73
CA VAL A 119 4.36 4.30 -0.71
C VAL A 119 3.90 3.21 0.27
N GLU A 120 3.32 3.66 1.37
CA GLU A 120 2.82 2.75 2.38
C GLU A 120 1.33 2.49 2.18
N LEU A 121 1.03 1.28 1.72
CA LEU A 121 -0.35 0.89 1.49
C LEU A 121 -0.92 0.25 2.76
N VAL A 122 -2.24 0.16 2.80
CA VAL A 122 -2.92 -0.42 3.94
C VAL A 122 -4.21 -1.10 3.47
N VAL A 123 -4.15 -2.42 3.41
CA VAL A 123 -5.30 -3.20 2.98
C VAL A 123 -5.92 -3.90 4.19
N SER A 124 -7.16 -4.31 4.03
CA SER A 124 -7.88 -4.99 5.09
C SER A 124 -8.72 -6.14 4.51
N ARG A 125 -8.56 -7.31 5.11
CA ARG A 125 -9.29 -8.49 4.67
C ARG A 125 -9.89 -9.21 5.87
N SER A 126 -10.95 -9.96 5.59
CA SER A 126 -11.63 -10.71 6.64
C SER A 126 -10.93 -12.05 6.86
N GLY A 127 -10.50 -12.27 8.09
CA GLY A 127 -9.81 -13.49 8.44
C GLY A 127 -10.74 -14.70 8.29
N PRO A 128 -10.27 -15.85 8.82
CA PRO A 128 -11.05 -17.08 8.76
C PRO A 128 -12.21 -17.05 9.75
N SER A 129 -13.03 -18.10 9.70
CA SER A 129 -14.17 -18.20 10.58
C SER A 129 -15.17 -17.09 10.26
N SER A 130 -15.94 -17.31 9.20
CA SER A 130 -16.93 -16.34 8.78
C SER A 130 -18.07 -16.28 9.79
N GLY A 131 -18.88 -15.25 9.67
CA GLY A 131 -20.01 -15.07 10.57
C GLY A 131 -19.55 -14.53 11.93
N GLY A 1 37.96 12.52 23.86
CA GLY A 1 37.22 13.43 23.00
C GLY A 1 36.54 12.69 21.85
N SER A 2 35.30 12.27 22.12
CA SER A 2 34.53 11.55 21.12
C SER A 2 33.13 11.26 21.65
N SER A 3 32.14 11.52 20.82
CA SER A 3 30.76 11.29 21.19
C SER A 3 30.28 9.94 20.64
N GLY A 4 29.20 9.45 21.22
CA GLY A 4 28.64 8.17 20.79
C GLY A 4 27.52 7.73 21.74
N SER A 5 26.44 8.51 21.72
CA SER A 5 25.29 8.21 22.56
C SER A 5 24.07 8.99 22.07
N SER A 6 23.31 8.35 21.21
CA SER A 6 22.11 8.97 20.66
C SER A 6 20.95 7.97 20.70
N GLY A 7 19.85 8.44 21.28
CA GLY A 7 18.66 7.60 21.40
C GLY A 7 18.11 7.24 20.01
N HIS A 8 16.89 6.73 20.02
CA HIS A 8 16.24 6.34 18.78
C HIS A 8 14.82 6.92 18.73
N SER A 9 14.39 7.25 17.53
CA SER A 9 13.06 7.82 17.33
C SER A 9 12.29 7.00 16.30
N HIS A 10 12.85 6.94 15.10
CA HIS A 10 12.23 6.19 14.03
C HIS A 10 12.41 4.69 14.26
N SER A 11 11.50 3.91 13.68
CA SER A 11 11.56 2.47 13.82
C SER A 11 10.60 1.81 12.83
N ASP A 12 11.00 1.82 11.57
CA ASP A 12 10.19 1.23 10.52
C ASP A 12 11.01 0.20 9.75
N LYS A 13 11.18 -0.96 10.38
CA LYS A 13 11.95 -2.04 9.78
C LYS A 13 11.15 -2.64 8.62
N HIS A 14 10.62 -3.83 8.84
CA HIS A 14 9.84 -4.51 7.84
C HIS A 14 8.84 -3.53 7.21
N PRO A 15 8.95 -3.39 5.86
CA PRO A 15 8.06 -2.50 5.12
C PRO A 15 6.66 -3.10 4.99
N VAL A 16 6.62 -4.42 4.92
CA VAL A 16 5.36 -5.12 4.80
C VAL A 16 5.00 -5.76 6.14
N THR A 17 3.71 -5.71 6.46
CA THR A 17 3.22 -6.28 7.70
C THR A 17 1.76 -6.70 7.55
N TRP A 18 1.49 -7.93 7.98
CA TRP A 18 0.13 -8.46 7.91
C TRP A 18 -0.29 -8.88 9.32
N GLN A 19 -1.21 -8.12 9.89
CA GLN A 19 -1.70 -8.41 11.22
C GLN A 19 -3.21 -8.16 11.29
N PRO A 20 -3.87 -8.90 12.23
CA PRO A 20 -5.30 -8.78 12.42
C PRO A 20 -5.66 -7.47 13.12
N SER A 21 -6.89 -7.04 12.92
CA SER A 21 -7.37 -5.80 13.53
C SER A 21 -7.55 -6.01 15.03
N LYS A 22 -8.11 -5.00 15.67
CA LYS A 22 -8.35 -5.05 17.11
C LYS A 22 -9.23 -6.26 17.43
N ASP A 23 -10.21 -6.48 16.56
CA ASP A 23 -11.12 -7.60 16.73
C ASP A 23 -10.40 -8.90 16.41
N GLY A 24 -10.14 -9.11 15.12
CA GLY A 24 -9.46 -10.31 14.68
C GLY A 24 -10.14 -10.89 13.43
N ASP A 25 -11.41 -10.57 13.29
CA ASP A 25 -12.19 -11.06 12.16
C ASP A 25 -11.58 -10.52 10.86
N ARG A 26 -10.96 -9.35 10.97
CA ARG A 26 -10.33 -8.73 9.83
C ARG A 26 -8.81 -8.90 9.88
N LEU A 27 -8.18 -8.72 8.74
CA LEU A 27 -6.74 -8.86 8.65
C LEU A 27 -6.15 -7.61 8.00
N ILE A 28 -5.50 -6.81 8.82
CA ILE A 28 -4.89 -5.57 8.35
C ILE A 28 -3.50 -5.88 7.78
N GLY A 29 -3.30 -5.49 6.53
CA GLY A 29 -2.04 -5.72 5.86
C GLY A 29 -1.48 -4.41 5.29
N ARG A 30 -0.19 -4.21 5.51
CA ARG A 30 0.48 -3.02 5.03
C ARG A 30 1.48 -3.38 3.93
N ILE A 31 1.69 -2.43 3.02
CA ILE A 31 2.61 -2.64 1.93
C ILE A 31 3.35 -1.33 1.63
N LEU A 32 4.65 -1.35 1.82
CA LEU A 32 5.47 -0.18 1.57
C LEU A 32 6.44 -0.47 0.43
N LEU A 33 6.53 0.49 -0.49
CA LEU A 33 7.41 0.35 -1.64
C LEU A 33 8.45 1.46 -1.61
N ASN A 34 9.65 1.12 -2.07
CA ASN A 34 10.73 2.08 -2.10
C ASN A 34 11.31 2.15 -3.52
N LYS A 35 10.86 3.15 -4.26
CA LYS A 35 11.31 3.33 -5.63
C LYS A 35 12.47 4.33 -5.65
N ARG A 36 13.16 4.41 -4.52
CA ARG A 36 14.29 5.32 -4.39
C ARG A 36 15.56 4.69 -4.96
N LEU A 37 16.50 5.54 -5.32
CA LEU A 37 17.75 5.08 -5.87
C LEU A 37 18.70 4.69 -4.74
N LYS A 38 19.94 4.39 -5.11
CA LYS A 38 20.95 4.00 -4.13
C LYS A 38 21.28 5.20 -3.24
N ASP A 39 21.60 6.31 -3.90
CA ASP A 39 21.94 7.53 -3.19
C ASP A 39 20.84 7.85 -2.18
N GLY A 40 19.60 7.65 -2.62
CA GLY A 40 18.45 7.91 -1.77
C GLY A 40 17.54 8.98 -2.40
N SER A 41 17.47 8.95 -3.71
CA SER A 41 16.64 9.91 -4.44
C SER A 41 15.94 9.21 -5.61
N VAL A 42 14.62 9.29 -5.60
CA VAL A 42 13.82 8.68 -6.65
C VAL A 42 14.33 9.14 -8.01
N PRO A 43 14.36 8.18 -8.96
CA PRO A 43 14.83 8.48 -10.31
C PRO A 43 13.78 9.27 -11.09
N ARG A 44 14.06 9.44 -12.37
CA ARG A 44 13.15 10.18 -13.24
C ARG A 44 11.69 9.90 -12.85
N ASP A 45 11.41 8.63 -12.61
CA ASP A 45 10.07 8.21 -12.22
C ASP A 45 10.16 6.94 -11.38
N SER A 46 10.56 5.86 -12.03
CA SER A 46 10.69 4.58 -11.35
C SER A 46 9.31 3.95 -11.17
N GLY A 47 8.51 4.06 -12.21
CA GLY A 47 7.16 3.51 -12.18
C GLY A 47 6.43 3.90 -10.90
N ALA A 48 6.13 5.18 -10.79
CA ALA A 48 5.43 5.70 -9.63
C ALA A 48 4.22 4.80 -9.33
N MET A 49 3.75 4.13 -10.37
CA MET A 49 2.61 3.24 -10.23
C MET A 49 2.96 2.02 -9.37
N LEU A 50 4.23 1.93 -9.03
CA LEU A 50 4.72 0.82 -8.23
C LEU A 50 4.65 -0.47 -9.05
N GLY A 51 3.44 -0.81 -9.46
CA GLY A 51 3.22 -2.01 -10.26
C GLY A 51 1.88 -2.65 -9.92
N LEU A 52 0.88 -1.81 -9.75
CA LEU A 52 -0.46 -2.28 -9.42
C LEU A 52 -1.48 -1.21 -9.79
N LYS A 53 -2.68 -1.67 -10.13
CA LYS A 53 -3.75 -0.77 -10.51
C LYS A 53 -4.80 -0.73 -9.40
N VAL A 54 -5.20 0.48 -9.04
CA VAL A 54 -6.20 0.65 -7.99
C VAL A 54 -7.42 1.36 -8.58
N VAL A 55 -8.58 1.00 -8.05
CA VAL A 55 -9.83 1.59 -8.51
C VAL A 55 -10.65 2.04 -7.31
N GLY A 56 -10.79 3.36 -7.20
CA GLY A 56 -11.54 3.94 -6.10
C GLY A 56 -12.92 4.42 -6.57
N GLY A 57 -13.56 5.20 -5.71
CA GLY A 57 -14.87 5.73 -6.03
C GLY A 57 -15.84 4.61 -6.43
N LYS A 58 -15.47 3.39 -6.04
CA LYS A 58 -16.29 2.24 -6.35
C LYS A 58 -17.49 2.19 -5.40
N MET A 59 -18.67 2.18 -6.00
CA MET A 59 -19.90 2.13 -5.22
C MET A 59 -20.17 0.72 -4.70
N THR A 60 -20.15 0.60 -3.38
CA THR A 60 -20.39 -0.68 -2.74
C THR A 60 -21.88 -0.84 -2.41
N GLU A 61 -22.16 -1.85 -1.60
CA GLU A 61 -23.54 -2.12 -1.20
C GLU A 61 -23.91 -1.29 0.03
N SER A 62 -22.88 -0.86 0.74
CA SER A 62 -23.08 -0.06 1.93
C SER A 62 -23.34 1.40 1.55
N GLY A 63 -23.19 1.68 0.25
CA GLY A 63 -23.40 3.02 -0.25
C GLY A 63 -22.17 3.90 -0.02
N ARG A 64 -21.04 3.23 0.16
CA ARG A 64 -19.79 3.93 0.39
C ARG A 64 -18.80 3.65 -0.73
N LEU A 65 -17.72 4.43 -0.75
CA LEU A 65 -16.70 4.27 -1.77
C LEU A 65 -15.46 3.62 -1.14
N CYS A 66 -14.91 2.65 -1.85
CA CYS A 66 -13.73 1.94 -1.37
C CYS A 66 -12.86 1.62 -2.58
N ALA A 67 -11.55 1.62 -2.34
CA ALA A 67 -10.59 1.33 -3.39
C ALA A 67 -10.16 -0.14 -3.30
N PHE A 68 -10.16 -0.80 -4.44
CA PHE A 68 -9.78 -2.20 -4.50
C PHE A 68 -8.81 -2.45 -5.64
N ILE A 69 -7.89 -3.38 -5.40
CA ILE A 69 -6.89 -3.72 -6.41
C ILE A 69 -7.58 -4.42 -7.58
N THR A 70 -7.15 -4.06 -8.78
CA THR A 70 -7.72 -4.63 -9.99
C THR A 70 -6.69 -5.53 -10.68
N LYS A 71 -5.46 -5.01 -10.77
CA LYS A 71 -4.38 -5.75 -11.40
C LYS A 71 -3.06 -5.39 -10.73
N VAL A 72 -2.18 -6.38 -10.66
CA VAL A 72 -0.88 -6.17 -10.04
C VAL A 72 0.18 -6.93 -10.86
N LYS A 73 1.08 -6.15 -11.46
CA LYS A 73 2.14 -6.73 -12.26
C LYS A 73 2.91 -7.76 -11.42
N LYS A 74 3.07 -8.95 -11.99
CA LYS A 74 3.78 -10.02 -11.31
C LYS A 74 5.28 -9.82 -11.49
N GLY A 75 5.91 -9.35 -10.41
CA GLY A 75 7.35 -9.12 -10.43
C GLY A 75 7.66 -7.64 -10.25
N SER A 76 6.72 -6.94 -9.64
CA SER A 76 6.87 -5.51 -9.40
C SER A 76 6.89 -5.23 -7.90
N LEU A 77 7.08 -3.97 -7.57
CA LEU A 77 7.12 -3.56 -6.17
C LEU A 77 5.89 -4.11 -5.46
N ALA A 78 4.72 -3.70 -5.93
CA ALA A 78 3.47 -4.14 -5.34
C ALA A 78 3.20 -5.59 -5.77
N ASP A 79 4.14 -6.45 -5.45
CA ASP A 79 4.01 -7.87 -5.79
C ASP A 79 5.21 -8.63 -5.24
N THR A 80 6.40 -8.13 -5.59
CA THR A 80 7.62 -8.77 -5.15
C THR A 80 7.89 -8.43 -3.67
N VAL A 81 7.64 -7.18 -3.33
CA VAL A 81 7.84 -6.72 -1.97
C VAL A 81 6.48 -6.51 -1.30
N GLY A 82 5.54 -5.99 -2.08
CA GLY A 82 4.21 -5.74 -1.57
C GLY A 82 3.40 -7.03 -1.48
N HIS A 83 3.61 -7.90 -2.46
CA HIS A 83 2.91 -9.17 -2.50
C HIS A 83 1.41 -8.92 -2.43
N LEU A 84 0.96 -7.93 -3.19
CA LEU A 84 -0.45 -7.58 -3.22
C LEU A 84 -1.18 -8.55 -4.15
N ARG A 85 -2.46 -8.27 -4.35
CA ARG A 85 -3.29 -9.10 -5.22
C ARG A 85 -4.49 -8.31 -5.72
N PRO A 86 -4.92 -8.64 -6.97
CA PRO A 86 -6.06 -7.97 -7.57
C PRO A 86 -7.37 -8.46 -6.96
N GLY A 87 -7.75 -7.81 -5.86
CA GLY A 87 -8.98 -8.17 -5.16
C GLY A 87 -9.02 -7.54 -3.78
N ASP A 88 -7.84 -7.36 -3.21
CA ASP A 88 -7.73 -6.77 -1.89
C ASP A 88 -8.46 -5.42 -1.87
N GLU A 89 -8.37 -4.75 -0.73
CA GLU A 89 -9.01 -3.46 -0.57
C GLU A 89 -8.08 -2.49 0.17
N VAL A 90 -7.45 -1.62 -0.61
CA VAL A 90 -6.54 -0.64 -0.04
C VAL A 90 -7.34 0.44 0.69
N LEU A 91 -7.12 0.51 2.00
CA LEU A 91 -7.82 1.49 2.81
C LEU A 91 -7.06 2.82 2.77
N GLU A 92 -5.81 2.76 3.16
CA GLU A 92 -4.96 3.95 3.18
C GLU A 92 -3.85 3.81 2.14
N TRP A 93 -3.28 4.95 1.77
CA TRP A 93 -2.20 4.98 0.80
C TRP A 93 -1.23 6.08 1.20
N ASN A 94 -0.22 5.69 1.97
CA ASN A 94 0.78 6.64 2.43
C ASN A 94 0.17 7.56 3.48
N GLY A 95 -0.84 7.03 4.16
CA GLY A 95 -1.52 7.80 5.19
C GLY A 95 -2.83 8.40 4.66
N ARG A 96 -2.96 8.37 3.34
CA ARG A 96 -4.15 8.90 2.70
C ARG A 96 -5.26 7.87 2.69
N LEU A 97 -6.32 8.19 3.42
CA LEU A 97 -7.47 7.29 3.51
C LEU A 97 -8.21 7.28 2.17
N LEU A 98 -8.49 6.07 1.70
CA LEU A 98 -9.19 5.92 0.43
C LEU A 98 -10.68 5.66 0.71
N GLN A 99 -10.95 5.21 1.93
CA GLN A 99 -12.32 4.93 2.33
C GLN A 99 -13.20 6.15 2.11
N GLY A 100 -14.15 6.00 1.19
CA GLY A 100 -15.07 7.08 0.87
C GLY A 100 -14.50 7.96 -0.25
N ALA A 101 -13.18 7.93 -0.37
CA ALA A 101 -12.52 8.72 -1.38
C ALA A 101 -13.07 8.36 -2.76
N THR A 102 -13.27 9.38 -3.58
CA THR A 102 -13.79 9.18 -4.92
C THR A 102 -12.70 8.63 -5.84
N PHE A 103 -13.13 8.22 -7.02
CA PHE A 103 -12.20 7.67 -8.00
C PHE A 103 -11.03 8.62 -8.24
N GLU A 104 -11.34 9.91 -8.26
CA GLU A 104 -10.34 10.92 -8.47
C GLU A 104 -9.46 11.08 -7.23
N GLU A 105 -10.12 11.12 -6.08
CA GLU A 105 -9.43 11.26 -4.82
C GLU A 105 -8.38 10.17 -4.66
N VAL A 106 -8.81 8.94 -4.88
CA VAL A 106 -7.92 7.79 -4.76
C VAL A 106 -6.76 7.97 -5.74
N TYR A 107 -7.09 8.46 -6.93
CA TYR A 107 -6.08 8.68 -7.95
C TYR A 107 -5.15 9.82 -7.58
N ASN A 108 -5.75 10.93 -7.15
CA ASN A 108 -4.99 12.10 -6.76
C ASN A 108 -3.89 11.68 -5.79
N ILE A 109 -4.19 10.67 -4.99
CA ILE A 109 -3.24 10.16 -4.02
C ILE A 109 -2.05 9.54 -4.75
N ILE A 110 -2.31 8.37 -5.34
CA ILE A 110 -1.26 7.67 -6.07
C ILE A 110 -0.55 8.64 -7.01
N LEU A 111 -1.32 9.57 -7.55
CA LEU A 111 -0.77 10.57 -8.45
C LEU A 111 0.06 11.58 -7.66
N GLU A 112 -0.44 11.89 -6.46
CA GLU A 112 0.25 12.84 -5.60
C GLU A 112 1.49 12.18 -4.99
N SER A 113 1.44 10.87 -4.86
CA SER A 113 2.56 10.13 -4.31
C SER A 113 3.49 9.66 -5.42
N LYS A 114 3.45 10.40 -6.54
CA LYS A 114 4.27 10.07 -7.68
C LYS A 114 5.74 10.38 -7.35
N PRO A 115 5.95 11.63 -6.84
CA PRO A 115 7.28 12.07 -6.48
C PRO A 115 7.74 11.42 -5.18
N GLU A 116 6.77 11.09 -4.34
CA GLU A 116 7.06 10.47 -3.07
C GLU A 116 8.17 9.43 -3.22
N PRO A 117 9.02 9.33 -2.16
CA PRO A 117 10.13 8.39 -2.18
C PRO A 117 9.63 6.95 -1.95
N GLN A 118 8.57 6.85 -1.16
CA GLN A 118 8.00 5.55 -0.87
C GLN A 118 6.47 5.63 -0.88
N VAL A 119 5.85 4.48 -0.98
CA VAL A 119 4.39 4.41 -1.01
C VAL A 119 3.92 3.29 -0.06
N GLU A 120 3.13 3.70 0.92
CA GLU A 120 2.61 2.75 1.89
C GLU A 120 1.13 2.48 1.62
N LEU A 121 0.79 1.20 1.62
CA LEU A 121 -0.59 0.78 1.37
C LEU A 121 -1.11 0.03 2.59
N VAL A 122 -2.43 -0.10 2.66
CA VAL A 122 -3.06 -0.80 3.77
C VAL A 122 -4.30 -1.53 3.25
N VAL A 123 -4.22 -2.85 3.26
CA VAL A 123 -5.32 -3.67 2.80
C VAL A 123 -5.95 -4.40 4.00
N SER A 124 -7.26 -4.53 3.94
CA SER A 124 -7.99 -5.20 5.01
C SER A 124 -8.57 -6.52 4.51
N ARG A 125 -7.98 -7.60 5.00
CA ARG A 125 -8.44 -8.93 4.61
C ARG A 125 -9.49 -9.45 5.59
N SER A 126 -10.21 -10.46 5.15
CA SER A 126 -11.26 -11.05 5.97
C SER A 126 -10.77 -12.39 6.55
N GLY A 127 -10.41 -12.36 7.82
CA GLY A 127 -9.93 -13.55 8.50
C GLY A 127 -8.68 -14.10 7.81
N PRO A 128 -7.85 -14.81 8.62
CA PRO A 128 -6.62 -15.39 8.11
C PRO A 128 -6.92 -16.63 7.25
N SER A 129 -5.90 -17.04 6.50
CA SER A 129 -6.04 -18.21 5.64
C SER A 129 -7.23 -18.02 4.69
N SER A 130 -6.96 -17.35 3.58
CA SER A 130 -8.00 -17.10 2.59
C SER A 130 -8.28 -18.38 1.79
N GLY A 131 -9.53 -18.52 1.38
CA GLY A 131 -9.95 -19.68 0.62
C GLY A 131 -11.18 -20.34 1.24
N GLY A 1 27.07 15.91 23.61
CA GLY A 1 25.97 16.12 22.68
C GLY A 1 26.41 15.81 21.25
N SER A 2 25.42 15.47 20.43
CA SER A 2 25.68 15.15 19.04
C SER A 2 24.85 16.06 18.13
N SER A 3 25.41 17.22 17.83
CA SER A 3 24.73 18.18 16.97
C SER A 3 24.09 17.46 15.79
N GLY A 4 22.77 17.37 15.84
CA GLY A 4 22.03 16.71 14.78
C GLY A 4 21.85 15.22 15.07
N SER A 5 20.90 14.93 15.95
CA SER A 5 20.62 13.56 16.32
C SER A 5 19.32 13.48 17.13
N SER A 6 18.40 12.66 16.63
CA SER A 6 17.12 12.49 17.30
C SER A 6 16.32 11.39 16.61
N GLY A 7 16.33 10.22 17.23
CA GLY A 7 15.61 9.08 16.70
C GLY A 7 16.30 8.54 15.44
N HIS A 8 15.66 8.78 14.30
CA HIS A 8 16.20 8.33 13.03
C HIS A 8 15.87 6.84 12.84
N SER A 9 16.43 6.02 13.71
CA SER A 9 16.21 4.59 13.65
C SER A 9 15.32 4.15 14.81
N HIS A 10 14.33 3.34 14.48
CA HIS A 10 13.40 2.83 15.48
C HIS A 10 12.44 1.82 14.84
N SER A 11 11.67 2.32 13.89
CA SER A 11 10.71 1.49 13.19
C SER A 11 11.21 1.17 11.79
N ASP A 12 12.15 0.24 11.72
CA ASP A 12 12.72 -0.16 10.45
C ASP A 12 12.63 -1.68 10.30
N LYS A 13 11.43 -2.15 9.98
CA LYS A 13 11.20 -3.57 9.81
C LYS A 13 10.81 -3.85 8.37
N HIS A 14 10.09 -4.96 8.18
CA HIS A 14 9.64 -5.35 6.85
C HIS A 14 8.69 -4.29 6.30
N PRO A 15 8.75 -4.12 4.95
CA PRO A 15 7.91 -3.14 4.29
C PRO A 15 6.46 -3.64 4.19
N VAL A 16 6.31 -4.96 4.28
CA VAL A 16 5.00 -5.56 4.21
C VAL A 16 4.67 -6.21 5.56
N THR A 17 3.43 -6.04 5.98
CA THR A 17 2.98 -6.60 7.24
C THR A 17 1.51 -7.00 7.16
N TRP A 18 1.22 -8.20 7.63
CA TRP A 18 -0.14 -8.71 7.62
C TRP A 18 -0.47 -9.22 9.02
N GLN A 19 -1.35 -8.49 9.70
CA GLN A 19 -1.75 -8.86 11.04
C GLN A 19 -3.26 -8.69 11.20
N PRO A 20 -3.83 -9.49 12.14
CA PRO A 20 -5.27 -9.43 12.40
C PRO A 20 -5.63 -8.17 13.20
N SER A 21 -6.90 -7.81 13.12
CA SER A 21 -7.39 -6.63 13.82
C SER A 21 -7.61 -6.97 15.29
N LYS A 22 -8.13 -5.98 16.01
CA LYS A 22 -8.40 -6.16 17.43
C LYS A 22 -9.17 -7.46 17.65
N ASP A 23 -10.22 -7.63 16.85
CA ASP A 23 -11.05 -8.81 16.95
C ASP A 23 -10.27 -10.02 16.38
N GLY A 24 -10.03 -9.96 15.09
CA GLY A 24 -9.31 -11.03 14.41
C GLY A 24 -10.01 -11.44 13.12
N ASP A 25 -11.33 -11.32 13.13
CA ASP A 25 -12.12 -11.67 11.96
C ASP A 25 -11.54 -10.97 10.73
N ARG A 26 -11.09 -9.74 10.94
CA ARG A 26 -10.51 -8.96 9.86
C ARG A 26 -8.98 -9.04 9.92
N LEU A 27 -8.39 -9.12 8.73
CA LEU A 27 -6.95 -9.20 8.63
C LEU A 27 -6.41 -7.88 8.08
N ILE A 28 -5.70 -7.16 8.93
CA ILE A 28 -5.13 -5.88 8.54
C ILE A 28 -3.74 -6.11 7.93
N GLY A 29 -3.47 -5.35 6.88
CA GLY A 29 -2.18 -5.46 6.20
C GLY A 29 -1.61 -4.08 5.87
N ARG A 30 -0.33 -3.92 6.16
CA ARG A 30 0.34 -2.66 5.90
C ARG A 30 1.52 -2.87 4.94
N ILE A 31 1.30 -2.46 3.70
CA ILE A 31 2.32 -2.60 2.67
C ILE A 31 3.15 -1.31 2.63
N LEU A 32 4.38 -1.46 2.13
CA LEU A 32 5.29 -0.33 2.03
C LEU A 32 6.01 -0.40 0.68
N LEU A 33 6.00 0.72 -0.02
CA LEU A 33 6.65 0.81 -1.32
C LEU A 33 7.70 1.92 -1.27
N ASN A 34 8.79 1.69 -2.00
CA ASN A 34 9.87 2.66 -2.05
C ASN A 34 10.10 3.06 -3.51
N LYS A 35 10.92 4.09 -3.68
CA LYS A 35 11.23 4.59 -5.01
C LYS A 35 12.73 4.90 -5.09
N ARG A 36 13.22 5.59 -4.07
CA ARG A 36 14.63 5.96 -4.02
C ARG A 36 15.49 4.81 -4.56
N LEU A 37 16.41 5.18 -5.45
CA LEU A 37 17.30 4.19 -6.04
C LEU A 37 18.29 3.70 -4.99
N LYS A 38 19.26 2.93 -5.45
CA LYS A 38 20.27 2.38 -4.56
C LYS A 38 21.05 3.54 -3.93
N ASP A 39 21.29 4.57 -4.72
CA ASP A 39 22.01 5.73 -4.25
C ASP A 39 21.23 6.39 -3.10
N GLY A 40 19.92 6.49 -3.30
CA GLY A 40 19.06 7.08 -2.30
C GLY A 40 18.41 8.36 -2.83
N SER A 41 17.74 8.22 -3.96
CA SER A 41 17.07 9.36 -4.58
C SER A 41 16.07 8.87 -5.63
N VAL A 42 14.92 9.54 -5.66
CA VAL A 42 13.88 9.18 -6.61
C VAL A 42 14.26 9.68 -8.00
N PRO A 43 14.24 8.73 -8.98
CA PRO A 43 14.59 9.07 -10.35
C PRO A 43 13.46 9.85 -11.02
N ARG A 44 13.72 10.22 -12.27
CA ARG A 44 12.73 10.98 -13.04
C ARG A 44 11.34 10.35 -12.86
N ASP A 45 11.33 9.05 -12.62
CA ASP A 45 10.09 8.34 -12.42
C ASP A 45 10.38 6.84 -12.30
N SER A 46 10.44 6.39 -11.05
CA SER A 46 10.72 4.99 -10.78
C SER A 46 9.49 4.14 -11.11
N GLY A 47 8.42 4.39 -10.36
CA GLY A 47 7.18 3.66 -10.56
C GLY A 47 5.99 4.45 -10.00
N ALA A 48 5.42 5.29 -10.84
CA ALA A 48 4.28 6.10 -10.44
C ALA A 48 3.19 5.19 -9.89
N MET A 49 2.72 4.29 -10.75
CA MET A 49 1.67 3.36 -10.37
C MET A 49 2.26 2.12 -9.69
N LEU A 50 3.57 2.16 -9.49
CA LEU A 50 4.27 1.05 -8.84
C LEU A 50 4.27 -0.15 -9.78
N GLY A 51 3.07 -0.61 -10.10
CA GLY A 51 2.92 -1.76 -10.99
C GLY A 51 1.48 -2.26 -11.00
N LEU A 52 0.81 -2.06 -9.87
CA LEU A 52 -0.58 -2.49 -9.75
C LEU A 52 -1.49 -1.30 -10.03
N LYS A 53 -2.78 -1.61 -10.19
CA LYS A 53 -3.76 -0.58 -10.47
C LYS A 53 -4.82 -0.58 -9.36
N VAL A 54 -5.19 0.63 -8.95
CA VAL A 54 -6.18 0.79 -7.90
C VAL A 54 -7.44 1.44 -8.48
N VAL A 55 -8.58 1.03 -7.95
CA VAL A 55 -9.86 1.56 -8.40
C VAL A 55 -10.68 2.03 -7.21
N GLY A 56 -10.86 3.34 -7.12
CA GLY A 56 -11.63 3.92 -6.03
C GLY A 56 -13.02 4.34 -6.49
N GLY A 57 -13.67 5.14 -5.66
CA GLY A 57 -15.01 5.62 -5.97
C GLY A 57 -15.94 4.45 -6.27
N LYS A 58 -15.53 3.27 -5.84
CA LYS A 58 -16.32 2.07 -6.06
C LYS A 58 -17.50 2.06 -5.08
N MET A 59 -18.69 1.91 -5.64
CA MET A 59 -19.90 1.89 -4.84
C MET A 59 -20.09 0.53 -4.16
N THR A 60 -20.02 0.55 -2.84
CA THR A 60 -20.18 -0.67 -2.06
C THR A 60 -21.65 -0.95 -1.80
N GLU A 61 -21.90 -1.88 -0.89
CA GLU A 61 -23.25 -2.25 -0.53
C GLU A 61 -23.75 -1.39 0.64
N SER A 62 -22.92 -0.43 1.00
CA SER A 62 -23.26 0.48 2.10
C SER A 62 -23.43 1.90 1.56
N GLY A 63 -23.44 2.01 0.25
CA GLY A 63 -23.59 3.31 -0.40
C GLY A 63 -22.35 4.19 -0.16
N ARG A 64 -21.25 3.52 0.17
CA ARG A 64 -20.00 4.22 0.43
C ARG A 64 -19.00 3.94 -0.69
N LEU A 65 -17.87 4.62 -0.61
CA LEU A 65 -16.83 4.46 -1.61
C LEU A 65 -15.61 3.79 -0.97
N CYS A 66 -14.98 2.92 -1.74
CA CYS A 66 -13.81 2.20 -1.26
C CYS A 66 -12.94 1.84 -2.47
N ALA A 67 -11.65 1.70 -2.20
CA ALA A 67 -10.70 1.36 -3.25
C ALA A 67 -10.31 -0.11 -3.12
N PHE A 68 -9.98 -0.70 -4.26
CA PHE A 68 -9.60 -2.10 -4.29
C PHE A 68 -8.60 -2.37 -5.43
N ILE A 69 -7.69 -3.28 -5.17
CA ILE A 69 -6.68 -3.64 -6.15
C ILE A 69 -7.36 -4.37 -7.32
N THR A 70 -7.03 -3.92 -8.51
CA THR A 70 -7.60 -4.51 -9.72
C THR A 70 -6.61 -5.50 -10.34
N LYS A 71 -5.39 -5.02 -10.54
CA LYS A 71 -4.36 -5.85 -11.12
C LYS A 71 -2.99 -5.43 -10.55
N VAL A 72 -2.14 -6.43 -10.37
CA VAL A 72 -0.81 -6.18 -9.82
C VAL A 72 0.22 -6.97 -10.64
N LYS A 73 1.05 -6.23 -11.36
CA LYS A 73 2.07 -6.83 -12.18
C LYS A 73 2.92 -7.77 -11.31
N LYS A 74 3.25 -8.92 -11.89
CA LYS A 74 4.05 -9.91 -11.18
C LYS A 74 5.53 -9.66 -11.47
N GLY A 75 6.20 -9.07 -10.50
CA GLY A 75 7.62 -8.78 -10.63
C GLY A 75 7.86 -7.26 -10.60
N SER A 76 6.97 -6.57 -9.90
CA SER A 76 7.08 -5.13 -9.78
C SER A 76 7.10 -4.72 -8.31
N LEU A 77 7.10 -3.42 -8.08
CA LEU A 77 7.13 -2.89 -6.73
C LEU A 77 5.96 -3.47 -5.93
N ALA A 78 4.76 -3.24 -6.45
CA ALA A 78 3.55 -3.74 -5.81
C ALA A 78 3.37 -5.21 -6.14
N ASP A 79 4.32 -6.02 -5.68
CA ASP A 79 4.28 -7.44 -5.93
C ASP A 79 5.52 -8.11 -5.31
N THR A 80 6.67 -7.56 -5.68
CA THR A 80 7.94 -8.08 -5.18
C THR A 80 8.33 -7.36 -3.89
N VAL A 81 7.81 -6.15 -3.73
CA VAL A 81 8.09 -5.36 -2.55
C VAL A 81 6.81 -5.19 -1.73
N GLY A 82 5.71 -5.04 -2.45
CA GLY A 82 4.42 -4.87 -1.81
C GLY A 82 3.72 -6.21 -1.60
N HIS A 83 3.90 -7.09 -2.58
CA HIS A 83 3.30 -8.40 -2.51
C HIS A 83 1.78 -8.27 -2.37
N LEU A 84 1.25 -7.26 -3.03
CA LEU A 84 -0.19 -7.00 -2.97
C LEU A 84 -0.92 -8.11 -3.75
N ARG A 85 -2.21 -7.87 -3.96
CA ARG A 85 -3.04 -8.83 -4.68
C ARG A 85 -4.29 -8.14 -5.22
N PRO A 86 -4.69 -8.57 -6.45
CA PRO A 86 -5.87 -8.01 -7.08
C PRO A 86 -7.15 -8.54 -6.44
N GLY A 87 -7.64 -7.79 -5.47
CA GLY A 87 -8.85 -8.17 -4.76
C GLY A 87 -8.90 -7.54 -3.36
N ASP A 88 -7.72 -7.25 -2.85
CA ASP A 88 -7.61 -6.64 -1.53
C ASP A 88 -8.22 -5.24 -1.56
N GLU A 89 -8.41 -4.69 -0.36
CA GLU A 89 -8.99 -3.37 -0.24
C GLU A 89 -7.98 -2.41 0.38
N VAL A 90 -7.46 -1.52 -0.47
CA VAL A 90 -6.49 -0.54 -0.02
C VAL A 90 -7.18 0.50 0.86
N LEU A 91 -6.86 0.44 2.15
CA LEU A 91 -7.44 1.38 3.11
C LEU A 91 -6.81 2.75 2.91
N GLU A 92 -5.49 2.79 3.03
CA GLU A 92 -4.76 4.04 2.88
C GLU A 92 -3.60 3.85 1.90
N TRP A 93 -3.13 4.97 1.36
CA TRP A 93 -2.04 4.95 0.40
C TRP A 93 -1.07 6.07 0.77
N ASN A 94 -0.03 5.69 1.52
CA ASN A 94 0.97 6.64 1.95
C ASN A 94 0.39 7.52 3.05
N GLY A 95 -0.67 7.02 3.67
CA GLY A 95 -1.33 7.75 4.75
C GLY A 95 -2.65 8.36 4.26
N ARG A 96 -2.86 8.27 2.96
CA ARG A 96 -4.07 8.82 2.36
C ARG A 96 -5.16 7.75 2.33
N LEU A 97 -6.20 7.99 3.12
CA LEU A 97 -7.32 7.05 3.20
C LEU A 97 -8.07 7.07 1.87
N LEU A 98 -8.37 5.87 1.38
CA LEU A 98 -9.08 5.72 0.12
C LEU A 98 -10.57 5.53 0.41
N GLN A 99 -10.85 5.04 1.61
CA GLN A 99 -12.23 4.81 2.02
C GLN A 99 -13.04 6.10 1.93
N GLY A 100 -13.99 6.11 1.00
CA GLY A 100 -14.82 7.28 0.80
C GLY A 100 -14.31 8.14 -0.35
N ALA A 101 -12.99 8.12 -0.52
CA ALA A 101 -12.37 8.89 -1.57
C ALA A 101 -13.01 8.53 -2.91
N THR A 102 -13.17 9.55 -3.75
CA THR A 102 -13.77 9.35 -5.06
C THR A 102 -12.78 8.65 -5.99
N PHE A 103 -13.28 8.30 -7.17
CA PHE A 103 -12.45 7.63 -8.16
C PHE A 103 -11.24 8.49 -8.54
N GLU A 104 -11.46 9.79 -8.58
CA GLU A 104 -10.40 10.72 -8.93
C GLU A 104 -9.44 10.90 -7.74
N GLU A 105 -10.03 11.03 -6.56
CA GLU A 105 -9.24 11.21 -5.36
C GLU A 105 -8.23 10.08 -5.21
N VAL A 106 -8.75 8.86 -5.14
CA VAL A 106 -7.91 7.69 -4.99
C VAL A 106 -6.77 7.77 -6.02
N TYR A 107 -7.14 8.10 -7.25
CA TYR A 107 -6.16 8.21 -8.32
C TYR A 107 -5.17 9.34 -8.04
N ASN A 108 -5.72 10.51 -7.77
CA ASN A 108 -4.91 11.68 -7.49
C ASN A 108 -3.85 11.32 -6.43
N ILE A 109 -4.33 10.66 -5.39
CA ILE A 109 -3.44 10.25 -4.30
C ILE A 109 -2.20 9.57 -4.89
N ILE A 110 -2.44 8.43 -5.51
CA ILE A 110 -1.35 7.67 -6.12
C ILE A 110 -0.54 8.60 -7.04
N LEU A 111 -1.23 9.61 -7.56
CA LEU A 111 -0.60 10.56 -8.45
C LEU A 111 0.24 11.54 -7.63
N GLU A 112 -0.18 11.74 -6.39
CA GLU A 112 0.53 12.64 -5.51
C GLU A 112 1.74 11.94 -4.88
N SER A 113 1.75 10.63 -5.02
CA SER A 113 2.85 9.83 -4.49
C SER A 113 3.87 9.54 -5.58
N LYS A 114 3.73 10.24 -6.69
CA LYS A 114 4.63 10.07 -7.81
C LYS A 114 6.03 10.52 -7.41
N PRO A 115 6.11 11.77 -6.88
CA PRO A 115 7.39 12.32 -6.46
C PRO A 115 7.84 11.70 -5.14
N GLU A 116 6.86 11.35 -4.32
CA GLU A 116 7.14 10.75 -3.02
C GLU A 116 8.25 9.71 -3.16
N PRO A 117 9.08 9.62 -2.08
CA PRO A 117 10.18 8.67 -2.06
C PRO A 117 9.68 7.24 -1.85
N GLN A 118 8.69 7.12 -0.98
CA GLN A 118 8.11 5.82 -0.68
C GLN A 118 6.58 5.89 -0.77
N VAL A 119 5.95 4.76 -0.46
CA VAL A 119 4.49 4.68 -0.50
C VAL A 119 4.03 3.59 0.45
N GLU A 120 3.46 4.01 1.57
CA GLU A 120 2.97 3.09 2.57
C GLU A 120 1.49 2.78 2.32
N LEU A 121 1.25 1.60 1.77
CA LEU A 121 -0.11 1.17 1.48
C LEU A 121 -0.65 0.39 2.66
N VAL A 122 -1.97 0.21 2.67
CA VAL A 122 -2.63 -0.52 3.74
C VAL A 122 -3.85 -1.25 3.18
N VAL A 123 -3.97 -2.51 3.55
CA VAL A 123 -5.07 -3.34 3.10
C VAL A 123 -5.71 -4.05 4.29
N SER A 124 -6.99 -4.36 4.14
CA SER A 124 -7.71 -5.04 5.21
C SER A 124 -8.72 -6.01 4.60
N ARG A 125 -8.44 -7.30 4.80
CA ARG A 125 -9.32 -8.34 4.28
C ARG A 125 -10.13 -8.97 5.41
N SER A 126 -11.19 -9.67 5.03
CA SER A 126 -12.05 -10.32 6.00
C SER A 126 -11.72 -11.81 6.07
N GLY A 127 -11.18 -12.21 7.22
CA GLY A 127 -10.82 -13.60 7.43
C GLY A 127 -12.06 -14.46 7.70
N PRO A 128 -11.80 -15.67 8.26
CA PRO A 128 -12.88 -16.59 8.58
C PRO A 128 -13.64 -16.13 9.82
N SER A 129 -14.92 -15.83 9.63
CA SER A 129 -15.76 -15.38 10.72
C SER A 129 -16.89 -16.38 10.95
N SER A 130 -16.76 -17.17 12.00
CA SER A 130 -17.77 -18.15 12.33
C SER A 130 -17.92 -19.15 11.19
N GLY A 131 -17.14 -20.22 11.27
CA GLY A 131 -17.18 -21.26 10.25
C GLY A 131 -16.13 -20.98 9.17
N GLY A 1 5.23 28.60 18.85
CA GLY A 1 6.27 28.72 17.85
C GLY A 1 6.53 27.37 17.16
N SER A 2 7.80 27.05 17.01
CA SER A 2 8.18 25.81 16.37
C SER A 2 7.73 25.81 14.90
N SER A 3 8.26 24.85 14.16
CA SER A 3 7.92 24.73 12.75
C SER A 3 8.10 23.28 12.29
N GLY A 4 7.01 22.71 11.79
CA GLY A 4 7.04 21.34 11.31
C GLY A 4 6.44 20.39 12.34
N SER A 5 7.19 20.18 13.41
CA SER A 5 6.73 19.29 14.47
C SER A 5 6.64 17.85 13.95
N SER A 6 7.26 16.95 14.69
CA SER A 6 7.26 15.54 14.32
C SER A 6 7.50 14.68 15.56
N GLY A 7 6.91 13.49 15.54
CA GLY A 7 7.05 12.57 16.65
C GLY A 7 6.39 11.22 16.32
N HIS A 8 7.25 10.22 16.12
CA HIS A 8 6.77 8.88 15.80
C HIS A 8 7.74 7.85 16.37
N SER A 9 7.35 6.59 16.26
CA SER A 9 8.16 5.50 16.75
C SER A 9 9.00 4.92 15.62
N HIS A 10 10.05 4.21 16.00
CA HIS A 10 10.95 3.59 15.03
C HIS A 10 10.26 2.37 14.41
N SER A 11 10.66 2.06 13.18
CA SER A 11 10.10 0.94 12.47
C SER A 11 10.87 0.71 11.17
N ASP A 12 12.03 0.11 11.30
CA ASP A 12 12.87 -0.18 10.14
C ASP A 12 13.09 -1.69 10.04
N LYS A 13 12.08 -2.37 9.54
CA LYS A 13 12.14 -3.82 9.38
C LYS A 13 11.58 -4.21 8.01
N HIS A 14 10.41 -4.82 8.04
CA HIS A 14 9.76 -5.25 6.81
C HIS A 14 8.87 -4.12 6.29
N PRO A 15 8.79 -4.04 4.94
CA PRO A 15 7.98 -3.01 4.30
C PRO A 15 6.50 -3.36 4.39
N VAL A 16 6.21 -4.64 4.25
CA VAL A 16 4.84 -5.11 4.31
C VAL A 16 4.59 -5.77 5.68
N THR A 17 3.37 -5.57 6.16
CA THR A 17 2.99 -6.13 7.46
C THR A 17 1.53 -6.57 7.44
N TRP A 18 1.32 -7.84 7.73
CA TRP A 18 -0.01 -8.40 7.75
C TRP A 18 -0.35 -8.77 9.20
N GLN A 19 -1.27 -7.99 9.77
CA GLN A 19 -1.68 -8.23 11.14
C GLN A 19 -3.20 -8.12 11.26
N PRO A 20 -3.76 -8.90 12.22
CA PRO A 20 -5.20 -8.91 12.45
C PRO A 20 -5.65 -7.63 13.17
N SER A 21 -6.92 -7.31 12.98
CA SER A 21 -7.48 -6.13 13.60
C SER A 21 -7.58 -6.33 15.11
N LYS A 22 -8.25 -5.38 15.77
CA LYS A 22 -8.42 -5.44 17.21
C LYS A 22 -9.11 -6.76 17.58
N ASP A 23 -10.16 -7.08 16.82
CA ASP A 23 -10.90 -8.30 17.06
C ASP A 23 -10.05 -9.51 16.64
N GLY A 24 -9.92 -9.67 15.33
CA GLY A 24 -9.14 -10.76 14.79
C GLY A 24 -9.81 -11.34 13.53
N ASP A 25 -11.13 -11.27 13.52
CA ASP A 25 -11.89 -11.77 12.39
C ASP A 25 -11.39 -11.13 11.10
N ARG A 26 -10.90 -9.90 11.24
CA ARG A 26 -10.38 -9.16 10.11
C ARG A 26 -8.85 -9.21 10.10
N LEU A 27 -8.30 -8.97 8.92
CA LEU A 27 -6.85 -8.97 8.74
C LEU A 27 -6.40 -7.65 8.14
N ILE A 28 -5.70 -6.87 8.94
CA ILE A 28 -5.21 -5.58 8.49
C ILE A 28 -3.79 -5.74 7.94
N GLY A 29 -3.65 -5.44 6.65
CA GLY A 29 -2.36 -5.55 6.00
C GLY A 29 -1.85 -4.18 5.55
N ARG A 30 -0.56 -3.96 5.80
CA ARG A 30 0.06 -2.70 5.43
C ARG A 30 1.29 -2.95 4.56
N ILE A 31 1.20 -2.48 3.32
CA ILE A 31 2.29 -2.65 2.38
C ILE A 31 3.11 -1.36 2.31
N LEU A 32 4.34 -1.49 1.86
CA LEU A 32 5.23 -0.35 1.75
C LEU A 32 6.05 -0.48 0.47
N LEU A 33 6.24 0.66 -0.20
CA LEU A 33 7.01 0.70 -1.42
C LEU A 33 7.99 1.86 -1.38
N ASN A 34 9.18 1.63 -1.92
CA ASN A 34 10.21 2.65 -1.95
C ASN A 34 10.67 2.87 -3.40
N LYS A 35 11.15 4.07 -3.65
CA LYS A 35 11.62 4.42 -4.98
C LYS A 35 13.11 4.78 -4.92
N ARG A 36 13.47 5.51 -3.88
CA ARG A 36 14.85 5.92 -3.68
C ARG A 36 15.79 4.77 -4.05
N LEU A 37 16.59 5.00 -5.08
CA LEU A 37 17.53 3.99 -5.53
C LEU A 37 18.43 3.59 -4.36
N LYS A 38 19.26 2.59 -4.61
CA LYS A 38 20.18 2.09 -3.60
C LYS A 38 20.88 3.27 -2.94
N ASP A 39 21.42 4.15 -3.77
CA ASP A 39 22.12 5.33 -3.28
C ASP A 39 21.22 6.08 -2.30
N GLY A 40 19.97 6.24 -2.70
CA GLY A 40 19.01 6.93 -1.87
C GLY A 40 18.43 8.16 -2.59
N SER A 41 18.08 7.95 -3.85
CA SER A 41 17.53 9.01 -4.66
C SER A 41 16.48 8.45 -5.62
N VAL A 42 15.34 9.11 -5.65
CA VAL A 42 14.24 8.68 -6.51
C VAL A 42 14.57 9.05 -7.96
N PRO A 43 14.38 8.06 -8.86
CA PRO A 43 14.66 8.26 -10.27
C PRO A 43 13.56 9.12 -10.93
N ARG A 44 13.81 9.51 -12.17
CA ARG A 44 12.86 10.31 -12.90
C ARG A 44 11.44 9.77 -12.73
N ASP A 45 11.37 8.45 -12.60
CA ASP A 45 10.09 7.79 -12.42
C ASP A 45 10.31 6.32 -12.06
N SER A 46 10.13 6.02 -10.78
CA SER A 46 10.31 4.67 -10.30
C SER A 46 8.96 3.96 -10.21
N GLY A 47 8.16 4.15 -11.25
CA GLY A 47 6.84 3.54 -11.30
C GLY A 47 5.82 4.35 -10.51
N ALA A 48 5.23 5.32 -11.18
CA ALA A 48 4.24 6.17 -10.56
C ALA A 48 3.17 5.30 -9.89
N MET A 49 2.61 4.40 -10.69
CA MET A 49 1.58 3.50 -10.20
C MET A 49 2.19 2.25 -9.58
N LEU A 50 3.49 2.31 -9.35
CA LEU A 50 4.21 1.20 -8.76
C LEU A 50 4.22 0.03 -9.74
N GLY A 51 3.06 -0.61 -9.87
CA GLY A 51 2.93 -1.74 -10.77
C GLY A 51 1.60 -2.47 -10.55
N LEU A 52 0.56 -1.69 -10.31
CA LEU A 52 -0.75 -2.24 -10.07
C LEU A 52 -1.81 -1.17 -10.38
N LYS A 53 -3.02 -1.65 -10.66
CA LYS A 53 -4.12 -0.76 -10.98
C LYS A 53 -5.08 -0.70 -9.78
N VAL A 54 -5.49 0.51 -9.45
CA VAL A 54 -6.40 0.72 -8.34
C VAL A 54 -7.64 1.48 -8.84
N VAL A 55 -8.77 1.17 -8.22
CA VAL A 55 -10.02 1.81 -8.59
C VAL A 55 -10.78 2.20 -7.31
N GLY A 56 -10.89 3.50 -7.11
CA GLY A 56 -11.59 4.01 -5.94
C GLY A 56 -12.99 4.51 -6.30
N GLY A 57 -13.63 5.14 -5.33
CA GLY A 57 -14.97 5.66 -5.54
C GLY A 57 -15.97 4.53 -5.85
N LYS A 58 -15.50 3.31 -5.65
CA LYS A 58 -16.33 2.14 -5.91
C LYS A 58 -17.41 2.04 -4.82
N MET A 59 -18.66 2.05 -5.28
CA MET A 59 -19.78 1.96 -4.37
C MET A 59 -19.96 0.52 -3.86
N THR A 60 -19.74 0.35 -2.57
CA THR A 60 -19.88 -0.96 -1.95
C THR A 60 -21.34 -1.22 -1.58
N GLU A 61 -21.53 -2.21 -0.73
CA GLU A 61 -22.87 -2.58 -0.29
C GLU A 61 -23.32 -1.66 0.86
N SER A 62 -22.33 -1.06 1.51
CA SER A 62 -22.61 -0.17 2.62
C SER A 62 -22.73 1.27 2.12
N GLY A 63 -22.75 1.41 0.80
CA GLY A 63 -22.85 2.72 0.18
C GLY A 63 -21.58 3.53 0.41
N ARG A 64 -20.51 2.82 0.74
CA ARG A 64 -19.23 3.47 0.99
C ARG A 64 -18.32 3.33 -0.24
N LEU A 65 -17.26 4.11 -0.24
CA LEU A 65 -16.31 4.07 -1.34
C LEU A 65 -14.95 3.59 -0.81
N CYS A 66 -14.32 2.72 -1.59
CA CYS A 66 -13.02 2.18 -1.23
C CYS A 66 -12.26 1.85 -2.50
N ALA A 67 -10.95 1.78 -2.37
CA ALA A 67 -10.09 1.46 -3.50
C ALA A 67 -9.89 -0.05 -3.58
N PHE A 68 -10.04 -0.57 -4.79
CA PHE A 68 -9.88 -2.00 -5.01
C PHE A 68 -8.80 -2.27 -6.07
N ILE A 69 -8.08 -3.37 -5.86
CA ILE A 69 -7.02 -3.75 -6.78
C ILE A 69 -7.63 -4.53 -7.96
N THR A 70 -7.40 -4.01 -9.16
CA THR A 70 -7.91 -4.64 -10.36
C THR A 70 -6.88 -5.62 -10.92
N LYS A 71 -5.65 -5.17 -10.98
CA LYS A 71 -4.57 -6.00 -11.50
C LYS A 71 -3.26 -5.60 -10.81
N VAL A 72 -2.30 -6.52 -10.87
CA VAL A 72 -1.00 -6.27 -10.27
C VAL A 72 0.10 -6.78 -11.21
N LYS A 73 0.93 -5.85 -11.66
CA LYS A 73 2.01 -6.18 -12.56
C LYS A 73 2.87 -7.28 -11.93
N LYS A 74 3.31 -8.20 -12.79
CA LYS A 74 4.14 -9.30 -12.33
C LYS A 74 5.61 -8.91 -12.44
N GLY A 75 6.18 -8.59 -11.29
CA GLY A 75 7.58 -8.20 -11.24
C GLY A 75 7.72 -6.69 -11.09
N SER A 76 6.92 -6.13 -10.19
CA SER A 76 6.94 -4.70 -9.95
C SER A 76 6.87 -4.43 -8.44
N LEU A 77 7.03 -3.16 -8.09
CA LEU A 77 6.98 -2.75 -6.70
C LEU A 77 5.83 -3.48 -6.00
N ALA A 78 4.62 -3.07 -6.37
CA ALA A 78 3.42 -3.66 -5.79
C ALA A 78 3.28 -5.10 -6.27
N ASP A 79 4.27 -5.91 -5.91
CA ASP A 79 4.26 -7.31 -6.30
C ASP A 79 5.57 -7.97 -5.83
N THR A 80 6.68 -7.35 -6.21
CA THR A 80 7.98 -7.87 -5.84
C THR A 80 8.28 -7.54 -4.38
N VAL A 81 7.68 -6.45 -3.90
CA VAL A 81 7.88 -6.03 -2.53
C VAL A 81 6.53 -6.04 -1.80
N GLY A 82 5.51 -5.59 -2.51
CA GLY A 82 4.18 -5.53 -1.95
C GLY A 82 3.49 -6.90 -2.01
N HIS A 83 3.64 -7.55 -3.17
CA HIS A 83 3.04 -8.86 -3.37
C HIS A 83 1.51 -8.73 -3.42
N LEU A 84 1.05 -7.49 -3.47
CA LEU A 84 -0.37 -7.23 -3.53
C LEU A 84 -1.02 -8.14 -4.57
N ARG A 85 -2.34 -8.12 -4.58
CA ARG A 85 -3.09 -8.94 -5.51
C ARG A 85 -4.41 -8.26 -5.87
N PRO A 86 -4.92 -8.60 -7.09
CA PRO A 86 -6.17 -8.04 -7.57
C PRO A 86 -7.37 -8.66 -6.85
N GLY A 87 -7.98 -7.88 -5.97
CA GLY A 87 -9.13 -8.35 -5.22
C GLY A 87 -9.18 -7.71 -3.84
N ASP A 88 -8.00 -7.34 -3.35
CA ASP A 88 -7.90 -6.71 -2.04
C ASP A 88 -8.55 -5.33 -2.09
N GLU A 89 -8.50 -4.64 -0.96
CA GLU A 89 -9.07 -3.31 -0.86
C GLU A 89 -8.12 -2.37 -0.14
N VAL A 90 -7.56 -1.43 -0.89
CA VAL A 90 -6.64 -0.47 -0.35
C VAL A 90 -7.41 0.58 0.46
N LEU A 91 -7.02 0.71 1.72
CA LEU A 91 -7.67 1.67 2.61
C LEU A 91 -6.87 2.96 2.63
N GLU A 92 -5.62 2.85 3.04
CA GLU A 92 -4.74 4.01 3.09
C GLU A 92 -3.61 3.87 2.08
N TRP A 93 -3.16 5.02 1.57
CA TRP A 93 -2.09 5.04 0.59
C TRP A 93 -1.12 6.15 0.97
N ASN A 94 -0.10 5.76 1.72
CA ASN A 94 0.90 6.72 2.16
C ASN A 94 0.32 7.59 3.29
N GLY A 95 -0.76 7.10 3.86
CA GLY A 95 -1.43 7.82 4.93
C GLY A 95 -2.73 8.45 4.46
N ARG A 96 -2.91 8.43 3.14
CA ARG A 96 -4.11 9.00 2.54
C ARG A 96 -5.24 7.98 2.55
N LEU A 97 -6.26 8.30 3.33
CA LEU A 97 -7.43 7.42 3.43
C LEU A 97 -8.16 7.38 2.10
N LEU A 98 -8.48 6.17 1.66
CA LEU A 98 -9.18 5.98 0.41
C LEU A 98 -10.67 5.74 0.68
N GLN A 99 -10.94 5.32 1.91
CA GLN A 99 -12.31 5.05 2.32
C GLN A 99 -13.16 6.32 2.18
N GLY A 100 -14.15 6.24 1.31
CA GLY A 100 -15.04 7.36 1.08
C GLY A 100 -14.59 8.19 -0.13
N ALA A 101 -13.28 8.23 -0.31
CA ALA A 101 -12.69 8.98 -1.41
C ALA A 101 -13.18 8.38 -2.73
N THR A 102 -13.39 9.25 -3.70
CA THR A 102 -13.85 8.82 -5.02
C THR A 102 -12.70 8.20 -5.81
N PHE A 103 -13.04 7.69 -6.98
CA PHE A 103 -12.05 7.07 -7.85
C PHE A 103 -10.93 8.05 -8.19
N GLU A 104 -11.34 9.25 -8.60
CA GLU A 104 -10.37 10.28 -8.96
C GLU A 104 -9.52 10.65 -7.75
N GLU A 105 -10.18 10.76 -6.61
CA GLU A 105 -9.49 11.11 -5.38
C GLU A 105 -8.43 10.07 -5.05
N VAL A 106 -8.87 8.83 -4.96
CA VAL A 106 -7.97 7.73 -4.66
C VAL A 106 -6.79 7.75 -5.63
N TYR A 107 -7.11 8.03 -6.89
CA TYR A 107 -6.09 8.09 -7.93
C TYR A 107 -5.14 9.26 -7.70
N ASN A 108 -5.72 10.44 -7.57
CA ASN A 108 -4.94 11.64 -7.34
C ASN A 108 -3.84 11.35 -6.32
N ILE A 109 -4.21 10.60 -5.30
CA ILE A 109 -3.27 10.23 -4.25
C ILE A 109 -2.05 9.55 -4.89
N ILE A 110 -2.29 8.36 -5.43
CA ILE A 110 -1.23 7.60 -6.07
C ILE A 110 -0.42 8.53 -6.98
N LEU A 111 -1.09 9.56 -7.47
CA LEU A 111 -0.45 10.52 -8.35
C LEU A 111 0.46 11.43 -7.53
N GLU A 112 -0.15 12.18 -6.63
CA GLU A 112 0.59 13.10 -5.77
C GLU A 112 1.76 12.37 -5.12
N SER A 113 1.64 11.05 -5.05
CA SER A 113 2.67 10.23 -4.45
C SER A 113 3.62 9.70 -5.53
N LYS A 114 3.68 10.44 -6.63
CA LYS A 114 4.54 10.07 -7.74
C LYS A 114 6.00 10.35 -7.36
N PRO A 115 6.24 11.59 -6.88
CA PRO A 115 7.58 11.99 -6.48
C PRO A 115 7.96 11.37 -5.14
N GLU A 116 6.94 11.05 -4.36
CA GLU A 116 7.16 10.44 -3.05
C GLU A 116 8.28 9.40 -3.13
N PRO A 117 9.10 9.36 -2.05
CA PRO A 117 10.21 8.42 -1.98
C PRO A 117 9.71 7.00 -1.70
N GLN A 118 8.61 6.93 -0.96
CA GLN A 118 8.03 5.65 -0.60
C GLN A 118 6.50 5.75 -0.63
N VAL A 119 5.86 4.59 -0.51
CA VAL A 119 4.41 4.53 -0.52
C VAL A 119 3.95 3.42 0.44
N GLU A 120 3.14 3.83 1.40
CA GLU A 120 2.61 2.90 2.39
C GLU A 120 1.15 2.57 2.09
N LEU A 121 0.94 1.36 1.58
CA LEU A 121 -0.40 0.91 1.24
C LEU A 121 -0.94 0.04 2.38
N VAL A 122 -2.26 -0.12 2.40
CA VAL A 122 -2.90 -0.92 3.41
C VAL A 122 -4.12 -1.62 2.81
N VAL A 123 -4.29 -2.88 3.20
CA VAL A 123 -5.42 -3.67 2.71
C VAL A 123 -6.08 -4.39 3.87
N SER A 124 -7.39 -4.48 3.80
CA SER A 124 -8.16 -5.15 4.84
C SER A 124 -8.66 -6.51 4.34
N ARG A 125 -8.34 -7.54 5.10
CA ARG A 125 -8.74 -8.89 4.75
C ARG A 125 -9.77 -9.41 5.75
N SER A 126 -10.46 -10.47 5.35
CA SER A 126 -11.46 -11.07 6.20
C SER A 126 -11.03 -12.48 6.61
N GLY A 127 -10.59 -12.60 7.85
CA GLY A 127 -10.13 -13.87 8.38
C GLY A 127 -11.33 -14.77 8.74
N PRO A 128 -11.02 -15.86 9.51
CA PRO A 128 -12.04 -16.79 9.93
C PRO A 128 -12.90 -16.19 11.05
N SER A 129 -14.17 -15.98 10.74
CA SER A 129 -15.09 -15.41 11.72
C SER A 129 -16.26 -16.37 11.94
N SER A 130 -16.84 -16.27 13.12
CA SER A 130 -17.96 -17.13 13.48
C SER A 130 -19.11 -16.93 12.48
N GLY A 131 -19.83 -18.00 12.24
CA GLY A 131 -20.95 -17.97 11.31
C GLY A 131 -20.56 -18.57 9.96
N GLY A 1 40.08 17.91 21.11
CA GLY A 1 39.77 17.07 22.25
C GLY A 1 38.93 15.87 21.84
N SER A 2 38.81 14.91 22.74
CA SER A 2 38.04 13.70 22.49
C SER A 2 36.96 13.55 23.54
N SER A 3 35.81 13.05 23.10
CA SER A 3 34.69 12.84 24.00
C SER A 3 33.68 11.87 23.36
N GLY A 4 32.83 11.33 24.21
CA GLY A 4 31.82 10.39 23.74
C GLY A 4 30.55 11.12 23.30
N SER A 5 30.15 10.83 22.08
CA SER A 5 28.95 11.45 21.52
C SER A 5 28.66 10.87 20.13
N SER A 6 28.02 9.72 20.14
CA SER A 6 27.67 9.05 18.89
C SER A 6 26.78 7.84 19.17
N GLY A 7 26.00 7.47 18.16
CA GLY A 7 25.10 6.34 18.28
C GLY A 7 24.28 6.15 17.01
N HIS A 8 23.28 7.02 16.86
CA HIS A 8 22.42 6.96 15.69
C HIS A 8 21.85 5.54 15.54
N SER A 9 20.63 5.38 16.02
CA SER A 9 19.97 4.09 15.95
C SER A 9 18.95 4.08 14.80
N HIS A 10 18.92 2.96 14.10
CA HIS A 10 18.00 2.82 12.98
C HIS A 10 16.85 1.88 13.37
N SER A 11 15.90 1.75 12.45
CA SER A 11 14.76 0.89 12.68
C SER A 11 14.05 0.60 11.36
N ASP A 12 14.66 -0.28 10.58
CA ASP A 12 14.09 -0.65 9.29
C ASP A 12 13.97 -2.17 9.22
N LYS A 13 12.93 -2.68 9.87
CA LYS A 13 12.68 -4.11 9.88
C LYS A 13 12.10 -4.54 8.54
N HIS A 14 10.78 -4.68 8.51
CA HIS A 14 10.09 -5.07 7.30
C HIS A 14 9.17 -3.94 6.83
N PRO A 15 9.12 -3.76 5.49
CA PRO A 15 8.29 -2.72 4.91
C PRO A 15 6.81 -3.12 4.93
N VAL A 16 6.57 -4.39 4.66
CA VAL A 16 5.21 -4.92 4.65
C VAL A 16 4.96 -5.66 5.96
N THR A 17 3.72 -5.54 6.44
CA THR A 17 3.33 -6.19 7.68
C THR A 17 1.86 -6.58 7.64
N TRP A 18 1.60 -7.86 7.84
CA TRP A 18 0.24 -8.37 7.83
C TRP A 18 -0.14 -8.74 9.26
N GLN A 19 -1.03 -7.95 9.84
CA GLN A 19 -1.48 -8.19 11.20
C GLN A 19 -3.00 -8.08 11.29
N PRO A 20 -3.58 -8.85 12.24
CA PRO A 20 -5.02 -8.84 12.44
C PRO A 20 -5.47 -7.56 13.14
N SER A 21 -6.76 -7.26 12.98
CA SER A 21 -7.33 -6.07 13.60
C SER A 21 -7.55 -6.31 15.09
N LYS A 22 -7.93 -5.25 15.77
CA LYS A 22 -8.17 -5.31 17.20
C LYS A 22 -8.91 -6.62 17.52
N ASP A 23 -9.99 -6.84 16.79
CA ASP A 23 -10.79 -8.04 16.98
C ASP A 23 -10.01 -9.25 16.48
N GLY A 24 -9.76 -9.27 15.18
CA GLY A 24 -9.03 -10.37 14.56
C GLY A 24 -9.77 -10.90 13.33
N ASP A 25 -11.09 -10.79 13.38
CA ASP A 25 -11.92 -11.25 12.28
C ASP A 25 -11.41 -10.65 10.97
N ARG A 26 -10.73 -9.51 11.11
CA ARG A 26 -10.18 -8.84 9.94
C ARG A 26 -8.65 -8.89 9.97
N LEU A 27 -8.07 -8.77 8.79
CA LEU A 27 -6.63 -8.80 8.66
C LEU A 27 -6.14 -7.51 8.01
N ILE A 28 -5.32 -6.79 8.77
CA ILE A 28 -4.78 -5.52 8.28
C ILE A 28 -3.41 -5.76 7.65
N GLY A 29 -3.37 -5.61 6.33
CA GLY A 29 -2.14 -5.81 5.59
C GLY A 29 -1.51 -4.46 5.21
N ARG A 30 -0.20 -4.39 5.40
CA ARG A 30 0.52 -3.17 5.07
C ARG A 30 1.58 -3.46 4.00
N ILE A 31 1.65 -2.57 3.03
CA ILE A 31 2.60 -2.71 1.95
C ILE A 31 3.34 -1.39 1.73
N LEU A 32 4.62 -1.40 2.06
CA LEU A 32 5.44 -0.20 1.92
C LEU A 32 6.42 -0.40 0.76
N LEU A 33 6.25 0.43 -0.26
CA LEU A 33 7.11 0.36 -1.44
C LEU A 33 8.13 1.50 -1.39
N ASN A 34 9.31 1.21 -1.88
CA ASN A 34 10.38 2.20 -1.91
C ASN A 34 11.08 2.15 -3.26
N LYS A 35 11.12 3.29 -3.93
CA LYS A 35 11.76 3.39 -5.23
C LYS A 35 13.19 3.91 -5.04
N ARG A 36 13.38 4.68 -3.99
CA ARG A 36 14.69 5.23 -3.69
C ARG A 36 15.79 4.21 -3.98
N LEU A 37 16.50 4.44 -5.07
CA LEU A 37 17.57 3.55 -5.47
C LEU A 37 18.50 3.32 -4.28
N LYS A 38 19.51 2.49 -4.52
CA LYS A 38 20.47 2.17 -3.47
C LYS A 38 20.99 3.47 -2.86
N ASP A 39 21.41 4.38 -3.73
CA ASP A 39 21.93 5.67 -3.29
C ASP A 39 20.93 6.31 -2.33
N GLY A 40 19.65 6.12 -2.64
CA GLY A 40 18.59 6.68 -1.82
C GLY A 40 17.90 7.84 -2.54
N SER A 41 17.55 7.59 -3.80
CA SER A 41 16.87 8.60 -4.60
C SER A 41 16.05 7.93 -5.70
N VAL A 42 14.84 8.43 -5.88
CA VAL A 42 13.95 7.89 -6.89
C VAL A 42 14.40 8.38 -8.27
N PRO A 43 14.40 7.43 -9.24
CA PRO A 43 14.81 7.75 -10.60
C PRO A 43 13.72 8.53 -11.33
N ARG A 44 13.98 8.83 -12.59
CA ARG A 44 13.03 9.56 -13.41
C ARG A 44 11.60 9.11 -13.11
N ASP A 45 11.47 7.82 -12.80
CA ASP A 45 10.17 7.25 -12.48
C ASP A 45 10.28 5.72 -12.46
N SER A 46 10.82 5.23 -11.34
CA SER A 46 10.98 3.79 -11.18
C SER A 46 9.65 3.07 -11.43
N GLY A 47 8.64 3.49 -10.68
CA GLY A 47 7.33 2.90 -10.82
C GLY A 47 6.34 3.52 -9.81
N ALA A 48 6.00 4.77 -10.08
CA ALA A 48 5.08 5.48 -9.21
C ALA A 48 3.84 4.62 -8.96
N MET A 49 3.33 4.05 -10.04
CA MET A 49 2.16 3.20 -9.96
C MET A 49 2.43 1.97 -9.09
N LEU A 50 3.70 1.74 -8.84
CA LEU A 50 4.11 0.61 -8.02
C LEU A 50 3.83 -0.69 -8.79
N GLY A 51 3.43 -0.53 -10.04
CA GLY A 51 3.13 -1.67 -10.88
C GLY A 51 1.83 -2.34 -10.45
N LEU A 52 0.83 -1.50 -10.21
CA LEU A 52 -0.48 -1.99 -9.80
C LEU A 52 -1.54 -0.93 -10.11
N LYS A 53 -2.76 -1.41 -10.27
CA LYS A 53 -3.87 -0.53 -10.59
C LYS A 53 -4.88 -0.54 -9.43
N VAL A 54 -5.47 0.61 -9.18
CA VAL A 54 -6.45 0.74 -8.11
C VAL A 54 -7.67 1.52 -8.62
N VAL A 55 -8.82 1.11 -8.15
CA VAL A 55 -10.07 1.75 -8.55
C VAL A 55 -10.81 2.23 -7.30
N GLY A 56 -10.88 3.55 -7.15
CA GLY A 56 -11.56 4.13 -6.01
C GLY A 56 -12.96 4.58 -6.39
N GLY A 57 -13.62 5.23 -5.43
CA GLY A 57 -14.98 5.72 -5.65
C GLY A 57 -15.92 4.57 -6.02
N LYS A 58 -15.43 3.35 -5.78
CA LYS A 58 -16.22 2.17 -6.09
C LYS A 58 -17.37 2.05 -5.10
N MET A 59 -18.59 2.09 -5.63
CA MET A 59 -19.78 2.00 -4.81
C MET A 59 -20.02 0.55 -4.36
N THR A 60 -19.87 0.33 -3.06
CA THR A 60 -20.07 -1.00 -2.51
C THR A 60 -21.55 -1.24 -2.24
N GLU A 61 -21.81 -2.29 -1.47
CA GLU A 61 -23.19 -2.66 -1.14
C GLU A 61 -23.62 -1.92 0.14
N SER A 62 -22.66 -1.25 0.76
CA SER A 62 -22.94 -0.51 1.98
C SER A 62 -23.13 0.97 1.66
N GLY A 63 -22.93 1.29 0.39
CA GLY A 63 -23.07 2.66 -0.06
C GLY A 63 -21.79 3.47 0.19
N ARG A 64 -20.75 2.75 0.60
CA ARG A 64 -19.47 3.37 0.88
C ARG A 64 -18.53 3.19 -0.31
N LEU A 65 -17.53 4.06 -0.38
CA LEU A 65 -16.54 3.99 -1.45
C LEU A 65 -15.22 3.48 -0.89
N CYS A 66 -14.52 2.70 -1.71
CA CYS A 66 -13.25 2.14 -1.31
C CYS A 66 -12.47 1.76 -2.57
N ALA A 67 -11.15 1.79 -2.44
CA ALA A 67 -10.29 1.46 -3.57
C ALA A 67 -10.05 -0.06 -3.59
N PHE A 68 -10.16 -0.62 -4.79
CA PHE A 68 -9.96 -2.05 -4.96
C PHE A 68 -8.92 -2.33 -6.04
N ILE A 69 -8.06 -3.29 -5.77
CA ILE A 69 -7.02 -3.67 -6.70
C ILE A 69 -7.64 -4.47 -7.85
N THR A 70 -7.40 -3.98 -9.06
CA THR A 70 -7.92 -4.63 -10.25
C THR A 70 -6.89 -5.60 -10.83
N LYS A 71 -5.64 -5.12 -10.91
CA LYS A 71 -4.57 -5.94 -11.43
C LYS A 71 -3.25 -5.50 -10.78
N VAL A 72 -2.31 -6.44 -10.77
CA VAL A 72 -1.00 -6.17 -10.19
C VAL A 72 0.09 -6.60 -11.16
N LYS A 73 1.04 -5.70 -11.38
CA LYS A 73 2.14 -5.97 -12.28
C LYS A 73 2.94 -7.17 -11.76
N LYS A 74 2.87 -8.26 -12.51
CA LYS A 74 3.57 -9.47 -12.13
C LYS A 74 5.08 -9.25 -12.28
N GLY A 75 5.73 -9.08 -11.14
CA GLY A 75 7.16 -8.85 -11.13
C GLY A 75 7.49 -7.37 -10.92
N SER A 76 6.80 -6.78 -9.96
CA SER A 76 7.01 -5.37 -9.65
C SER A 76 6.99 -5.16 -8.14
N LEU A 77 7.36 -3.96 -7.74
CA LEU A 77 7.39 -3.61 -6.32
C LEU A 77 6.12 -4.14 -5.64
N ALA A 78 5.00 -3.57 -6.05
CA ALA A 78 3.71 -3.98 -5.49
C ALA A 78 3.34 -5.36 -6.03
N ASP A 79 4.19 -6.33 -5.71
CA ASP A 79 3.96 -7.70 -6.16
C ASP A 79 5.13 -8.58 -5.71
N THR A 80 6.33 -8.03 -5.83
CA THR A 80 7.53 -8.74 -5.44
C THR A 80 7.82 -8.52 -3.97
N VAL A 81 7.65 -7.28 -3.53
CA VAL A 81 7.89 -6.93 -2.14
C VAL A 81 6.55 -6.79 -1.41
N GLY A 82 5.58 -6.24 -2.13
CA GLY A 82 4.25 -6.05 -1.56
C GLY A 82 3.45 -7.36 -1.60
N HIS A 83 3.65 -8.12 -2.66
CA HIS A 83 2.96 -9.38 -2.82
C HIS A 83 1.46 -9.13 -2.96
N LEU A 84 1.12 -7.89 -3.30
CA LEU A 84 -0.27 -7.50 -3.45
C LEU A 84 -0.89 -8.35 -4.56
N ARG A 85 -2.22 -8.29 -4.63
CA ARG A 85 -2.96 -9.05 -5.62
C ARG A 85 -4.28 -8.37 -5.93
N PRO A 86 -4.83 -8.70 -7.14
CA PRO A 86 -6.10 -8.13 -7.56
C PRO A 86 -7.27 -8.75 -6.80
N GLY A 87 -7.89 -7.93 -5.96
CA GLY A 87 -9.03 -8.39 -5.18
C GLY A 87 -8.99 -7.80 -3.77
N ASP A 88 -7.81 -7.36 -3.37
CA ASP A 88 -7.63 -6.77 -2.06
C ASP A 88 -8.30 -5.40 -2.02
N GLU A 89 -8.29 -4.80 -0.84
CA GLU A 89 -8.89 -3.49 -0.66
C GLU A 89 -7.91 -2.55 0.04
N VAL A 90 -7.34 -1.65 -0.74
CA VAL A 90 -6.38 -0.69 -0.20
C VAL A 90 -7.13 0.37 0.61
N LEU A 91 -7.11 0.20 1.92
CA LEU A 91 -7.78 1.12 2.81
C LEU A 91 -7.14 2.51 2.67
N GLU A 92 -5.86 2.56 3.00
CA GLU A 92 -5.13 3.82 2.92
C GLU A 92 -4.06 3.74 1.82
N TRP A 93 -3.41 4.86 1.59
CA TRP A 93 -2.36 4.94 0.57
C TRP A 93 -1.36 6.00 1.01
N ASN A 94 -0.30 5.53 1.67
CA ASN A 94 0.74 6.43 2.14
C ASN A 94 0.22 7.22 3.34
N GLY A 95 -0.88 6.73 3.91
CA GLY A 95 -1.47 7.38 5.06
C GLY A 95 -2.78 8.07 4.68
N ARG A 96 -3.05 8.09 3.38
CA ARG A 96 -4.25 8.72 2.87
C ARG A 96 -5.39 7.70 2.80
N LEU A 97 -6.49 8.04 3.45
CA LEU A 97 -7.65 7.18 3.48
C LEU A 97 -8.37 7.24 2.13
N LEU A 98 -8.61 6.06 1.56
CA LEU A 98 -9.28 5.98 0.27
C LEU A 98 -10.78 5.75 0.50
N GLN A 99 -11.11 5.32 1.71
CA GLN A 99 -12.49 5.06 2.07
C GLN A 99 -13.31 6.35 1.99
N GLY A 100 -14.32 6.33 1.13
CA GLY A 100 -15.17 7.49 0.94
C GLY A 100 -14.73 8.32 -0.26
N ALA A 101 -13.42 8.46 -0.39
CA ALA A 101 -12.85 9.22 -1.49
C ALA A 101 -13.31 8.61 -2.82
N THR A 102 -13.55 9.49 -3.77
CA THR A 102 -13.99 9.05 -5.09
C THR A 102 -12.82 8.45 -5.87
N PHE A 103 -13.14 7.90 -7.03
CA PHE A 103 -12.12 7.30 -7.89
C PHE A 103 -11.05 8.32 -8.26
N GLU A 104 -11.51 9.49 -8.70
CA GLU A 104 -10.60 10.55 -9.10
C GLU A 104 -9.73 10.97 -7.91
N GLU A 105 -10.37 11.07 -6.76
CA GLU A 105 -9.68 11.46 -5.54
C GLU A 105 -8.57 10.45 -5.21
N VAL A 106 -8.97 9.19 -5.18
CA VAL A 106 -8.03 8.12 -4.88
C VAL A 106 -6.81 8.24 -5.80
N TYR A 107 -7.10 8.49 -7.08
CA TYR A 107 -6.04 8.64 -8.06
C TYR A 107 -5.15 9.83 -7.74
N ASN A 108 -5.78 10.95 -7.43
CA ASN A 108 -5.05 12.16 -7.11
C ASN A 108 -4.03 11.86 -6.01
N ILE A 109 -4.39 10.93 -5.15
CA ILE A 109 -3.52 10.54 -4.06
C ILE A 109 -2.31 9.79 -4.62
N ILE A 110 -2.60 8.77 -5.43
CA ILE A 110 -1.56 7.97 -6.04
C ILE A 110 -0.73 8.86 -6.97
N LEU A 111 -1.41 9.78 -7.64
CA LEU A 111 -0.75 10.68 -8.57
C LEU A 111 0.06 11.70 -7.76
N GLU A 112 -0.45 12.03 -6.59
CA GLU A 112 0.21 13.00 -5.73
C GLU A 112 1.43 12.36 -5.05
N SER A 113 1.38 11.03 -4.97
CA SER A 113 2.47 10.29 -4.36
C SER A 113 3.47 9.82 -5.43
N LYS A 114 3.47 10.56 -6.53
CA LYS A 114 4.36 10.23 -7.64
C LYS A 114 5.80 10.59 -7.25
N PRO A 115 5.95 11.83 -6.71
CA PRO A 115 7.26 12.32 -6.31
C PRO A 115 7.70 11.66 -4.99
N GLU A 116 6.80 10.88 -4.44
CA GLU A 116 7.08 10.18 -3.19
C GLU A 116 8.07 9.04 -3.42
N PRO A 117 9.08 8.96 -2.51
CA PRO A 117 10.09 7.93 -2.60
C PRO A 117 9.53 6.56 -2.16
N GLN A 118 8.64 6.61 -1.19
CA GLN A 118 8.03 5.40 -0.67
C GLN A 118 6.51 5.49 -0.79
N VAL A 119 5.86 4.38 -0.46
CA VAL A 119 4.41 4.31 -0.53
C VAL A 119 3.91 3.24 0.43
N GLU A 120 3.38 3.70 1.56
CA GLU A 120 2.86 2.79 2.58
C GLU A 120 1.36 2.54 2.35
N LEU A 121 1.07 1.34 1.89
CA LEU A 121 -0.31 0.96 1.63
C LEU A 121 -0.89 0.27 2.86
N VAL A 122 -2.22 0.21 2.90
CA VAL A 122 -2.90 -0.42 4.03
C VAL A 122 -4.20 -1.06 3.52
N VAL A 123 -4.21 -2.39 3.55
CA VAL A 123 -5.37 -3.13 3.11
C VAL A 123 -6.03 -3.81 4.32
N SER A 124 -7.29 -4.19 4.13
CA SER A 124 -8.03 -4.84 5.19
C SER A 124 -8.92 -5.94 4.60
N ARG A 125 -8.50 -7.18 4.85
CA ARG A 125 -9.24 -8.33 4.35
C ARG A 125 -9.86 -9.10 5.51
N SER A 126 -10.80 -9.98 5.17
CA SER A 126 -11.48 -10.78 6.16
C SER A 126 -10.75 -12.12 6.35
N GLY A 127 -10.23 -12.30 7.55
CA GLY A 127 -9.50 -13.52 7.88
C GLY A 127 -8.25 -13.67 7.01
N PRO A 128 -7.25 -14.39 7.56
CA PRO A 128 -6.00 -14.60 6.85
C PRO A 128 -6.18 -15.64 5.74
N SER A 129 -5.75 -15.25 4.54
CA SER A 129 -5.86 -16.13 3.38
C SER A 129 -5.26 -17.50 3.72
N SER A 130 -5.97 -18.54 3.28
CA SER A 130 -5.53 -19.90 3.52
C SER A 130 -4.28 -20.20 2.68
N GLY A 131 -3.14 -20.23 3.36
CA GLY A 131 -1.88 -20.51 2.69
C GLY A 131 -2.00 -21.74 1.79
N GLY A 1 34.76 -13.02 -0.70
CA GLY A 1 33.92 -11.96 -1.24
C GLY A 1 33.99 -10.71 -0.37
N SER A 2 33.05 -9.81 -0.59
CA SER A 2 32.99 -8.58 0.16
C SER A 2 34.23 -7.74 -0.13
N SER A 3 34.19 -7.02 -1.24
CA SER A 3 35.30 -6.17 -1.64
C SER A 3 34.84 -4.72 -1.77
N GLY A 4 35.50 -3.85 -1.02
CA GLY A 4 35.17 -2.43 -1.03
C GLY A 4 34.48 -2.01 0.27
N SER A 5 33.32 -2.62 0.50
CA SER A 5 32.55 -2.31 1.71
C SER A 5 32.41 -3.57 2.56
N SER A 6 32.55 -3.38 3.86
CA SER A 6 32.43 -4.50 4.80
C SER A 6 31.96 -3.98 6.16
N GLY A 7 31.00 -4.68 6.72
CA GLY A 7 30.46 -4.32 8.02
C GLY A 7 28.95 -4.06 7.94
N HIS A 8 28.19 -5.13 8.16
CA HIS A 8 26.74 -5.03 8.11
C HIS A 8 26.21 -4.65 9.50
N SER A 9 25.05 -4.00 9.49
CA SER A 9 24.43 -3.57 10.73
C SER A 9 22.99 -4.09 10.80
N HIS A 10 22.49 -4.21 12.02
CA HIS A 10 21.15 -4.70 12.24
C HIS A 10 20.18 -3.98 11.28
N SER A 11 19.41 -4.79 10.56
CA SER A 11 18.46 -4.25 9.61
C SER A 11 17.42 -5.32 9.25
N ASP A 12 16.45 -5.49 10.15
CA ASP A 12 15.41 -6.47 9.94
C ASP A 12 14.05 -5.81 10.18
N LYS A 13 13.61 -5.05 9.19
CA LYS A 13 12.33 -4.36 9.28
C LYS A 13 11.61 -4.46 7.94
N HIS A 14 10.97 -5.60 7.73
CA HIS A 14 10.23 -5.84 6.51
C HIS A 14 9.43 -4.59 6.13
N PRO A 15 9.27 -4.39 4.80
CA PRO A 15 8.53 -3.24 4.30
C PRO A 15 7.02 -3.44 4.50
N VAL A 16 6.59 -4.68 4.32
CA VAL A 16 5.18 -5.02 4.48
C VAL A 16 4.97 -5.71 5.81
N THR A 17 3.75 -5.59 6.32
CA THR A 17 3.39 -6.20 7.59
C THR A 17 1.92 -6.57 7.61
N TRP A 18 1.66 -7.85 7.80
CA TRP A 18 0.29 -8.35 7.85
C TRP A 18 -0.03 -8.70 9.31
N GLN A 19 -0.89 -7.88 9.90
CA GLN A 19 -1.30 -8.09 11.27
C GLN A 19 -2.82 -7.97 11.41
N PRO A 20 -3.37 -8.71 12.41
CA PRO A 20 -4.80 -8.68 12.65
C PRO A 20 -5.22 -7.39 13.34
N SER A 21 -6.50 -7.07 13.20
CA SER A 21 -7.04 -5.86 13.79
C SER A 21 -7.10 -6.00 15.31
N LYS A 22 -7.70 -5.00 15.95
CA LYS A 22 -7.83 -5.01 17.39
C LYS A 22 -8.59 -6.28 17.83
N ASP A 23 -9.65 -6.56 17.10
CA ASP A 23 -10.46 -7.74 17.39
C ASP A 23 -9.67 -9.00 17.07
N GLY A 24 -9.43 -9.19 15.77
CA GLY A 24 -8.69 -10.35 15.31
C GLY A 24 -9.39 -11.02 14.12
N ASP A 25 -10.68 -10.75 14.01
CA ASP A 25 -11.48 -11.31 12.94
C ASP A 25 -10.99 -10.75 11.60
N ARG A 26 -10.58 -9.48 11.64
CA ARG A 26 -10.09 -8.82 10.44
C ARG A 26 -8.57 -8.90 10.39
N LEU A 27 -8.03 -8.61 9.21
CA LEU A 27 -6.59 -8.65 9.00
C LEU A 27 -6.14 -7.34 8.34
N ILE A 28 -5.28 -6.63 9.05
CA ILE A 28 -4.77 -5.37 8.55
C ILE A 28 -3.40 -5.60 7.93
N GLY A 29 -3.34 -5.46 6.61
CA GLY A 29 -2.10 -5.64 5.88
C GLY A 29 -1.49 -4.30 5.48
N ARG A 30 -0.17 -4.26 5.46
CA ARG A 30 0.55 -3.06 5.09
C ARG A 30 1.58 -3.35 4.01
N ILE A 31 1.51 -2.57 2.94
CA ILE A 31 2.44 -2.74 1.84
C ILE A 31 3.25 -1.45 1.65
N LEU A 32 4.52 -1.55 2.01
CA LEU A 32 5.41 -0.40 1.89
C LEU A 32 6.12 -0.45 0.54
N LEU A 33 5.97 0.62 -0.22
CA LEU A 33 6.58 0.70 -1.53
C LEU A 33 7.69 1.76 -1.50
N ASN A 34 8.90 1.32 -1.84
CA ASN A 34 10.05 2.21 -1.85
C ASN A 34 10.30 2.69 -3.28
N LYS A 35 11.16 3.69 -3.40
CA LYS A 35 11.50 4.25 -4.70
C LYS A 35 12.98 4.61 -4.71
N ARG A 36 13.41 5.29 -3.66
CA ARG A 36 14.79 5.71 -3.54
C ARG A 36 15.72 4.63 -4.10
N LEU A 37 16.36 4.96 -5.21
CA LEU A 37 17.27 4.03 -5.86
C LEU A 37 18.49 3.81 -4.94
N LYS A 38 19.65 3.75 -5.58
CA LYS A 38 20.89 3.54 -4.85
C LYS A 38 21.33 4.87 -4.23
N ASP A 39 21.24 5.92 -5.03
CA ASP A 39 21.63 7.24 -4.57
C ASP A 39 20.56 7.79 -3.63
N GLY A 40 19.35 7.31 -3.82
CA GLY A 40 18.24 7.74 -2.99
C GLY A 40 17.74 9.13 -3.39
N SER A 41 17.44 9.27 -4.68
CA SER A 41 16.97 10.54 -5.21
C SER A 41 15.64 10.33 -5.94
N VAL A 42 15.18 9.09 -5.92
CA VAL A 42 13.91 8.75 -6.57
C VAL A 42 14.02 9.08 -8.07
N PRO A 43 13.66 8.07 -8.90
CA PRO A 43 13.70 8.23 -10.34
C PRO A 43 12.54 9.10 -10.83
N ARG A 44 12.73 9.67 -12.01
CA ARG A 44 11.72 10.53 -12.60
C ARG A 44 10.34 9.88 -12.47
N ASP A 45 10.26 8.64 -12.94
CA ASP A 45 9.01 7.90 -12.88
C ASP A 45 8.91 7.18 -11.54
N SER A 46 9.64 6.07 -11.44
CA SER A 46 9.64 5.28 -10.22
C SER A 46 8.28 4.61 -10.03
N GLY A 47 7.91 3.82 -11.03
CA GLY A 47 6.64 3.10 -10.98
C GLY A 47 5.54 3.98 -10.38
N ALA A 48 5.08 4.93 -11.17
CA ALA A 48 4.03 5.83 -10.74
C ALA A 48 2.88 5.02 -10.13
N MET A 49 2.36 4.11 -10.95
CA MET A 49 1.25 3.25 -10.51
C MET A 49 1.77 2.06 -9.72
N LEU A 50 3.05 2.12 -9.37
CA LEU A 50 3.67 1.05 -8.62
C LEU A 50 3.78 -0.20 -9.50
N GLY A 51 2.61 -0.69 -9.91
CA GLY A 51 2.57 -1.88 -10.76
C GLY A 51 1.12 -2.37 -10.91
N LEU A 52 0.35 -2.16 -9.86
CA LEU A 52 -1.05 -2.57 -9.87
C LEU A 52 -1.93 -1.40 -10.27
N LYS A 53 -3.20 -1.69 -10.49
CA LYS A 53 -4.16 -0.67 -10.88
C LYS A 53 -5.28 -0.61 -9.84
N VAL A 54 -5.26 0.46 -9.05
CA VAL A 54 -6.26 0.65 -8.02
C VAL A 54 -7.44 1.42 -8.61
N VAL A 55 -8.63 1.02 -8.20
CA VAL A 55 -9.84 1.66 -8.68
C VAL A 55 -10.64 2.18 -7.47
N GLY A 56 -10.71 3.50 -7.38
CA GLY A 56 -11.43 4.14 -6.29
C GLY A 56 -12.81 4.62 -6.75
N GLY A 57 -13.51 5.29 -5.85
CA GLY A 57 -14.84 5.80 -6.15
C GLY A 57 -15.81 4.67 -6.46
N LYS A 58 -15.36 3.46 -6.15
CA LYS A 58 -16.18 2.28 -6.39
C LYS A 58 -17.38 2.30 -5.43
N MET A 59 -18.56 2.09 -6.01
CA MET A 59 -19.78 2.09 -5.23
C MET A 59 -20.12 0.68 -4.76
N THR A 60 -20.03 0.48 -3.45
CA THR A 60 -20.32 -0.82 -2.86
C THR A 60 -21.83 -0.99 -2.70
N GLU A 61 -22.19 -1.96 -1.86
CA GLU A 61 -23.59 -2.24 -1.61
C GLU A 61 -24.08 -1.46 -0.38
N SER A 62 -23.17 -0.70 0.20
CA SER A 62 -23.49 0.09 1.37
C SER A 62 -23.50 1.58 1.01
N GLY A 63 -23.36 1.85 -0.28
CA GLY A 63 -23.36 3.22 -0.77
C GLY A 63 -22.05 3.92 -0.42
N ARG A 64 -21.13 3.14 0.13
CA ARG A 64 -19.83 3.68 0.51
C ARG A 64 -18.84 3.54 -0.65
N LEU A 65 -17.78 4.34 -0.58
CA LEU A 65 -16.75 4.32 -1.61
C LEU A 65 -15.46 3.75 -1.03
N CYS A 66 -14.74 3.00 -1.85
CA CYS A 66 -13.49 2.41 -1.43
C CYS A 66 -12.69 2.03 -2.68
N ALA A 67 -11.39 1.89 -2.48
CA ALA A 67 -10.50 1.52 -3.58
C ALA A 67 -10.16 0.04 -3.48
N PHE A 68 -10.37 -0.66 -4.59
CA PHE A 68 -10.07 -2.08 -4.64
C PHE A 68 -9.10 -2.40 -5.77
N ILE A 69 -8.20 -3.34 -5.50
CA ILE A 69 -7.22 -3.74 -6.50
C ILE A 69 -7.93 -4.39 -7.68
N THR A 70 -7.53 -3.99 -8.87
CA THR A 70 -8.12 -4.53 -10.08
C THR A 70 -7.17 -5.52 -10.75
N LYS A 71 -5.94 -5.07 -10.95
CA LYS A 71 -4.92 -5.89 -11.57
C LYS A 71 -3.56 -5.60 -10.93
N VAL A 72 -2.72 -6.62 -10.91
CA VAL A 72 -1.39 -6.48 -10.33
C VAL A 72 -0.35 -6.94 -11.36
N LYS A 73 0.51 -6.01 -11.72
CA LYS A 73 1.57 -6.29 -12.69
C LYS A 73 2.48 -7.38 -12.13
N LYS A 74 2.76 -8.37 -12.97
CA LYS A 74 3.62 -9.47 -12.57
C LYS A 74 5.08 -9.03 -12.64
N GLY A 75 5.64 -8.74 -11.47
CA GLY A 75 7.03 -8.30 -11.40
C GLY A 75 7.11 -6.79 -11.20
N SER A 76 6.32 -6.30 -10.26
CA SER A 76 6.29 -4.87 -9.96
C SER A 76 6.24 -4.66 -8.45
N LEU A 77 6.54 -3.43 -8.05
CA LEU A 77 6.52 -3.08 -6.63
C LEU A 77 5.33 -3.76 -5.96
N ALA A 78 4.15 -3.41 -6.43
CA ALA A 78 2.93 -3.99 -5.87
C ALA A 78 2.81 -5.45 -6.32
N ASP A 79 3.81 -6.23 -5.95
CA ASP A 79 3.83 -7.64 -6.31
C ASP A 79 5.15 -8.26 -5.83
N THR A 80 6.24 -7.58 -6.16
CA THR A 80 7.56 -8.06 -5.78
C THR A 80 7.82 -7.77 -4.31
N VAL A 81 7.42 -6.58 -3.89
CA VAL A 81 7.61 -6.17 -2.50
C VAL A 81 6.25 -6.16 -1.80
N GLY A 82 5.25 -5.69 -2.51
CA GLY A 82 3.90 -5.62 -1.97
C GLY A 82 3.22 -7.00 -2.02
N HIS A 83 3.41 -7.67 -3.14
CA HIS A 83 2.82 -8.99 -3.32
C HIS A 83 1.30 -8.87 -3.37
N LEU A 84 0.84 -7.63 -3.46
CA LEU A 84 -0.59 -7.36 -3.50
C LEU A 84 -1.24 -8.30 -4.54
N ARG A 85 -2.56 -8.23 -4.57
CA ARG A 85 -3.32 -9.05 -5.51
C ARG A 85 -4.66 -8.39 -5.84
N PRO A 86 -5.20 -8.77 -7.03
CA PRO A 86 -6.47 -8.21 -7.48
C PRO A 86 -7.64 -8.83 -6.70
N GLY A 87 -8.18 -8.05 -5.78
CA GLY A 87 -9.30 -8.51 -4.97
C GLY A 87 -9.26 -7.87 -3.58
N ASP A 88 -8.07 -7.49 -3.16
CA ASP A 88 -7.88 -6.86 -1.87
C ASP A 88 -8.50 -5.47 -1.89
N GLU A 89 -8.40 -4.79 -0.76
CA GLU A 89 -8.94 -3.44 -0.63
C GLU A 89 -7.94 -2.53 0.09
N VAL A 90 -7.33 -1.64 -0.68
CA VAL A 90 -6.36 -0.71 -0.13
C VAL A 90 -7.09 0.37 0.67
N LEU A 91 -7.06 0.21 1.98
CA LEU A 91 -7.70 1.17 2.86
C LEU A 91 -7.02 2.52 2.73
N GLU A 92 -5.75 2.55 3.07
CA GLU A 92 -4.97 3.77 3.00
C GLU A 92 -3.86 3.64 1.96
N TRP A 93 -3.33 4.78 1.54
CA TRP A 93 -2.27 4.80 0.56
C TRP A 93 -1.27 5.90 0.96
N ASN A 94 -0.22 5.48 1.65
CA ASN A 94 0.80 6.40 2.10
C ASN A 94 0.23 7.28 3.20
N GLY A 95 -0.77 6.76 3.89
CA GLY A 95 -1.40 7.49 4.98
C GLY A 95 -2.71 8.13 4.51
N ARG A 96 -2.92 8.07 3.20
CA ARG A 96 -4.13 8.64 2.61
C ARG A 96 -5.25 7.61 2.59
N LEU A 97 -6.33 7.93 3.29
CA LEU A 97 -7.48 7.04 3.36
C LEU A 97 -8.23 7.08 2.03
N LEU A 98 -8.55 5.90 1.52
CA LEU A 98 -9.27 5.80 0.26
C LEU A 98 -10.76 5.58 0.55
N GLN A 99 -11.04 5.08 1.75
CA GLN A 99 -12.40 4.83 2.16
C GLN A 99 -13.24 6.10 2.06
N GLY A 100 -14.19 6.08 1.15
CA GLY A 100 -15.07 7.23 0.96
C GLY A 100 -14.56 8.12 -0.18
N ALA A 101 -13.25 8.07 -0.39
CA ALA A 101 -12.62 8.86 -1.44
C ALA A 101 -13.21 8.46 -2.79
N THR A 102 -13.35 9.46 -3.65
CA THR A 102 -13.90 9.23 -4.98
C THR A 102 -12.84 8.64 -5.90
N PHE A 103 -13.27 8.24 -7.08
CA PHE A 103 -12.38 7.66 -8.07
C PHE A 103 -11.19 8.58 -8.33
N GLU A 104 -11.49 9.87 -8.46
CA GLU A 104 -10.46 10.86 -8.71
C GLU A 104 -9.54 10.99 -7.50
N GLU A 105 -10.16 11.17 -6.34
CA GLU A 105 -9.40 11.31 -5.10
C GLU A 105 -8.36 10.20 -4.99
N VAL A 106 -8.84 8.97 -4.98
CA VAL A 106 -7.97 7.81 -4.88
C VAL A 106 -6.79 7.98 -5.85
N TYR A 107 -7.14 8.27 -7.10
CA TYR A 107 -6.13 8.45 -8.13
C TYR A 107 -5.16 9.58 -7.75
N ASN A 108 -5.73 10.77 -7.59
CA ASN A 108 -4.93 11.93 -7.23
C ASN A 108 -3.88 11.52 -6.19
N ILE A 109 -4.36 10.85 -5.16
CA ILE A 109 -3.48 10.40 -4.09
C ILE A 109 -2.25 9.72 -4.71
N ILE A 110 -2.50 8.60 -5.36
CA ILE A 110 -1.44 7.84 -6.00
C ILE A 110 -0.54 8.81 -6.79
N LEU A 111 -1.19 9.76 -7.45
CA LEU A 111 -0.47 10.74 -8.24
C LEU A 111 0.34 11.64 -7.31
N GLU A 112 -0.23 11.91 -6.15
CA GLU A 112 0.43 12.75 -5.17
C GLU A 112 1.58 11.99 -4.50
N SER A 113 1.68 10.73 -4.85
CA SER A 113 2.73 9.88 -4.29
C SER A 113 3.73 9.48 -5.38
N LYS A 114 3.62 10.17 -6.52
CA LYS A 114 4.50 9.89 -7.64
C LYS A 114 5.93 10.26 -7.26
N PRO A 115 6.08 11.52 -6.77
CA PRO A 115 7.40 12.01 -6.36
C PRO A 115 7.82 11.39 -5.03
N GLU A 116 6.84 11.07 -4.22
CA GLU A 116 7.10 10.47 -2.91
C GLU A 116 8.23 9.44 -3.02
N PRO A 117 9.05 9.37 -1.94
CA PRO A 117 10.15 8.43 -1.91
C PRO A 117 9.66 7.00 -1.68
N GLN A 118 8.52 6.90 -1.01
CA GLN A 118 7.93 5.61 -0.71
C GLN A 118 6.41 5.70 -0.71
N VAL A 119 5.77 4.56 -0.52
CA VAL A 119 4.32 4.50 -0.50
C VAL A 119 3.87 3.37 0.43
N GLU A 120 3.27 3.77 1.55
CA GLU A 120 2.79 2.81 2.52
C GLU A 120 1.29 2.55 2.33
N LEU A 121 0.99 1.41 1.71
CA LEU A 121 -0.38 1.04 1.46
C LEU A 121 -0.90 0.17 2.62
N VAL A 122 -2.22 0.03 2.66
CA VAL A 122 -2.84 -0.76 3.72
C VAL A 122 -4.05 -1.51 3.13
N VAL A 123 -4.05 -2.82 3.34
CA VAL A 123 -5.12 -3.66 2.84
C VAL A 123 -5.83 -4.33 4.03
N SER A 124 -7.13 -4.51 3.87
CA SER A 124 -7.93 -5.13 4.92
C SER A 124 -8.70 -6.33 4.34
N ARG A 125 -8.53 -7.47 5.00
CA ARG A 125 -9.20 -8.68 4.57
C ARG A 125 -9.74 -9.45 5.77
N SER A 126 -10.67 -10.35 5.49
CA SER A 126 -11.28 -11.15 6.54
C SER A 126 -10.48 -12.44 6.75
N GLY A 127 -10.01 -12.63 7.97
CA GLY A 127 -9.24 -13.80 8.31
C GLY A 127 -7.98 -13.89 7.45
N PRO A 128 -6.94 -14.56 8.02
CA PRO A 128 -5.67 -14.73 7.32
C PRO A 128 -5.78 -15.78 6.22
N SER A 129 -4.88 -15.67 5.25
CA SER A 129 -4.88 -16.61 4.14
C SER A 129 -4.44 -18.00 4.62
N SER A 130 -4.57 -18.97 3.73
CA SER A 130 -4.19 -20.33 4.05
C SER A 130 -3.46 -20.97 2.87
N GLY A 131 -2.67 -21.99 3.17
CA GLY A 131 -1.91 -22.68 2.14
C GLY A 131 -0.43 -22.35 2.24
N GLY A 1 27.59 -11.46 29.66
CA GLY A 1 27.89 -11.06 28.30
C GLY A 1 26.75 -10.23 27.72
N SER A 2 26.83 -10.00 26.41
CA SER A 2 25.82 -9.22 25.72
C SER A 2 24.82 -10.16 25.03
N SER A 3 23.60 -9.66 24.87
CA SER A 3 22.55 -10.43 24.24
C SER A 3 21.78 -9.56 23.25
N GLY A 4 21.19 -8.49 23.79
CA GLY A 4 20.43 -7.57 22.97
C GLY A 4 19.23 -8.27 22.33
N SER A 5 18.22 -7.47 22.01
CA SER A 5 17.01 -8.01 21.40
C SER A 5 16.89 -7.50 19.96
N SER A 6 16.79 -6.19 19.84
CA SER A 6 16.67 -5.56 18.53
C SER A 6 17.77 -6.08 17.60
N GLY A 7 19.01 -5.87 18.03
CA GLY A 7 20.15 -6.32 17.24
C GLY A 7 20.25 -5.55 15.93
N HIS A 8 20.89 -4.39 15.99
CA HIS A 8 21.06 -3.56 14.82
C HIS A 8 22.09 -4.18 13.88
N SER A 9 21.66 -4.41 12.65
CA SER A 9 22.53 -5.01 11.66
C SER A 9 22.85 -3.98 10.56
N HIS A 10 21.82 -3.63 9.80
CA HIS A 10 21.97 -2.67 8.73
C HIS A 10 20.66 -1.89 8.55
N SER A 11 19.68 -2.58 7.98
CA SER A 11 18.38 -1.97 7.74
C SER A 11 17.40 -3.00 7.19
N ASP A 12 16.92 -3.85 8.08
CA ASP A 12 15.97 -4.89 7.69
C ASP A 12 14.62 -4.61 8.35
N LYS A 13 13.95 -3.58 7.86
CA LYS A 13 12.65 -3.21 8.39
C LYS A 13 11.57 -3.67 7.42
N HIS A 14 10.93 -4.78 7.75
CA HIS A 14 9.88 -5.33 6.93
C HIS A 14 8.93 -4.21 6.50
N PRO A 15 8.92 -3.93 5.17
CA PRO A 15 8.06 -2.89 4.63
C PRO A 15 6.60 -3.35 4.57
N VAL A 16 6.43 -4.66 4.54
CA VAL A 16 5.10 -5.25 4.49
C VAL A 16 4.82 -5.99 5.80
N THR A 17 3.58 -5.89 6.26
CA THR A 17 3.18 -6.54 7.49
C THR A 17 1.68 -6.88 7.44
N TRP A 18 1.40 -8.17 7.59
CA TRP A 18 0.02 -8.64 7.56
C TRP A 18 -0.33 -9.12 8.97
N GLN A 19 -1.19 -8.35 9.62
CA GLN A 19 -1.63 -8.68 10.97
C GLN A 19 -3.13 -8.52 11.10
N PRO A 20 -3.73 -9.34 12.02
CA PRO A 20 -5.16 -9.30 12.25
C PRO A 20 -5.54 -8.05 13.06
N SER A 21 -6.84 -7.74 13.02
CA SER A 21 -7.34 -6.59 13.74
C SER A 21 -7.16 -6.79 15.25
N LYS A 22 -7.68 -5.83 16.01
CA LYS A 22 -7.59 -5.90 17.46
C LYS A 22 -8.11 -7.24 17.95
N ASP A 23 -9.32 -7.56 17.52
CA ASP A 23 -9.96 -8.81 17.90
C ASP A 23 -9.31 -9.96 17.12
N GLY A 24 -9.77 -10.13 15.89
CA GLY A 24 -9.25 -11.17 15.04
C GLY A 24 -10.29 -11.59 13.99
N ASP A 25 -10.90 -10.60 13.37
CA ASP A 25 -11.91 -10.84 12.35
C ASP A 25 -11.40 -10.34 11.00
N ARG A 26 -10.78 -9.17 11.04
CA ARG A 26 -10.24 -8.56 9.83
C ARG A 26 -8.71 -8.65 9.83
N LEU A 27 -8.17 -8.88 8.64
CA LEU A 27 -6.73 -8.99 8.49
C LEU A 27 -6.19 -7.68 7.89
N ILE A 28 -5.51 -6.92 8.74
CA ILE A 28 -4.95 -5.65 8.31
C ILE A 28 -3.57 -5.91 7.68
N GLY A 29 -3.43 -5.47 6.43
CA GLY A 29 -2.17 -5.64 5.72
C GLY A 29 -1.57 -4.29 5.35
N ARG A 30 -0.37 -4.05 5.89
CA ARG A 30 0.32 -2.79 5.63
C ARG A 30 1.57 -3.06 4.78
N ILE A 31 1.47 -2.64 3.53
CA ILE A 31 2.58 -2.82 2.59
C ILE A 31 3.31 -1.49 2.42
N LEU A 32 4.57 -1.59 2.02
CA LEU A 32 5.38 -0.41 1.81
C LEU A 32 6.28 -0.62 0.59
N LEU A 33 6.48 0.46 -0.16
CA LEU A 33 7.31 0.40 -1.35
C LEU A 33 8.25 1.61 -1.37
N ASN A 34 9.44 1.37 -1.89
CA ASN A 34 10.44 2.42 -1.96
C ASN A 34 11.07 2.42 -3.36
N LYS A 35 11.15 3.61 -3.94
CA LYS A 35 11.73 3.76 -5.26
C LYS A 35 12.99 4.61 -5.18
N ARG A 36 13.20 5.19 -4.00
CA ARG A 36 14.36 6.03 -3.78
C ARG A 36 15.60 5.39 -4.40
N LEU A 37 16.34 6.20 -5.14
CA LEU A 37 17.55 5.74 -5.79
C LEU A 37 18.67 5.62 -4.76
N LYS A 38 19.88 5.35 -5.27
CA LYS A 38 21.03 5.21 -4.40
C LYS A 38 21.22 6.50 -3.60
N ASP A 39 20.84 7.61 -4.22
CA ASP A 39 20.97 8.90 -3.57
C ASP A 39 19.76 9.13 -2.66
N GLY A 40 18.64 8.57 -3.06
CA GLY A 40 17.41 8.71 -2.29
C GLY A 40 16.64 9.96 -2.70
N SER A 41 16.48 10.13 -4.01
CA SER A 41 15.77 11.28 -4.54
C SER A 41 14.69 10.82 -5.52
N VAL A 42 14.53 9.50 -5.60
CA VAL A 42 13.54 8.92 -6.49
C VAL A 42 13.85 9.34 -7.93
N PRO A 43 13.82 8.33 -8.84
CA PRO A 43 14.09 8.58 -10.24
C PRO A 43 12.90 9.27 -10.92
N ARG A 44 13.17 9.82 -12.09
CA ARG A 44 12.13 10.52 -12.85
C ARG A 44 10.80 9.76 -12.72
N ASP A 45 10.86 8.47 -13.01
CA ASP A 45 9.67 7.64 -12.94
C ASP A 45 10.09 6.19 -12.64
N SER A 46 9.82 5.77 -11.42
CA SER A 46 10.16 4.42 -11.00
C SER A 46 8.91 3.54 -10.97
N GLY A 47 8.05 3.82 -9.99
CA GLY A 47 6.82 3.08 -9.84
C GLY A 47 5.66 4.00 -9.43
N ALA A 48 5.12 4.70 -10.42
CA ALA A 48 4.01 5.60 -10.18
C ALA A 48 2.84 4.84 -9.56
N MET A 49 2.37 3.85 -10.30
CA MET A 49 1.25 3.03 -9.84
C MET A 49 1.75 1.80 -9.09
N LEU A 50 3.07 1.74 -8.92
CA LEU A 50 3.68 0.62 -8.23
C LEU A 50 3.54 -0.64 -9.07
N GLY A 51 3.04 -0.45 -10.29
CA GLY A 51 2.85 -1.57 -11.20
C GLY A 51 1.46 -2.19 -11.02
N LEU A 52 0.81 -1.81 -9.92
CA LEU A 52 -0.52 -2.32 -9.63
C LEU A 52 -1.56 -1.25 -9.96
N LYS A 53 -2.80 -1.68 -10.07
CA LYS A 53 -3.89 -0.78 -10.37
C LYS A 53 -4.92 -0.82 -9.25
N VAL A 54 -5.48 0.35 -8.96
CA VAL A 54 -6.47 0.46 -7.90
C VAL A 54 -7.68 1.23 -8.43
N VAL A 55 -8.87 0.73 -8.10
CA VAL A 55 -10.09 1.36 -8.53
C VAL A 55 -10.85 1.89 -7.31
N GLY A 56 -10.95 3.21 -7.22
CA GLY A 56 -11.62 3.85 -6.12
C GLY A 56 -13.07 4.21 -6.50
N GLY A 57 -13.68 5.02 -5.65
CA GLY A 57 -15.05 5.46 -5.89
C GLY A 57 -15.97 4.26 -6.11
N LYS A 58 -15.50 3.10 -5.67
CA LYS A 58 -16.26 1.87 -5.82
C LYS A 58 -17.46 1.92 -4.86
N MET A 59 -18.65 1.83 -5.44
CA MET A 59 -19.87 1.84 -4.65
C MET A 59 -20.04 0.55 -3.86
N THR A 60 -20.00 0.68 -2.54
CA THR A 60 -20.14 -0.46 -1.66
C THR A 60 -21.62 -0.77 -1.42
N GLU A 61 -21.86 -1.67 -0.48
CA GLU A 61 -23.22 -2.07 -0.15
C GLU A 61 -23.80 -1.12 0.90
N SER A 62 -22.95 -0.23 1.38
CA SER A 62 -23.36 0.74 2.39
C SER A 62 -23.43 2.14 1.77
N GLY A 63 -23.43 2.16 0.44
CA GLY A 63 -23.50 3.42 -0.28
C GLY A 63 -22.22 4.24 -0.06
N ARG A 64 -21.17 3.54 0.34
CA ARG A 64 -19.89 4.19 0.58
C ARG A 64 -18.92 3.90 -0.57
N LEU A 65 -17.82 4.65 -0.58
CA LEU A 65 -16.82 4.48 -1.61
C LEU A 65 -15.57 3.84 -1.01
N CYS A 66 -14.93 2.99 -1.80
CA CYS A 66 -13.72 2.31 -1.35
C CYS A 66 -12.87 2.00 -2.58
N ALA A 67 -11.62 1.66 -2.31
CA ALA A 67 -10.69 1.35 -3.38
C ALA A 67 -10.26 -0.13 -3.26
N PHE A 68 -10.09 -0.75 -4.42
CA PHE A 68 -9.69 -2.15 -4.46
C PHE A 68 -8.77 -2.43 -5.63
N ILE A 69 -7.81 -3.31 -5.40
CA ILE A 69 -6.85 -3.67 -6.44
C ILE A 69 -7.60 -4.35 -7.60
N THR A 70 -7.16 -4.02 -8.81
CA THR A 70 -7.76 -4.57 -10.00
C THR A 70 -6.78 -5.51 -10.71
N LYS A 71 -5.56 -5.03 -10.85
CA LYS A 71 -4.52 -5.81 -11.51
C LYS A 71 -3.16 -5.42 -10.94
N VAL A 72 -2.28 -6.41 -10.84
CA VAL A 72 -0.95 -6.17 -10.32
C VAL A 72 0.08 -6.91 -11.19
N LYS A 73 0.84 -6.14 -11.94
CA LYS A 73 1.85 -6.71 -12.81
C LYS A 73 2.76 -7.64 -12.00
N LYS A 74 3.26 -8.66 -12.68
CA LYS A 74 4.15 -9.62 -12.03
C LYS A 74 5.59 -9.20 -12.23
N GLY A 75 6.19 -8.73 -11.13
CA GLY A 75 7.58 -8.29 -11.17
C GLY A 75 7.67 -6.79 -10.88
N SER A 76 6.62 -6.27 -10.27
CA SER A 76 6.59 -4.85 -9.93
C SER A 76 6.66 -4.69 -8.41
N LEU A 77 6.80 -3.42 -7.99
CA LEU A 77 6.89 -3.11 -6.58
C LEU A 77 5.81 -3.90 -5.82
N ALA A 78 4.57 -3.51 -6.06
CA ALA A 78 3.44 -4.16 -5.41
C ALA A 78 3.24 -5.56 -6.02
N ASP A 79 4.28 -6.36 -5.92
CA ASP A 79 4.23 -7.72 -6.45
C ASP A 79 5.45 -8.50 -5.96
N THR A 80 6.61 -7.92 -6.16
CA THR A 80 7.86 -8.55 -5.74
C THR A 80 8.16 -8.20 -4.29
N VAL A 81 7.88 -6.95 -3.94
CA VAL A 81 8.11 -6.49 -2.58
C VAL A 81 6.79 -6.39 -1.83
N GLY A 82 5.77 -5.94 -2.56
CA GLY A 82 4.44 -5.80 -1.98
C GLY A 82 3.72 -7.14 -1.91
N HIS A 83 3.80 -7.88 -3.01
CA HIS A 83 3.17 -9.18 -3.08
C HIS A 83 1.65 -9.01 -2.97
N LEU A 84 1.16 -7.92 -3.50
CA LEU A 84 -0.26 -7.63 -3.46
C LEU A 84 -1.00 -8.57 -4.42
N ARG A 85 -2.28 -8.30 -4.59
CA ARG A 85 -3.11 -9.12 -5.48
C ARG A 85 -4.37 -8.35 -5.88
N PRO A 86 -4.87 -8.67 -7.11
CA PRO A 86 -6.06 -8.02 -7.61
C PRO A 86 -7.32 -8.56 -6.92
N GLY A 87 -7.69 -7.88 -5.84
CA GLY A 87 -8.86 -8.27 -5.07
C GLY A 87 -8.88 -7.58 -3.72
N ASP A 88 -7.70 -7.44 -3.13
CA ASP A 88 -7.57 -6.79 -1.84
C ASP A 88 -8.31 -5.45 -1.87
N GLU A 89 -8.27 -4.77 -0.73
CA GLU A 89 -8.93 -3.48 -0.61
C GLU A 89 -8.02 -2.49 0.13
N VAL A 90 -7.38 -1.64 -0.64
CA VAL A 90 -6.49 -0.63 -0.06
C VAL A 90 -7.32 0.48 0.58
N LEU A 91 -7.05 0.70 1.86
CA LEU A 91 -7.77 1.73 2.60
C LEU A 91 -6.99 3.04 2.52
N GLU A 92 -5.72 2.96 2.90
CA GLU A 92 -4.87 4.13 2.88
C GLU A 92 -3.78 3.98 1.81
N TRP A 93 -3.22 5.11 1.41
CA TRP A 93 -2.18 5.11 0.40
C TRP A 93 -1.15 6.18 0.78
N ASN A 94 -0.14 5.75 1.51
CA ASN A 94 0.91 6.65 1.95
C ASN A 94 0.41 7.49 3.12
N GLY A 95 -0.71 7.06 3.68
CA GLY A 95 -1.32 7.76 4.79
C GLY A 95 -2.63 8.44 4.38
N ARG A 96 -2.86 8.45 3.08
CA ARG A 96 -4.07 9.05 2.54
C ARG A 96 -5.22 8.05 2.54
N LEU A 97 -6.26 8.39 3.29
CA LEU A 97 -7.42 7.52 3.38
C LEU A 97 -8.16 7.52 2.04
N LEU A 98 -8.48 6.31 1.58
CA LEU A 98 -9.17 6.17 0.31
C LEU A 98 -10.68 5.99 0.58
N GLN A 99 -10.97 5.55 1.79
CA GLN A 99 -12.36 5.33 2.19
C GLN A 99 -13.16 6.63 2.02
N GLY A 100 -14.15 6.56 1.15
CA GLY A 100 -14.99 7.71 0.88
C GLY A 100 -14.48 8.50 -0.33
N ALA A 101 -13.18 8.46 -0.52
CA ALA A 101 -12.56 9.17 -1.63
C ALA A 101 -13.13 8.62 -2.94
N THR A 102 -13.29 9.53 -3.90
CA THR A 102 -13.81 9.15 -5.20
C THR A 102 -12.70 8.54 -6.07
N PHE A 103 -13.13 7.93 -7.17
CA PHE A 103 -12.19 7.31 -8.08
C PHE A 103 -11.00 8.24 -8.38
N GLU A 104 -11.35 9.50 -8.68
CA GLU A 104 -10.33 10.49 -8.97
C GLU A 104 -9.45 10.74 -7.75
N GLU A 105 -10.11 11.06 -6.65
CA GLU A 105 -9.40 11.33 -5.40
C GLU A 105 -8.38 10.22 -5.13
N VAL A 106 -8.86 9.00 -5.09
CA VAL A 106 -8.00 7.85 -4.85
C VAL A 106 -6.81 7.91 -5.80
N TYR A 107 -7.12 8.05 -7.08
CA TYR A 107 -6.09 8.11 -8.11
C TYR A 107 -5.13 9.27 -7.84
N ASN A 108 -5.70 10.47 -7.80
CA ASN A 108 -4.92 11.67 -7.56
C ASN A 108 -3.87 11.38 -6.49
N ILE A 109 -4.32 10.78 -5.40
CA ILE A 109 -3.43 10.44 -4.31
C ILE A 109 -2.22 9.67 -4.85
N ILE A 110 -2.51 8.57 -5.53
CA ILE A 110 -1.47 7.75 -6.11
C ILE A 110 -0.60 8.61 -7.03
N LEU A 111 -1.19 9.69 -7.51
CA LEU A 111 -0.50 10.59 -8.40
C LEU A 111 0.34 11.57 -7.58
N GLU A 112 -0.09 11.78 -6.34
CA GLU A 112 0.60 12.68 -5.44
C GLU A 112 1.79 11.97 -4.79
N SER A 113 1.76 10.64 -4.85
CA SER A 113 2.81 9.84 -4.27
C SER A 113 3.84 9.47 -5.34
N LYS A 114 3.66 10.07 -6.51
CA LYS A 114 4.55 9.81 -7.62
C LYS A 114 5.99 10.18 -7.22
N PRO A 115 6.13 11.43 -6.69
CA PRO A 115 7.43 11.91 -6.27
C PRO A 115 7.85 11.28 -4.94
N GLU A 116 6.84 10.96 -4.14
CA GLU A 116 7.08 10.35 -2.84
C GLU A 116 8.21 9.31 -2.94
N PRO A 117 9.00 9.22 -1.85
CA PRO A 117 10.11 8.28 -1.80
C PRO A 117 9.61 6.84 -1.62
N GLN A 118 8.51 6.73 -0.88
CA GLN A 118 7.93 5.42 -0.62
C GLN A 118 6.40 5.49 -0.77
N VAL A 119 5.77 4.35 -0.57
CA VAL A 119 4.32 4.26 -0.69
C VAL A 119 3.80 3.21 0.29
N GLU A 120 3.14 3.70 1.34
CA GLU A 120 2.58 2.83 2.35
C GLU A 120 1.13 2.45 2.00
N LEU A 121 0.89 1.16 1.89
CA LEU A 121 -0.43 0.67 1.56
C LEU A 121 -1.06 0.06 2.82
N VAL A 122 -2.39 -0.06 2.78
CA VAL A 122 -3.12 -0.63 3.89
C VAL A 122 -4.35 -1.36 3.37
N VAL A 123 -4.25 -2.69 3.34
CA VAL A 123 -5.34 -3.52 2.86
C VAL A 123 -5.97 -4.25 4.05
N SER A 124 -7.28 -4.41 3.98
CA SER A 124 -8.00 -5.09 5.04
C SER A 124 -8.65 -6.37 4.50
N ARG A 125 -8.22 -7.49 5.05
CA ARG A 125 -8.73 -8.79 4.62
C ARG A 125 -9.74 -9.31 5.64
N SER A 126 -10.52 -10.30 5.21
CA SER A 126 -11.54 -10.89 6.07
C SER A 126 -11.03 -12.22 6.61
N GLY A 127 -11.02 -12.31 7.93
CA GLY A 127 -10.56 -13.53 8.60
C GLY A 127 -11.75 -14.34 9.12
N PRO A 128 -11.42 -15.46 9.82
CA PRO A 128 -12.44 -16.32 10.38
C PRO A 128 -13.08 -15.69 11.61
N SER A 129 -14.39 -15.86 11.71
CA SER A 129 -15.14 -15.31 12.83
C SER A 129 -16.37 -16.17 13.12
N SER A 130 -17.16 -16.38 12.08
CA SER A 130 -18.37 -17.18 12.19
C SER A 130 -18.83 -17.65 10.82
N GLY A 131 -18.27 -18.77 10.40
CA GLY A 131 -18.61 -19.35 9.11
C GLY A 131 -20.12 -19.26 8.85
N GLY A 1 9.78 -14.62 2.66
CA GLY A 1 10.32 -13.96 1.48
C GLY A 1 11.84 -13.83 1.59
N SER A 2 12.37 -12.86 0.85
CA SER A 2 13.81 -12.62 0.85
C SER A 2 14.22 -11.91 2.14
N SER A 3 14.81 -12.68 3.03
CA SER A 3 15.27 -12.14 4.31
C SER A 3 16.02 -13.22 5.09
N GLY A 4 17.05 -12.77 5.81
CA GLY A 4 17.85 -13.67 6.61
C GLY A 4 19.25 -13.08 6.86
N SER A 5 19.49 -12.75 8.12
CA SER A 5 20.77 -12.18 8.50
C SER A 5 21.10 -12.57 9.95
N SER A 6 22.33 -13.03 10.14
CA SER A 6 22.78 -13.44 11.46
C SER A 6 22.29 -12.44 12.52
N GLY A 7 22.21 -12.92 13.75
CA GLY A 7 21.77 -12.08 14.85
C GLY A 7 20.47 -11.35 14.49
N HIS A 8 20.06 -10.48 15.39
CA HIS A 8 18.83 -9.72 15.18
C HIS A 8 19.00 -8.31 15.77
N SER A 9 19.96 -7.59 15.21
CA SER A 9 20.23 -6.23 15.67
C SER A 9 20.39 -5.30 14.48
N HIS A 10 19.25 -4.87 13.95
CA HIS A 10 19.25 -3.97 12.80
C HIS A 10 17.90 -3.26 12.71
N SER A 11 17.88 -2.20 11.92
CA SER A 11 16.66 -1.43 11.73
C SER A 11 16.03 -1.77 10.37
N ASP A 12 14.82 -1.26 10.18
CA ASP A 12 14.10 -1.49 8.94
C ASP A 12 13.78 -2.98 8.81
N LYS A 13 12.86 -3.42 9.66
CA LYS A 13 12.46 -4.82 9.65
C LYS A 13 11.98 -5.20 8.25
N HIS A 14 10.67 -5.11 8.05
CA HIS A 14 10.08 -5.44 6.77
C HIS A 14 9.16 -4.30 6.32
N PRO A 15 9.09 -4.11 4.98
CA PRO A 15 8.26 -3.06 4.41
C PRO A 15 6.78 -3.45 4.46
N VAL A 16 6.52 -4.73 4.22
CA VAL A 16 5.16 -5.24 4.23
C VAL A 16 4.88 -5.88 5.59
N THR A 17 3.63 -5.79 6.01
CA THR A 17 3.23 -6.36 7.29
C THR A 17 1.75 -6.79 7.23
N TRP A 18 1.53 -8.07 7.49
CA TRP A 18 0.19 -8.62 7.48
C TRP A 18 -0.13 -9.12 8.89
N GLN A 19 -1.02 -8.39 9.55
CA GLN A 19 -1.42 -8.75 10.90
C GLN A 19 -2.93 -8.54 11.08
N PRO A 20 -3.52 -9.34 12.01
CA PRO A 20 -4.95 -9.25 12.28
C PRO A 20 -5.26 -8.00 13.11
N SER A 21 -6.54 -7.66 13.13
CA SER A 21 -6.99 -6.48 13.87
C SER A 21 -6.76 -6.70 15.37
N LYS A 22 -6.94 -5.63 16.12
CA LYS A 22 -6.75 -5.68 17.56
C LYS A 22 -7.38 -6.97 18.11
N ASP A 23 -8.67 -7.12 17.83
CA ASP A 23 -9.40 -8.29 18.28
C ASP A 23 -8.76 -9.55 17.67
N GLY A 24 -8.94 -9.69 16.37
CA GLY A 24 -8.40 -10.83 15.66
C GLY A 24 -9.44 -11.45 14.72
N ASP A 25 -10.16 -10.58 14.02
CA ASP A 25 -11.18 -11.02 13.10
C ASP A 25 -10.82 -10.55 11.68
N ARG A 26 -10.43 -9.28 11.61
CA ARG A 26 -10.06 -8.69 10.33
C ARG A 26 -8.54 -8.67 10.17
N LEU A 27 -8.10 -8.79 8.93
CA LEU A 27 -6.68 -8.78 8.63
C LEU A 27 -6.27 -7.40 8.10
N ILE A 28 -5.24 -6.85 8.72
CA ILE A 28 -4.75 -5.54 8.31
C ILE A 28 -3.40 -5.70 7.61
N GLY A 29 -3.44 -5.67 6.30
CA GLY A 29 -2.23 -5.81 5.50
C GLY A 29 -1.68 -4.45 5.12
N ARG A 30 -0.40 -4.24 5.44
CA ARG A 30 0.27 -2.99 5.13
C ARG A 30 1.46 -3.24 4.21
N ILE A 31 1.37 -2.69 3.01
CA ILE A 31 2.44 -2.83 2.03
C ILE A 31 3.18 -1.51 1.89
N LEU A 32 4.50 -1.61 1.83
CA LEU A 32 5.34 -0.44 1.70
C LEU A 32 6.32 -0.64 0.55
N LEU A 33 6.42 0.39 -0.29
CA LEU A 33 7.31 0.33 -1.43
C LEU A 33 8.36 1.45 -1.32
N ASN A 34 9.56 1.14 -1.78
CA ASN A 34 10.66 2.10 -1.72
C ASN A 34 11.09 2.45 -3.16
N LYS A 35 11.28 3.74 -3.38
CA LYS A 35 11.69 4.22 -4.68
C LYS A 35 13.12 4.74 -4.61
N ARG A 36 13.54 5.04 -3.39
CA ARG A 36 14.88 5.55 -3.16
C ARG A 36 15.92 4.49 -3.52
N LEU A 37 16.71 4.79 -4.53
CA LEU A 37 17.75 3.87 -4.99
C LEU A 37 18.84 3.78 -3.92
N LYS A 38 20.07 3.68 -4.40
CA LYS A 38 21.21 3.58 -3.49
C LYS A 38 21.48 4.95 -2.86
N ASP A 39 21.53 5.96 -3.72
CA ASP A 39 21.77 7.31 -3.25
C ASP A 39 20.76 7.67 -2.16
N GLY A 40 19.51 7.28 -2.41
CA GLY A 40 18.45 7.54 -1.45
C GLY A 40 17.71 8.83 -1.80
N SER A 41 17.42 8.98 -3.09
CA SER A 41 16.71 10.15 -3.57
C SER A 41 15.70 9.75 -4.65
N VAL A 42 15.65 8.46 -4.92
CA VAL A 42 14.74 7.93 -5.92
C VAL A 42 14.86 8.77 -7.19
N PRO A 43 14.73 8.07 -8.35
CA PRO A 43 14.82 8.73 -9.64
C PRO A 43 13.55 9.51 -9.94
N ARG A 44 13.65 10.37 -10.95
CA ARG A 44 12.52 11.19 -11.35
C ARG A 44 11.22 10.39 -11.25
N ASP A 45 11.24 9.21 -11.84
CA ASP A 45 10.07 8.34 -11.82
C ASP A 45 10.53 6.88 -11.90
N SER A 46 10.33 6.18 -10.80
CA SER A 46 10.70 4.78 -10.72
C SER A 46 9.48 3.91 -10.43
N GLY A 47 8.40 4.22 -11.15
CA GLY A 47 7.16 3.48 -10.98
C GLY A 47 6.27 4.12 -9.92
N ALA A 48 5.88 5.36 -10.21
CA ALA A 48 5.03 6.10 -9.28
C ALA A 48 3.80 5.27 -8.95
N MET A 49 3.37 4.47 -9.93
CA MET A 49 2.21 3.62 -9.75
C MET A 49 2.59 2.31 -9.05
N LEU A 50 3.86 2.23 -8.66
CA LEU A 50 4.35 1.05 -7.98
C LEU A 50 4.40 -0.11 -8.97
N GLY A 51 3.24 -0.44 -9.50
CA GLY A 51 3.13 -1.53 -10.47
C GLY A 51 1.72 -2.15 -10.44
N LEU A 52 1.03 -1.93 -9.34
CA LEU A 52 -0.31 -2.45 -9.18
C LEU A 52 -1.33 -1.36 -9.53
N LYS A 53 -2.53 -1.80 -9.85
CA LYS A 53 -3.59 -0.88 -10.20
C LYS A 53 -4.69 -0.93 -9.14
N VAL A 54 -5.29 0.23 -8.89
CA VAL A 54 -6.35 0.33 -7.90
C VAL A 54 -7.49 1.18 -8.47
N VAL A 55 -8.70 0.73 -8.20
CA VAL A 55 -9.89 1.42 -8.68
C VAL A 55 -10.67 1.96 -7.48
N GLY A 56 -10.69 3.28 -7.37
CA GLY A 56 -11.40 3.93 -6.28
C GLY A 56 -12.78 4.38 -6.73
N GLY A 57 -13.45 5.11 -5.83
CA GLY A 57 -14.78 5.62 -6.12
C GLY A 57 -15.78 4.47 -6.29
N LYS A 58 -15.32 3.27 -5.96
CA LYS A 58 -16.16 2.09 -6.07
C LYS A 58 -17.28 2.17 -5.04
N MET A 59 -18.50 1.97 -5.52
CA MET A 59 -19.67 2.02 -4.65
C MET A 59 -20.01 0.63 -4.11
N THR A 60 -20.05 0.54 -2.79
CA THR A 60 -20.37 -0.72 -2.14
C THR A 60 -21.85 -0.79 -1.80
N GLU A 61 -22.18 -1.71 -0.91
CA GLU A 61 -23.56 -1.90 -0.50
C GLU A 61 -23.90 -0.96 0.67
N SER A 62 -22.88 -0.65 1.44
CA SER A 62 -23.04 0.24 2.58
C SER A 62 -23.24 1.67 2.11
N GLY A 63 -22.76 1.94 0.91
CA GLY A 63 -22.87 3.27 0.32
C GLY A 63 -21.53 4.00 0.36
N ARG A 64 -20.62 3.46 1.18
CA ARG A 64 -19.30 4.06 1.31
C ARG A 64 -18.41 3.65 0.14
N LEU A 65 -17.59 4.59 -0.29
CA LEU A 65 -16.68 4.36 -1.40
C LEU A 65 -15.36 3.81 -0.86
N CYS A 66 -14.73 2.96 -1.67
CA CYS A 66 -13.47 2.36 -1.30
C CYS A 66 -12.71 2.00 -2.58
N ALA A 67 -11.41 1.75 -2.42
CA ALA A 67 -10.57 1.39 -3.54
C ALA A 67 -10.17 -0.07 -3.42
N PHE A 68 -10.07 -0.73 -4.57
CA PHE A 68 -9.69 -2.12 -4.62
C PHE A 68 -8.74 -2.41 -5.79
N ILE A 69 -7.87 -3.38 -5.58
CA ILE A 69 -6.91 -3.76 -6.60
C ILE A 69 -7.65 -4.41 -7.77
N THR A 70 -7.20 -4.09 -8.98
CA THR A 70 -7.80 -4.64 -10.17
C THR A 70 -6.79 -5.50 -10.93
N LYS A 71 -5.53 -5.08 -10.86
CA LYS A 71 -4.46 -5.80 -11.53
C LYS A 71 -3.12 -5.41 -10.91
N VAL A 72 -2.25 -6.40 -10.81
CA VAL A 72 -0.93 -6.18 -10.23
C VAL A 72 0.12 -6.89 -11.09
N LYS A 73 0.96 -6.09 -11.73
CA LYS A 73 2.01 -6.64 -12.58
C LYS A 73 2.86 -7.60 -11.76
N LYS A 74 3.39 -8.60 -12.45
CA LYS A 74 4.24 -9.59 -11.79
C LYS A 74 5.71 -9.21 -11.98
N GLY A 75 6.32 -8.80 -10.88
CA GLY A 75 7.71 -8.40 -10.90
C GLY A 75 7.85 -6.91 -10.59
N SER A 76 6.84 -6.36 -9.95
CA SER A 76 6.84 -4.95 -9.60
C SER A 76 6.79 -4.80 -8.07
N LEU A 77 7.08 -3.58 -7.62
CA LEU A 77 7.07 -3.29 -6.21
C LEU A 77 5.84 -3.94 -5.56
N ALA A 78 4.67 -3.52 -6.05
CA ALA A 78 3.42 -4.06 -5.53
C ALA A 78 3.22 -5.47 -6.05
N ASP A 79 4.19 -6.33 -5.76
CA ASP A 79 4.14 -7.71 -6.19
C ASP A 79 5.39 -8.44 -5.71
N THR A 80 6.54 -7.85 -6.01
CA THR A 80 7.81 -8.44 -5.61
C THR A 80 8.05 -8.22 -4.10
N VAL A 81 7.59 -7.07 -3.63
CA VAL A 81 7.75 -6.72 -2.23
C VAL A 81 6.37 -6.65 -1.57
N GLY A 82 5.42 -6.12 -2.31
CA GLY A 82 4.05 -5.99 -1.81
C GLY A 82 3.29 -7.31 -1.95
N HIS A 83 3.64 -8.06 -2.98
CA HIS A 83 3.00 -9.34 -3.23
C HIS A 83 1.49 -9.18 -3.15
N LEU A 84 1.02 -8.02 -3.60
CA LEU A 84 -0.40 -7.73 -3.58
C LEU A 84 -1.12 -8.65 -4.56
N ARG A 85 -2.42 -8.40 -4.73
CA ARG A 85 -3.23 -9.20 -5.63
C ARG A 85 -4.47 -8.43 -6.05
N PRO A 86 -4.95 -8.75 -7.29
CA PRO A 86 -6.14 -8.09 -7.82
C PRO A 86 -7.41 -8.62 -7.14
N GLY A 87 -7.76 -7.98 -6.04
CA GLY A 87 -8.95 -8.38 -5.29
C GLY A 87 -8.81 -8.01 -3.82
N ASP A 88 -8.31 -6.80 -3.59
CA ASP A 88 -8.13 -6.32 -2.23
C ASP A 88 -8.81 -4.95 -2.09
N GLU A 89 -8.69 -4.39 -0.89
CA GLU A 89 -9.29 -3.09 -0.61
C GLU A 89 -8.28 -2.20 0.13
N VAL A 90 -7.74 -1.24 -0.61
CA VAL A 90 -6.78 -0.32 -0.04
C VAL A 90 -7.52 0.72 0.82
N LEU A 91 -7.17 0.73 2.10
CA LEU A 91 -7.79 1.66 3.03
C LEU A 91 -7.11 3.02 2.91
N GLU A 92 -5.80 3.01 3.08
CA GLU A 92 -5.02 4.24 2.98
C GLU A 92 -3.89 4.08 1.96
N TRP A 93 -3.39 5.22 1.51
CA TRP A 93 -2.31 5.22 0.53
C TRP A 93 -1.29 6.28 0.95
N ASN A 94 -0.30 5.82 1.71
CA ASN A 94 0.74 6.72 2.18
C ASN A 94 0.18 7.63 3.27
N GLY A 95 -0.89 7.16 3.91
CA GLY A 95 -1.54 7.91 4.96
C GLY A 95 -2.86 8.51 4.48
N ARG A 96 -3.01 8.52 3.16
CA ARG A 96 -4.22 9.06 2.56
C ARG A 96 -5.32 8.00 2.55
N LEU A 97 -6.36 8.26 3.33
CA LEU A 97 -7.48 7.35 3.42
C LEU A 97 -8.26 7.36 2.09
N LEU A 98 -8.53 6.16 1.61
CA LEU A 98 -9.27 6.01 0.36
C LEU A 98 -10.76 5.84 0.66
N GLN A 99 -11.03 5.37 1.87
CA GLN A 99 -12.40 5.14 2.29
C GLN A 99 -13.23 6.42 2.10
N GLY A 100 -14.21 6.33 1.20
CA GLY A 100 -15.07 7.46 0.92
C GLY A 100 -14.56 8.25 -0.30
N ALA A 101 -13.24 8.26 -0.44
CA ALA A 101 -12.62 8.97 -1.55
C ALA A 101 -13.24 8.49 -2.87
N THR A 102 -13.41 9.43 -3.78
CA THR A 102 -13.99 9.12 -5.08
C THR A 102 -12.95 8.45 -5.98
N PHE A 103 -13.39 8.07 -7.17
CA PHE A 103 -12.51 7.42 -8.12
C PHE A 103 -11.33 8.33 -8.49
N GLU A 104 -11.64 9.60 -8.71
CA GLU A 104 -10.62 10.57 -9.07
C GLU A 104 -9.70 10.82 -7.86
N GLU A 105 -10.32 10.85 -6.69
CA GLU A 105 -9.57 11.10 -5.46
C GLU A 105 -8.49 10.03 -5.28
N VAL A 106 -8.94 8.78 -5.16
CA VAL A 106 -8.03 7.67 -4.97
C VAL A 106 -6.90 7.78 -5.99
N TYR A 107 -7.28 7.97 -7.25
CA TYR A 107 -6.30 8.10 -8.32
C TYR A 107 -5.36 9.27 -8.07
N ASN A 108 -5.95 10.42 -7.81
CA ASN A 108 -5.16 11.62 -7.55
C ASN A 108 -4.14 11.32 -6.45
N ILE A 109 -4.60 10.65 -5.42
CA ILE A 109 -3.73 10.30 -4.31
C ILE A 109 -2.47 9.62 -4.84
N ILE A 110 -2.67 8.49 -5.49
CA ILE A 110 -1.57 7.74 -6.06
C ILE A 110 -0.72 8.66 -6.94
N LEU A 111 -1.37 9.69 -7.45
CA LEU A 111 -0.70 10.65 -8.31
C LEU A 111 0.06 11.64 -7.45
N GLU A 112 -0.44 11.85 -6.23
CA GLU A 112 0.19 12.77 -5.31
C GLU A 112 1.52 12.19 -4.80
N SER A 113 1.56 10.87 -4.72
CA SER A 113 2.76 10.18 -4.26
C SER A 113 3.65 9.85 -5.45
N LYS A 114 3.49 10.62 -6.52
CA LYS A 114 4.28 10.42 -7.72
C LYS A 114 5.77 10.59 -7.39
N PRO A 115 6.09 11.80 -6.85
CA PRO A 115 7.46 12.10 -6.50
C PRO A 115 7.88 11.39 -5.21
N GLU A 116 6.88 11.09 -4.39
CA GLU A 116 7.11 10.39 -3.14
C GLU A 116 8.21 9.35 -3.31
N PRO A 117 9.13 9.31 -2.32
CA PRO A 117 10.23 8.36 -2.34
C PRO A 117 9.75 6.95 -1.99
N GLN A 118 8.61 6.91 -1.31
CA GLN A 118 8.04 5.64 -0.91
C GLN A 118 6.51 5.71 -0.95
N VAL A 119 5.89 4.55 -0.78
CA VAL A 119 4.43 4.47 -0.79
C VAL A 119 3.98 3.40 0.19
N GLU A 120 3.11 3.80 1.11
CA GLU A 120 2.59 2.89 2.10
C GLU A 120 1.12 2.57 1.82
N LEU A 121 0.86 1.29 1.58
CA LEU A 121 -0.49 0.85 1.29
C LEU A 121 -1.06 0.13 2.52
N VAL A 122 -2.38 0.02 2.54
CA VAL A 122 -3.06 -0.64 3.65
C VAL A 122 -4.31 -1.34 3.12
N VAL A 123 -4.32 -2.66 3.29
CA VAL A 123 -5.44 -3.46 2.84
C VAL A 123 -6.06 -4.19 4.04
N SER A 124 -7.37 -4.36 3.98
CA SER A 124 -8.10 -5.03 5.05
C SER A 124 -8.69 -6.34 4.54
N ARG A 125 -8.33 -7.42 5.20
CA ARG A 125 -8.82 -8.74 4.83
C ARG A 125 -9.77 -9.28 5.90
N SER A 126 -10.57 -10.25 5.51
CA SER A 126 -11.52 -10.85 6.43
C SER A 126 -11.05 -12.27 6.80
N GLY A 127 -10.61 -12.40 8.04
CA GLY A 127 -10.14 -13.68 8.54
C GLY A 127 -11.04 -14.82 8.06
N PRO A 128 -10.52 -16.07 8.20
CA PRO A 128 -11.27 -17.24 7.80
C PRO A 128 -12.38 -17.56 8.79
N SER A 129 -13.56 -17.81 8.26
CA SER A 129 -14.71 -18.13 9.09
C SER A 129 -15.91 -18.51 8.21
N SER A 130 -16.51 -19.65 8.56
CA SER A 130 -17.65 -20.13 7.81
C SER A 130 -17.32 -20.21 6.31
N GLY A 131 -16.93 -21.40 5.89
CA GLY A 131 -16.57 -21.62 4.50
C GLY A 131 -17.01 -23.02 4.03
#